data_7TU6
#
_entry.id   7TU6
#
_cell.length_a   1.00
_cell.length_b   1.00
_cell.length_c   1.00
_cell.angle_alpha   90.00
_cell.angle_beta   90.00
_cell.angle_gamma   90.00
#
_symmetry.space_group_name_H-M   'P 1'
#
loop_
_entity.id
_entity.type
_entity.pdbx_description
1 polymer 'dGTP triphosphohydrolase'
2 non-polymer "2'-DEOXYADENOSINE 5'-TRIPHOSPHATE"
3 non-polymer 'MAGNESIUM ION'
#
_entity_poly.entity_id   1
_entity_poly.type   'polypeptide(L)'
_entity_poly.pdbx_seq_one_letter_code
;MHHHHHHSSGVDLGTENLYFQSNANWEHLLSLKRQGDTAKRLRIEQDDTRLGFEVDYDRIIFSAPFRSLQDKTQVIPLSK
TDFVHTRLTHSLEVSVVGRSLGRMVGKKLLEKYPHLEQVYGYKFNDFGAIVAAAALAHDIGNPPFGHSGEKAIGEFFKNG
YGKRYKDSLTAKEYQDLIKFEGNANGFKVLSQSKPGAQGGLRLSYATLGAFMKYPKESLPHKPSDHIADKKYGFFQSERA
LFEDVAQELGLLKRSTTDDVSWSRHPLAYLVEAADDICYTIIDFEDGINLGLIPEEYALEYMVKLVGQTIDRNKYNALQE
TSDRVSYLRALAIGTLINESVDTFMKYEEEILAGTFDQSLIDKSNYQAQITDIINLSIERIYNSREVIEKEIAGYEILST
LLEARCRALDNNDTHYNQLIQQLLAPNDHSEKSLYENLIQICAEVSTMTDGKALRNYKKIKGLD
;
_entity_poly.pdbx_strand_id   A,B,C,D,E,F
#
loop_
_chem_comp.id
_chem_comp.type
_chem_comp.name
_chem_comp.formula
DTP non-polymer '2'-DEOXYADENOSINE 5'-TRIPHOSPHATE' 'C10 H16 N5 O12 P3'
MG non-polymer 'MAGNESIUM ION' 'Mg 2'
#
# COMPACT_ATOMS: atom_id res chain seq x y z
N ASN A 25 23.03 55.49 17.49
CA ASN A 25 24.42 55.24 17.83
C ASN A 25 24.75 53.77 17.64
N TRP A 26 25.84 53.50 16.92
CA TRP A 26 26.22 52.12 16.64
C TRP A 26 26.79 51.41 17.86
N GLU A 27 27.24 52.15 18.88
CA GLU A 27 27.78 51.51 20.08
C GLU A 27 26.70 50.84 20.91
N HIS A 28 25.44 51.21 20.69
CA HIS A 28 24.31 50.66 21.42
C HIS A 28 23.57 49.56 20.67
N LEU A 29 23.62 49.57 19.33
CA LEU A 29 22.97 48.52 18.55
C LEU A 29 23.72 47.20 18.65
N LEU A 30 25.02 47.24 18.89
CA LEU A 30 25.84 46.03 19.00
C LEU A 30 25.94 45.60 20.46
N SER A 31 24.78 45.29 21.05
CA SER A 31 24.70 44.88 22.44
C SER A 31 25.10 43.42 22.60
N LEU A 32 25.79 43.12 23.69
CA LEU A 32 26.27 41.77 23.98
C LEU A 32 25.58 41.11 25.17
N LYS A 33 24.73 41.83 25.89
CA LYS A 33 24.11 41.26 27.08
C LYS A 33 23.01 40.27 26.69
N ARG A 34 22.75 39.33 27.59
CA ARG A 34 21.71 38.33 27.39
C ARG A 34 20.76 38.33 28.58
N GLN A 35 19.63 37.66 28.41
CA GLN A 35 18.57 37.71 29.40
C GLN A 35 19.03 37.14 30.74
N GLY A 36 18.68 37.85 31.81
CA GLY A 36 19.06 37.46 33.16
C GLY A 36 20.42 37.96 33.61
N ASP A 37 21.11 38.75 32.79
CA ASP A 37 22.43 39.25 33.15
C ASP A 37 22.32 40.50 34.02
N THR A 38 23.41 40.80 34.72
CA THR A 38 23.50 41.99 35.56
C THR A 38 24.76 42.81 35.33
N ALA A 39 25.79 42.26 34.70
CA ALA A 39 27.02 42.99 34.44
C ALA A 39 26.89 43.79 33.14
N LYS A 40 28.00 44.34 32.67
CA LYS A 40 27.99 45.16 31.47
C LYS A 40 28.29 44.36 30.20
N ARG A 41 29.15 43.33 30.30
CA ARG A 41 29.55 42.51 29.17
C ARG A 41 30.16 43.36 28.05
N LEU A 42 31.29 43.99 28.39
CA LEU A 42 31.96 44.86 27.44
C LEU A 42 32.65 44.05 26.35
N ARG A 43 32.82 44.68 25.19
CA ARG A 43 33.46 44.02 24.06
C ARG A 43 34.96 43.83 24.30
N ILE A 44 35.61 44.85 24.90
CA ILE A 44 37.06 44.80 25.09
C ILE A 44 37.49 43.85 26.20
N GLU A 45 36.54 43.20 26.87
CA GLU A 45 36.84 42.26 27.95
C GLU A 45 36.39 40.85 27.59
N GLN A 46 36.63 40.46 26.34
CA GLN A 46 36.20 39.16 25.84
C GLN A 46 37.31 38.52 25.03
N ASP A 47 37.32 37.19 25.02
CA ASP A 47 38.29 36.45 24.21
C ASP A 47 37.81 36.37 22.77
N ASP A 48 38.73 36.62 21.83
CA ASP A 48 38.44 36.58 20.41
C ASP A 48 38.35 35.16 19.86
N THR A 49 38.67 34.14 20.68
CA THR A 49 38.56 32.77 20.21
C THR A 49 37.11 32.39 19.91
N ARG A 50 36.24 32.67 20.87
CA ARG A 50 34.83 32.40 20.73
C ARG A 50 34.06 33.65 21.09
N LEU A 51 33.63 34.38 20.07
CA LEU A 51 32.88 35.60 20.28
C LEU A 51 31.44 35.28 20.69
N GLY A 52 30.80 36.25 21.34
CA GLY A 52 29.44 36.05 21.82
C GLY A 52 28.45 35.81 20.69
N PHE A 53 28.65 36.46 19.54
CA PHE A 53 27.79 36.23 18.40
C PHE A 53 28.03 34.87 17.76
N GLU A 54 29.24 34.32 17.89
CA GLU A 54 29.51 32.98 17.39
C GLU A 54 28.89 31.92 18.29
N VAL A 55 28.78 32.19 19.59
CA VAL A 55 28.08 31.28 20.48
C VAL A 55 26.62 31.15 20.08
N ASP A 56 26.02 32.25 19.59
CA ASP A 56 24.64 32.18 19.12
C ASP A 56 24.51 31.23 17.94
N TYR A 57 25.44 31.31 16.99
CA TYR A 57 25.44 30.39 15.85
C TYR A 57 25.60 28.95 16.32
N ASP A 58 26.53 28.72 17.25
CA ASP A 58 26.73 27.36 17.75
C ASP A 58 25.48 26.83 18.45
N ARG A 59 24.82 27.67 19.25
CA ARG A 59 23.61 27.24 19.95
C ARG A 59 22.47 26.95 18.97
N ILE A 60 22.32 27.79 17.94
CA ILE A 60 21.26 27.56 16.96
C ILE A 60 21.52 26.29 16.18
N ILE A 61 22.79 26.00 15.87
CA ILE A 61 23.12 24.81 15.08
C ILE A 61 22.72 23.55 15.82
N PHE A 62 22.99 23.49 17.13
CA PHE A 62 22.73 22.30 17.93
C PHE A 62 21.30 22.21 18.45
N SER A 63 20.46 23.20 18.16
CA SER A 63 19.10 23.21 18.68
C SER A 63 18.23 22.19 17.95
N ALA A 64 17.14 21.80 18.61
CA ALA A 64 16.17 20.84 18.08
C ALA A 64 15.21 21.48 17.06
N PRO A 65 14.69 22.70 17.30
CA PRO A 65 13.88 23.33 16.24
C PRO A 65 14.64 23.53 14.95
N PHE A 66 15.95 23.83 15.02
CA PHE A 66 16.75 23.96 13.81
C PHE A 66 16.90 22.62 13.11
N ARG A 67 17.07 21.55 13.87
CA ARG A 67 17.23 20.22 13.28
C ARG A 67 15.92 19.72 12.67
N SER A 68 14.79 20.15 13.21
CA SER A 68 13.50 19.79 12.62
C SER A 68 13.23 20.47 11.30
N LEU A 69 14.05 21.46 10.91
CA LEU A 69 13.81 22.17 9.67
C LEU A 69 14.13 21.34 8.44
N GLN A 70 14.86 20.23 8.59
CA GLN A 70 15.22 19.41 7.45
C GLN A 70 14.03 18.70 6.82
N ASP A 71 12.87 18.70 7.49
CA ASP A 71 11.69 17.99 7.02
C ASP A 71 10.54 18.93 6.69
N LYS A 72 10.83 20.19 6.40
CA LYS A 72 9.81 21.20 6.17
C LYS A 72 9.89 21.72 4.74
N THR A 73 8.77 22.27 4.27
CA THR A 73 8.59 22.62 2.88
C THR A 73 9.13 24.01 2.56
N GLN A 74 9.83 24.13 1.44
CA GLN A 74 10.24 25.38 0.85
C GLN A 74 9.14 25.82 -0.18
N VAL A 75 8.96 25.06 -1.28
CA VAL A 75 7.99 25.35 -2.34
C VAL A 75 7.15 24.10 -2.60
N ILE A 76 7.82 22.99 -2.90
CA ILE A 76 7.15 21.74 -3.26
C ILE A 76 7.11 20.87 -2.01
N PRO A 77 5.94 20.62 -1.42
CA PRO A 77 5.88 19.81 -0.21
C PRO A 77 6.21 18.34 -0.48
N LEU A 78 6.70 17.68 0.57
CA LEU A 78 7.01 16.25 0.54
C LEU A 78 7.99 15.90 -0.59
N ASP A 82 14.73 14.51 -2.73
CA ASP A 82 14.93 15.03 -4.08
C ASP A 82 16.07 16.04 -4.02
N PHE A 83 16.31 16.71 -5.16
CA PHE A 83 17.36 17.71 -5.26
C PHE A 83 16.84 19.14 -5.09
N VAL A 84 15.53 19.24 -4.79
CA VAL A 84 14.85 20.50 -4.53
C VAL A 84 15.09 20.89 -3.08
N HIS A 85 15.34 22.16 -2.84
CA HIS A 85 15.65 22.66 -1.52
C HIS A 85 14.60 22.53 -0.48
N THR A 86 15.05 22.37 0.73
CA THR A 86 14.17 22.38 1.86
C THR A 86 14.48 23.65 2.64
N ARG A 87 13.90 23.72 3.81
CA ARG A 87 14.00 24.81 4.77
C ARG A 87 15.37 24.93 5.44
N LEU A 88 16.16 23.87 5.45
CA LEU A 88 17.49 23.92 6.06
C LEU A 88 18.53 24.45 5.08
N THR A 89 18.52 23.95 3.84
CA THR A 89 19.48 24.41 2.85
C THR A 89 19.26 25.88 2.52
N HIS A 90 18.00 26.25 2.48
CA HIS A 90 17.63 27.61 2.23
C HIS A 90 18.29 28.48 3.30
N SER A 91 18.15 28.07 4.56
CA SER A 91 18.72 28.81 5.65
C SER A 91 20.23 28.86 5.57
N LEU A 92 20.84 27.75 5.20
CA LEU A 92 22.28 27.67 5.08
C LEU A 92 22.78 28.63 4.02
N GLU A 93 22.08 28.71 2.90
CA GLU A 93 22.44 29.62 1.83
C GLU A 93 22.29 31.07 2.26
N VAL A 94 21.22 31.37 2.99
CA VAL A 94 20.98 32.74 3.45
C VAL A 94 22.02 33.14 4.49
N SER A 95 22.39 32.19 5.34
CA SER A 95 23.38 32.38 6.38
C SER A 95 24.72 32.76 5.76
N VAL A 96 24.94 32.32 4.54
CA VAL A 96 26.20 32.64 3.85
C VAL A 96 26.10 33.99 3.14
N VAL A 97 25.10 34.19 2.30
CA VAL A 97 24.93 35.45 1.62
C VAL A 97 24.87 36.60 2.63
N GLY A 98 23.99 36.54 3.62
CA GLY A 98 23.90 37.61 4.59
C GLY A 98 25.19 37.85 5.34
N ARG A 99 25.95 36.79 5.63
CA ARG A 99 27.25 36.96 6.25
C ARG A 99 28.19 37.76 5.37
N SER A 100 28.19 37.50 4.06
CA SER A 100 28.99 38.22 3.07
C SER A 100 28.56 39.68 2.96
N LEU A 101 27.26 39.93 3.01
CA LEU A 101 26.72 41.30 2.99
C LEU A 101 27.10 42.06 4.26
N GLY A 102 26.89 41.43 5.42
CA GLY A 102 27.17 42.08 6.68
C GLY A 102 28.65 42.34 6.90
N ARG A 103 29.51 41.44 6.43
CA ARG A 103 30.95 41.67 6.58
C ARG A 103 31.41 42.85 5.72
N MET A 104 30.91 42.94 4.48
CA MET A 104 31.22 44.13 3.69
C MET A 104 30.69 45.40 4.35
N VAL A 105 29.46 45.34 4.87
CA VAL A 105 28.85 46.52 5.48
C VAL A 105 29.63 46.94 6.72
N GLY A 106 30.05 45.98 7.53
CA GLY A 106 30.83 46.32 8.72
C GLY A 106 32.20 46.88 8.38
N LYS A 107 32.85 46.30 7.37
CA LYS A 107 34.12 46.88 6.89
C LYS A 107 33.94 48.33 6.48
N LYS A 108 32.93 48.65 5.70
CA LYS A 108 32.72 50.05 5.29
C LYS A 108 32.29 51.04 6.37
N LEU A 109 31.73 50.54 7.47
CA LEU A 109 31.29 51.41 8.56
C LEU A 109 32.50 51.77 9.38
N LEU A 110 33.29 50.76 9.69
CA LEU A 110 34.51 50.94 10.42
C LEU A 110 35.35 51.88 9.56
N GLU A 111 35.40 51.70 8.23
CA GLU A 111 36.14 52.69 7.46
C GLU A 111 35.57 54.09 7.67
N LYS A 112 34.24 54.21 7.71
CA LYS A 112 33.61 55.50 7.92
C LYS A 112 33.81 55.99 9.35
N TYR A 113 33.55 55.12 10.34
CA TYR A 113 33.62 55.50 11.74
C TYR A 113 34.88 54.92 12.37
N PRO A 114 35.88 55.75 12.72
CA PRO A 114 37.12 55.19 13.27
C PRO A 114 37.09 54.98 14.77
N HIS A 115 36.21 55.66 15.51
CA HIS A 115 36.20 55.54 16.96
C HIS A 115 35.69 54.19 17.43
N LEU A 116 34.97 53.45 16.57
CA LEU A 116 34.44 52.15 16.98
C LEU A 116 35.56 51.12 17.17
N GLU A 117 36.62 51.19 16.36
CA GLU A 117 37.72 50.25 16.43
C GLU A 117 38.87 50.77 17.29
N GLN A 118 38.72 51.94 17.90
CA GLN A 118 39.77 52.53 18.72
C GLN A 118 39.44 52.57 20.20
N VAL A 119 38.17 52.70 20.57
CA VAL A 119 37.75 52.78 21.96
C VAL A 119 37.07 51.48 22.42
N TYR A 120 36.12 50.99 21.64
CA TYR A 120 35.37 49.78 22.01
C TYR A 120 36.06 48.51 21.54
N GLY A 121 36.66 48.52 20.35
CA GLY A 121 37.38 47.37 19.85
C GLY A 121 36.52 46.44 19.02
N TYR A 122 35.86 46.97 18.00
CA TYR A 122 35.02 46.19 17.11
C TYR A 122 35.74 45.91 15.80
N LYS A 123 35.37 44.80 15.16
CA LYS A 123 35.96 44.36 13.90
C LYS A 123 34.85 44.03 12.92
N PHE A 124 35.22 43.93 11.65
CA PHE A 124 34.22 43.68 10.60
C PHE A 124 33.61 42.28 10.68
N ASN A 125 34.28 41.36 11.39
CA ASN A 125 33.71 40.02 11.53
C ASN A 125 32.48 40.02 12.43
N ASP A 126 32.36 41.02 13.31
CA ASP A 126 31.24 41.07 14.23
C ASP A 126 29.93 41.22 13.48
N PHE A 127 29.87 42.14 12.51
CA PHE A 127 28.65 42.35 11.74
C PHE A 127 28.29 41.10 10.94
N GLY A 128 29.29 40.48 10.31
CA GLY A 128 29.03 39.26 9.56
C GLY A 128 28.49 38.15 10.44
N ALA A 129 29.07 37.98 11.63
CA ALA A 129 28.59 36.94 12.54
C ALA A 129 27.16 37.24 12.99
N ILE A 130 26.86 38.50 13.30
CA ILE A 130 25.51 38.85 13.74
C ILE A 130 24.50 38.58 12.64
N VAL A 131 24.81 38.99 11.41
CA VAL A 131 23.87 38.80 10.31
C VAL A 131 23.71 37.32 9.99
N ALA A 132 24.80 36.54 10.05
CA ALA A 132 24.71 35.11 9.81
C ALA A 132 23.84 34.42 10.86
N ALA A 133 24.03 34.79 12.13
CA ALA A 133 23.21 34.21 13.20
C ALA A 133 21.75 34.58 13.02
N ALA A 134 21.46 35.80 12.61
CA ALA A 134 20.08 36.20 12.39
C ALA A 134 19.50 35.50 11.17
N ALA A 135 20.30 35.37 10.13
CA ALA A 135 19.89 34.71 8.89
C ALA A 135 19.56 33.23 9.05
N LEU A 136 20.33 32.54 9.87
CA LEU A 136 20.16 31.12 10.12
C LEU A 136 18.83 30.72 10.76
N ALA A 137 18.37 31.51 11.73
CA ALA A 137 17.12 31.19 12.41
C ALA A 137 15.96 32.08 11.96
N HIS A 138 16.06 32.68 10.78
CA HIS A 138 15.02 33.58 10.31
C HIS A 138 13.75 32.87 9.85
N ASP A 139 13.81 31.56 9.64
CA ASP A 139 12.66 30.76 9.21
C ASP A 139 12.51 29.53 10.08
N ILE A 140 12.57 29.72 11.41
CA ILE A 140 12.58 28.59 12.34
C ILE A 140 11.20 28.29 12.92
N GLY A 141 10.27 29.25 12.90
CA GLY A 141 8.98 29.05 13.51
C GLY A 141 7.83 28.90 12.53
N ASN A 142 8.15 28.73 11.26
CA ASN A 142 7.11 28.60 10.25
C ASN A 142 6.39 27.27 10.39
N PRO A 143 5.07 27.24 10.18
CA PRO A 143 4.32 25.99 10.28
C PRO A 143 4.62 25.09 9.09
N PRO A 144 4.34 23.79 9.20
CA PRO A 144 4.59 22.88 8.08
C PRO A 144 3.71 23.20 6.89
N PHE A 145 4.04 22.55 5.77
CA PHE A 145 3.35 22.71 4.48
C PHE A 145 3.49 24.12 3.92
N GLY A 146 4.48 24.87 4.39
CA GLY A 146 4.81 26.14 3.76
C GLY A 146 3.74 27.19 3.95
N HIS A 147 3.35 27.81 2.84
CA HIS A 147 2.47 28.98 2.89
C HIS A 147 1.05 28.62 3.33
N SER A 148 0.61 27.39 3.04
CA SER A 148 -0.76 27.01 3.36
C SER A 148 -1.00 26.77 4.85
N GLY A 149 0.04 26.43 5.60
CA GLY A 149 -0.14 26.13 7.01
C GLY A 149 -0.61 27.33 7.82
N GLU A 150 0.03 28.49 7.62
CA GLU A 150 -0.38 29.68 8.35
C GLU A 150 -1.79 30.12 7.97
N LYS A 151 -2.17 30.00 6.69
CA LYS A 151 -3.52 30.32 6.27
C LYS A 151 -4.53 29.38 6.89
N ALA A 152 -4.20 28.09 6.97
CA ALA A 152 -5.09 27.13 7.62
C ALA A 152 -5.27 27.45 9.10
N ILE A 153 -4.18 27.78 9.78
CA ILE A 153 -4.26 28.11 11.21
C ILE A 153 -5.11 29.36 11.41
N GLY A 154 -4.91 30.36 10.56
CA GLY A 154 -5.71 31.57 10.68
C GLY A 154 -7.18 31.34 10.39
N GLU A 155 -7.49 30.52 9.38
CA GLU A 155 -8.88 30.26 9.02
C GLU A 155 -9.57 29.35 10.02
N PHE A 156 -8.82 28.57 10.79
CA PHE A 156 -9.44 27.71 11.79
C PHE A 156 -10.20 28.53 12.83
N PHE A 157 -9.65 29.66 13.25
CA PHE A 157 -10.28 30.51 14.24
C PHE A 157 -11.27 31.50 13.65
N LYS A 158 -11.46 31.49 12.33
CA LYS A 158 -12.39 32.40 11.66
C LYS A 158 -13.61 31.67 11.09
N ASN A 159 -13.39 30.64 10.28
CA ASN A 159 -14.46 29.87 9.68
C ASN A 159 -14.47 28.42 10.18
N GLY A 160 -14.06 28.21 11.42
CA GLY A 160 -14.00 26.89 12.01
C GLY A 160 -14.52 26.91 13.44
N TYR A 161 -14.12 25.88 14.20
CA TYR A 161 -14.59 25.75 15.57
C TYR A 161 -13.98 26.83 16.47
N GLY A 162 -12.79 27.32 16.11
CA GLY A 162 -12.11 28.30 16.92
C GLY A 162 -12.88 29.59 17.12
N LYS A 163 -13.86 29.87 16.25
CA LYS A 163 -14.70 31.06 16.41
C LYS A 163 -15.48 31.01 17.71
N ARG A 164 -15.54 29.85 18.34
CA ARG A 164 -16.23 29.73 19.61
C ARG A 164 -15.49 30.50 20.69
N TYR A 165 -14.17 30.67 20.51
CA TYR A 165 -13.33 31.33 21.50
C TYR A 165 -13.25 32.84 21.29
N LYS A 166 -14.01 33.39 20.34
CA LYS A 166 -13.92 34.81 20.03
C LYS A 166 -14.37 35.67 21.21
N ASP A 167 -15.43 35.25 21.91
CA ASP A 167 -16.02 36.10 22.94
C ASP A 167 -15.15 36.16 24.19
N SER A 168 -14.34 35.13 24.45
CA SER A 168 -13.58 35.04 25.69
C SER A 168 -12.21 35.72 25.60
N LEU A 169 -11.84 36.27 24.45
CA LEU A 169 -10.54 36.88 24.26
C LEU A 169 -10.69 38.34 23.87
N THR A 170 -9.66 39.13 24.19
CA THR A 170 -9.65 40.54 23.81
C THR A 170 -9.37 40.69 22.32
N ALA A 171 -9.42 41.94 21.86
CA ALA A 171 -9.24 42.21 20.43
C ALA A 171 -7.84 41.82 19.97
N LYS A 172 -6.82 42.14 20.75
CA LYS A 172 -5.44 41.93 20.30
C LYS A 172 -5.10 40.45 20.23
N GLU A 173 -5.50 39.69 21.23
CA GLU A 173 -5.24 38.28 21.30
C GLU A 173 -5.97 37.53 20.22
N TYR A 174 -7.17 37.98 19.90
CA TYR A 174 -7.93 37.32 18.88
C TYR A 174 -7.29 37.63 17.52
N GLN A 175 -6.69 38.81 17.41
CA GLN A 175 -6.03 39.22 16.17
C GLN A 175 -4.84 38.33 15.84
N ASP A 176 -4.08 37.94 16.85
CA ASP A 176 -2.93 37.08 16.67
C ASP A 176 -3.40 35.77 16.08
N LEU A 177 -4.27 35.12 16.85
CA LEU A 177 -4.83 33.84 16.51
C LEU A 177 -5.43 33.85 15.12
N ILE A 178 -6.19 34.89 14.74
CA ILE A 178 -6.75 34.80 13.39
C ILE A 178 -5.76 35.19 12.31
N LYS A 179 -4.62 35.76 12.69
CA LYS A 179 -3.57 36.17 11.77
C LYS A 179 -2.22 35.59 12.20
N PHE A 180 -2.20 34.28 12.42
CA PHE A 180 -0.99 33.61 12.89
C PHE A 180 0.17 33.88 11.96
N GLU A 181 1.34 34.17 12.55
CA GLU A 181 2.51 34.59 11.81
C GLU A 181 3.69 33.69 12.13
N GLY A 182 4.58 33.50 11.15
CA GLY A 182 5.77 32.72 11.38
C GLY A 182 6.85 33.47 12.15
N ASN A 183 6.92 34.79 11.99
CA ASN A 183 7.94 35.57 12.69
C ASN A 183 7.70 35.57 14.20
N ALA A 184 6.45 35.77 14.62
CA ALA A 184 6.13 35.75 16.04
C ALA A 184 6.39 34.37 16.64
N ASN A 185 6.04 33.32 15.91
CA ASN A 185 6.30 31.96 16.40
C ASN A 185 7.80 31.69 16.51
N GLY A 186 8.58 32.18 15.54
CA GLY A 186 10.02 32.02 15.62
C GLY A 186 10.62 32.74 16.81
N PHE A 187 10.16 33.97 17.06
CA PHE A 187 10.62 34.71 18.23
C PHE A 187 10.24 33.99 19.52
N LYS A 188 9.06 33.45 19.60
CA LYS A 188 8.65 32.72 20.77
C LYS A 188 9.49 31.49 20.95
N VAL A 189 9.78 30.75 19.89
CA VAL A 189 10.64 29.57 20.00
C VAL A 189 12.03 29.97 20.49
N LEU A 190 12.57 31.06 19.94
CA LEU A 190 13.90 31.50 20.34
C LEU A 190 13.96 31.97 21.79
N SER A 191 12.87 32.56 22.28
CA SER A 191 12.83 33.12 23.63
C SER A 191 11.77 32.45 24.50
N GLN A 192 11.72 31.12 24.47
CA GLN A 192 10.74 30.37 25.25
C GLN A 192 11.36 29.96 26.58
N SER A 193 10.74 30.36 27.69
CA SER A 193 11.22 30.04 29.01
C SER A 193 10.60 28.72 29.48
N LYS A 194 11.43 27.87 30.07
CA LYS A 194 11.02 26.57 30.58
C LYS A 194 11.61 26.37 31.96
N PRO A 195 10.98 25.54 32.79
CA PRO A 195 11.54 25.27 34.13
C PRO A 195 12.95 24.68 34.03
N GLY A 196 13.93 25.42 34.54
CA GLY A 196 15.32 25.04 34.48
C GLY A 196 16.09 25.70 33.36
N ALA A 197 15.41 26.23 32.35
CA ALA A 197 16.05 26.91 31.22
C ALA A 197 15.32 28.23 31.01
N GLN A 198 15.83 29.30 31.63
CA GLN A 198 15.24 30.62 31.54
C GLN A 198 15.85 31.35 30.35
N GLY A 199 15.00 31.80 29.43
CA GLY A 199 15.44 32.52 28.27
C GLY A 199 15.64 31.70 27.01
N GLY A 200 15.34 30.40 27.05
CA GLY A 200 15.51 29.57 25.87
C GLY A 200 16.98 29.45 25.50
N LEU A 201 17.27 29.75 24.24
CA LEU A 201 18.64 29.68 23.75
C LEU A 201 19.52 30.79 24.31
N ARG A 202 18.91 31.86 24.84
CA ARG A 202 19.64 32.97 25.45
C ARG A 202 20.62 33.59 24.46
N LEU A 203 20.07 34.11 23.37
CA LEU A 203 20.89 34.74 22.34
C LEU A 203 21.19 36.18 22.70
N SER A 204 22.18 36.74 22.01
CA SER A 204 22.55 38.13 22.23
C SER A 204 21.45 39.06 21.75
N TYR A 205 21.38 40.24 22.36
CA TYR A 205 20.32 41.20 22.03
C TYR A 205 20.49 41.75 20.62
N ALA A 206 21.72 41.87 20.13
CA ALA A 206 21.92 42.32 18.75
C ALA A 206 21.35 41.33 17.76
N THR A 207 21.54 40.03 18.00
CA THR A 207 20.99 39.01 17.12
C THR A 207 19.46 39.05 17.14
N LEU A 208 18.87 39.23 18.32
CA LEU A 208 17.42 39.31 18.41
C LEU A 208 16.89 40.54 17.68
N GLY A 209 17.58 41.67 17.82
CA GLY A 209 17.17 42.87 17.10
C GLY A 209 17.27 42.73 15.60
N ALA A 210 18.35 42.11 15.12
CA ALA A 210 18.50 41.87 13.69
C ALA A 210 17.50 40.84 13.17
N PHE A 211 17.06 39.90 14.01
CA PHE A 211 16.10 38.89 13.60
C PHE A 211 14.71 39.47 13.41
N MET A 212 14.33 40.45 14.22
CA MET A 212 12.99 41.02 14.17
C MET A 212 12.83 41.88 12.92
N LYS A 213 11.83 41.57 12.11
CA LYS A 213 11.56 42.32 10.89
C LYS A 213 10.39 43.29 11.02
N TYR A 214 9.44 43.02 11.90
CA TYR A 214 8.25 43.85 12.08
C TYR A 214 8.12 44.20 13.55
N PRO A 215 8.86 45.19 14.02
CA PRO A 215 8.81 45.56 15.45
C PRO A 215 7.55 46.33 15.82
N LYS A 216 6.42 45.61 15.81
CA LYS A 216 5.15 46.21 16.16
C LYS A 216 4.19 45.12 16.60
N GLU A 217 3.10 45.53 17.26
CA GLU A 217 2.07 44.61 17.69
C GLU A 217 1.13 44.28 16.54
N SER A 218 0.14 43.44 16.81
CA SER A 218 -0.79 43.00 15.76
C SER A 218 -1.82 44.07 15.40
N LEU A 219 -2.02 45.06 16.26
CA LEU A 219 -2.98 46.12 16.00
C LEU A 219 -2.31 47.48 16.15
N PRO A 220 -2.66 48.46 15.32
CA PRO A 220 -3.67 48.37 14.24
C PRO A 220 -3.18 47.59 13.02
N HIS A 221 -4.11 47.10 12.22
CA HIS A 221 -3.79 46.25 11.08
C HIS A 221 -3.44 47.13 9.88
N LYS A 222 -2.14 47.14 9.51
CA LYS A 222 -1.63 47.87 8.37
C LYS A 222 -1.99 49.35 8.44
N PRO A 223 -1.38 50.10 9.37
CA PRO A 223 -1.75 51.52 9.52
C PRO A 223 -1.14 52.44 8.45
N SER A 224 -0.24 51.94 7.61
CA SER A 224 0.39 52.75 6.57
C SER A 224 0.92 51.82 5.49
N ASP A 225 1.64 52.39 4.54
CA ASP A 225 2.26 51.64 3.45
C ASP A 225 3.73 51.35 3.71
N HIS A 226 4.20 51.50 4.94
CA HIS A 226 5.59 51.26 5.27
C HIS A 226 5.91 49.77 5.14
N ILE A 227 7.21 49.47 5.02
CA ILE A 227 7.64 48.09 4.85
C ILE A 227 7.64 47.32 6.17
N ALA A 228 7.70 48.03 7.30
CA ALA A 228 7.86 47.40 8.60
C ALA A 228 6.54 47.25 9.35
N ASP A 229 5.41 47.64 8.76
CA ASP A 229 4.11 47.53 9.42
C ASP A 229 3.12 46.71 8.61
N LYS A 230 3.58 45.95 7.63
CA LYS A 230 2.69 45.05 6.90
C LYS A 230 2.15 43.97 7.82
N LYS A 231 3.00 43.42 8.69
CA LYS A 231 2.58 42.38 9.63
C LYS A 231 3.17 42.69 11.01
N TYR A 232 2.97 41.79 11.97
CA TYR A 232 3.53 41.96 13.31
C TYR A 232 4.59 40.90 13.56
N GLY A 233 5.35 41.10 14.64
CA GLY A 233 6.50 40.27 14.90
C GLY A 233 6.53 39.54 16.23
N PHE A 234 5.60 39.86 17.13
CA PHE A 234 5.59 39.20 18.43
C PHE A 234 4.17 39.11 18.96
N PHE A 235 3.94 38.12 19.80
CA PHE A 235 2.64 37.91 20.43
C PHE A 235 2.50 38.83 21.65
N GLN A 236 1.36 38.73 22.33
CA GLN A 236 1.14 39.50 23.54
C GLN A 236 1.92 38.93 24.72
N SER A 237 2.16 37.62 24.71
CA SER A 237 2.86 36.98 25.81
C SER A 237 4.36 37.28 25.82
N GLU A 238 4.89 37.87 24.74
CA GLU A 238 6.31 38.23 24.67
C GLU A 238 6.52 39.73 24.52
N ARG A 239 5.56 40.54 24.96
CA ARG A 239 5.69 41.99 24.83
C ARG A 239 6.81 42.53 25.72
N ALA A 240 6.91 42.03 26.96
CA ALA A 240 7.90 42.54 27.90
C ALA A 240 9.32 42.25 27.42
N LEU A 241 9.56 41.04 26.90
CA LEU A 241 10.91 40.68 26.45
C LEU A 241 11.35 41.58 25.30
N PHE A 242 10.48 41.80 24.32
CA PHE A 242 10.86 42.66 23.20
C PHE A 242 10.96 44.11 23.63
N GLU A 243 10.16 44.54 24.60
CA GLU A 243 10.30 45.89 25.13
C GLU A 243 11.67 46.08 25.78
N ASP A 244 12.12 45.09 26.56
CA ASP A 244 13.44 45.14 27.16
C ASP A 244 14.53 45.17 26.10
N VAL A 245 14.40 44.32 25.08
CA VAL A 245 15.38 44.29 24.00
C VAL A 245 15.46 45.64 23.29
N ALA A 246 14.29 46.23 23.00
CA ALA A 246 14.26 47.51 22.31
C ALA A 246 14.84 48.63 23.16
N GLN A 247 14.51 48.63 24.44
CA GLN A 247 15.03 49.64 25.34
C GLN A 247 16.53 49.57 25.44
N GLU A 248 17.09 48.36 25.49
CA GLU A 248 18.54 48.20 25.56
C GLU A 248 19.20 48.61 24.25
N LEU A 249 18.65 48.16 23.12
CA LEU A 249 19.26 48.44 21.81
C LEU A 249 19.22 49.92 21.49
N GLY A 250 18.13 50.60 21.82
CA GLY A 250 17.97 52.00 21.50
C GLY A 250 17.12 52.28 20.29
N LEU A 251 16.20 51.39 19.94
CA LEU A 251 15.36 51.59 18.77
C LEU A 251 14.45 52.80 18.98
N LEU A 252 14.25 53.58 17.91
CA LEU A 252 13.49 54.81 18.00
C LEU A 252 12.00 54.51 18.09
N LYS A 253 11.33 55.14 19.05
CA LYS A 253 9.90 54.95 19.24
C LYS A 253 9.13 55.66 18.14
N ARG A 254 8.12 54.99 17.62
CA ARG A 254 7.29 55.50 16.55
C ARG A 254 5.87 55.78 16.97
N SER A 255 5.37 54.98 17.90
CA SER A 255 4.02 55.17 18.42
C SER A 255 4.03 54.86 19.91
N ASP A 259 -0.31 51.50 21.81
CA ASP A 259 0.32 50.50 20.97
C ASP A 259 1.80 50.86 20.82
N VAL A 260 2.66 49.86 20.96
CA VAL A 260 4.10 50.04 20.90
C VAL A 260 4.62 49.66 19.53
N SER A 261 5.55 50.45 19.01
CA SER A 261 6.16 50.19 17.72
C SER A 261 7.54 50.85 17.68
N TRP A 262 8.48 50.22 17.01
CA TRP A 262 9.84 50.74 16.92
C TRP A 262 10.32 50.80 15.49
N SER A 263 11.60 51.12 15.29
CA SER A 263 12.21 51.19 13.97
C SER A 263 13.06 49.95 13.71
N ARG A 264 13.27 49.67 12.43
CA ARG A 264 14.00 48.48 12.02
C ARG A 264 15.50 48.62 12.30
N HIS A 265 16.11 47.51 12.67
CA HIS A 265 17.56 47.42 12.71
C HIS A 265 18.11 47.37 11.28
N PRO A 266 19.20 48.09 10.99
CA PRO A 266 19.80 47.98 9.65
C PRO A 266 20.24 46.56 9.31
N LEU A 267 20.71 45.81 10.30
CA LEU A 267 21.05 44.41 10.06
C LEU A 267 19.82 43.61 9.67
N ALA A 268 18.64 44.01 10.14
CA ALA A 268 17.41 43.40 9.66
C ALA A 268 17.21 43.67 8.17
N TYR A 269 17.53 44.88 7.72
CA TYR A 269 17.49 45.18 6.29
C TYR A 269 18.45 44.26 5.52
N LEU A 270 19.66 44.08 6.05
CA LEU A 270 20.63 43.21 5.37
C LEU A 270 20.11 41.77 5.31
N VAL A 271 19.53 41.28 6.40
CA VAL A 271 19.00 39.91 6.43
C VAL A 271 17.87 39.77 5.42
N GLU A 272 17.00 40.76 5.37
CA GLU A 272 15.90 40.76 4.44
C GLU A 272 16.37 40.75 2.99
N ALA A 273 17.36 41.55 2.66
CA ALA A 273 17.90 41.58 1.30
C ALA A 273 18.56 40.25 0.94
N ALA A 274 19.34 39.69 1.87
CA ALA A 274 19.99 38.40 1.62
C ALA A 274 18.96 37.31 1.35
N ASP A 275 17.96 37.20 2.18
CA ASP A 275 16.85 36.27 2.08
C ASP A 275 16.04 36.42 0.86
N ASP A 276 15.91 37.66 0.39
CA ASP A 276 15.17 37.98 -0.82
C ASP A 276 15.91 37.49 -2.05
N ILE A 277 17.20 37.82 -2.14
CA ILE A 277 18.04 37.35 -3.24
C ILE A 277 18.05 35.84 -3.27
N CYS A 278 18.19 35.18 -2.14
CA CYS A 278 18.21 33.73 -2.19
C CYS A 278 16.94 33.07 -2.72
N TYR A 279 15.78 33.31 -2.15
CA TYR A 279 14.60 32.63 -2.67
C TYR A 279 14.28 32.98 -4.11
N THR A 280 14.50 34.22 -4.52
CA THR A 280 14.26 34.61 -5.89
C THR A 280 15.17 33.87 -6.83
N ILE A 281 16.46 33.69 -6.49
CA ILE A 281 17.32 33.01 -7.45
C ILE A 281 17.22 31.49 -7.31
N ILE A 282 17.21 30.99 -6.07
CA ILE A 282 17.18 29.55 -5.86
C ILE A 282 15.86 28.95 -6.35
N ASP A 283 14.76 29.65 -6.17
CA ASP A 283 13.48 29.14 -6.62
C ASP A 283 13.43 29.15 -8.12
N PHE A 284 13.99 30.19 -8.71
CA PHE A 284 14.04 30.22 -10.17
C PHE A 284 14.81 29.02 -10.72
N GLU A 285 16.02 28.79 -10.19
CA GLU A 285 16.81 27.67 -10.73
C GLU A 285 16.17 26.32 -10.42
N ASP A 286 15.54 26.18 -9.25
CA ASP A 286 14.87 24.92 -8.93
C ASP A 286 13.72 24.66 -9.88
N GLY A 287 12.96 25.69 -10.22
CA GLY A 287 11.92 25.53 -11.23
C GLY A 287 12.51 25.19 -12.59
N ILE A 288 13.67 25.74 -12.91
CA ILE A 288 14.33 25.43 -14.18
C ILE A 288 14.73 23.96 -14.24
N ASN A 289 15.30 23.33 -13.23
CA ASN A 289 15.69 21.91 -13.34
C ASN A 289 14.64 20.85 -13.22
N LEU A 290 13.53 21.15 -12.59
CA LEU A 290 12.48 20.18 -12.35
C LEU A 290 11.57 19.92 -13.51
N GLY A 291 11.67 20.64 -14.59
CA GLY A 291 10.85 20.34 -15.73
C GLY A 291 9.67 21.18 -16.02
N LEU A 292 9.65 22.34 -15.37
CA LEU A 292 8.54 23.28 -15.43
C LEU A 292 8.89 24.59 -16.10
N ILE A 293 10.16 24.82 -16.38
CA ILE A 293 10.59 26.03 -17.06
C ILE A 293 11.74 25.68 -18.01
N PRO A 294 11.67 26.13 -19.28
CA PRO A 294 12.68 25.95 -20.33
C PRO A 294 13.94 26.82 -20.16
N GLU A 295 15.11 26.32 -20.54
CA GLU A 295 16.38 27.04 -20.40
C GLU A 295 16.40 28.33 -21.20
N GLU A 296 15.51 28.47 -22.19
CA GLU A 296 15.44 29.72 -22.94
C GLU A 296 15.09 30.89 -22.04
N TYR A 297 14.13 30.69 -21.13
CA TYR A 297 13.83 31.72 -20.13
C TYR A 297 14.99 31.93 -19.18
N ALA A 298 15.75 30.87 -18.87
CA ALA A 298 16.90 31.01 -17.99
C ALA A 298 17.95 31.93 -18.61
N LEU A 299 18.21 31.76 -19.90
CA LEU A 299 19.21 32.60 -20.56
C LEU A 299 18.67 34.01 -20.86
N GLU A 300 17.39 34.12 -21.24
CA GLU A 300 16.84 35.41 -21.62
C GLU A 300 16.63 36.32 -20.42
N TYR A 301 16.07 35.77 -19.33
CA TYR A 301 15.76 36.58 -18.17
C TYR A 301 17.00 36.94 -17.35
N MET A 302 18.10 36.20 -17.54
CA MET A 302 19.35 36.45 -16.83
C MET A 302 20.41 36.83 -17.86
N VAL A 303 20.42 38.12 -18.23
CA VAL A 303 21.40 38.62 -19.18
C VAL A 303 22.12 39.83 -18.59
N LYS A 304 21.36 40.79 -18.04
CA LYS A 304 21.97 41.97 -17.45
C LYS A 304 22.61 41.65 -16.10
N LEU A 305 22.03 40.70 -15.36
CA LEU A 305 22.62 40.30 -14.08
C LEU A 305 24.00 39.69 -14.28
N VAL A 306 24.16 38.85 -15.30
CA VAL A 306 25.41 38.15 -15.55
C VAL A 306 26.18 38.79 -16.71
N GLY A 307 25.93 40.05 -17.00
CA GLY A 307 26.50 40.69 -18.17
C GLY A 307 28.01 40.86 -18.14
N GLN A 308 28.51 41.76 -17.30
CA GLN A 308 29.95 41.99 -17.23
C GLN A 308 30.60 41.16 -16.13
N THR A 309 30.29 39.87 -16.10
CA THR A 309 30.95 38.94 -15.20
C THR A 309 31.15 37.56 -15.79
N ILE A 310 30.79 37.34 -17.05
CA ILE A 310 30.70 36.00 -17.62
C ILE A 310 31.84 35.79 -18.61
N ASP A 311 32.24 34.54 -18.77
CA ASP A 311 33.20 34.11 -19.78
C ASP A 311 32.45 33.21 -20.76
N ARG A 312 32.31 33.68 -22.01
CA ARG A 312 31.50 32.96 -22.98
C ARG A 312 32.11 31.62 -23.35
N ASN A 313 33.44 31.53 -23.39
CA ASN A 313 34.09 30.26 -23.72
C ASN A 313 33.77 29.19 -22.68
N LYS A 314 33.88 29.54 -21.40
CA LYS A 314 33.55 28.59 -20.34
C LYS A 314 32.08 28.25 -20.35
N TYR A 315 31.21 29.23 -20.61
CA TYR A 315 29.77 28.98 -20.64
C TYR A 315 29.41 28.01 -21.76
N ASN A 316 30.01 28.19 -22.94
CA ASN A 316 29.71 27.32 -24.07
C ASN A 316 30.39 25.96 -23.94
N ALA A 317 31.49 25.88 -23.19
CA ALA A 317 32.18 24.60 -23.03
C ALA A 317 31.35 23.61 -22.24
N LEU A 318 30.45 24.09 -21.38
CA LEU A 318 29.62 23.20 -20.59
C LEU A 318 28.61 22.47 -21.48
N GLN A 319 28.21 21.29 -21.04
CA GLN A 319 27.27 20.46 -21.78
C GLN A 319 25.93 20.32 -21.07
N GLU A 320 25.93 19.90 -19.80
CA GLU A 320 24.68 19.75 -19.06
C GLU A 320 24.11 21.12 -18.72
N THR A 321 22.77 21.17 -18.62
CA THR A 321 22.11 22.43 -18.29
C THR A 321 22.32 22.81 -16.83
N SER A 322 22.51 21.82 -15.96
CA SER A 322 22.64 22.12 -14.53
C SER A 322 23.87 22.98 -14.25
N ASP A 323 25.00 22.68 -14.90
CA ASP A 323 26.22 23.46 -14.68
C ASP A 323 26.04 24.90 -15.16
N ARG A 324 25.39 25.08 -16.32
CA ARG A 324 25.16 26.42 -16.83
C ARG A 324 24.25 27.22 -15.90
N VAL A 325 23.19 26.58 -15.40
CA VAL A 325 22.28 27.26 -14.48
C VAL A 325 22.99 27.62 -13.19
N SER A 326 23.84 26.72 -12.69
CA SER A 326 24.59 27.01 -11.47
C SER A 326 25.56 28.18 -11.67
N TYR A 327 26.17 28.17 -12.85
CA TYR A 327 27.12 29.16 -13.27
C TYR A 327 26.47 30.56 -13.31
N LEU A 328 25.28 30.66 -13.88
CA LEU A 328 24.46 31.87 -13.94
C LEU A 328 23.99 32.29 -12.56
N ARG A 329 23.58 31.30 -11.77
CA ARG A 329 23.10 31.53 -10.42
C ARG A 329 24.23 32.08 -9.57
N ALA A 330 25.43 31.56 -9.78
CA ALA A 330 26.61 32.00 -9.07
C ALA A 330 26.97 33.45 -9.38
N LEU A 331 26.80 33.86 -10.63
CA LEU A 331 27.12 35.21 -11.08
C LEU A 331 26.07 36.23 -10.67
N ALA A 332 24.80 35.84 -10.73
CA ALA A 332 23.70 36.70 -10.31
C ALA A 332 23.75 36.98 -8.82
N ILE A 333 24.06 35.96 -8.02
CA ILE A 333 24.15 36.15 -6.57
C ILE A 333 25.26 37.12 -6.23
N GLY A 334 26.43 36.99 -6.88
CA GLY A 334 27.52 37.90 -6.60
C GLY A 334 27.18 39.35 -6.96
N THR A 335 26.63 39.56 -8.15
CA THR A 335 26.31 40.92 -8.57
C THR A 335 25.20 41.53 -7.71
N LEU A 336 24.21 40.71 -7.32
CA LEU A 336 23.15 41.22 -6.46
C LEU A 336 23.67 41.57 -5.08
N ILE A 337 24.68 40.83 -4.61
CA ILE A 337 25.26 41.08 -3.30
C ILE A 337 25.97 42.41 -3.33
N ASN A 338 26.75 42.61 -4.37
CA ASN A 338 27.48 43.86 -4.50
C ASN A 338 26.53 45.05 -4.64
N GLU A 339 25.48 44.90 -5.46
CA GLU A 339 24.53 46.00 -5.64
C GLU A 339 23.78 46.30 -4.35
N SER A 340 23.41 45.27 -3.59
CA SER A 340 22.72 45.49 -2.32
C SER A 340 23.62 46.20 -1.31
N VAL A 341 24.90 45.83 -1.26
CA VAL A 341 25.82 46.52 -0.37
C VAL A 341 25.95 47.99 -0.76
N ASP A 342 26.07 48.27 -2.06
CA ASP A 342 26.15 49.66 -2.52
C ASP A 342 24.89 50.43 -2.16
N THR A 343 23.72 49.82 -2.37
CA THR A 343 22.46 50.49 -2.05
C THR A 343 22.35 50.76 -0.56
N PHE A 344 22.76 49.80 0.28
CA PHE A 344 22.71 50.03 1.72
C PHE A 344 23.63 51.17 2.13
N MET A 345 24.84 51.23 1.56
CA MET A 345 25.74 52.32 1.91
C MET A 345 25.28 53.65 1.33
N LYS A 346 24.42 53.65 0.31
CA LYS A 346 23.91 54.91 -0.22
C LYS A 346 22.99 55.59 0.78
N TYR A 347 22.13 54.83 1.45
CA TYR A 347 21.10 55.36 2.33
C TYR A 347 21.38 55.06 3.80
N GLU A 348 22.58 55.29 4.25
CA GLU A 348 22.89 54.93 5.61
C GLU A 348 22.30 55.86 6.60
N GLU A 349 22.33 57.15 6.32
CA GLU A 349 21.73 58.12 7.26
C GLU A 349 20.21 57.96 7.33
N GLU A 350 19.55 57.77 6.20
CA GLU A 350 18.10 57.62 6.20
C GLU A 350 17.68 56.35 6.92
N ILE A 351 18.40 55.25 6.71
CA ILE A 351 18.07 53.99 7.37
C ILE A 351 18.27 54.12 8.87
N LEU A 352 19.39 54.71 9.29
CA LEU A 352 19.65 54.87 10.72
C LEU A 352 18.67 55.83 11.38
N ALA A 353 18.19 56.82 10.64
CA ALA A 353 17.21 57.77 11.17
C ALA A 353 15.80 57.21 11.17
N GLY A 354 15.56 56.06 10.55
CA GLY A 354 14.25 55.45 10.54
C GLY A 354 13.28 56.01 9.53
N THR A 355 13.73 56.83 8.59
CA THR A 355 12.86 57.39 7.56
C THR A 355 12.80 56.55 6.30
N PHE A 356 13.64 55.51 6.18
CA PHE A 356 13.62 54.66 5.00
C PHE A 356 12.38 53.78 5.02
N ASP A 357 11.58 53.85 3.96
CA ASP A 357 10.29 53.19 3.92
C ASP A 357 10.22 52.01 2.95
N GLN A 358 11.34 51.62 2.35
CA GLN A 358 11.36 50.54 1.37
C GLN A 358 12.46 49.55 1.74
N SER A 359 12.63 48.53 0.90
CA SER A 359 13.67 47.54 1.09
C SER A 359 14.93 47.98 0.34
N LEU A 360 15.90 47.08 0.22
CA LEU A 360 17.10 47.37 -0.57
C LEU A 360 17.02 46.80 -1.98
N ILE A 361 16.28 45.71 -2.18
CA ILE A 361 16.15 45.13 -3.51
C ILE A 361 15.31 46.03 -4.41
N ASP A 362 14.21 46.56 -3.89
CA ASP A 362 13.32 47.39 -4.68
C ASP A 362 13.95 48.73 -5.07
N LYS A 363 15.05 49.12 -4.42
CA LYS A 363 15.76 50.34 -4.76
C LYS A 363 17.02 50.05 -5.58
N SER A 364 16.98 48.97 -6.36
CA SER A 364 18.11 48.55 -7.18
C SER A 364 17.78 48.74 -8.66
N ASN A 365 18.84 48.86 -9.46
CA ASN A 365 18.66 49.09 -10.89
C ASN A 365 17.98 47.90 -11.56
N TYR A 366 18.33 46.69 -11.17
CA TYR A 366 17.78 45.47 -11.78
C TYR A 366 16.50 45.10 -11.06
N GLN A 367 15.37 45.53 -11.61
CA GLN A 367 14.05 45.22 -11.05
C GLN A 367 13.11 44.58 -12.05
N ALA A 368 13.17 44.97 -13.32
CA ALA A 368 12.28 44.37 -14.32
C ALA A 368 12.55 42.88 -14.47
N GLN A 369 13.83 42.48 -14.49
CA GLN A 369 14.17 41.06 -14.58
C GLN A 369 13.70 40.31 -13.35
N ILE A 370 13.88 40.89 -12.17
CA ILE A 370 13.45 40.24 -10.92
C ILE A 370 11.94 40.07 -10.93
N THR A 371 11.22 41.12 -11.35
CA THR A 371 9.76 41.04 -11.42
C THR A 371 9.31 39.97 -12.42
N ASP A 372 9.98 39.90 -13.57
CA ASP A 372 9.63 38.88 -14.56
C ASP A 372 9.87 37.47 -14.02
N ILE A 373 10.99 37.27 -13.32
CA ILE A 373 11.28 35.96 -12.74
C ILE A 373 10.23 35.59 -11.71
N ILE A 374 9.87 36.54 -10.85
CA ILE A 374 8.87 36.29 -9.82
C ILE A 374 7.52 35.95 -10.45
N ASN A 375 7.13 36.70 -11.49
CA ASN A 375 5.86 36.45 -12.15
C ASN A 375 5.85 35.07 -12.81
N LEU A 376 6.95 34.70 -13.46
CA LEU A 376 7.01 33.38 -14.08
C LEU A 376 6.93 32.27 -13.04
N SER A 377 7.62 32.45 -11.91
CA SER A 377 7.55 31.45 -10.84
C SER A 377 6.14 31.34 -10.28
N ILE A 378 5.46 32.47 -10.11
CA ILE A 378 4.07 32.46 -9.65
C ILE A 378 3.18 31.74 -10.66
N GLU A 379 3.41 31.99 -11.95
CA GLU A 379 2.56 31.42 -12.99
C GLU A 379 2.73 29.90 -13.10
N ARG A 380 3.96 29.41 -13.08
CA ARG A 380 4.20 28.01 -13.44
C ARG A 380 4.75 27.14 -12.31
N ILE A 381 5.24 27.72 -11.22
CA ILE A 381 5.75 26.90 -10.12
C ILE A 381 4.73 26.81 -8.98
N TYR A 382 4.16 27.95 -8.59
CA TYR A 382 3.24 27.97 -7.44
C TYR A 382 1.84 27.52 -7.81
N ASN A 383 1.52 27.37 -9.10
CA ASN A 383 0.19 26.99 -9.54
C ASN A 383 0.16 25.60 -10.16
N SER A 384 1.19 24.79 -9.92
CA SER A 384 1.18 23.42 -10.42
C SER A 384 0.16 22.57 -9.66
N ARG A 385 -0.31 21.51 -10.32
CA ARG A 385 -1.36 20.68 -9.74
C ARG A 385 -0.90 20.01 -8.45
N GLU A 386 0.34 19.51 -8.44
CA GLU A 386 0.84 18.81 -7.25
C GLU A 386 0.91 19.77 -6.05
N VAL A 387 1.34 21.01 -6.29
CA VAL A 387 1.43 21.98 -5.21
C VAL A 387 0.04 22.26 -4.64
N ILE A 388 -0.96 22.43 -5.49
CA ILE A 388 -2.31 22.70 -5.03
C ILE A 388 -2.86 21.51 -4.25
N GLU A 389 -2.63 20.29 -4.75
CA GLU A 389 -3.11 19.10 -4.06
C GLU A 389 -2.49 18.99 -2.68
N LYS A 390 -1.17 19.19 -2.59
CA LYS A 390 -0.49 19.10 -1.29
C LYS A 390 -0.95 20.20 -0.35
N GLU A 391 -1.19 21.41 -0.87
CA GLU A 391 -1.70 22.48 -0.03
C GLU A 391 -3.08 22.16 0.53
N ILE A 392 -3.95 21.59 -0.31
CA ILE A 392 -5.29 21.20 0.16
C ILE A 392 -5.19 20.11 1.22
N ALA A 393 -4.32 19.13 1.00
CA ALA A 393 -4.13 18.07 1.99
C ALA A 393 -3.63 18.63 3.32
N GLY A 394 -2.64 19.53 3.26
CA GLY A 394 -2.15 20.15 4.49
C GLY A 394 -3.20 20.98 5.19
N TYR A 395 -4.05 21.61 4.37
CA TYR A 395 -5.16 22.44 4.81
C TYR A 395 -6.15 21.65 5.64
N GLU A 396 -6.47 20.46 5.16
CA GLU A 396 -7.39 19.55 5.85
C GLU A 396 -6.74 18.96 7.10
N ILE A 397 -5.48 18.53 6.98
CA ILE A 397 -4.80 17.88 8.09
C ILE A 397 -4.67 18.83 9.28
N LEU A 398 -4.22 20.05 9.02
CA LEU A 398 -4.11 21.04 10.09
C LEU A 398 -5.48 21.36 10.68
N SER A 399 -6.52 21.42 9.85
CA SER A 399 -7.85 21.69 10.36
C SER A 399 -8.29 20.62 11.36
N THR A 400 -8.16 19.34 10.99
CA THR A 400 -8.58 18.29 11.92
C THR A 400 -7.71 18.27 13.16
N LEU A 401 -6.40 18.49 13.00
CA LEU A 401 -5.51 18.47 14.17
C LEU A 401 -5.88 19.57 15.15
N LEU A 402 -6.13 20.79 14.64
CA LEU A 402 -6.50 21.89 15.51
C LEU A 402 -7.84 21.66 16.19
N GLU A 403 -8.83 21.15 15.46
CA GLU A 403 -10.13 20.91 16.09
C GLU A 403 -10.04 19.81 17.15
N ALA A 404 -9.24 18.77 16.88
CA ALA A 404 -9.04 17.72 17.88
C ALA A 404 -8.36 18.27 19.13
N ARG A 405 -7.32 19.10 18.95
CA ARG A 405 -6.65 19.68 20.11
C ARG A 405 -7.58 20.58 20.91
N CYS A 406 -8.38 21.39 20.22
CA CYS A 406 -9.31 22.28 20.91
C CYS A 406 -10.37 21.48 21.67
N ARG A 407 -10.91 20.44 21.05
CA ARG A 407 -11.89 19.60 21.72
C ARG A 407 -11.29 18.89 22.92
N ALA A 408 -10.03 18.45 22.81
CA ALA A 408 -9.37 17.85 23.95
C ALA A 408 -9.16 18.86 25.07
N LEU A 409 -8.82 20.10 24.72
CA LEU A 409 -8.51 21.10 25.73
C LEU A 409 -9.76 21.55 26.48
N ASP A 410 -10.82 21.85 25.73
CA ASP A 410 -12.12 22.31 26.26
C ASP A 410 -12.58 21.62 27.54
N ASN A 411 -12.98 20.36 27.43
CA ASN A 411 -13.46 19.57 28.57
C ASN A 411 -12.56 18.36 28.80
N ASN A 412 -11.73 18.40 29.84
CA ASN A 412 -10.78 17.34 30.07
C ASN A 412 -11.42 16.33 30.99
N ASP A 413 -12.60 15.86 30.58
CA ASP A 413 -13.35 14.95 31.42
C ASP A 413 -13.47 13.56 30.82
N THR A 414 -13.81 13.45 29.53
CA THR A 414 -14.08 12.16 28.93
C THR A 414 -12.80 11.36 28.72
N HIS A 415 -12.96 10.05 28.55
CA HIS A 415 -11.82 9.17 28.33
C HIS A 415 -11.13 9.45 27.00
N TYR A 416 -11.92 9.71 25.95
CA TYR A 416 -11.33 10.01 24.64
C TYR A 416 -10.48 11.27 24.68
N ASN A 417 -10.92 12.27 25.43
CA ASN A 417 -10.19 13.50 25.54
C ASN A 417 -8.89 13.27 26.26
N GLN A 418 -8.91 12.48 27.30
CA GLN A 418 -7.68 12.13 28.00
C GLN A 418 -6.73 11.36 27.09
N LEU A 419 -7.28 10.47 26.25
CA LEU A 419 -6.44 9.74 25.30
C LEU A 419 -5.76 10.69 24.32
N ILE A 420 -6.53 11.66 23.79
CA ILE A 420 -5.96 12.65 22.87
C ILE A 420 -4.88 13.47 23.56
N GLN A 421 -5.14 13.88 24.80
CA GLN A 421 -4.14 14.64 25.55
C GLN A 421 -2.86 13.83 25.76
N GLN A 422 -3.01 12.55 26.09
CA GLN A 422 -1.83 11.70 26.29
C GLN A 422 -1.07 11.49 24.99
N LEU A 423 -1.77 11.43 23.86
CA LEU A 423 -1.09 11.20 22.59
C LEU A 423 -0.45 12.46 22.05
N LEU A 424 -1.26 13.51 21.81
CA LEU A 424 -0.76 14.69 21.12
C LEU A 424 0.20 15.50 21.99
N ALA A 425 -0.18 15.75 23.25
CA ALA A 425 0.59 16.61 24.14
C ALA A 425 0.83 15.89 25.46
N PRO A 426 1.78 14.94 25.50
CA PRO A 426 2.04 14.19 26.72
C PRO A 426 2.91 14.92 27.74
N ASN A 427 3.36 16.13 27.44
CA ASN A 427 4.24 16.88 28.34
C ASN A 427 3.53 17.94 29.14
N GLU A 431 -1.12 24.78 34.51
CA GLU A 431 -2.10 25.80 34.80
C GLU A 431 -1.75 27.08 34.06
N LYS A 432 -2.62 27.48 33.15
CA LYS A 432 -2.39 28.69 32.37
C LYS A 432 -3.73 29.21 31.87
N SER A 433 -3.79 30.46 31.44
CA SER A 433 -5.02 31.04 30.94
C SER A 433 -5.40 30.59 29.55
N LEU A 434 -6.60 30.95 29.14
CA LEU A 434 -7.11 30.61 27.82
C LEU A 434 -6.30 31.05 26.58
N TYR A 435 -5.60 32.16 26.67
CA TYR A 435 -4.91 32.71 25.56
C TYR A 435 -3.57 32.08 25.44
N GLU A 436 -3.01 31.66 26.54
CA GLU A 436 -1.70 30.99 26.52
C GLU A 436 -1.84 29.53 26.11
N ASN A 437 -2.97 28.95 26.47
CA ASN A 437 -3.30 27.59 26.15
C ASN A 437 -3.47 27.37 24.68
N LEU A 438 -4.11 28.33 24.03
CA LEU A 438 -4.33 28.33 22.59
C LEU A 438 -3.04 28.60 21.83
N ILE A 439 -2.24 29.56 22.31
CA ILE A 439 -0.98 29.86 21.63
C ILE A 439 -0.01 28.69 21.75
N GLN A 440 -0.03 27.98 22.89
CA GLN A 440 0.81 26.80 23.04
C GLN A 440 0.36 25.68 22.12
N ILE A 441 -0.95 25.53 21.94
CA ILE A 441 -1.47 24.54 20.99
C ILE A 441 -0.99 24.87 19.58
N CYS A 442 -1.09 26.15 19.20
CA CYS A 442 -0.63 26.56 17.88
C CYS A 442 0.86 26.31 17.70
N ALA A 443 1.67 26.62 18.72
CA ALA A 443 3.10 26.38 18.65
C ALA A 443 3.41 24.89 18.53
N GLU A 444 2.69 24.06 19.28
CA GLU A 444 2.90 22.62 19.21
C GLU A 444 2.55 22.07 17.83
N VAL A 445 1.46 22.56 17.24
CA VAL A 445 1.11 22.14 15.89
C VAL A 445 2.18 22.58 14.89
N SER A 446 2.68 23.81 15.04
CA SER A 446 3.70 24.31 14.13
C SER A 446 5.04 23.60 14.29
N THR A 447 5.23 22.86 15.38
CA THR A 447 6.49 22.16 15.62
C THR A 447 6.62 20.91 14.76
N MET A 448 5.51 20.22 14.49
CA MET A 448 5.57 18.96 13.76
C MET A 448 6.04 19.18 12.34
N THR A 449 6.71 18.16 11.79
CA THR A 449 7.18 18.20 10.42
C THR A 449 6.11 17.66 9.47
N ASP A 450 6.41 17.69 8.18
CA ASP A 450 5.46 17.21 7.18
C ASP A 450 5.19 15.72 7.36
N GLY A 451 6.25 14.91 7.40
CA GLY A 451 6.06 13.48 7.54
C GLY A 451 5.44 13.08 8.86
N LYS A 452 5.87 13.72 9.95
CA LYS A 452 5.28 13.42 11.25
C LYS A 452 3.80 13.77 11.29
N ALA A 453 3.44 14.93 10.75
CA ALA A 453 2.03 15.32 10.72
C ALA A 453 1.21 14.36 9.87
N LEU A 454 1.75 13.95 8.71
CA LEU A 454 1.03 13.02 7.86
C LEU A 454 0.83 11.67 8.55
N ARG A 455 1.88 11.16 9.21
CA ARG A 455 1.77 9.88 9.92
C ARG A 455 0.77 9.98 11.06
N ASN A 456 0.80 11.09 11.81
CA ASN A 456 -0.15 11.28 12.89
C ASN A 456 -1.58 11.34 12.38
N TYR A 457 -1.80 12.04 11.26
CA TYR A 457 -3.13 12.13 10.68
C TYR A 457 -3.61 10.77 10.19
N LYS A 458 -2.71 9.98 9.61
CA LYS A 458 -3.11 8.66 9.12
C LYS A 458 -3.41 7.70 10.27
N LYS A 459 -2.63 7.76 11.35
CA LYS A 459 -2.81 6.80 12.43
C LYS A 459 -3.83 7.24 13.47
N ILE A 460 -4.25 8.51 13.44
CA ILE A 460 -5.42 8.90 14.23
C ILE A 460 -6.70 8.44 13.55
N LYS A 461 -6.67 8.29 12.22
CA LYS A 461 -7.80 7.79 11.46
C LYS A 461 -7.77 6.28 11.27
N GLY A 462 -6.78 5.61 11.84
CA GLY A 462 -6.67 4.17 11.67
C GLY A 462 -6.19 3.72 10.31
N LEU A 463 -5.51 4.60 9.58
CA LEU A 463 -5.05 4.26 8.24
C LEU A 463 -3.53 4.12 8.19
N ASN B 25 57.67 23.06 7.58
CA ASN B 25 57.51 24.51 7.63
C ASN B 25 56.04 24.88 7.47
N TRP B 26 55.54 25.74 8.36
CA TRP B 26 54.14 26.11 8.33
C TRP B 26 53.82 27.07 7.18
N GLU B 27 54.83 27.75 6.62
CA GLU B 27 54.58 28.66 5.51
C GLU B 27 54.21 27.92 4.23
N HIS B 28 54.52 26.63 4.16
CA HIS B 28 54.25 25.81 2.98
C HIS B 28 52.98 24.97 3.11
N LEU B 29 52.59 24.62 4.34
CA LEU B 29 51.35 23.84 4.54
C LEU B 29 50.11 24.69 4.29
N LEU B 30 50.20 26.00 4.48
CA LEU B 30 49.06 26.90 4.27
C LEU B 30 49.09 27.46 2.85
N SER B 31 49.01 26.56 1.88
CA SER B 31 49.04 26.92 0.46
C SER B 31 47.70 27.46 0.01
N LEU B 32 47.73 28.45 -0.86
CA LEU B 32 46.52 29.10 -1.37
C LEU B 32 46.27 28.85 -2.85
N LYS B 33 47.19 28.19 -3.56
CA LYS B 33 47.02 28.00 -4.98
C LYS B 33 45.99 26.91 -5.26
N ARG B 34 45.37 26.99 -6.43
CA ARG B 34 44.38 26.02 -6.87
C ARG B 34 44.77 25.47 -8.22
N GLN B 35 44.09 24.38 -8.62
CA GLN B 35 44.47 23.66 -9.83
C GLN B 35 44.33 24.54 -11.06
N GLY B 36 45.34 24.48 -11.93
CA GLY B 36 45.37 25.27 -13.15
C GLY B 36 45.96 26.65 -13.00
N ASP B 37 46.44 27.01 -11.82
CA ASP B 37 47.00 28.34 -11.60
C ASP B 37 48.46 28.40 -12.04
N THR B 38 48.93 29.62 -12.25
CA THR B 38 50.33 29.86 -12.63
C THR B 38 51.01 30.93 -11.81
N ALA B 39 50.27 31.77 -11.08
CA ALA B 39 50.87 32.82 -10.26
C ALA B 39 51.24 32.24 -8.88
N LYS B 40 51.60 33.12 -7.95
CA LYS B 40 52.01 32.69 -6.62
C LYS B 40 50.85 32.67 -5.62
N ARG B 41 49.89 33.59 -5.76
CA ARG B 41 48.75 33.70 -4.85
C ARG B 41 49.21 33.89 -3.41
N LEU B 42 49.90 35.01 -3.18
CA LEU B 42 50.41 35.31 -1.86
C LEU B 42 49.29 35.70 -0.90
N ARG B 43 49.54 35.48 0.39
CA ARG B 43 48.54 35.81 1.41
C ARG B 43 48.42 37.31 1.60
N ILE B 44 49.54 38.04 1.54
CA ILE B 44 49.54 39.47 1.79
C ILE B 44 48.97 40.28 0.64
N GLU B 45 48.57 39.63 -0.45
CA GLU B 45 48.01 40.30 -1.61
C GLU B 45 46.56 39.88 -1.84
N GLN B 46 45.79 39.76 -0.76
CA GLN B 46 44.41 39.30 -0.83
C GLN B 46 43.54 40.17 0.07
N ASP B 47 42.26 40.28 -0.32
CA ASP B 47 41.29 41.01 0.48
C ASP B 47 40.79 40.14 1.63
N ASP B 48 40.73 40.73 2.83
CA ASP B 48 40.26 40.04 4.02
C ASP B 48 38.74 39.89 4.05
N THR B 49 38.01 40.51 3.12
CA THR B 49 36.56 40.37 3.10
C THR B 49 36.14 38.93 2.81
N ARG B 50 36.72 38.36 1.77
CA ARG B 50 36.44 37.00 1.39
C ARG B 50 37.76 36.28 1.20
N LEU B 51 38.15 35.52 2.21
CA LEU B 51 39.40 34.76 2.15
C LEU B 51 39.24 33.54 1.25
N GLY B 52 40.38 33.06 0.75
CA GLY B 52 40.36 31.91 -0.14
C GLY B 52 39.81 30.66 0.50
N PHE B 53 40.07 30.47 1.80
CA PHE B 53 39.52 29.32 2.50
C PHE B 53 38.02 29.46 2.74
N GLU B 54 37.51 30.69 2.84
CA GLU B 54 36.08 30.91 2.96
C GLU B 54 35.34 30.65 1.65
N VAL B 55 36.01 30.91 0.52
CA VAL B 55 35.43 30.58 -0.77
C VAL B 55 35.22 29.08 -0.89
N ASP B 56 36.12 28.29 -0.30
CA ASP B 56 35.94 26.83 -0.32
C ASP B 56 34.68 26.43 0.43
N TYR B 57 34.45 27.04 1.60
CA TYR B 57 33.23 26.77 2.36
C TYR B 57 31.99 27.16 1.56
N ASP B 58 32.03 28.33 0.92
CA ASP B 58 30.89 28.79 0.12
C ASP B 58 30.62 27.84 -1.04
N ARG B 59 31.68 27.38 -1.71
CA ARG B 59 31.51 26.47 -2.84
C ARG B 59 30.96 25.12 -2.39
N ILE B 60 31.45 24.61 -1.26
CA ILE B 60 30.96 23.33 -0.77
C ILE B 60 29.49 23.44 -0.35
N ILE B 61 29.11 24.58 0.23
CA ILE B 61 27.73 24.75 0.70
C ILE B 61 26.76 24.68 -0.48
N PHE B 62 27.10 25.32 -1.60
CA PHE B 62 26.21 25.41 -2.75
C PHE B 62 26.31 24.20 -3.67
N SER B 63 27.19 23.25 -3.39
CA SER B 63 27.38 22.10 -4.26
C SER B 63 26.20 21.14 -4.17
N ALA B 64 26.06 20.32 -5.22
CA ALA B 64 25.00 19.31 -5.31
C ALA B 64 25.31 18.06 -4.48
N PRO B 65 26.55 17.53 -4.51
CA PRO B 65 26.85 16.41 -3.61
C PRO B 65 26.63 16.73 -2.14
N PHE B 66 26.91 17.98 -1.72
CA PHE B 66 26.64 18.37 -0.34
C PHE B 66 25.15 18.40 -0.06
N ARG B 67 24.36 18.88 -1.02
CA ARG B 67 22.92 18.95 -0.83
C ARG B 67 22.28 17.57 -0.82
N SER B 68 22.88 16.61 -1.53
CA SER B 68 22.38 15.24 -1.51
C SER B 68 22.63 14.54 -0.17
N LEU B 69 23.43 15.13 0.72
CA LEU B 69 23.74 14.48 1.98
C LEU B 69 22.56 14.49 2.94
N GLN B 70 21.54 15.31 2.70
CA GLN B 70 20.40 15.38 3.61
C GLN B 70 19.57 14.11 3.59
N ASP B 71 19.79 13.20 2.64
CA ASP B 71 18.98 11.99 2.50
C ASP B 71 19.81 10.73 2.72
N LYS B 72 20.92 10.83 3.45
CA LYS B 72 21.82 9.71 3.65
C LYS B 72 21.88 9.33 5.11
N THR B 73 22.29 8.09 5.36
CA THR B 73 22.19 7.48 6.68
C THR B 73 23.42 7.78 7.54
N GLN B 74 23.17 8.12 8.80
CA GLN B 74 24.17 8.24 9.83
C GLN B 74 24.29 6.85 10.57
N VAL B 75 23.24 6.41 11.27
CA VAL B 75 23.20 5.15 12.02
C VAL B 75 21.96 4.38 11.65
N ILE B 76 20.80 5.01 11.78
CA ILE B 76 19.51 4.36 11.53
C ILE B 76 19.06 4.75 10.13
N PRO B 77 19.03 3.83 9.17
CA PRO B 77 18.62 4.19 7.81
C PRO B 77 17.14 4.54 7.72
N LEU B 78 16.81 5.37 6.72
CA LEU B 78 15.44 5.76 6.43
C LEU B 78 14.76 6.38 7.64
N ASP B 82 12.64 12.27 11.21
CA ASP B 82 12.72 12.04 12.65
C ASP B 82 13.67 13.06 13.25
N PHE B 83 13.96 12.91 14.54
CA PHE B 83 14.86 13.80 15.26
C PHE B 83 16.28 13.24 15.36
N VAL B 84 16.50 12.08 14.72
CA VAL B 84 17.78 11.42 14.66
C VAL B 84 18.60 12.04 13.54
N HIS B 85 19.88 12.24 13.75
CA HIS B 85 20.75 12.89 12.81
C HIS B 85 20.97 12.21 11.52
N THR B 86 21.17 13.00 10.51
CA THR B 86 21.56 12.50 9.22
C THR B 86 22.99 12.93 8.98
N ARG B 87 23.42 12.73 7.77
CA ARG B 87 24.75 13.02 7.25
C ARG B 87 25.05 14.52 7.10
N LEU B 88 24.02 15.35 7.02
CA LEU B 88 24.23 16.79 6.88
C LEU B 88 24.41 17.46 8.24
N THR B 89 23.55 17.12 9.21
CA THR B 89 23.67 17.70 10.54
C THR B 89 24.98 17.29 11.20
N HIS B 90 25.35 16.05 10.96
CA HIS B 90 26.57 15.51 11.48
C HIS B 90 27.71 16.39 10.98
N SER B 91 27.72 16.66 9.68
CA SER B 91 28.74 17.48 9.07
C SER B 91 28.73 18.89 9.63
N LEU B 92 27.54 19.44 9.82
CA LEU B 92 27.41 20.79 10.34
C LEU B 92 27.99 20.88 11.74
N GLU B 93 27.73 19.87 12.55
CA GLU B 93 28.27 19.83 13.90
C GLU B 93 29.78 19.71 13.90
N VAL B 94 30.31 18.88 13.01
CA VAL B 94 31.76 18.69 12.92
C VAL B 94 32.44 19.96 12.43
N SER B 95 31.78 20.63 11.48
CA SER B 95 32.27 21.86 10.90
C SER B 95 32.41 22.93 11.97
N VAL B 96 31.61 22.81 13.02
CA VAL B 96 31.68 23.78 14.12
C VAL B 96 32.75 23.38 15.13
N VAL B 97 32.70 22.16 15.64
CA VAL B 97 33.69 21.71 16.59
C VAL B 97 35.10 21.85 16.00
N GLY B 98 35.37 21.33 14.81
CA GLY B 98 36.69 21.44 14.22
C GLY B 98 37.12 22.87 14.00
N ARG B 99 36.19 23.75 13.66
CA ARG B 99 36.51 25.17 13.54
C ARG B 99 36.98 25.75 14.87
N SER B 100 36.34 25.38 15.98
CA SER B 100 36.71 25.80 17.33
C SER B 100 38.07 25.25 17.73
N LEU B 101 38.35 24.00 17.37
CA LEU B 101 39.66 23.38 17.63
C LEU B 101 40.75 24.05 16.81
N GLY B 102 40.52 24.25 15.52
CA GLY B 102 41.52 24.83 14.65
C GLY B 102 41.80 26.28 14.98
N ARG B 103 40.78 27.04 15.41
CA ARG B 103 41.02 28.43 15.77
C ARG B 103 41.88 28.53 17.03
N MET B 104 41.59 27.68 18.04
CA MET B 104 42.47 27.66 19.20
C MET B 104 43.89 27.25 18.81
N VAL B 105 44.02 26.24 17.96
CA VAL B 105 45.34 25.75 17.56
C VAL B 105 46.11 26.82 16.81
N GLY B 106 45.44 27.54 15.91
CA GLY B 106 46.10 28.60 15.17
C GLY B 106 46.51 29.76 16.07
N LYS B 107 45.64 30.14 17.01
CA LYS B 107 46.01 31.15 17.99
C LYS B 107 47.27 30.75 18.75
N LYS B 108 47.37 29.54 19.24
CA LYS B 108 48.56 29.12 19.95
C LYS B 108 49.85 28.95 19.15
N LEU B 109 49.73 28.78 17.83
CA LEU B 109 50.89 28.61 16.97
C LEU B 109 51.46 29.97 16.70
N LEU B 110 50.58 30.90 16.36
CA LEU B 110 50.95 32.25 16.12
C LEU B 110 51.57 32.73 17.43
N GLU B 111 50.99 32.41 18.59
CA GLU B 111 51.68 32.81 19.82
C GLU B 111 53.09 32.22 19.87
N LYS B 112 53.24 30.95 19.47
CA LYS B 112 54.56 30.33 19.47
C LYS B 112 55.45 30.90 18.37
N TYR B 113 54.92 31.01 17.15
CA TYR B 113 55.71 31.46 16.01
C TYR B 113 55.32 32.89 15.65
N PRO B 114 56.20 33.88 15.89
CA PRO B 114 55.81 35.27 15.60
C PRO B 114 56.07 35.70 14.16
N HIS B 115 56.96 35.03 13.44
CA HIS B 115 57.29 35.46 12.08
C HIS B 115 56.15 35.21 11.10
N LEU B 116 55.21 34.32 11.44
CA LEU B 116 54.10 34.05 10.53
C LEU B 116 53.17 35.24 10.39
N GLU B 117 52.96 36.00 11.46
CA GLU B 117 52.07 37.15 11.46
C GLU B 117 52.80 38.46 11.18
N GLN B 118 54.11 38.41 10.93
CA GLN B 118 54.89 39.61 10.67
C GLN B 118 55.40 39.73 9.24
N VAL B 119 55.66 38.61 8.56
CA VAL B 119 56.16 38.61 7.20
C VAL B 119 55.09 38.20 6.20
N TYR B 120 54.39 37.10 6.47
CA TYR B 120 53.38 36.59 5.55
C TYR B 120 52.00 37.20 5.81
N GLY B 121 51.65 37.42 7.07
CA GLY B 121 50.38 38.04 7.40
C GLY B 121 49.25 37.05 7.62
N TYR B 122 49.46 36.08 8.49
CA TYR B 122 48.45 35.07 8.82
C TYR B 122 47.78 35.40 10.14
N LYS B 123 46.54 34.94 10.27
CA LYS B 123 45.72 35.16 11.46
C LYS B 123 45.13 33.84 11.91
N PHE B 124 44.63 33.82 13.15
CA PHE B 124 44.10 32.59 13.72
C PHE B 124 42.81 32.14 13.05
N ASN B 125 42.13 33.04 12.33
CA ASN B 125 40.91 32.64 11.63
C ASN B 125 41.20 31.74 10.45
N ASP B 126 42.43 31.82 9.92
CA ASP B 126 42.78 31.01 8.75
C ASP B 126 42.71 29.53 9.08
N PHE B 127 43.30 29.12 10.21
CA PHE B 127 43.29 27.72 10.59
C PHE B 127 41.87 27.23 10.85
N GLY B 128 41.06 28.04 11.53
CA GLY B 128 39.68 27.67 11.77
C GLY B 128 38.90 27.49 10.49
N ALA B 129 39.08 28.41 9.53
CA ALA B 129 38.40 28.30 8.25
C ALA B 129 38.84 27.05 7.50
N ILE B 130 40.14 26.75 7.50
CA ILE B 130 40.63 25.57 6.80
C ILE B 130 40.04 24.31 7.41
N VAL B 131 40.06 24.21 8.74
CA VAL B 131 39.56 23.01 9.39
C VAL B 131 38.06 22.87 9.19
N ALA B 132 37.33 23.99 9.24
CA ALA B 132 35.89 23.93 9.01
C ALA B 132 35.58 23.47 7.59
N ALA B 133 36.31 24.00 6.60
CA ALA B 133 36.09 23.58 5.22
C ALA B 133 36.42 22.11 5.03
N ALA B 134 37.46 21.61 5.70
CA ALA B 134 37.80 20.21 5.59
C ALA B 134 36.78 19.34 6.30
N ALA B 135 36.31 19.81 7.45
CA ALA B 135 35.32 19.11 8.26
C ALA B 135 33.96 18.95 7.57
N LEU B 136 33.54 19.98 6.86
CA LEU B 136 32.27 20.00 6.16
C LEU B 136 32.12 18.94 5.05
N ALA B 137 33.17 18.73 4.27
CA ALA B 137 33.11 17.76 3.18
C ALA B 137 33.83 16.47 3.50
N HIS B 138 34.03 16.16 4.78
CA HIS B 138 34.77 14.96 5.16
C HIS B 138 33.98 13.68 4.97
N ASP B 139 32.66 13.76 4.80
CA ASP B 139 31.80 12.60 4.60
C ASP B 139 30.90 12.81 3.40
N ILE B 140 31.47 13.25 2.27
CA ILE B 140 30.69 13.61 1.10
C ILE B 140 30.62 12.50 0.06
N GLY B 141 31.53 11.54 0.09
CA GLY B 141 31.56 10.50 -0.93
C GLY B 141 31.13 9.14 -0.43
N ASN B 142 30.58 9.07 0.76
CA ASN B 142 30.17 7.79 1.33
C ASN B 142 28.96 7.24 0.59
N PRO B 143 28.90 5.93 0.37
CA PRO B 143 27.75 5.34 -0.31
C PRO B 143 26.51 5.34 0.58
N PRO B 144 25.32 5.21 0.01
CA PRO B 144 24.11 5.19 0.82
C PRO B 144 24.06 3.96 1.74
N PHE B 145 23.09 3.99 2.65
CA PHE B 145 22.88 2.95 3.66
C PHE B 145 24.04 2.81 4.63
N GLY B 146 24.88 3.84 4.73
CA GLY B 146 25.89 3.88 5.78
C GLY B 146 26.97 2.83 5.59
N HIS B 147 27.23 2.08 6.66
CA HIS B 147 28.36 1.17 6.70
C HIS B 147 28.19 -0.01 5.76
N SER B 148 26.95 -0.44 5.52
CA SER B 148 26.71 -1.63 4.70
C SER B 148 26.94 -1.40 3.22
N GLY B 149 26.82 -0.14 2.75
CA GLY B 149 26.98 0.11 1.32
C GLY B 149 28.37 -0.19 0.80
N GLU B 150 29.39 0.27 1.52
CA GLU B 150 30.77 0.01 1.09
C GLU B 150 31.09 -1.48 1.14
N LYS B 151 30.59 -2.20 2.15
CA LYS B 151 30.80 -3.63 2.21
C LYS B 151 30.11 -4.35 1.06
N ALA B 152 28.90 -3.91 0.71
CA ALA B 152 28.21 -4.50 -0.43
C ALA B 152 28.96 -4.26 -1.73
N ILE B 153 29.47 -3.03 -1.92
CA ILE B 153 30.21 -2.73 -3.14
C ILE B 153 31.48 -3.56 -3.21
N GLY B 154 32.18 -3.70 -2.08
CA GLY B 154 33.38 -4.52 -2.07
C GLY B 154 33.10 -5.99 -2.33
N GLU B 155 32.02 -6.52 -1.75
CA GLU B 155 31.68 -7.93 -1.92
C GLU B 155 31.13 -8.22 -3.31
N PHE B 156 30.61 -7.22 -4.02
CA PHE B 156 30.11 -7.45 -5.36
C PHE B 156 31.22 -7.94 -6.29
N PHE B 157 32.42 -7.37 -6.17
CA PHE B 157 33.55 -7.74 -7.00
C PHE B 157 34.33 -8.94 -6.46
N LYS B 158 33.92 -9.50 -5.34
CA LYS B 158 34.59 -10.66 -4.75
C LYS B 158 33.76 -11.92 -4.81
N ASN B 159 32.52 -11.88 -4.32
CA ASN B 159 31.62 -13.03 -4.34
C ASN B 159 30.39 -12.77 -5.21
N GLY B 160 30.57 -12.00 -6.28
CA GLY B 160 29.49 -11.68 -7.20
C GLY B 160 29.96 -11.75 -8.63
N TYR B 161 29.20 -11.07 -9.50
CA TYR B 161 29.51 -11.10 -10.93
C TYR B 161 30.80 -10.34 -11.23
N GLY B 162 31.13 -9.35 -10.40
CA GLY B 162 32.30 -8.52 -10.63
C GLY B 162 33.60 -9.30 -10.67
N LYS B 163 33.62 -10.50 -10.09
CA LYS B 163 34.81 -11.34 -10.15
C LYS B 163 35.18 -11.71 -11.57
N ARG B 164 34.27 -11.49 -12.51
CA ARG B 164 34.56 -11.76 -13.90
C ARG B 164 35.60 -10.79 -14.43
N TYR B 165 35.68 -9.62 -13.82
CA TYR B 165 36.61 -8.57 -14.25
C TYR B 165 37.98 -8.66 -13.59
N LYS B 166 38.22 -9.71 -12.80
CA LYS B 166 39.48 -9.82 -12.08
C LYS B 166 40.66 -9.97 -13.02
N ASP B 167 40.50 -10.74 -14.10
CA ASP B 167 41.64 -11.06 -14.96
C ASP B 167 42.06 -9.87 -15.82
N SER B 168 41.14 -8.95 -16.10
CA SER B 168 41.42 -7.85 -17.02
C SER B 168 42.01 -6.63 -16.32
N LEU B 169 42.18 -6.65 -15.01
CA LEU B 169 42.68 -5.51 -14.27
C LEU B 169 43.96 -5.88 -13.52
N THR B 170 44.79 -4.87 -13.26
CA THR B 170 46.00 -5.07 -12.50
C THR B 170 45.68 -5.26 -11.02
N ALA B 171 46.74 -5.53 -10.25
CA ALA B 171 46.56 -5.80 -8.83
C ALA B 171 46.02 -4.58 -8.09
N LYS B 172 46.54 -3.40 -8.40
CA LYS B 172 46.18 -2.20 -7.64
C LYS B 172 44.73 -1.78 -7.89
N GLU B 173 44.33 -1.82 -9.15
CA GLU B 173 43.00 -1.44 -9.55
C GLU B 173 41.96 -2.41 -9.02
N TYR B 174 42.32 -3.67 -8.97
CA TYR B 174 41.39 -4.65 -8.46
C TYR B 174 41.26 -4.46 -6.95
N GLN B 175 42.34 -4.02 -6.31
CA GLN B 175 42.34 -3.78 -4.87
C GLN B 175 41.36 -2.68 -4.47
N ASP B 176 41.30 -1.62 -5.27
CA ASP B 176 40.40 -0.52 -5.02
C ASP B 176 38.98 -1.04 -5.02
N LEU B 177 38.61 -1.59 -6.16
CA LEU B 177 37.30 -2.14 -6.41
C LEU B 177 36.90 -3.12 -5.33
N ILE B 178 37.79 -4.02 -4.91
CA ILE B 178 37.29 -4.95 -3.89
C ILE B 178 37.33 -4.36 -2.50
N LYS B 179 37.96 -3.20 -2.32
CA LYS B 179 38.05 -2.50 -1.04
C LYS B 179 37.59 -1.06 -1.20
N PHE B 180 36.41 -0.87 -1.79
CA PHE B 180 35.90 0.47 -2.05
C PHE B 180 35.85 1.29 -0.75
N GLU B 181 36.28 2.54 -0.85
CA GLU B 181 36.44 3.42 0.30
C GLU B 181 35.65 4.71 0.09
N GLY B 182 35.16 5.28 1.20
CA GLY B 182 34.47 6.55 1.12
C GLY B 182 35.38 7.74 0.97
N ASN B 183 36.59 7.66 1.53
CA ASN B 183 37.53 8.77 1.44
C ASN B 183 37.99 9.00 0.00
N ALA B 184 38.34 7.91 -0.70
CA ALA B 184 38.76 8.04 -2.09
C ALA B 184 37.63 8.56 -2.96
N ASN B 185 36.41 8.08 -2.73
CA ASN B 185 35.26 8.57 -3.49
C ASN B 185 35.01 10.05 -3.22
N GLY B 186 35.16 10.48 -1.95
CA GLY B 186 35.01 11.89 -1.64
C GLY B 186 36.05 12.76 -2.32
N PHE B 187 37.31 12.29 -2.32
CA PHE B 187 38.36 13.04 -3.01
C PHE B 187 38.07 13.10 -4.51
N LYS B 188 37.60 12.03 -5.10
CA LYS B 188 37.28 12.05 -6.50
C LYS B 188 36.13 13.00 -6.78
N VAL B 189 35.10 13.02 -5.95
CA VAL B 189 34.01 13.95 -6.14
C VAL B 189 34.50 15.39 -6.04
N LEU B 190 35.36 15.66 -5.06
CA LEU B 190 35.87 17.02 -4.89
C LEU B 190 36.76 17.46 -6.04
N SER B 191 37.49 16.53 -6.65
CA SER B 191 38.45 16.85 -7.71
C SER B 191 38.09 16.13 -9.01
N GLN B 192 36.83 16.18 -9.40
CA GLN B 192 36.36 15.54 -10.63
C GLN B 192 36.36 16.56 -11.77
N SER B 193 37.11 16.26 -12.83
CA SER B 193 37.18 17.13 -13.99
C SER B 193 36.09 16.78 -14.99
N LYS B 194 35.44 17.80 -15.52
CA LYS B 194 34.37 17.66 -16.50
C LYS B 194 34.60 18.65 -17.63
N PRO B 195 34.07 18.36 -18.82
CA PRO B 195 34.20 19.31 -19.94
C PRO B 195 33.58 20.66 -19.59
N GLY B 196 34.43 21.68 -19.53
CA GLY B 196 34.02 23.02 -19.17
C GLY B 196 34.29 23.38 -17.73
N ALA B 197 34.50 22.39 -16.86
CA ALA B 197 34.79 22.62 -15.44
C ALA B 197 36.00 21.76 -15.08
N GLN B 198 37.19 22.35 -15.17
CA GLN B 198 38.43 21.66 -14.88
C GLN B 198 38.76 21.84 -13.40
N GLY B 199 38.92 20.72 -12.69
CA GLY B 199 39.25 20.75 -11.28
C GLY B 199 38.07 20.62 -10.34
N GLY B 200 36.85 20.45 -10.86
CA GLY B 200 35.69 20.33 -9.98
C GLY B 200 35.45 21.61 -9.23
N LEU B 201 35.33 21.50 -7.91
CA LEU B 201 35.09 22.68 -7.07
C LEU B 201 36.30 23.59 -6.99
N ARG B 202 37.49 23.09 -7.33
CA ARG B 202 38.72 23.87 -7.33
C ARG B 202 38.99 24.47 -5.95
N LEU B 203 39.16 23.59 -4.97
CA LEU B 203 39.43 24.02 -3.61
C LEU B 203 40.92 24.31 -3.42
N SER B 204 41.22 25.01 -2.33
CA SER B 204 42.60 25.32 -1.99
C SER B 204 43.36 24.05 -1.62
N TYR B 205 44.67 24.08 -1.85
CA TYR B 205 45.50 22.90 -1.59
C TYR B 205 45.59 22.59 -0.09
N ALA B 206 45.53 23.62 0.76
CA ALA B 206 45.54 23.39 2.20
C ALA B 206 44.30 22.61 2.63
N THR B 207 43.13 22.97 2.09
CA THR B 207 41.90 22.26 2.41
C THR B 207 41.98 20.81 1.95
N LEU B 208 42.52 20.57 0.75
CA LEU B 208 42.65 19.20 0.25
C LEU B 208 43.61 18.40 1.11
N GLY B 209 44.72 19.02 1.54
CA GLY B 209 45.65 18.32 2.41
C GLY B 209 45.05 17.98 3.76
N ALA B 210 44.29 18.92 4.34
CA ALA B 210 43.63 18.65 5.60
C ALA B 210 42.51 17.63 5.47
N PHE B 211 41.87 17.53 4.30
CA PHE B 211 40.82 16.57 4.08
C PHE B 211 41.33 15.14 4.00
N MET B 212 42.53 14.95 3.44
CA MET B 212 43.08 13.62 3.25
C MET B 212 43.51 13.03 4.59
N LYS B 213 42.99 11.86 4.92
CA LYS B 213 43.33 11.18 6.18
C LYS B 213 44.32 10.05 5.99
N TYR B 214 44.35 9.41 4.82
CA TYR B 214 45.22 8.26 4.55
C TYR B 214 46.00 8.55 3.28
N PRO B 215 47.08 9.32 3.37
CA PRO B 215 47.87 9.67 2.17
C PRO B 215 48.74 8.52 1.68
N LYS B 216 48.08 7.50 1.13
CA LYS B 216 48.78 6.34 0.60
C LYS B 216 47.89 5.63 -0.41
N GLU B 217 48.50 4.77 -1.21
CA GLU B 217 47.78 3.98 -2.19
C GLU B 217 47.13 2.77 -1.53
N SER B 218 46.44 1.97 -2.32
CA SER B 218 45.72 0.81 -1.78
C SER B 218 46.64 -0.35 -1.46
N LEU B 219 47.85 -0.37 -2.01
CA LEU B 219 48.80 -1.44 -1.74
C LEU B 219 50.13 -0.85 -1.27
N PRO B 220 50.82 -1.53 -0.33
CA PRO B 220 50.42 -2.79 0.31
C PRO B 220 49.30 -2.62 1.33
N HIS B 221 48.59 -3.71 1.62
CA HIS B 221 47.44 -3.68 2.51
C HIS B 221 47.90 -3.75 3.96
N LYS B 222 47.77 -2.63 4.68
CA LYS B 222 48.11 -2.53 6.10
C LYS B 222 49.54 -2.97 6.36
N PRO B 223 50.54 -2.18 5.93
CA PRO B 223 51.94 -2.58 6.11
C PRO B 223 52.46 -2.38 7.52
N SER B 224 51.72 -1.74 8.41
CA SER B 224 52.17 -1.51 9.78
C SER B 224 50.94 -1.25 10.64
N ASP B 225 51.17 -0.88 11.90
CA ASP B 225 50.13 -0.56 12.85
C ASP B 225 49.89 0.93 12.98
N HIS B 226 50.41 1.73 12.05
CA HIS B 226 50.24 3.17 12.10
C HIS B 226 48.78 3.55 11.88
N ILE B 227 48.44 4.77 12.29
CA ILE B 227 47.06 5.22 12.16
C ILE B 227 46.74 5.68 10.74
N ALA B 228 47.75 6.03 9.94
CA ALA B 228 47.54 6.60 8.63
C ALA B 228 47.66 5.58 7.50
N ASP B 229 47.86 4.30 7.82
CA ASP B 229 47.99 3.28 6.78
C ASP B 229 46.98 2.14 6.97
N LYS B 230 45.95 2.35 7.79
CA LYS B 230 44.89 1.35 7.90
C LYS B 230 44.15 1.19 6.58
N LYS B 231 43.88 2.29 5.89
CA LYS B 231 43.19 2.26 4.60
C LYS B 231 43.88 3.20 3.63
N TYR B 232 43.33 3.37 2.43
CA TYR B 232 43.90 4.27 1.44
C TYR B 232 42.94 5.45 1.21
N GLY B 233 43.45 6.47 0.52
CA GLY B 233 42.71 7.71 0.40
C GLY B 233 42.43 8.18 -1.02
N PHE B 234 43.02 7.54 -2.02
CA PHE B 234 42.80 7.96 -3.39
C PHE B 234 42.90 6.77 -4.33
N PHE B 235 42.21 6.87 -5.47
CA PHE B 235 42.24 5.84 -6.48
C PHE B 235 43.48 6.00 -7.36
N GLN B 236 43.61 5.12 -8.35
CA GLN B 236 44.72 5.21 -9.28
C GLN B 236 44.52 6.33 -10.29
N SER B 237 43.27 6.67 -10.59
CA SER B 237 42.98 7.71 -11.56
C SER B 237 43.24 9.11 -11.02
N GLU B 238 43.48 9.25 -9.72
CA GLU B 238 43.75 10.55 -9.11
C GLU B 238 45.13 10.60 -8.46
N ARG B 239 46.07 9.75 -8.92
CA ARG B 239 47.40 9.74 -8.33
C ARG B 239 48.16 11.02 -8.63
N ALA B 240 48.06 11.51 -9.88
CA ALA B 240 48.81 12.70 -10.27
C ALA B 240 48.36 13.94 -9.50
N LEU B 241 47.05 14.10 -9.31
CA LEU B 241 46.54 15.27 -8.60
C LEU B 241 47.04 15.29 -7.16
N PHE B 242 46.98 14.16 -6.47
CA PHE B 242 47.44 14.12 -5.09
C PHE B 242 48.95 14.25 -5.01
N GLU B 243 49.67 13.73 -6.01
CA GLU B 243 51.11 13.92 -6.04
C GLU B 243 51.46 15.41 -6.17
N ASP B 244 50.75 16.12 -7.03
CA ASP B 244 50.96 17.57 -7.15
C ASP B 244 50.63 18.29 -5.85
N VAL B 245 49.52 17.92 -5.21
CA VAL B 245 49.15 18.55 -3.95
C VAL B 245 50.21 18.31 -2.90
N ALA B 246 50.71 17.07 -2.80
CA ALA B 246 51.72 16.74 -1.80
C ALA B 246 53.03 17.46 -2.08
N GLN B 247 53.43 17.53 -3.32
CA GLN B 247 54.66 18.20 -3.68
C GLN B 247 54.59 19.67 -3.33
N GLU B 248 53.43 20.31 -3.58
CA GLU B 248 53.28 21.72 -3.25
C GLU B 248 53.25 21.93 -1.73
N LEU B 249 52.49 21.10 -1.01
CA LEU B 249 52.35 21.29 0.43
C LEU B 249 53.66 21.05 1.16
N GLY B 250 54.42 20.05 0.73
CA GLY B 250 55.67 19.71 1.38
C GLY B 250 55.59 18.51 2.31
N LEU B 251 54.65 17.60 2.09
CA LEU B 251 54.50 16.43 2.94
C LEU B 251 55.73 15.54 2.84
N LEU B 252 56.14 14.98 3.97
CA LEU B 252 57.36 14.19 4.03
C LEU B 252 57.12 12.81 3.40
N LYS B 253 58.04 12.41 2.52
CA LYS B 253 57.94 11.12 1.86
C LYS B 253 58.30 10.00 2.83
N ARG B 254 57.52 8.94 2.79
CA ARG B 254 57.69 7.80 3.67
C ARG B 254 58.12 6.55 2.93
N SER B 255 57.66 6.41 1.71
CA SER B 255 58.03 5.27 0.87
C SER B 255 58.18 5.73 -0.56
N ASP B 259 55.65 2.41 -4.59
CA ASP B 259 54.43 2.84 -3.94
C ASP B 259 54.69 4.18 -3.25
N VAL B 260 53.76 5.11 -3.42
CA VAL B 260 53.90 6.46 -2.87
C VAL B 260 53.10 6.57 -1.58
N SER B 261 53.68 7.24 -0.59
CA SER B 261 53.02 7.47 0.69
C SER B 261 53.61 8.71 1.33
N TRP B 262 52.78 9.47 2.04
CA TRP B 262 53.23 10.69 2.68
C TRP B 262 52.84 10.72 4.15
N SER B 263 53.05 11.86 4.80
CA SER B 263 52.72 12.05 6.21
C SER B 263 51.43 12.88 6.33
N ARG B 264 50.77 12.72 7.47
CA ARG B 264 49.50 13.39 7.71
C ARG B 264 49.69 14.88 7.95
N HIS B 265 48.72 15.66 7.48
CA HIS B 265 48.63 17.06 7.86
C HIS B 265 48.13 17.16 9.31
N PRO B 266 48.71 18.06 10.11
CA PRO B 266 48.18 18.25 11.47
C PRO B 266 46.73 18.67 11.50
N LEU B 267 46.30 19.47 10.52
CA LEU B 267 44.90 19.83 10.43
C LEU B 267 44.03 18.60 10.17
N ALA B 268 44.58 17.58 9.51
CA ALA B 268 43.86 16.31 9.38
C ALA B 268 43.68 15.66 10.76
N TYR B 269 44.69 15.76 11.62
CA TYR B 269 44.53 15.27 12.99
C TYR B 269 43.41 16.02 13.71
N LEU B 270 43.37 17.34 13.54
CA LEU B 270 42.32 18.13 14.17
C LEU B 270 40.94 17.73 13.66
N VAL B 271 40.82 17.54 12.35
CA VAL B 271 39.54 17.14 11.75
C VAL B 271 39.11 15.77 12.29
N GLU B 272 40.07 14.86 12.36
CA GLU B 272 39.80 13.53 12.87
C GLU B 272 39.34 13.55 14.31
N ALA B 273 39.98 14.35 15.16
CA ALA B 273 39.58 14.46 16.55
C ALA B 273 38.20 15.08 16.69
N ALA B 274 37.92 16.13 15.92
CA ALA B 274 36.61 16.78 15.96
C ALA B 274 35.52 15.80 15.57
N ASP B 275 35.68 15.10 14.48
CA ASP B 275 34.78 14.08 13.95
C ASP B 275 34.57 12.94 14.85
N ASP B 276 35.60 12.58 15.61
CA ASP B 276 35.56 11.49 16.58
C ASP B 276 34.69 11.88 17.78
N ILE B 277 34.96 13.05 18.34
CA ILE B 277 34.17 13.57 19.46
C ILE B 277 32.71 13.69 19.04
N CYS B 278 32.43 14.19 17.86
CA CYS B 278 31.03 14.30 17.47
C CYS B 278 30.27 12.99 17.39
N TYR B 279 30.70 12.04 16.59
CA TYR B 279 29.92 10.81 16.50
C TYR B 279 29.81 10.05 17.80
N THR B 280 30.86 10.04 18.60
CA THR B 280 30.82 9.39 19.90
C THR B 280 29.80 10.03 20.81
N ILE B 281 29.72 11.37 20.83
CA ILE B 281 28.76 11.96 21.76
C ILE B 281 27.36 12.03 21.16
N ILE B 282 27.26 12.42 19.87
CA ILE B 282 25.95 12.56 19.25
C ILE B 282 25.26 11.20 19.12
N ASP B 283 26.00 10.15 18.83
CA ASP B 283 25.39 8.84 18.70
C ASP B 283 24.96 8.35 20.04
N PHE B 284 25.76 8.63 21.05
CA PHE B 284 25.34 8.25 22.40
C PHE B 284 24.02 8.91 22.77
N GLU B 285 23.92 10.23 22.58
CA GLU B 285 22.69 10.91 22.99
C GLU B 285 21.51 10.49 22.12
N ASP B 286 21.74 10.24 20.83
CA ASP B 286 20.66 9.81 19.96
C ASP B 286 20.13 8.44 20.39
N GLY B 287 21.03 7.53 20.78
CA GLY B 287 20.58 6.27 21.33
C GLY B 287 19.83 6.45 22.64
N ILE B 288 20.24 7.43 23.44
CA ILE B 288 19.55 7.69 24.69
C ILE B 288 18.12 8.17 24.44
N ASN B 289 17.82 9.05 23.51
CA ASN B 289 16.42 9.51 23.31
C ASN B 289 15.48 8.62 22.56
N LEU B 290 15.97 7.73 21.74
CA LEU B 290 15.14 6.88 20.93
C LEU B 290 14.56 5.68 21.61
N GLY B 291 14.92 5.40 22.84
CA GLY B 291 14.29 4.32 23.54
C GLY B 291 15.03 3.04 23.68
N LEU B 292 16.33 3.12 23.43
CA LEU B 292 17.23 1.97 23.43
C LEU B 292 18.27 2.01 24.54
N ILE B 293 18.37 3.13 25.24
CA ILE B 293 19.31 3.25 26.35
C ILE B 293 18.67 4.09 27.46
N PRO B 294 18.71 3.60 28.71
CA PRO B 294 18.19 4.27 29.92
C PRO B 294 19.04 5.46 30.40
N GLU B 295 18.43 6.51 30.96
CA GLU B 295 19.14 7.70 31.43
C GLU B 295 20.12 7.38 32.54
N GLU B 296 19.97 6.23 33.20
CA GLU B 296 20.93 5.84 34.24
C GLU B 296 22.33 5.70 33.66
N TYR B 297 22.44 5.07 32.48
CA TYR B 297 23.72 4.99 31.81
C TYR B 297 24.19 6.37 31.36
N ALA B 298 23.27 7.25 30.99
CA ALA B 298 23.64 8.60 30.58
C ALA B 298 24.31 9.35 31.73
N LEU B 299 23.75 9.23 32.94
CA LEU B 299 24.34 9.92 34.09
C LEU B 299 25.58 9.22 34.60
N GLU B 300 25.59 7.87 34.59
CA GLU B 300 26.73 7.15 35.16
C GLU B 300 27.96 7.24 34.27
N TYR B 301 27.78 7.05 32.96
CA TYR B 301 28.92 7.05 32.05
C TYR B 301 29.47 8.44 31.79
N MET B 302 28.70 9.49 32.08
CA MET B 302 29.14 10.87 31.89
C MET B 302 29.16 11.54 33.26
N VAL B 303 30.26 11.36 33.98
CA VAL B 303 30.45 11.97 35.29
C VAL B 303 31.76 12.74 35.33
N LYS B 304 32.85 12.10 34.90
CA LYS B 304 34.15 12.78 34.89
C LYS B 304 34.24 13.80 33.76
N LEU B 305 33.57 13.54 32.63
CA LEU B 305 33.57 14.50 31.54
C LEU B 305 32.90 15.80 31.96
N VAL B 306 31.78 15.72 32.68
CA VAL B 306 31.02 16.89 33.07
C VAL B 306 31.26 17.24 34.55
N GLY B 307 32.38 16.82 35.11
CA GLY B 307 32.62 16.97 36.54
C GLY B 307 32.75 18.40 37.02
N GLN B 308 33.86 19.06 36.68
CA GLN B 308 34.08 20.43 37.11
C GLN B 308 33.61 21.44 36.07
N THR B 309 32.39 21.25 35.57
CA THR B 309 31.78 22.21 34.68
C THR B 309 30.27 22.33 34.87
N ILE B 310 29.68 21.63 35.83
CA ILE B 310 28.23 21.49 35.93
C ILE B 310 27.71 22.30 37.10
N ASP B 311 26.46 22.72 36.99
CA ASP B 311 25.73 23.37 38.08
C ASP B 311 24.59 22.44 38.47
N ARG B 312 24.66 21.90 39.69
CA ARG B 312 23.69 20.90 40.12
C ARG B 312 22.29 21.47 40.23
N ASN B 313 22.16 22.73 40.65
CA ASN B 313 20.84 23.35 40.77
C ASN B 313 20.15 23.42 39.41
N LYS B 314 20.87 23.88 38.40
CA LYS B 314 20.29 23.96 37.05
C LYS B 314 19.99 22.57 36.50
N TYR B 315 20.87 21.60 36.78
CA TYR B 315 20.64 20.25 36.29
C TYR B 315 19.39 19.64 36.90
N ASN B 316 19.19 19.84 38.21
CA ASN B 316 18.02 19.29 38.89
C ASN B 316 16.76 20.07 38.57
N ALA B 317 16.88 21.36 38.21
CA ALA B 317 15.70 22.15 37.90
C ALA B 317 15.01 21.67 36.62
N LEU B 318 15.75 21.04 35.72
CA LEU B 318 15.17 20.54 34.48
C LEU B 318 14.22 19.37 34.77
N GLN B 319 13.24 19.20 33.89
CA GLN B 319 12.23 18.15 34.03
C GLN B 319 12.34 17.10 32.94
N GLU B 320 12.33 17.50 31.67
CA GLU B 320 12.44 16.54 30.58
C GLU B 320 13.86 16.00 30.49
N THR B 321 13.97 14.75 30.02
CA THR B 321 15.28 14.13 29.90
C THR B 321 16.09 14.72 28.74
N SER B 322 15.41 15.24 27.72
CA SER B 322 16.12 15.77 26.56
C SER B 322 17.01 16.95 26.94
N ASP B 323 16.49 17.86 27.77
CA ASP B 323 17.28 19.01 28.17
C ASP B 323 18.51 18.59 28.98
N ARG B 324 18.34 17.64 29.89
CA ARG B 324 19.47 17.15 30.68
C ARG B 324 20.53 16.51 29.80
N VAL B 325 20.09 15.68 28.84
CA VAL B 325 21.04 15.04 27.92
C VAL B 325 21.76 16.07 27.09
N SER B 326 21.04 17.10 26.62
CA SER B 326 21.68 18.15 25.83
C SER B 326 22.70 18.92 26.65
N TYR B 327 22.33 19.16 27.89
CA TYR B 327 23.14 19.87 28.86
C TYR B 327 24.45 19.13 29.11
N LEU B 328 24.40 17.82 29.30
CA LEU B 328 25.56 16.94 29.47
C LEU B 328 26.39 16.87 28.20
N ARG B 329 25.69 16.78 27.07
CA ARG B 329 26.32 16.70 25.76
C ARG B 329 27.09 17.99 25.49
N ALA B 330 26.51 19.10 25.91
CA ALA B 330 27.13 20.41 25.75
C ALA B 330 28.41 20.56 26.57
N LEU B 331 28.40 19.99 27.78
CA LEU B 331 29.56 20.07 28.67
C LEU B 331 30.67 19.11 28.29
N ALA B 332 30.31 17.92 27.84
CA ALA B 332 31.27 16.92 27.38
C ALA B 332 31.99 17.38 26.13
N ILE B 333 31.26 18.00 25.20
CA ILE B 333 31.88 18.49 23.97
C ILE B 333 32.89 19.57 24.29
N GLY B 334 32.54 20.50 25.19
CA GLY B 334 33.48 21.55 25.55
C GLY B 334 34.74 21.02 26.19
N THR B 335 34.59 20.12 27.16
CA THR B 335 35.77 19.60 27.86
C THR B 335 36.63 18.75 26.93
N LEU B 336 36.00 17.98 26.02
CA LEU B 336 36.76 17.19 25.07
C LEU B 336 37.50 18.07 24.07
N ILE B 337 36.93 19.22 23.74
CA ILE B 337 37.56 20.14 22.81
C ILE B 337 38.79 20.70 23.45
N ASN B 338 38.65 21.13 24.68
CA ASN B 338 39.80 21.69 25.40
C ASN B 338 40.90 20.66 25.59
N GLU B 339 40.54 19.43 25.97
CA GLU B 339 41.54 18.38 26.17
C GLU B 339 42.23 18.04 24.86
N SER B 340 41.49 17.99 23.75
CA SER B 340 42.09 17.69 22.47
C SER B 340 43.06 18.78 22.03
N VAL B 341 42.70 20.05 22.27
CA VAL B 341 43.62 21.15 21.95
C VAL B 341 44.89 21.03 22.77
N ASP B 342 44.76 20.74 24.07
CA ASP B 342 45.93 20.59 24.92
C ASP B 342 46.81 19.42 24.44
N THR B 343 46.19 18.30 24.09
CA THR B 343 46.95 17.14 23.62
C THR B 343 47.67 17.46 22.32
N PHE B 344 47.01 18.16 21.40
CA PHE B 344 47.66 18.53 20.14
C PHE B 344 48.85 19.44 20.39
N MET B 345 48.70 20.42 21.29
CA MET B 345 49.83 21.29 21.58
C MET B 345 50.94 20.59 22.36
N LYS B 346 50.64 19.48 23.02
CA LYS B 346 51.68 18.73 23.71
C LYS B 346 52.66 18.09 22.73
N TYR B 347 52.15 17.54 21.64
CA TYR B 347 52.95 16.77 20.68
C TYR B 347 53.11 17.49 19.36
N GLU B 348 53.43 18.75 19.37
CA GLU B 348 53.51 19.48 18.13
C GLU B 348 54.71 19.13 17.33
N GLU B 349 55.86 18.98 17.98
CA GLU B 349 57.06 18.62 17.24
C GLU B 349 56.97 17.21 16.66
N GLU B 350 56.46 16.25 17.44
CA GLU B 350 56.34 14.88 16.95
C GLU B 350 55.36 14.79 15.78
N ILE B 351 54.23 15.49 15.88
CA ILE B 351 53.24 15.47 14.79
C ILE B 351 53.82 16.09 13.53
N LEU B 352 54.50 17.24 13.67
CA LEU B 352 55.07 17.90 12.51
C LEU B 352 56.20 17.09 11.90
N ALA B 353 56.94 16.34 12.72
CA ALA B 353 58.01 15.50 12.22
C ALA B 353 57.52 14.19 11.62
N GLY B 354 56.24 13.86 11.78
CA GLY B 354 55.68 12.66 11.20
C GLY B 354 55.92 11.39 11.98
N THR B 355 56.40 11.49 13.22
CA THR B 355 56.64 10.32 14.06
C THR B 355 55.45 9.95 14.92
N PHE B 356 54.42 10.79 14.98
CA PHE B 356 53.25 10.48 15.79
C PHE B 356 52.44 9.38 15.13
N ASP B 357 52.19 8.30 15.88
CA ASP B 357 51.57 7.10 15.32
C ASP B 357 50.17 6.85 15.83
N GLN B 358 49.58 7.76 16.60
CA GLN B 358 48.26 7.58 17.16
C GLN B 358 47.40 8.80 16.88
N SER B 359 46.18 8.79 17.38
CA SER B 359 45.27 9.92 17.24
C SER B 359 45.44 10.86 18.42
N LEU B 360 44.53 11.82 18.57
CA LEU B 360 44.53 12.70 19.72
C LEU B 360 43.56 12.27 20.81
N ILE B 361 42.48 11.58 20.44
CA ILE B 361 41.52 11.10 21.44
C ILE B 361 42.12 9.97 22.26
N ASP B 362 42.80 9.03 21.60
CA ASP B 362 43.38 7.89 22.31
C ASP B 362 44.52 8.27 23.24
N LYS B 363 45.07 9.48 23.10
CA LYS B 363 46.11 9.98 24.00
C LYS B 363 45.56 10.95 25.04
N SER B 364 44.29 10.76 25.42
CA SER B 364 43.62 11.63 26.38
C SER B 364 43.35 10.87 27.67
N ASN B 365 43.20 11.63 28.75
CA ASN B 365 42.98 11.02 30.05
C ASN B 365 41.67 10.26 30.10
N TYR B 366 40.62 10.80 29.49
CA TYR B 366 39.29 10.19 29.53
C TYR B 366 39.18 9.20 28.37
N GLN B 367 39.44 7.93 28.65
CA GLN B 367 39.36 6.87 27.66
C GLN B 367 38.45 5.73 28.07
N ALA B 368 38.43 5.38 29.37
CA ALA B 368 37.57 4.29 29.82
C ALA B 368 36.10 4.62 29.60
N GLN B 369 35.69 5.85 29.89
CA GLN B 369 34.30 6.25 29.66
C GLN B 369 33.97 6.23 28.17
N ILE B 370 34.88 6.71 27.33
CA ILE B 370 34.66 6.71 25.88
C ILE B 370 34.52 5.28 25.37
N THR B 371 35.40 4.39 25.84
CA THR B 371 35.33 2.99 25.44
C THR B 371 34.03 2.35 25.89
N ASP B 372 33.59 2.65 27.12
CA ASP B 372 32.33 2.10 27.60
C ASP B 372 31.15 2.59 26.77
N ILE B 373 31.14 3.89 26.42
CA ILE B 373 30.07 4.42 25.60
C ILE B 373 30.05 3.76 24.23
N ILE B 374 31.24 3.60 23.63
CA ILE B 374 31.31 2.97 22.31
C ILE B 374 30.84 1.52 22.38
N ASN B 375 31.24 0.79 23.42
CA ASN B 375 30.82 -0.61 23.56
C ASN B 375 29.31 -0.71 23.75
N LEU B 376 28.73 0.19 24.55
CA LEU B 376 27.28 0.15 24.75
C LEU B 376 26.55 0.48 23.44
N SER B 377 27.05 1.46 22.69
CA SER B 377 26.44 1.77 21.40
C SER B 377 26.52 0.60 20.43
N ILE B 378 27.67 -0.09 20.41
CA ILE B 378 27.82 -1.27 19.56
C ILE B 378 26.84 -2.35 20.00
N GLU B 379 26.68 -2.54 21.31
CA GLU B 379 25.84 -3.61 21.82
C GLU B 379 24.37 -3.38 21.53
N ARG B 380 23.87 -2.15 21.73
CA ARG B 380 22.43 -1.92 21.71
C ARG B 380 21.94 -1.01 20.61
N ILE B 381 22.80 -0.25 19.95
CA ILE B 381 22.36 0.61 18.85
C ILE B 381 22.63 -0.02 17.49
N TYR B 382 23.85 -0.52 17.29
CA TYR B 382 24.24 -1.07 15.99
C TYR B 382 23.73 -2.48 15.75
N ASN B 383 23.20 -3.14 16.79
CA ASN B 383 22.73 -4.52 16.67
C ASN B 383 21.20 -4.63 16.80
N SER B 384 20.49 -3.52 16.65
CA SER B 384 19.04 -3.56 16.70
C SER B 384 18.49 -4.25 15.46
N ARG B 385 17.28 -4.81 15.60
CA ARG B 385 16.68 -5.58 14.51
C ARG B 385 16.44 -4.71 13.28
N GLU B 386 15.93 -3.49 13.49
CA GLU B 386 15.63 -2.61 12.36
C GLU B 386 16.89 -2.27 11.59
N VAL B 387 18.00 -2.01 12.30
CA VAL B 387 19.26 -1.69 11.63
C VAL B 387 19.72 -2.86 10.77
N ILE B 388 19.64 -4.07 11.31
CA ILE B 388 20.07 -5.25 10.54
C ILE B 388 19.19 -5.46 9.32
N GLU B 389 17.87 -5.29 9.48
CA GLU B 389 16.95 -5.46 8.35
C GLU B 389 17.25 -4.44 7.26
N LYS B 390 17.46 -3.17 7.64
CA LYS B 390 17.74 -2.15 6.65
C LYS B 390 19.09 -2.38 5.98
N GLU B 391 20.09 -2.87 6.74
CA GLU B 391 21.39 -3.18 6.14
C GLU B 391 21.26 -4.31 5.12
N ILE B 392 20.48 -5.34 5.45
CA ILE B 392 20.29 -6.44 4.50
C ILE B 392 19.58 -5.94 3.24
N ALA B 393 18.55 -5.11 3.41
CA ALA B 393 17.85 -4.56 2.26
C ALA B 393 18.78 -3.74 1.38
N GLY B 394 19.59 -2.88 2.00
CA GLY B 394 20.55 -2.10 1.23
C GLY B 394 21.57 -2.96 0.52
N TYR B 395 21.93 -4.04 1.19
CA TYR B 395 22.89 -5.04 0.70
C TYR B 395 22.39 -5.68 -0.59
N GLU B 396 21.13 -6.04 -0.60
CA GLU B 396 20.49 -6.64 -1.78
C GLU B 396 20.30 -5.61 -2.88
N ILE B 397 19.83 -4.41 -2.52
CA ILE B 397 19.54 -3.38 -3.52
C ILE B 397 20.79 -2.99 -4.27
N LEU B 398 21.88 -2.72 -3.53
CA LEU B 398 23.13 -2.38 -4.18
C LEU B 398 23.65 -3.53 -5.04
N SER B 399 23.48 -4.77 -4.58
CA SER B 399 23.91 -5.91 -5.37
C SER B 399 23.21 -5.96 -6.72
N THR B 400 21.88 -5.84 -6.73
CA THR B 400 21.17 -5.90 -8.01
C THR B 400 21.52 -4.69 -8.87
N LEU B 401 21.64 -3.50 -8.27
CA LEU B 401 21.97 -2.32 -9.06
C LEU B 401 23.33 -2.46 -9.73
N LEU B 402 24.33 -2.95 -8.99
CA LEU B 402 25.66 -3.12 -9.56
C LEU B 402 25.66 -4.18 -10.65
N GLU B 403 24.97 -5.31 -10.44
CA GLU B 403 24.97 -6.33 -11.48
C GLU B 403 24.24 -5.85 -12.73
N ALA B 404 23.16 -5.09 -12.56
CA ALA B 404 22.46 -4.53 -13.71
C ALA B 404 23.35 -3.55 -14.47
N ARG B 405 24.07 -2.68 -13.76
CA ARG B 405 24.95 -1.74 -14.42
C ARG B 405 26.08 -2.45 -15.16
N CYS B 406 26.66 -3.49 -14.54
CA CYS B 406 27.74 -4.23 -15.19
C CYS B 406 27.23 -4.96 -16.44
N ARG B 407 26.05 -5.58 -16.34
CA ARG B 407 25.47 -6.25 -17.51
C ARG B 407 25.15 -5.27 -18.62
N ALA B 408 24.68 -4.07 -18.26
CA ALA B 408 24.44 -3.06 -19.27
C ALA B 408 25.75 -2.60 -19.92
N LEU B 409 26.81 -2.48 -19.13
CA LEU B 409 28.07 -1.96 -19.66
C LEU B 409 28.75 -2.97 -20.57
N ASP B 410 28.81 -4.23 -20.13
CA ASP B 410 29.45 -5.33 -20.88
C ASP B 410 29.19 -5.35 -22.38
N ASN B 411 27.96 -5.66 -22.77
CA ASN B 411 27.57 -5.73 -24.19
C ASN B 411 26.47 -4.71 -24.47
N ASN B 412 26.82 -3.62 -25.16
CA ASN B 412 25.85 -2.56 -25.40
C ASN B 412 25.18 -2.83 -26.72
N ASP B 413 24.64 -4.03 -26.84
CA ASP B 413 24.04 -4.44 -28.11
C ASP B 413 22.53 -4.62 -28.01
N THR B 414 22.04 -5.31 -26.98
CA THR B 414 20.64 -5.66 -26.90
C THR B 414 19.79 -4.43 -26.55
N HIS B 415 18.49 -4.54 -26.83
CA HIS B 415 17.56 -3.45 -26.56
C HIS B 415 17.40 -3.21 -25.06
N TYR B 416 17.36 -4.29 -24.27
CA TYR B 416 17.22 -4.14 -22.82
C TYR B 416 18.42 -3.41 -22.23
N ASN B 417 19.61 -3.69 -22.74
CA ASN B 417 20.80 -3.04 -22.25
C ASN B 417 20.79 -1.57 -22.58
N GLN B 418 20.34 -1.23 -23.76
CA GLN B 418 20.20 0.18 -24.13
C GLN B 418 19.17 0.87 -23.24
N LEU B 419 18.07 0.17 -22.91
CA LEU B 419 17.07 0.74 -22.01
C LEU B 419 17.68 1.02 -20.64
N ILE B 420 18.44 0.07 -20.10
CA ILE B 420 19.08 0.26 -18.81
C ILE B 420 20.06 1.43 -18.86
N GLN B 421 20.84 1.52 -19.94
CA GLN B 421 21.78 2.64 -20.08
C GLN B 421 21.04 3.97 -20.13
N GLN B 422 19.93 4.03 -20.86
CA GLN B 422 19.15 5.27 -20.93
C GLN B 422 18.54 5.64 -19.58
N LEU B 423 18.16 4.64 -18.79
CA LEU B 423 17.53 4.92 -17.50
C LEU B 423 18.56 5.28 -16.44
N LEU B 424 19.50 4.37 -16.16
CA LEU B 424 20.40 4.54 -15.04
C LEU B 424 21.42 5.65 -15.29
N ALA B 425 22.05 5.64 -16.47
CA ALA B 425 23.13 6.58 -16.79
C ALA B 425 22.83 7.26 -18.12
N PRO B 426 21.93 8.23 -18.14
CA PRO B 426 21.58 8.90 -19.40
C PRO B 426 22.57 9.97 -19.85
N ASN B 427 23.62 10.22 -19.08
CA ASN B 427 24.59 11.27 -19.40
C ASN B 427 25.86 10.74 -20.03
N GLU B 431 34.10 7.40 -24.27
CA GLU B 431 35.18 6.47 -24.53
C GLU B 431 36.17 6.49 -23.37
N LYS B 432 36.29 5.36 -22.69
CA LYS B 432 37.20 5.25 -21.57
C LYS B 432 37.57 3.79 -21.36
N SER B 433 38.62 3.53 -20.61
CA SER B 433 39.05 2.15 -20.36
C SER B 433 38.21 1.41 -19.36
N LEU B 434 38.44 0.13 -19.24
CA LEU B 434 37.72 -0.72 -18.29
C LEU B 434 37.75 -0.35 -16.81
N TYR B 435 38.82 0.26 -16.35
CA TYR B 435 39.00 0.55 -14.96
C TYR B 435 38.32 1.84 -14.63
N GLU B 436 38.25 2.73 -15.59
CA GLU B 436 37.59 4.01 -15.37
C GLU B 436 36.08 3.87 -15.47
N ASN B 437 35.64 2.95 -16.31
CA ASN B 437 34.27 2.64 -16.54
C ASN B 437 33.62 2.05 -15.32
N LEU B 438 34.34 1.19 -14.64
CA LEU B 438 33.91 0.55 -13.40
C LEU B 438 33.91 1.54 -12.24
N ILE B 439 34.95 2.36 -12.15
CA ILE B 439 35.00 3.35 -11.06
C ILE B 439 33.91 4.39 -11.23
N GLN B 440 33.57 4.76 -12.47
CA GLN B 440 32.49 5.70 -12.70
C GLN B 440 31.14 5.07 -12.33
N ILE B 441 30.97 3.78 -12.61
CA ILE B 441 29.75 3.08 -12.21
C ILE B 441 29.63 3.10 -10.69
N CYS B 442 30.72 2.80 -9.99
CA CYS B 442 30.70 2.82 -8.53
C CYS B 442 30.39 4.20 -7.99
N ALA B 443 30.98 5.25 -8.58
CA ALA B 443 30.70 6.61 -8.15
C ALA B 443 29.24 6.99 -8.39
N GLU B 444 28.69 6.58 -9.54
CA GLU B 444 27.30 6.87 -9.84
C GLU B 444 26.36 6.18 -8.86
N VAL B 445 26.67 4.93 -8.51
CA VAL B 445 25.85 4.22 -7.51
C VAL B 445 25.95 4.91 -6.16
N SER B 446 27.16 5.34 -5.78
CA SER B 446 27.34 6.01 -4.49
C SER B 446 26.68 7.38 -4.45
N THR B 447 26.31 7.94 -5.60
CA THR B 447 25.69 9.26 -5.62
C THR B 447 24.23 9.23 -5.19
N MET B 448 23.51 8.15 -5.49
CA MET B 448 22.09 8.08 -5.19
C MET B 448 21.85 8.09 -3.68
N THR B 449 20.71 8.64 -3.29
CA THR B 449 20.31 8.69 -1.89
C THR B 449 19.53 7.44 -1.52
N ASP B 450 19.16 7.33 -0.24
CA ASP B 450 18.42 6.16 0.22
C ASP B 450 17.06 6.06 -0.47
N GLY B 451 16.29 7.15 -0.42
CA GLY B 451 14.96 7.12 -1.02
C GLY B 451 15.00 6.95 -2.53
N LYS B 452 15.94 7.63 -3.19
CA LYS B 452 16.06 7.49 -4.63
C LYS B 452 16.43 6.06 -5.02
N ALA B 453 17.38 5.46 -4.30
CA ALA B 453 17.76 4.08 -4.59
C ALA B 453 16.61 3.12 -4.34
N LEU B 454 15.86 3.33 -3.26
CA LEU B 454 14.72 2.46 -2.98
C LEU B 454 13.65 2.58 -4.06
N ARG B 455 13.34 3.80 -4.49
CA ARG B 455 12.35 4.00 -5.55
C ARG B 455 12.82 3.38 -6.86
N ASN B 456 14.10 3.55 -7.19
CA ASN B 456 14.62 2.95 -8.42
C ASN B 456 14.56 1.43 -8.37
N TYR B 457 14.90 0.85 -7.21
CA TYR B 457 14.82 -0.61 -7.06
C TYR B 457 13.38 -1.10 -7.16
N LYS B 458 12.43 -0.35 -6.60
CA LYS B 458 11.04 -0.78 -6.67
C LYS B 458 10.49 -0.66 -8.08
N LYS B 459 10.85 0.41 -8.81
CA LYS B 459 10.26 0.62 -10.14
C LYS B 459 11.04 -0.08 -11.25
N ILE B 460 12.24 -0.58 -10.97
CA ILE B 460 12.87 -1.49 -11.93
C ILE B 460 12.26 -2.88 -11.83
N LYS B 461 11.72 -3.23 -10.67
CA LYS B 461 11.02 -4.50 -10.47
C LYS B 461 9.53 -4.40 -10.74
N GLY B 462 9.03 -3.25 -11.15
CA GLY B 462 7.61 -3.08 -11.40
C GLY B 462 6.76 -2.99 -10.16
N LEU B 463 7.35 -2.63 -9.02
CA LEU B 463 6.62 -2.56 -7.77
C LEU B 463 6.44 -1.12 -7.31
N ASN C 25 -28.27 -23.99 50.41
CA ASN C 25 -28.17 -25.43 50.27
C ASN C 25 -27.43 -25.77 48.98
N TRP C 26 -26.42 -26.64 49.09
CA TRP C 26 -25.63 -27.01 47.92
C TRP C 26 -26.37 -27.94 46.97
N GLU C 27 -27.44 -28.60 47.43
CA GLU C 27 -28.19 -29.48 46.54
C GLU C 27 -29.00 -28.71 45.51
N HIS C 28 -29.22 -27.42 45.75
CA HIS C 28 -29.99 -26.57 44.86
C HIS C 28 -29.13 -25.72 43.94
N LEU C 29 -27.90 -25.39 44.35
CA LEU C 29 -27.00 -24.61 43.49
C LEU C 29 -26.48 -25.43 42.33
N LEU C 30 -26.39 -26.75 42.48
CA LEU C 30 -25.91 -27.63 41.41
C LEU C 30 -27.08 -28.16 40.58
N SER C 31 -27.80 -27.22 39.97
CA SER C 31 -28.96 -27.55 39.15
C SER C 31 -28.52 -28.06 37.77
N LEU C 32 -29.27 -29.04 37.26
CA LEU C 32 -28.96 -29.65 35.97
C LEU C 32 -30.01 -29.36 34.90
N LYS C 33 -31.11 -28.69 35.24
CA LYS C 33 -32.17 -28.47 34.27
C LYS C 33 -31.76 -27.36 33.29
N ARG C 34 -32.34 -27.40 32.10
CA ARG C 34 -32.09 -26.42 31.07
C ARG C 34 -33.41 -25.82 30.59
N GLN C 35 -33.31 -24.73 29.84
CA GLN C 35 -34.50 -23.98 29.44
C GLN C 35 -35.43 -24.83 28.58
N GLY C 36 -36.72 -24.75 28.87
CA GLY C 36 -37.72 -25.51 28.17
C GLY C 36 -37.98 -26.91 28.69
N ASP C 37 -37.31 -27.31 29.78
CA ASP C 37 -37.49 -28.64 30.32
C ASP C 37 -38.71 -28.71 31.23
N THR C 38 -39.18 -29.93 31.46
CA THR C 38 -40.30 -30.18 32.36
C THR C 38 -40.06 -31.28 33.37
N ALA C 39 -39.05 -32.13 33.18
CA ALA C 39 -38.75 -33.20 34.12
C ALA C 39 -37.86 -32.66 35.25
N LYS C 40 -37.33 -33.57 36.07
CA LYS C 40 -36.49 -33.18 37.19
C LYS C 40 -35.01 -33.17 36.86
N ARG C 41 -34.56 -34.07 35.98
CA ARG C 41 -33.16 -34.18 35.59
C ARG C 41 -32.27 -34.42 36.82
N LEU C 42 -32.51 -35.55 37.47
CA LEU C 42 -31.75 -35.90 38.67
C LEU C 42 -30.32 -36.30 38.32
N ARG C 43 -29.42 -36.11 39.28
CA ARG C 43 -28.02 -36.45 39.08
C ARG C 43 -27.82 -37.97 39.05
N ILE C 44 -28.54 -38.70 39.91
CA ILE C 44 -28.35 -40.15 40.02
C ILE C 44 -28.95 -40.92 38.85
N GLU C 45 -29.58 -40.23 37.91
CA GLU C 45 -30.19 -40.87 36.75
C GLU C 45 -29.51 -40.42 35.46
N GLN C 46 -28.19 -40.31 35.48
CA GLN C 46 -27.41 -39.84 34.34
C GLN C 46 -26.19 -40.72 34.14
N ASP C 47 -25.75 -40.80 32.89
CA ASP C 47 -24.53 -41.54 32.56
C ASP C 47 -23.30 -40.71 32.85
N ASP C 48 -22.31 -41.31 33.50
CA ASP C 48 -21.06 -40.65 33.84
C ASP C 48 -20.13 -40.47 32.65
N THR C 49 -20.46 -41.06 31.50
CA THR C 49 -19.62 -40.91 30.31
C THR C 49 -19.58 -39.46 29.84
N ARG C 50 -20.76 -38.87 29.71
CA ARG C 50 -20.88 -37.49 29.28
C ARG C 50 -21.80 -36.79 30.26
N LEU C 51 -21.21 -36.06 31.19
CA LEU C 51 -21.99 -35.32 32.17
C LEU C 51 -22.61 -34.07 31.54
N GLY C 52 -23.68 -33.59 32.18
CA GLY C 52 -24.37 -32.42 31.66
C GLY C 52 -23.51 -31.17 31.63
N PHE C 53 -22.62 -31.01 32.61
CA PHE C 53 -21.70 -29.88 32.62
C PHE C 53 -20.63 -30.02 31.54
N GLU C 54 -20.27 -31.24 31.16
CA GLU C 54 -19.32 -31.45 30.07
C GLU C 54 -19.94 -31.14 28.72
N VAL C 55 -21.25 -31.39 28.57
CA VAL C 55 -21.94 -31.01 27.35
C VAL C 55 -21.89 -29.51 27.15
N ASP C 56 -21.95 -28.74 28.24
CA ASP C 56 -21.82 -27.29 28.13
C ASP C 56 -20.47 -26.89 27.56
N TYR C 57 -19.40 -27.52 28.05
CA TYR C 57 -18.06 -27.26 27.53
C TYR C 57 -17.98 -27.62 26.05
N ASP C 58 -18.54 -28.77 25.67
CA ASP C 58 -18.51 -29.19 24.27
C ASP C 58 -19.28 -28.22 23.38
N ARG C 59 -20.44 -27.75 23.86
CA ARG C 59 -21.23 -26.80 23.07
C ARG C 59 -20.53 -25.47 22.93
N ILE C 60 -19.90 -24.98 24.01
CA ILE C 60 -19.19 -23.71 23.92
C ILE C 60 -17.98 -23.81 23.00
N ILE C 61 -17.30 -24.96 23.00
CA ILE C 61 -16.12 -25.13 22.16
C ILE C 61 -16.49 -25.01 20.69
N PHE C 62 -17.59 -25.64 20.28
CA PHE C 62 -18.00 -25.68 18.89
C PHE C 62 -18.80 -24.46 18.45
N SER C 63 -19.06 -23.52 19.35
CA SER C 63 -19.87 -22.36 19.01
C SER C 63 -19.09 -21.37 18.14
N ALA C 64 -19.83 -20.53 17.43
CA ALA C 64 -19.27 -19.52 16.54
C ALA C 64 -18.78 -18.28 17.31
N PRO C 65 -19.52 -17.77 18.31
CA PRO C 65 -18.95 -16.67 19.12
C PRO C 65 -17.65 -17.03 19.80
N PHE C 66 -17.50 -18.28 20.24
CA PHE C 66 -16.23 -18.70 20.83
C PHE C 66 -15.11 -18.73 19.80
N ARG C 67 -15.43 -19.17 18.57
CA ARG C 67 -14.42 -19.23 17.53
C ARG C 67 -14.02 -17.84 17.05
N SER C 68 -14.93 -16.87 17.14
CA SER C 68 -14.59 -15.50 16.78
C SER C 68 -13.67 -14.83 17.79
N LEU C 69 -13.43 -15.46 18.95
CA LEU C 69 -12.59 -14.85 19.97
C LEU C 69 -11.11 -14.86 19.59
N GLN C 70 -10.72 -15.66 18.59
CA GLN C 70 -9.32 -15.74 18.21
C GLN C 70 -8.81 -14.47 17.55
N ASP C 71 -9.70 -13.54 17.20
CA ASP C 71 -9.33 -12.32 16.49
C ASP C 71 -9.61 -11.07 17.32
N LYS C 72 -9.68 -11.20 18.65
CA LYS C 72 -10.05 -10.10 19.52
C LYS C 72 -8.89 -9.76 20.45
N THR C 73 -8.92 -8.52 20.94
CA THR C 73 -7.79 -7.94 21.67
C THR C 73 -7.83 -8.29 23.15
N GLN C 74 -6.67 -8.66 23.70
CA GLN C 74 -6.44 -8.81 25.11
C GLN C 74 -5.91 -7.45 25.68
N VAL C 75 -4.69 -7.01 25.26
CA VAL C 75 -4.06 -5.78 25.71
C VAL C 75 -3.61 -4.97 24.50
N ILE C 76 -2.82 -5.59 23.63
CA ILE C 76 -2.25 -4.92 22.46
C ILE C 76 -3.13 -5.27 21.25
N PRO C 77 -3.86 -4.33 20.69
CA PRO C 77 -4.73 -4.65 19.54
C PRO C 77 -3.92 -4.98 18.30
N LEU C 78 -4.55 -5.77 17.42
CA LEU C 78 -3.98 -6.14 16.12
C LEU C 78 -2.60 -6.79 16.27
N ASP C 82 1.46 -12.73 16.54
CA ASP C 82 2.57 -12.54 17.45
C ASP C 82 2.47 -13.59 18.55
N PHE C 83 3.35 -13.47 19.55
CA PHE C 83 3.37 -14.39 20.69
C PHE C 83 2.63 -13.84 21.90
N VAL C 84 2.00 -12.69 21.72
CA VAL C 84 1.19 -12.03 22.75
C VAL C 84 -0.20 -12.63 22.72
N HIS C 85 -0.79 -12.86 23.88
CA HIS C 85 -2.07 -13.50 24.01
C HIS C 85 -3.23 -12.79 23.43
N THR C 86 -4.18 -13.55 22.98
CA THR C 86 -5.43 -13.03 22.53
C THR C 86 -6.48 -13.47 23.53
N ARG C 87 -7.71 -13.23 23.17
CA ARG C 87 -8.91 -13.53 23.93
C ARG C 87 -9.24 -15.03 24.04
N LEU C 88 -8.71 -15.84 23.14
CA LEU C 88 -8.95 -17.29 23.20
C LEU C 88 -7.98 -17.99 24.13
N THR C 89 -6.69 -17.67 24.03
CA THR C 89 -5.69 -18.28 24.89
C THR C 89 -5.92 -17.90 26.35
N HIS C 90 -6.32 -16.66 26.54
CA HIS C 90 -6.62 -16.16 27.84
C HIS C 90 -7.71 -17.04 28.44
N SER C 91 -8.76 -17.27 27.67
CA SER C 91 -9.87 -18.09 28.11
C SER C 91 -9.44 -19.51 28.40
N LEU C 92 -8.59 -20.05 27.53
CA LEU C 92 -8.11 -21.41 27.71
C LEU C 92 -7.32 -21.54 29.00
N GLU C 93 -6.50 -20.56 29.30
CA GLU C 93 -5.72 -20.55 30.53
C GLU C 93 -6.63 -20.45 31.75
N VAL C 94 -7.65 -19.61 31.67
CA VAL C 94 -8.57 -19.43 32.80
C VAL C 94 -9.39 -20.69 33.01
N SER C 95 -9.77 -21.33 31.92
CA SER C 95 -10.55 -22.55 31.93
C SER C 95 -9.78 -23.64 32.65
N VAL C 96 -8.46 -23.55 32.63
CA VAL C 96 -7.63 -24.55 33.31
C VAL C 96 -7.45 -24.18 34.79
N VAL C 97 -6.99 -22.98 35.08
CA VAL C 97 -6.82 -22.57 36.45
C VAL C 97 -8.12 -22.71 37.23
N GLY C 98 -9.22 -22.15 36.75
CA GLY C 98 -10.48 -22.26 37.46
C GLY C 98 -10.94 -23.70 37.65
N ARG C 99 -10.67 -24.57 36.67
CA ARG C 99 -10.97 -25.98 36.82
C ARG C 99 -10.20 -26.59 37.98
N SER C 100 -8.91 -26.24 38.12
CA SER C 100 -8.05 -26.70 39.21
C SER C 100 -8.52 -26.18 40.56
N LEU C 101 -8.97 -24.93 40.60
CA LEU C 101 -9.52 -24.33 41.82
C LEU C 101 -10.84 -25.01 42.21
N GLY C 102 -11.74 -25.16 41.24
CA GLY C 102 -13.04 -25.74 41.53
C GLY C 102 -12.97 -27.19 41.92
N ARG C 103 -12.04 -27.95 41.34
CA ARG C 103 -11.89 -29.35 41.70
C ARG C 103 -11.38 -29.49 43.13
N MET C 104 -10.39 -28.68 43.52
CA MET C 104 -9.98 -28.68 44.92
C MET C 104 -11.13 -28.29 45.85
N VAL C 105 -11.88 -27.25 45.47
CA VAL C 105 -12.97 -26.76 46.30
C VAL C 105 -14.05 -27.83 46.46
N GLY C 106 -14.39 -28.52 45.37
CA GLY C 106 -15.38 -29.57 45.44
C GLY C 106 -14.92 -30.76 46.26
N LYS C 107 -13.64 -31.14 46.12
CA LYS C 107 -13.10 -32.19 46.97
C LYS C 107 -13.23 -31.82 48.44
N LYS C 108 -12.87 -30.62 48.84
CA LYS C 108 -12.99 -30.23 50.24
C LYS C 108 -14.41 -30.05 50.80
N LEU C 109 -15.39 -29.86 49.93
CA LEU C 109 -16.77 -29.68 50.36
C LEU C 109 -17.34 -31.05 50.63
N LEU C 110 -17.12 -31.95 49.68
CA LEU C 110 -17.54 -33.31 49.81
C LEU C 110 -16.86 -33.82 51.07
N GLU C 111 -15.57 -33.52 51.30
CA GLU C 111 -15.00 -33.95 52.58
C GLU C 111 -15.79 -33.39 53.75
N LYS C 112 -16.18 -32.12 53.67
CA LYS C 112 -16.95 -31.51 54.75
C LYS C 112 -18.38 -32.06 54.80
N TYR C 113 -19.05 -32.13 53.66
CA TYR C 113 -20.44 -32.56 53.60
C TYR C 113 -20.52 -33.98 53.04
N PRO C 114 -20.86 -34.98 53.86
CA PRO C 114 -20.88 -36.37 53.35
C PRO C 114 -22.19 -36.77 52.69
N HIS C 115 -23.30 -36.08 53.00
CA HIS C 115 -24.60 -36.48 52.45
C HIS C 115 -24.71 -36.19 50.96
N LEU C 116 -23.86 -35.31 50.42
CA LEU C 116 -23.94 -34.99 49.00
C LEU C 116 -23.51 -36.17 48.14
N GLU C 117 -22.53 -36.95 48.59
CA GLU C 117 -22.03 -38.09 47.84
C GLU C 117 -22.70 -39.40 48.22
N GLN C 118 -23.68 -39.36 49.13
CA GLN C 118 -24.37 -40.56 49.59
C GLN C 118 -25.82 -40.64 49.14
N VAL C 119 -26.50 -39.52 48.98
CA VAL C 119 -27.90 -39.50 48.57
C VAL C 119 -28.06 -39.04 47.13
N TYR C 120 -27.42 -37.94 46.75
CA TYR C 120 -27.55 -37.40 45.41
C TYR C 120 -26.53 -38.00 44.44
N GLY C 121 -25.31 -38.24 44.89
CA GLY C 121 -24.31 -38.86 44.05
C GLY C 121 -23.45 -37.86 43.29
N TYR C 122 -22.85 -36.91 44.01
CA TYR C 122 -21.99 -35.91 43.41
C TYR C 122 -20.53 -36.26 43.64
N LYS C 123 -19.67 -35.79 42.73
CA LYS C 123 -18.24 -36.03 42.77
C LYS C 123 -17.50 -34.71 42.59
N PHE C 124 -16.21 -34.72 42.93
CA PHE C 124 -15.43 -33.49 42.87
C PHE C 124 -15.20 -33.02 41.43
N ASN C 125 -15.38 -33.88 40.45
CA ASN C 125 -15.21 -33.46 39.06
C ASN C 125 -16.33 -32.53 38.62
N ASP C 126 -17.49 -32.61 39.29
CA ASP C 126 -18.63 -31.78 38.90
C ASP C 126 -18.31 -30.29 39.07
N PHE C 127 -17.74 -29.93 40.22
CA PHE C 127 -17.40 -28.54 40.48
C PHE C 127 -16.35 -28.04 39.50
N GLY C 128 -15.33 -28.85 39.23
CA GLY C 128 -14.31 -28.47 38.27
C GLY C 128 -14.88 -28.26 36.88
N ALA C 129 -15.77 -29.15 36.45
CA ALA C 129 -16.39 -28.99 35.14
C ALA C 129 -17.25 -27.73 35.08
N ILE C 130 -18.01 -27.46 36.14
CA ILE C 130 -18.86 -26.27 36.16
C ILE C 130 -18.00 -25.01 36.08
N VAL C 131 -16.94 -24.94 36.87
CA VAL C 131 -16.10 -23.74 36.88
C VAL C 131 -15.37 -23.59 35.56
N ALA C 132 -14.91 -24.70 34.96
CA ALA C 132 -14.24 -24.62 33.67
C ALA C 132 -15.20 -24.12 32.59
N ALA C 133 -16.43 -24.63 32.58
CA ALA C 133 -17.41 -24.17 31.61
C ALA C 133 -17.73 -22.69 31.79
N ALA C 134 -17.80 -22.24 33.04
CA ALA C 134 -18.08 -20.84 33.28
C ALA C 134 -16.89 -19.97 32.90
N ALA C 135 -15.70 -20.47 33.20
CA ALA C 135 -14.45 -19.77 32.89
C ALA C 135 -14.20 -19.58 31.40
N LEU C 136 -14.54 -20.59 30.61
CA LEU C 136 -14.34 -20.56 29.17
C LEU C 136 -15.13 -19.49 28.42
N ALA C 137 -16.38 -19.27 28.81
CA ALA C 137 -17.21 -18.27 28.12
C ALA C 137 -17.36 -16.99 28.94
N HIS C 138 -16.45 -16.72 29.87
CA HIS C 138 -16.57 -15.55 30.72
C HIS C 138 -16.23 -14.24 30.00
N ASP C 139 -15.60 -14.31 28.84
CA ASP C 139 -15.23 -13.14 28.06
C ASP C 139 -15.67 -13.30 26.61
N ILE C 140 -16.92 -13.72 26.40
CA ILE C 140 -17.41 -14.04 25.06
C ILE C 140 -18.17 -12.91 24.41
N GLY C 141 -18.69 -11.95 25.19
CA GLY C 141 -19.51 -10.89 24.64
C GLY C 141 -18.85 -9.53 24.63
N ASN C 142 -17.54 -9.49 24.90
CA ASN C 142 -16.83 -8.22 24.93
C ASN C 142 -16.70 -7.64 23.53
N PRO C 143 -16.83 -6.33 23.37
CA PRO C 143 -16.68 -5.71 22.05
C PRO C 143 -15.23 -5.71 21.60
N PRO C 144 -14.99 -5.55 20.30
CA PRO C 144 -13.61 -5.54 19.80
C PRO C 144 -12.83 -4.33 20.34
N PHE C 145 -11.52 -4.38 20.10
CA PHE C 145 -10.57 -3.35 20.54
C PHE C 145 -10.47 -3.25 22.06
N GLY C 146 -10.91 -4.29 22.77
CA GLY C 146 -10.67 -4.37 24.21
C GLY C 146 -11.43 -3.33 24.99
N HIS C 147 -10.71 -2.61 25.85
CA HIS C 147 -11.35 -1.71 26.81
C HIS C 147 -11.99 -0.51 26.13
N SER C 148 -11.44 -0.06 25.00
CA SER C 148 -11.94 1.14 24.35
C SER C 148 -13.28 0.95 23.66
N GLY C 149 -13.61 -0.29 23.26
CA GLY C 149 -14.85 -0.51 22.53
C GLY C 149 -16.09 -0.21 23.35
N GLU C 150 -16.11 -0.70 24.60
CA GLU C 150 -17.27 -0.44 25.46
C GLU C 150 -17.41 1.04 25.78
N LYS C 151 -16.29 1.73 25.99
CA LYS C 151 -16.34 3.17 26.24
C LYS C 151 -16.86 3.92 25.02
N ALA C 152 -16.42 3.51 23.82
CA ALA C 152 -16.93 4.13 22.60
C ALA C 152 -18.42 3.91 22.44
N ILE C 153 -18.89 2.69 22.70
CA ILE C 153 -20.32 2.40 22.57
C ILE C 153 -21.11 3.23 23.58
N GLY C 154 -20.62 3.33 24.81
CA GLY C 154 -21.31 4.13 25.80
C GLY C 154 -21.33 5.61 25.45
N GLU C 155 -20.22 6.14 24.95
CA GLU C 155 -20.14 7.55 24.61
C GLU C 155 -20.93 7.90 23.35
N PHE C 156 -21.20 6.91 22.49
CA PHE C 156 -21.99 7.18 21.29
C PHE C 156 -23.39 7.68 21.65
N PHE C 157 -24.00 7.09 22.68
CA PHE C 157 -25.34 7.47 23.10
C PHE C 157 -25.35 8.65 24.07
N LYS C 158 -24.19 9.19 24.42
CA LYS C 158 -24.11 10.31 25.34
C LYS C 158 -23.64 11.59 24.67
N ASN C 159 -22.51 11.55 23.96
CA ASN C 159 -21.98 12.71 23.26
C ASN C 159 -21.97 12.49 21.74
N GLY C 160 -22.94 11.74 21.23
CA GLY C 160 -23.04 11.45 19.82
C GLY C 160 -24.48 11.57 19.34
N TYR C 161 -24.74 10.92 18.20
CA TYR C 161 -26.07 10.98 17.60
C TYR C 161 -27.08 10.21 18.44
N GLY C 162 -26.63 9.19 19.18
CA GLY C 162 -27.52 8.37 19.96
C GLY C 162 -28.30 9.13 21.01
N LYS C 163 -27.83 10.32 21.40
CA LYS C 163 -28.57 11.14 22.35
C LYS C 163 -29.94 11.54 21.81
N ARG C 164 -30.16 11.34 20.52
CA ARG C 164 -31.44 11.66 19.93
C ARG C 164 -32.51 10.69 20.43
N TYR C 165 -32.07 9.48 20.84
CA TYR C 165 -32.98 8.45 21.29
C TYR C 165 -33.26 8.51 22.79
N LYS C 166 -32.75 9.53 23.48
CA LYS C 166 -32.91 9.61 24.93
C LYS C 166 -34.37 9.76 25.32
N ASP C 167 -35.13 10.57 24.58
CA ASP C 167 -36.50 10.90 24.98
C ASP C 167 -37.46 9.72 24.79
N SER C 168 -37.15 8.82 23.86
CA SER C 168 -38.06 7.74 23.52
C SER C 168 -37.88 6.50 24.37
N LEU C 169 -36.92 6.48 25.29
CA LEU C 169 -36.63 5.32 26.11
C LEU C 169 -36.78 5.65 27.58
N THR C 170 -37.07 4.62 28.37
CA THR C 170 -37.19 4.79 29.81
C THR C 170 -35.80 4.95 30.44
N ALA C 171 -35.79 5.19 31.75
CA ALA C 171 -34.54 5.42 32.46
C ALA C 171 -33.64 4.19 32.43
N LYS C 172 -34.22 3.00 32.63
CA LYS C 172 -33.40 1.79 32.77
C LYS C 172 -32.76 1.40 31.44
N GLU C 173 -33.53 1.48 30.37
CA GLU C 173 -33.07 1.13 29.05
C GLU C 173 -32.02 2.09 28.55
N TYR C 174 -32.17 3.35 28.91
CA TYR C 174 -31.20 4.32 28.49
C TYR C 174 -29.91 4.10 29.26
N GLN C 175 -30.04 3.63 30.50
CA GLN C 175 -28.89 3.35 31.34
C GLN C 175 -28.00 2.25 30.77
N ASP C 176 -28.62 1.22 30.21
CA ASP C 176 -27.89 0.12 29.61
C ASP C 176 -27.05 0.66 28.48
N LEU C 177 -27.74 1.24 27.52
CA LEU C 177 -27.16 1.81 26.34
C LEU C 177 -26.05 2.77 26.68
N ILE C 178 -26.22 3.65 27.65
CA ILE C 178 -25.09 4.56 27.89
C ILE C 178 -23.99 3.93 28.73
N LYS C 179 -24.25 2.76 29.31
CA LYS C 179 -23.27 2.03 30.12
C LYS C 179 -23.16 0.60 29.63
N PHE C 180 -22.93 0.43 28.32
CA PHE C 180 -22.85 -0.89 27.73
C PHE C 180 -21.79 -1.74 28.43
N GLU C 181 -22.14 -2.99 28.69
CA GLU C 181 -21.31 -3.91 29.48
C GLU C 181 -21.04 -5.17 28.69
N GLY C 182 -19.86 -5.76 28.92
CA GLY C 182 -19.53 -7.02 28.29
C GLY C 182 -20.21 -8.22 28.92
N ASN C 183 -20.47 -8.18 30.22
CA ASN C 183 -21.11 -9.30 30.89
C ASN C 183 -22.55 -9.49 30.41
N ALA C 184 -23.31 -8.39 30.30
CA ALA C 184 -24.68 -8.49 29.82
C ALA C 184 -24.71 -8.97 28.37
N ASN C 185 -23.79 -8.48 27.53
CA ASN C 185 -23.73 -8.95 26.15
C ASN C 185 -23.39 -10.43 26.08
N GLY C 186 -22.47 -10.89 26.94
CA GLY C 186 -22.14 -12.30 26.96
C GLY C 186 -23.32 -13.16 27.38
N PHE C 187 -24.06 -12.72 28.39
CA PHE C 187 -25.24 -13.45 28.82
C PHE C 187 -26.29 -13.48 27.70
N LYS C 188 -26.47 -12.39 27.00
CA LYS C 188 -27.41 -12.36 25.91
C LYS C 188 -26.96 -13.29 24.80
N VAL C 189 -25.69 -13.33 24.46
CA VAL C 189 -25.20 -14.24 23.44
C VAL C 189 -25.44 -15.69 23.86
N LEU C 190 -25.15 -16.00 25.13
CA LEU C 190 -25.34 -17.36 25.61
C LEU C 190 -26.80 -17.78 25.63
N SER C 191 -27.72 -16.84 25.88
CA SER C 191 -29.13 -17.15 26.01
C SER C 191 -29.97 -16.40 24.98
N GLN C 192 -29.53 -16.42 23.72
CA GLN C 192 -30.23 -15.75 22.64
C GLN C 192 -31.17 -16.74 21.95
N SER C 193 -32.46 -16.41 21.92
CA SER C 193 -33.45 -17.25 21.28
C SER C 193 -33.60 -16.87 19.82
N LYS C 194 -33.67 -17.87 18.95
CA LYS C 194 -33.81 -17.69 17.51
C LYS C 194 -34.87 -18.64 17.00
N PRO C 195 -35.51 -18.32 15.88
CA PRO C 195 -36.50 -19.25 15.30
C PRO C 195 -35.88 -20.60 14.98
N GLY C 196 -36.35 -21.63 15.66
CA GLY C 196 -35.83 -22.97 15.51
C GLY C 196 -34.83 -23.38 16.58
N ALA C 197 -34.25 -22.41 17.29
CA ALA C 197 -33.28 -22.67 18.35
C ALA C 197 -33.70 -21.84 19.56
N GLN C 198 -34.47 -22.45 20.45
CA GLN C 198 -34.96 -21.78 21.65
C GLN C 198 -33.97 -21.99 22.78
N GLY C 199 -33.48 -20.91 23.36
CA GLY C 199 -32.54 -20.97 24.45
C GLY C 199 -31.09 -20.84 24.06
N GLY C 200 -30.77 -20.64 22.78
CA GLY C 200 -29.39 -20.53 22.37
C GLY C 200 -28.65 -21.84 22.58
N LEU C 201 -27.50 -21.76 23.27
CA LEU C 201 -26.71 -22.94 23.55
C LEU C 201 -27.37 -23.88 24.55
N ARG C 202 -28.35 -23.38 25.31
CA ARG C 202 -29.08 -24.18 26.29
C ARG C 202 -28.14 -24.82 27.30
N LEU C 203 -27.44 -23.96 28.05
CA LEU C 203 -26.51 -24.43 29.06
C LEU C 203 -27.25 -24.74 30.36
N SER C 204 -26.56 -25.47 31.23
CA SER C 204 -27.10 -25.81 32.54
C SER C 204 -27.24 -24.56 33.40
N TYR C 205 -28.19 -24.60 34.33
CA TYR C 205 -28.45 -23.44 35.18
C TYR C 205 -27.30 -23.18 36.13
N ALA C 206 -26.60 -24.22 36.57
CA ALA C 206 -25.44 -24.02 37.43
C ALA C 206 -24.34 -23.25 36.71
N THR C 207 -24.10 -23.57 35.43
CA THR C 207 -23.10 -22.85 34.66
C THR C 207 -23.50 -21.39 34.47
N LEU C 208 -24.78 -21.14 34.20
CA LEU C 208 -25.25 -19.76 34.06
C LEU C 208 -25.10 -18.98 35.36
N GLY C 209 -25.42 -19.62 36.49
CA GLY C 209 -25.27 -18.96 37.77
C GLY C 209 -23.82 -18.65 38.10
N ALA C 210 -22.91 -19.59 37.80
CA ALA C 210 -21.50 -19.35 38.03
C ALA C 210 -20.93 -18.31 37.07
N PHE C 211 -21.50 -18.18 35.87
CA PHE C 211 -21.04 -17.20 34.91
C PHE C 211 -21.39 -15.77 35.32
N MET C 212 -22.55 -15.57 35.95
CA MET C 212 -23.00 -14.25 36.31
C MET C 212 -22.18 -13.71 37.47
N LYS C 213 -21.58 -12.53 37.28
CA LYS C 213 -20.77 -11.90 38.31
C LYS C 213 -21.48 -10.76 39.03
N TYR C 214 -22.44 -10.10 38.37
CA TYR C 214 -23.16 -8.96 38.94
C TYR C 214 -24.65 -9.23 38.81
N PRO C 215 -25.22 -10.00 39.72
CA PRO C 215 -26.66 -10.34 39.63
C PRO C 215 -27.56 -9.19 40.06
N LYS C 216 -27.59 -8.15 39.24
CA LYS C 216 -28.42 -6.98 39.52
C LYS C 216 -28.69 -6.24 38.23
N GLU C 217 -29.70 -5.36 38.27
CA GLU C 217 -30.05 -4.54 37.12
C GLU C 217 -29.10 -3.34 37.02
N SER C 218 -29.33 -2.50 36.01
CA SER C 218 -28.45 -1.35 35.78
C SER C 218 -28.73 -0.21 36.74
N LEU C 219 -29.88 -0.19 37.40
CA LEU C 219 -30.23 0.85 38.34
C LEU C 219 -30.63 0.24 39.67
N PRO C 220 -30.28 0.88 40.80
CA PRO C 220 -29.50 2.13 40.90
C PRO C 220 -28.02 1.95 40.59
N HIS C 221 -27.35 3.04 40.23
CA HIS C 221 -25.95 3.00 39.82
C HIS C 221 -25.07 3.04 41.05
N LYS C 222 -24.42 1.90 41.35
CA LYS C 222 -23.48 1.76 42.46
C LYS C 222 -24.11 2.17 43.77
N PRO C 223 -25.05 1.38 44.31
CA PRO C 223 -25.73 1.76 45.54
C PRO C 223 -24.92 1.53 46.81
N SER C 224 -23.76 0.87 46.70
CA SER C 224 -22.93 0.60 47.88
C SER C 224 -21.51 0.33 47.39
N ASP C 225 -20.64 -0.07 48.32
CA ASP C 225 -19.26 -0.41 48.02
C ASP C 225 -19.03 -1.91 47.87
N HIS C 226 -20.10 -2.68 47.72
CA HIS C 226 -19.98 -4.12 47.58
C HIS C 226 -19.30 -4.47 46.26
N ILE C 227 -18.78 -5.71 46.19
CA ILE C 227 -18.07 -6.14 45.00
C ILE C 227 -19.04 -6.55 43.89
N ALA C 228 -20.28 -6.89 44.23
CA ALA C 228 -21.23 -7.43 43.27
C ALA C 228 -22.19 -6.38 42.72
N ASP C 229 -22.04 -5.11 43.10
CA ASP C 229 -22.93 -4.06 42.62
C ASP C 229 -22.17 -2.92 41.95
N LYS C 230 -20.90 -3.14 41.59
CA LYS C 230 -20.17 -2.13 40.83
C LYS C 230 -20.79 -1.92 39.46
N LYS C 231 -21.20 -3.01 38.80
CA LYS C 231 -21.83 -2.93 37.49
C LYS C 231 -23.04 -3.85 37.45
N TYR C 232 -23.68 -3.99 36.28
CA TYR C 232 -24.82 -4.88 36.13
C TYR C 232 -24.46 -6.03 35.20
N GLY C 233 -25.32 -7.04 35.18
CA GLY C 233 -25.01 -8.27 34.48
C GLY C 233 -25.98 -8.70 33.41
N PHE C 234 -27.14 -8.04 33.29
CA PHE C 234 -28.11 -8.42 32.29
C PHE C 234 -28.91 -7.20 31.85
N PHE C 235 -29.42 -7.27 30.63
CA PHE C 235 -30.24 -6.22 30.06
C PHE C 235 -31.69 -6.37 30.54
N GLN C 236 -32.55 -5.46 30.09
CA GLN C 236 -33.97 -5.55 30.43
C GLN C 236 -34.67 -6.65 29.65
N SER C 237 -34.18 -6.95 28.45
CA SER C 237 -34.81 -7.97 27.62
C SER C 237 -34.54 -9.39 28.11
N GLU C 238 -33.63 -9.57 29.07
CA GLU C 238 -33.32 -10.88 29.62
C GLU C 238 -33.62 -10.96 31.12
N ARG C 239 -34.52 -10.12 31.61
CA ARG C 239 -34.84 -10.13 33.04
C ARG C 239 -35.56 -11.42 33.44
N ALA C 240 -36.50 -11.88 32.61
CA ALA C 240 -37.28 -13.07 32.95
C ALA C 240 -36.41 -14.32 33.02
N LEU C 241 -35.48 -14.47 32.08
CA LEU C 241 -34.62 -15.65 32.06
C LEU C 241 -33.76 -15.72 33.30
N PHE C 242 -33.15 -14.59 33.68
CA PHE C 242 -32.31 -14.60 34.87
C PHE C 242 -33.15 -14.74 36.15
N GLU C 243 -34.38 -14.21 36.15
CA GLU C 243 -35.26 -14.42 37.29
C GLU C 243 -35.58 -15.91 37.46
N ASP C 244 -35.86 -16.60 36.35
CA ASP C 244 -36.10 -18.03 36.42
C ASP C 244 -34.87 -18.79 36.90
N VAL C 245 -33.70 -18.42 36.39
CA VAL C 245 -32.46 -19.08 36.82
C VAL C 245 -32.24 -18.87 38.31
N ALA C 246 -32.44 -17.64 38.79
CA ALA C 246 -32.24 -17.35 40.21
C ALA C 246 -33.24 -18.08 41.08
N GLN C 247 -34.48 -18.12 40.67
CA GLN C 247 -35.50 -18.80 41.43
C GLN C 247 -35.20 -20.28 41.54
N GLU C 248 -34.73 -20.89 40.45
CA GLU C 248 -34.39 -22.32 40.49
C GLU C 248 -33.15 -22.57 41.35
N LEU C 249 -32.11 -21.74 41.20
CA LEU C 249 -30.86 -21.96 41.93
C LEU C 249 -31.05 -21.75 43.42
N GLY C 250 -31.84 -20.76 43.81
CA GLY C 250 -32.04 -20.44 45.20
C GLY C 250 -31.23 -19.27 45.71
N LEU C 251 -30.84 -18.34 44.85
CA LEU C 251 -30.05 -17.19 45.27
C LEU C 251 -30.86 -16.32 46.22
N LEU C 252 -30.18 -15.79 47.23
CA LEU C 252 -30.84 -15.01 48.27
C LEU C 252 -31.19 -13.62 47.74
N LYS C 253 -32.44 -13.21 47.97
CA LYS C 253 -32.90 -11.90 47.53
C LYS C 253 -32.31 -10.82 48.42
N ARG C 254 -31.86 -9.74 47.79
CA ARG C 254 -31.25 -8.63 48.49
C ARG C 254 -32.08 -7.36 48.41
N SER C 255 -32.79 -7.18 47.32
CA SER C 255 -33.66 -6.03 47.16
C SER C 255 -34.92 -6.45 46.41
N ASP C 259 -36.62 -3.01 42.08
CA ASP C 259 -35.37 -3.44 41.47
C ASP C 259 -34.99 -4.79 42.06
N VAL C 260 -34.59 -5.71 41.19
CA VAL C 260 -34.25 -7.08 41.59
C VAL C 260 -32.74 -7.21 41.71
N SER C 261 -32.29 -7.91 42.74
CA SER C 261 -30.87 -8.16 42.96
C SER C 261 -30.72 -9.43 43.79
N TRP C 262 -29.67 -10.19 43.53
CA TRP C 262 -29.44 -11.43 44.23
C TRP C 262 -28.02 -11.50 44.79
N SER C 263 -27.64 -12.66 45.32
CA SER C 263 -26.30 -12.88 45.86
C SER C 263 -25.46 -13.69 44.89
N ARG C 264 -24.14 -13.56 45.03
CA ARG C 264 -23.21 -14.21 44.13
C ARG C 264 -23.14 -15.72 44.40
N HIS C 265 -22.97 -16.47 43.32
CA HIS C 265 -22.62 -17.88 43.43
C HIS C 265 -21.16 -18.01 43.89
N PRO C 266 -20.87 -18.94 44.80
CA PRO C 266 -19.46 -19.15 45.18
C PRO C 266 -18.58 -19.55 44.01
N LEU C 267 -19.13 -20.32 43.07
CA LEU C 267 -18.38 -20.66 41.86
C LEU C 267 -18.07 -19.42 41.05
N ALA C 268 -18.91 -18.39 41.14
CA ALA C 268 -18.57 -17.10 40.51
C ALA C 268 -17.34 -16.49 41.19
N TYR C 269 -17.25 -16.62 42.52
CA TYR C 269 -16.05 -16.17 43.21
C TYR C 269 -14.81 -16.93 42.72
N LEU C 270 -14.94 -18.24 42.55
CA LEU C 270 -13.81 -19.03 42.06
C LEU C 270 -13.40 -18.61 40.65
N VAL C 271 -14.39 -18.37 39.78
CA VAL C 271 -14.10 -17.94 38.41
C VAL C 271 -13.41 -16.59 38.42
N GLU C 272 -13.89 -15.68 39.24
CA GLU C 272 -13.31 -14.38 39.37
C GLU C 272 -11.87 -14.41 39.85
N ALA C 273 -11.58 -15.24 40.85
CA ALA C 273 -10.23 -15.39 41.36
C ALA C 273 -9.30 -15.98 40.30
N ALA C 274 -9.78 -17.02 39.59
CA ALA C 274 -8.98 -17.65 38.56
C ALA C 274 -8.62 -16.65 37.45
N ASP C 275 -9.59 -15.93 36.96
CA ASP C 275 -9.47 -14.88 35.95
C ASP C 275 -8.60 -13.76 36.34
N ASP C 276 -8.61 -13.45 37.64
CA ASP C 276 -7.79 -12.37 38.20
C ASP C 276 -6.31 -12.78 38.20
N ILE C 277 -6.04 -13.97 38.73
CA ILE C 277 -4.67 -14.50 38.73
C ILE C 277 -4.14 -14.60 37.31
N CYS C 278 -4.93 -15.07 36.37
CA CYS C 278 -4.42 -15.15 35.01
C CYS C 278 -4.02 -13.83 34.38
N TYR C 279 -4.90 -12.86 34.27
CA TYR C 279 -4.50 -11.62 33.62
C TYR C 279 -3.38 -10.90 34.32
N THR C 280 -3.35 -10.92 35.65
CA THR C 280 -2.29 -10.30 36.40
C THR C 280 -0.95 -10.95 36.10
N ILE C 281 -0.90 -12.29 36.00
CA ILE C 281 0.41 -12.89 35.78
C ILE C 281 0.75 -12.92 34.28
N ILE C 282 -0.23 -13.28 33.44
CA ILE C 282 0.04 -13.39 32.01
C ILE C 282 0.36 -12.01 31.41
N ASP C 283 -0.30 -10.97 31.86
CA ASP C 283 -0.03 -9.65 31.33
C ASP C 283 1.33 -9.20 31.78
N PHE C 284 1.66 -9.50 33.02
CA PHE C 284 3.00 -9.16 33.49
C PHE C 284 4.07 -9.81 32.63
N GLU C 285 3.96 -11.12 32.41
CA GLU C 285 5.01 -11.79 31.63
C GLU C 285 5.01 -11.35 30.18
N ASP C 286 3.84 -11.07 29.61
CA ASP C 286 3.78 -10.59 28.23
C ASP C 286 4.46 -9.23 28.10
N GLY C 287 4.25 -8.34 29.07
CA GLY C 287 4.97 -7.09 29.08
C GLY C 287 6.47 -7.29 29.24
N ILE C 288 6.87 -8.29 30.02
CA ILE C 288 8.29 -8.59 30.19
C ILE C 288 8.92 -9.04 28.88
N ASN C 289 8.33 -9.90 28.06
CA ASN C 289 8.99 -10.33 26.81
C ASN C 289 8.96 -9.41 25.62
N LEU C 290 8.02 -8.51 25.56
CA LEU C 290 7.87 -7.62 24.43
C LEU C 290 8.79 -6.44 24.40
N GLY C 291 9.56 -6.19 25.42
CA GLY C 291 10.51 -5.12 25.35
C GLY C 291 10.20 -3.85 26.07
N LEU C 292 9.24 -3.94 26.97
CA LEU C 292 8.72 -2.81 27.72
C LEU C 292 8.99 -2.89 29.21
N ILE C 293 9.48 -4.03 29.68
CA ILE C 293 9.82 -4.18 31.09
C ILE C 293 11.08 -5.03 31.21
N PRO C 294 12.07 -4.59 31.99
CA PRO C 294 13.34 -5.28 32.28
C PRO C 294 13.21 -6.49 33.22
N GLU C 295 14.01 -7.55 33.03
CA GLU C 295 13.95 -8.75 33.84
C GLU C 295 14.28 -8.48 35.31
N GLU C 296 14.91 -7.34 35.61
CA GLU C 296 15.19 -7.00 37.00
C GLU C 296 13.88 -6.85 37.79
N TYR C 297 12.88 -6.19 37.20
CA TYR C 297 11.58 -6.11 37.84
C TYR C 297 10.92 -7.48 37.91
N ALA C 298 11.16 -8.35 36.92
CA ALA C 298 10.59 -9.69 36.96
C ALA C 298 11.11 -10.48 38.15
N LEU C 299 12.41 -10.39 38.42
CA LEU C 299 12.98 -11.11 39.56
C LEU C 299 12.68 -10.43 40.88
N GLU C 300 12.67 -9.10 40.92
CA GLU C 300 12.48 -8.39 42.19
C GLU C 300 11.03 -8.47 42.64
N TYR C 301 10.08 -8.25 41.74
CA TYR C 301 8.67 -8.24 42.11
C TYR C 301 8.12 -9.63 42.37
N MET C 302 8.79 -10.67 41.89
CA MET C 302 8.36 -12.06 42.10
C MET C 302 9.44 -12.77 42.91
N VAL C 303 9.37 -12.62 44.24
CA VAL C 303 10.32 -13.26 45.13
C VAL C 303 9.56 -14.05 46.20
N LYS C 304 8.56 -13.41 46.84
CA LYS C 304 7.79 -14.10 47.86
C LYS C 304 6.81 -15.09 47.24
N LEU C 305 6.30 -14.80 46.05
CA LEU C 305 5.41 -15.73 45.38
C LEU C 305 6.12 -17.05 45.05
N VAL C 306 7.36 -16.96 44.58
CA VAL C 306 8.12 -18.13 44.18
C VAL C 306 9.16 -18.51 45.22
N GLY C 307 8.96 -18.12 46.47
CA GLY C 307 9.97 -18.31 47.50
C GLY C 307 10.25 -19.75 47.86
N GLN C 308 9.32 -20.42 48.53
CA GLN C 308 9.52 -21.81 48.94
C GLN C 308 8.94 -22.79 47.91
N THR C 309 9.27 -22.57 46.64
CA THR C 309 8.89 -23.50 45.59
C THR C 309 9.94 -23.61 44.49
N ILE C 310 11.07 -22.93 44.60
CA ILE C 310 12.01 -22.77 43.50
C ILE C 310 13.25 -23.60 43.75
N ASP C 311 13.90 -24.00 42.67
CA ASP C 311 15.20 -24.67 42.70
C ASP C 311 16.21 -23.73 42.04
N ARG C 312 17.15 -23.23 42.83
CA ARG C 312 18.08 -22.22 42.32
C ARG C 312 19.01 -22.79 41.25
N ASN C 313 19.39 -24.06 41.37
CA ASN C 313 20.27 -24.65 40.36
C ASN C 313 19.59 -24.69 39.00
N LYS C 314 18.32 -25.13 38.96
CA LYS C 314 17.58 -25.16 37.71
C LYS C 314 17.34 -23.75 37.17
N TYR C 315 17.05 -22.81 38.06
CA TYR C 315 16.81 -21.43 37.63
C TYR C 315 18.06 -20.83 37.00
N ASN C 316 19.22 -21.07 37.60
CA ASN C 316 20.47 -20.52 37.08
C ASN C 316 20.95 -21.28 35.85
N ALA C 317 20.58 -22.55 35.71
CA ALA C 317 21.01 -23.32 34.54
C ALA C 317 20.40 -22.81 33.26
N LEU C 318 19.24 -22.16 33.33
CA LEU C 318 18.60 -21.62 32.14
C LEU C 318 19.40 -20.45 31.58
N GLN C 319 19.28 -20.25 30.26
CA GLN C 319 20.00 -19.19 29.56
C GLN C 319 19.07 -18.10 29.04
N GLU C 320 18.05 -18.48 28.27
CA GLU C 320 17.12 -17.49 27.74
C GLU C 320 16.22 -16.96 28.84
N THR C 321 15.78 -15.71 28.68
CA THR C 321 14.92 -15.10 29.68
C THR C 321 13.50 -15.67 29.63
N SER C 322 13.07 -16.16 28.46
CA SER C 322 11.71 -16.66 28.34
C SER C 322 11.47 -17.87 29.24
N ASP C 323 12.44 -18.79 29.31
CA ASP C 323 12.28 -19.97 30.15
C ASP C 323 12.21 -19.58 31.63
N ARG C 324 13.06 -18.64 32.05
CA ARG C 324 13.03 -18.20 33.44
C ARG C 324 11.70 -17.53 33.78
N VAL C 325 11.20 -16.68 32.88
CA VAL C 325 9.91 -16.02 33.12
C VAL C 325 8.79 -17.05 33.19
N SER C 326 8.83 -18.05 32.30
CA SER C 326 7.81 -19.09 32.32
C SER C 326 7.84 -19.90 33.61
N TYR C 327 9.07 -20.17 34.04
CA TYR C 327 9.36 -20.91 35.25
C TYR C 327 8.79 -20.19 36.48
N LEU C 328 8.99 -18.88 36.58
CA LEU C 328 8.45 -18.02 37.63
C LEU C 328 6.94 -17.93 37.55
N ARG C 329 6.43 -17.80 36.32
CA ARG C 329 5.02 -17.71 36.06
C ARG C 329 4.33 -18.99 36.49
N ALA C 330 4.99 -20.11 36.24
CA ALA C 330 4.48 -21.42 36.62
C ALA C 330 4.38 -21.60 38.12
N LEU C 331 5.36 -21.07 38.85
CA LEU C 331 5.40 -21.18 40.30
C LEU C 331 4.45 -20.22 41.00
N ALA C 332 4.32 -19.02 40.47
CA ALA C 332 3.38 -18.02 41.01
C ALA C 332 1.94 -18.46 40.83
N ILE C 333 1.61 -19.04 39.67
CA ILE C 333 0.25 -19.51 39.43
C ILE C 333 -0.10 -20.62 40.42
N GLY C 334 0.82 -21.57 40.64
CA GLY C 334 0.54 -22.64 41.58
C GLY C 334 0.31 -22.13 42.99
N THR C 335 1.20 -21.25 43.47
CA THR C 335 1.07 -20.77 44.84
C THR C 335 -0.18 -19.90 45.01
N LEU C 336 -0.52 -19.11 43.98
CA LEU C 336 -1.73 -18.29 44.06
C LEU C 336 -2.98 -19.16 44.03
N ILE C 337 -2.93 -20.29 43.35
CA ILE C 337 -4.06 -21.20 43.28
C ILE C 337 -4.28 -21.80 44.63
N ASN C 338 -3.21 -22.25 45.25
CA ASN C 338 -3.32 -22.85 46.57
C ASN C 338 -3.81 -21.83 47.61
N GLU C 339 -3.27 -20.60 47.57
CA GLU C 339 -3.69 -19.59 48.51
C GLU C 339 -5.15 -19.20 48.32
N SER C 340 -5.60 -19.12 47.06
CA SER C 340 -7.00 -18.80 46.80
C SER C 340 -7.94 -19.89 47.29
N VAL C 341 -7.55 -21.16 47.11
CA VAL C 341 -8.36 -22.26 47.62
C VAL C 341 -8.45 -22.18 49.15
N ASP C 342 -7.32 -21.92 49.81
CA ASP C 342 -7.33 -21.80 51.27
C ASP C 342 -8.22 -20.64 51.72
N THR C 343 -8.11 -19.49 51.04
CA THR C 343 -8.93 -18.34 51.40
C THR C 343 -10.41 -18.63 51.20
N PHE C 344 -10.77 -19.30 50.10
CA PHE C 344 -12.17 -19.64 49.88
C PHE C 344 -12.69 -20.57 50.97
N MET C 345 -11.89 -21.57 51.35
CA MET C 345 -12.34 -22.47 52.42
C MET C 345 -12.35 -21.80 53.78
N LYS C 346 -11.63 -20.70 53.96
CA LYS C 346 -11.68 -19.99 55.23
C LYS C 346 -13.05 -19.34 55.46
N TYR C 347 -13.62 -18.74 54.41
CA TYR C 347 -14.84 -17.96 54.51
C TYR C 347 -16.02 -18.65 53.83
N GLU C 348 -16.21 -19.91 54.07
CA GLU C 348 -17.26 -20.61 53.39
C GLU C 348 -18.62 -20.26 53.88
N GLU C 349 -18.77 -20.14 55.19
CA GLU C 349 -20.08 -19.77 55.74
C GLU C 349 -20.47 -18.35 55.35
N GLU C 350 -19.53 -17.41 55.43
CA GLU C 350 -19.84 -16.03 55.08
C GLU C 350 -20.20 -15.89 53.60
N ILE C 351 -19.46 -16.58 52.72
CA ILE C 351 -19.75 -16.52 51.30
C ILE C 351 -21.11 -17.13 51.00
N LEU C 352 -21.41 -18.28 51.59
CA LEU C 352 -22.71 -18.92 51.35
C LEU C 352 -23.85 -18.11 51.92
N ALA C 353 -23.62 -17.37 53.02
CA ALA C 353 -24.65 -16.54 53.61
C ALA C 353 -24.82 -15.21 52.88
N GLY C 354 -23.94 -14.88 51.96
CA GLY C 354 -24.05 -13.65 51.19
C GLY C 354 -23.54 -12.41 51.89
N THR C 355 -22.84 -12.54 53.01
CA THR C 355 -22.29 -11.39 53.71
C THR C 355 -20.88 -11.03 53.28
N PHE C 356 -20.23 -11.86 52.46
CA PHE C 356 -18.88 -11.57 52.01
C PHE C 356 -18.92 -10.43 50.99
N ASP C 357 -18.17 -9.36 51.26
CA ASP C 357 -18.23 -8.15 50.47
C ASP C 357 -16.98 -7.89 49.63
N GLN C 358 -16.03 -8.82 49.60
CA GLN C 358 -14.78 -8.63 48.87
C GLN C 358 -14.52 -9.84 47.98
N SER C 359 -13.40 -9.82 47.29
CA SER C 359 -12.99 -10.93 46.45
C SER C 359 -12.14 -11.91 47.27
N LEU C 360 -11.50 -12.86 46.59
CA LEU C 360 -10.58 -13.77 47.25
C LEU C 360 -9.13 -13.35 47.13
N ILE C 361 -8.77 -12.65 46.05
CA ILE C 361 -7.40 -12.19 45.88
C ILE C 361 -7.07 -11.07 46.88
N ASP C 362 -7.99 -10.13 47.07
CA ASP C 362 -7.74 -9.01 47.98
C ASP C 362 -7.67 -9.43 49.44
N LYS C 363 -8.13 -10.64 49.77
CA LYS C 363 -8.03 -11.17 51.13
C LYS C 363 -6.88 -12.16 51.27
N SER C 364 -5.83 -11.97 50.48
CA SER C 364 -4.67 -12.86 50.49
C SER C 364 -3.46 -12.13 51.05
N ASN C 365 -2.50 -12.91 51.55
CA ASN C 365 -1.32 -12.33 52.17
C ASN C 365 -0.49 -11.55 51.16
N TYR C 366 -0.37 -12.07 49.93
CA TYR C 366 0.45 -11.44 48.90
C TYR C 366 -0.41 -10.42 48.15
N GLN C 367 -0.31 -9.17 48.56
CA GLN C 367 -1.05 -8.08 47.92
C GLN C 367 -0.15 -6.94 47.47
N ALA C 368 0.89 -6.62 48.23
CA ALA C 368 1.79 -5.54 47.83
C ALA C 368 2.48 -5.83 46.50
N GLN C 369 2.93 -7.07 46.32
CA GLN C 369 3.56 -7.45 45.05
C GLN C 369 2.56 -7.39 43.90
N ILE C 370 1.34 -7.86 44.13
CA ILE C 370 0.31 -7.82 43.10
C ILE C 370 0.00 -6.37 42.73
N THR C 371 -0.13 -5.50 43.73
CA THR C 371 -0.40 -4.09 43.47
C THR C 371 0.75 -3.45 42.71
N ASP C 372 1.99 -3.77 43.06
CA ASP C 372 3.14 -3.23 42.35
C ASP C 372 3.15 -3.68 40.89
N ILE C 373 2.86 -4.96 40.65
CA ILE C 373 2.83 -5.47 39.28
C ILE C 373 1.74 -4.76 38.48
N ILE C 374 0.56 -4.61 39.07
CA ILE C 374 -0.54 -3.94 38.38
C ILE C 374 -0.19 -2.49 38.07
N ASN C 375 0.42 -1.79 39.03
CA ASN C 375 0.80 -0.40 38.80
C ASN C 375 1.85 -0.28 37.71
N LEU C 376 2.83 -1.19 37.70
CA LEU C 376 3.84 -1.15 36.65
C LEU C 376 3.23 -1.43 35.27
N SER C 377 2.30 -2.39 35.20
CA SER C 377 1.63 -2.67 33.94
C SER C 377 0.81 -1.48 33.47
N ILE C 378 0.13 -0.80 34.39
CA ILE C 378 -0.63 0.40 34.04
C ILE C 378 0.31 1.49 33.54
N GLU C 379 1.47 1.64 34.19
CA GLU C 379 2.39 2.71 33.84
C GLU C 379 3.02 2.50 32.48
N ARG C 380 3.46 1.28 32.16
CA ARG C 380 4.29 1.07 30.99
C ARG C 380 3.69 0.18 29.91
N ILE C 381 2.63 -0.57 30.20
CA ILE C 381 2.01 -1.40 29.17
C ILE C 381 0.75 -0.73 28.61
N TYR C 382 -0.12 -0.23 29.49
CA TYR C 382 -1.39 0.33 29.04
C TYR C 382 -1.26 1.76 28.52
N ASN C 383 -0.11 2.41 28.72
CA ASN C 383 0.10 3.79 28.30
C ASN C 383 1.11 3.91 27.17
N SER C 384 1.40 2.81 26.47
CA SER C 384 2.29 2.88 25.33
C SER C 384 1.63 3.60 24.16
N ARG C 385 2.46 4.17 23.30
CA ARG C 385 1.95 4.97 22.19
C ARG C 385 1.11 4.14 21.24
N GLU C 386 1.55 2.92 20.93
CA GLU C 386 0.81 2.07 20.00
C GLU C 386 -0.57 1.73 20.55
N VAL C 387 -0.66 1.44 21.84
CA VAL C 387 -1.95 1.12 22.46
C VAL C 387 -2.90 2.31 22.35
N ILE C 388 -2.40 3.52 22.64
CA ILE C 388 -3.25 4.71 22.56
C ILE C 388 -3.72 4.94 21.13
N GLU C 389 -2.80 4.80 20.16
CA GLU C 389 -3.17 5.00 18.77
C GLU C 389 -4.25 4.01 18.33
N LYS C 390 -4.08 2.74 18.69
CA LYS C 390 -5.06 1.73 18.31
C LYS C 390 -6.39 1.97 19.00
N GLU C 391 -6.36 2.42 20.26
CA GLU C 391 -7.60 2.72 20.96
C GLU C 391 -8.34 3.89 20.29
N ILE C 392 -7.61 4.92 19.87
CA ILE C 392 -8.24 6.04 19.19
C ILE C 392 -8.84 5.59 17.86
N ALA C 393 -8.11 4.76 17.12
CA ALA C 393 -8.62 4.25 15.86
C ALA C 393 -9.89 3.43 16.06
N GLY C 394 -9.89 2.56 17.06
CA GLY C 394 -11.09 1.78 17.35
C GLY C 394 -12.25 2.64 17.78
N TYR C 395 -11.91 3.72 18.49
CA TYR C 395 -12.86 4.71 19.00
C TYR C 395 -13.60 5.38 17.86
N GLU C 396 -12.85 5.76 16.84
CA GLU C 396 -13.42 6.40 15.65
C GLU C 396 -14.20 5.40 14.81
N ILE C 397 -13.65 4.19 14.62
CA ILE C 397 -14.29 3.20 13.76
C ILE C 397 -15.66 2.80 14.32
N LEU C 398 -15.70 2.51 15.63
CA LEU C 398 -16.97 2.17 16.25
C LEU C 398 -17.95 3.33 16.19
N SER C 399 -17.47 4.57 16.34
CA SER C 399 -18.35 5.73 16.26
C SER C 399 -19.03 5.80 14.89
N THR C 400 -18.23 5.71 13.81
CA THR C 400 -18.84 5.80 12.49
C THR C 400 -19.76 4.61 12.22
N LEU C 401 -19.37 3.42 12.65
CA LEU C 401 -20.21 2.25 12.41
C LEU C 401 -21.55 2.39 13.11
N LEU C 402 -21.54 2.84 14.37
CA LEU C 402 -22.79 3.01 15.12
C LEU C 402 -23.66 4.10 14.50
N GLU C 403 -23.06 5.23 14.10
CA GLU C 403 -23.88 6.28 13.50
C GLU C 403 -24.47 5.84 12.17
N ALA C 404 -23.70 5.09 11.38
CA ALA C 404 -24.23 4.57 10.12
C ALA C 404 -25.38 3.60 10.36
N ARG C 405 -25.23 2.71 11.34
CA ARG C 405 -26.31 1.76 11.63
C ARG C 405 -27.56 2.49 12.12
N CYS C 406 -27.39 3.50 12.98
CA CYS C 406 -28.54 4.24 13.48
C CYS C 406 -29.23 5.01 12.36
N ARG C 407 -28.45 5.64 11.47
CA ARG C 407 -29.04 6.35 10.34
C ARG C 407 -29.76 5.40 9.41
N ALA C 408 -29.21 4.20 9.20
CA ALA C 408 -29.90 3.22 8.38
C ALA C 408 -31.19 2.76 9.04
N LEU C 409 -31.18 2.60 10.36
CA LEU C 409 -32.36 2.08 11.05
C LEU C 409 -33.49 3.10 11.08
N ASP C 410 -33.16 4.35 11.43
CA ASP C 410 -34.12 5.47 11.53
C ASP C 410 -35.18 5.53 10.43
N ASN C 411 -34.76 5.86 9.21
CA ASN C 411 -35.67 5.96 8.06
C ASN C 411 -35.27 4.97 6.98
N ASN C 412 -36.03 3.90 6.83
CA ASN C 412 -35.68 2.86 5.88
C ASN C 412 -36.33 3.16 4.57
N ASP C 413 -36.11 4.37 4.08
CA ASP C 413 -36.75 4.82 2.86
C ASP C 413 -35.79 5.02 1.71
N THR C 414 -34.66 5.69 1.95
CA THR C 414 -33.75 6.05 0.88
C THR C 414 -32.98 4.82 0.37
N HIS C 415 -32.44 4.97 -0.85
CA HIS C 415 -31.69 3.87 -1.46
C HIS C 415 -30.39 3.60 -0.71
N TYR C 416 -29.71 4.65 -0.25
CA TYR C 416 -28.46 4.46 0.49
C TYR C 416 -28.70 3.71 1.79
N ASN C 417 -29.82 3.99 2.45
CA ASN C 417 -30.14 3.32 3.69
C ASN C 417 -30.41 1.85 3.44
N GLN C 418 -31.11 1.55 2.38
CA GLN C 418 -31.33 0.16 2.01
C GLN C 418 -30.01 -0.54 1.69
N LEU C 419 -29.10 0.16 1.02
CA LEU C 419 -27.79 -0.42 0.73
C LEU C 419 -27.04 -0.75 2.02
N ILE C 420 -27.05 0.18 2.98
CA ILE C 420 -26.38 -0.05 4.27
C ILE C 420 -27.03 -1.23 4.99
N GLN C 421 -28.35 -1.30 4.98
CA GLN C 421 -29.04 -2.43 5.62
C GLN C 421 -28.67 -3.75 4.96
N GLN C 422 -28.59 -3.78 3.63
CA GLN C 422 -28.20 -5.01 2.93
C GLN C 422 -26.77 -5.39 3.23
N LEU C 423 -25.88 -4.41 3.42
CA LEU C 423 -24.48 -4.72 3.66
C LEU C 423 -24.23 -5.12 5.12
N LEU C 424 -24.56 -4.22 6.05
CA LEU C 424 -24.19 -4.44 7.45
C LEU C 424 -25.01 -5.56 8.09
N ALA C 425 -26.33 -5.53 7.89
CA ALA C 425 -27.24 -6.46 8.56
C ALA C 425 -28.15 -7.10 7.52
N PRO C 426 -27.65 -8.07 6.75
CA PRO C 426 -28.46 -8.70 5.71
C PRO C 426 -29.42 -9.77 6.21
N ASN C 427 -29.43 -10.06 7.51
CA ASN C 427 -30.27 -11.11 8.07
C ASN C 427 -31.53 -10.58 8.74
N GLU C 431 -39.77 -7.22 12.95
CA GLU C 431 -40.62 -6.31 13.69
C GLU C 431 -40.27 -6.37 15.18
N LYS C 432 -39.77 -5.26 15.70
CA LYS C 432 -39.41 -5.19 17.10
C LYS C 432 -39.44 -3.74 17.56
N SER C 433 -39.46 -3.51 18.86
CA SER C 433 -39.49 -2.15 19.38
C SER C 433 -38.18 -1.42 19.31
N LEU C 434 -38.20 -0.15 19.61
CA LEU C 434 -37.00 0.69 19.61
C LEU C 434 -35.83 0.29 20.50
N TYR C 435 -36.10 -0.35 21.62
CA TYR C 435 -35.09 -0.68 22.57
C TYR C 435 -34.44 -1.96 22.19
N GLU C 436 -35.18 -2.83 21.54
CA GLU C 436 -34.62 -4.11 21.11
C GLU C 436 -33.81 -3.95 19.83
N ASN C 437 -34.22 -3.01 19.01
CA ASN C 437 -33.58 -2.68 17.77
C ASN C 437 -32.20 -2.12 17.99
N LEU C 438 -32.08 -1.26 19.00
CA LEU C 438 -30.81 -0.66 19.40
C LEU C 438 -29.90 -1.68 20.06
N ILE C 439 -30.45 -2.52 20.93
CA ILE C 439 -29.62 -3.52 21.60
C ILE C 439 -29.12 -4.56 20.59
N GLN C 440 -29.93 -4.89 19.58
CA GLN C 440 -29.47 -5.80 18.54
C GLN C 440 -28.38 -5.17 17.69
N ILE C 441 -28.48 -3.87 17.41
CA ILE C 441 -27.43 -3.18 16.69
C ILE C 441 -26.13 -3.22 17.48
N CYS C 442 -26.22 -2.96 18.79
CA CYS C 442 -25.03 -3.01 19.65
C CYS C 442 -24.42 -4.40 19.66
N ALA C 443 -25.27 -5.44 19.77
CA ALA C 443 -24.77 -6.81 19.77
C ALA C 443 -24.11 -7.15 18.44
N GLU C 444 -24.69 -6.72 17.33
CA GLU C 444 -24.12 -6.98 16.01
C GLU C 444 -22.76 -6.31 15.86
N VAL C 445 -22.65 -5.07 16.35
CA VAL C 445 -21.36 -4.38 16.30
C VAL C 445 -20.33 -5.10 17.16
N SER C 446 -20.75 -5.55 18.35
CA SER C 446 -19.83 -6.26 19.24
C SER C 446 -19.41 -7.63 18.70
N THR C 447 -20.13 -8.15 17.71
CA THR C 447 -19.80 -9.47 17.16
C THR C 447 -18.58 -9.43 16.25
N MET C 448 -18.39 -8.33 15.51
CA MET C 448 -17.30 -8.24 14.55
C MET C 448 -15.95 -8.29 15.25
N THR C 449 -14.96 -8.84 14.55
CA THR C 449 -13.60 -8.92 15.06
C THR C 449 -12.83 -7.66 14.69
N ASP C 450 -11.57 -7.59 15.13
CA ASP C 450 -10.75 -6.42 14.84
C ASP C 450 -10.49 -6.29 13.34
N GLY C 451 -10.01 -7.37 12.71
CA GLY C 451 -9.71 -7.31 11.29
C GLY C 451 -10.94 -7.10 10.44
N LYS C 452 -12.05 -7.77 10.78
CA LYS C 452 -13.28 -7.59 10.03
C LYS C 452 -13.79 -6.16 10.14
N ALA C 453 -13.76 -5.60 11.34
CA ALA C 453 -14.20 -4.21 11.52
C ALA C 453 -13.31 -3.25 10.75
N LEU C 454 -11.99 -3.47 10.78
CA LEU C 454 -11.08 -2.60 10.06
C LEU C 454 -11.33 -2.68 8.55
N ARG C 455 -11.51 -3.89 8.02
CA ARG C 455 -11.77 -4.04 6.59
C ARG C 455 -13.10 -3.40 6.21
N ASN C 456 -14.13 -3.57 7.03
CA ASN C 456 -15.41 -2.96 6.74
C ASN C 456 -15.31 -1.44 6.77
N TYR C 457 -14.58 -0.89 7.73
CA TYR C 457 -14.40 0.56 7.80
C TYR C 457 -13.61 1.08 6.60
N LYS C 458 -12.61 0.33 6.15
CA LYS C 458 -11.85 0.78 4.99
C LYS C 458 -12.64 0.70 3.70
N LYS C 459 -13.47 -0.35 3.54
CA LYS C 459 -14.19 -0.53 2.28
C LYS C 459 -15.53 0.20 2.26
N ILE C 460 -16.02 0.68 3.41
CA ILE C 460 -17.15 1.60 3.38
C ILE C 460 -16.69 2.99 2.96
N LYS C 461 -15.42 3.33 3.22
CA LYS C 461 -14.84 4.60 2.82
C LYS C 461 -14.17 4.53 1.45
N GLY C 462 -14.23 3.38 0.78
CA GLY C 462 -13.59 3.24 -0.51
C GLY C 462 -12.09 3.13 -0.47
N LEU C 463 -11.52 2.73 0.67
CA LEU C 463 -10.07 2.64 0.82
C LEU C 463 -9.62 1.19 0.91
N ASN D 25 -0.21 -56.20 27.56
CA ASN D 25 -0.75 -55.98 28.89
C ASN D 25 -1.08 -54.50 29.08
N TRP D 26 -2.30 -54.22 29.55
CA TRP D 26 -2.73 -52.85 29.72
C TRP D 26 -2.08 -52.17 30.93
N GLU D 27 -1.53 -52.94 31.87
CA GLU D 27 -0.87 -52.34 33.02
C GLU D 27 0.44 -51.67 32.65
N HIS D 28 1.01 -52.03 31.49
CA HIS D 28 2.27 -51.48 31.03
C HIS D 28 2.11 -50.36 30.02
N LEU D 29 1.01 -50.34 29.27
CA LEU D 29 0.77 -49.26 28.32
C LEU D 29 0.43 -47.95 29.00
N LEU D 30 -0.15 -48.01 30.20
CA LEU D 30 -0.52 -46.82 30.95
C LEU D 30 0.61 -46.42 31.91
N SER D 31 1.76 -46.12 31.33
CA SER D 31 2.94 -45.74 32.09
C SER D 31 2.85 -44.29 32.54
N LEU D 32 3.34 -44.02 33.75
CA LEU D 32 3.30 -42.68 34.34
C LEU D 32 4.67 -42.04 34.50
N LYS D 33 5.75 -42.78 34.22
CA LYS D 33 7.08 -42.23 34.43
C LYS D 33 7.43 -41.22 33.34
N ARG D 34 8.32 -40.30 33.68
CA ARG D 34 8.79 -39.28 32.75
C ARG D 34 10.31 -39.30 32.68
N GLN D 35 10.85 -38.61 31.68
CA GLN D 35 12.27 -38.67 31.41
C GLN D 35 13.09 -38.15 32.58
N GLY D 36 14.16 -38.87 32.92
CA GLY D 36 15.01 -38.52 34.04
C GLY D 36 14.57 -39.06 35.38
N ASP D 37 13.50 -39.83 35.44
CA ASP D 37 13.01 -40.34 36.71
C ASP D 37 13.76 -41.61 37.10
N THR D 38 13.67 -41.95 38.38
CA THR D 38 14.28 -43.16 38.92
C THR D 38 13.34 -43.99 39.79
N ALA D 39 12.24 -43.44 40.26
CA ALA D 39 11.29 -44.17 41.08
C ALA D 39 10.31 -44.94 40.20
N LYS D 40 9.26 -45.49 40.80
CA LYS D 40 8.28 -46.28 40.05
C LYS D 40 7.10 -45.46 39.58
N ARG D 41 6.69 -44.45 40.35
CA ARG D 41 5.55 -43.59 40.02
C ARG D 41 4.28 -44.43 39.84
N LEU D 42 3.87 -45.08 40.93
CA LEU D 42 2.70 -45.93 40.90
C LEU D 42 1.42 -45.10 40.83
N ARG D 43 0.38 -45.70 40.27
CA ARG D 43 -0.91 -45.01 40.14
C ARG D 43 -1.59 -44.86 41.49
N ILE D 44 -1.51 -45.89 42.35
CA ILE D 44 -2.20 -45.87 43.63
C ILE D 44 -1.55 -44.96 44.65
N GLU D 45 -0.43 -44.32 44.31
CA GLU D 45 0.26 -43.40 45.21
C GLU D 45 0.26 -41.99 44.66
N GLN D 46 -0.88 -41.56 44.12
CA GLN D 46 -1.01 -40.24 43.52
C GLN D 46 -2.32 -39.59 43.95
N ASP D 47 -2.32 -38.26 43.98
CA ASP D 47 -3.53 -37.51 44.32
C ASP D 47 -4.42 -37.40 43.08
N ASP D 48 -5.71 -37.64 43.27
CA ASP D 48 -6.69 -37.55 42.20
C ASP D 48 -7.05 -36.12 41.83
N THR D 49 -6.58 -35.13 42.59
CA THR D 49 -6.87 -33.73 42.26
C THR D 49 -6.25 -33.34 40.93
N ARG D 50 -4.97 -33.63 40.78
CA ARG D 50 -4.25 -33.34 39.57
C ARG D 50 -3.52 -34.59 39.12
N LEU D 51 -4.10 -35.29 38.16
CA LEU D 51 -3.50 -36.51 37.64
C LEU D 51 -2.32 -36.17 36.74
N GLY D 52 -1.42 -37.15 36.58
CA GLY D 52 -0.24 -36.95 35.76
C GLY D 52 -0.56 -36.67 34.32
N PHE D 53 -1.62 -37.29 33.79
CA PHE D 53 -2.03 -37.03 32.42
C PHE D 53 -2.66 -35.65 32.27
N GLU D 54 -3.28 -35.12 33.33
CA GLU D 54 -3.82 -33.77 33.30
C GLU D 54 -2.71 -32.72 33.33
N VAL D 55 -1.60 -33.03 34.01
CA VAL D 55 -0.45 -32.13 34.00
C VAL D 55 0.09 -31.98 32.58
N ASP D 56 0.03 -33.05 31.79
CA ASP D 56 0.47 -32.96 30.40
C ASP D 56 -0.40 -31.98 29.62
N TYR D 57 -1.72 -32.04 29.81
CA TYR D 57 -2.62 -31.10 29.16
C TYR D 57 -2.33 -29.67 29.60
N ASP D 58 -2.11 -29.46 30.90
CA ASP D 58 -1.81 -28.13 31.39
C ASP D 58 -0.50 -27.60 30.82
N ARG D 59 0.52 -28.44 30.72
CA ARG D 59 1.81 -28.03 30.18
C ARG D 59 1.69 -27.70 28.69
N ILE D 60 0.94 -28.50 27.94
CA ILE D 60 0.78 -28.24 26.51
C ILE D 60 0.00 -26.95 26.29
N ILE D 61 -1.00 -26.68 27.14
CA ILE D 61 -1.81 -25.48 26.97
C ILE D 61 -0.94 -24.23 27.11
N PHE D 62 -0.05 -24.21 28.10
CA PHE D 62 0.76 -23.03 28.39
C PHE D 62 2.03 -22.94 27.55
N SER D 63 2.27 -23.90 26.67
CA SER D 63 3.50 -23.91 25.89
C SER D 63 3.43 -22.86 24.78
N ALA D 64 4.61 -22.48 24.29
CA ALA D 64 4.76 -21.50 23.22
C ALA D 64 4.50 -22.10 21.84
N PRO D 65 4.99 -23.31 21.52
CA PRO D 65 4.60 -23.91 20.23
C PRO D 65 3.10 -24.09 20.07
N PHE D 66 2.39 -24.41 21.16
CA PHE D 66 0.94 -24.51 21.09
C PHE D 66 0.30 -23.16 20.84
N ARG D 67 0.83 -22.10 21.45
CA ARG D 67 0.28 -20.77 21.27
C ARG D 67 0.56 -20.24 19.86
N SER D 68 1.66 -20.67 19.25
CA SER D 68 1.96 -20.27 17.88
C SER D 68 1.03 -20.92 16.86
N LEU D 69 0.23 -21.90 17.27
CA LEU D 69 -0.65 -22.59 16.33
C LEU D 69 -1.82 -21.73 15.88
N GLN D 70 -2.11 -20.63 16.58
CA GLN D 70 -3.24 -19.78 16.22
C GLN D 70 -3.02 -19.04 14.90
N ASP D 71 -1.81 -19.05 14.37
CA ASP D 71 -1.48 -18.31 13.15
C ASP D 71 -1.08 -19.23 12.01
N LYS D 72 -1.51 -20.49 12.04
CA LYS D 72 -1.10 -21.48 11.06
C LYS D 72 -2.32 -21.96 10.26
N THR D 73 -2.03 -22.49 9.08
CA THR D 73 -3.06 -22.80 8.10
C THR D 73 -3.65 -24.19 8.31
N GLN D 74 -4.98 -24.29 8.21
CA GLN D 74 -5.71 -25.53 8.17
C GLN D 74 -5.90 -25.92 6.66
N VAL D 75 -6.67 -25.14 5.88
CA VAL D 75 -6.95 -25.39 4.47
C VAL D 75 -6.66 -24.13 3.67
N ILE D 76 -7.28 -23.02 4.06
CA ILE D 76 -7.15 -21.75 3.34
C ILE D 76 -6.11 -20.91 4.07
N PRO D 77 -4.94 -20.66 3.47
CA PRO D 77 -3.92 -19.87 4.17
C PRO D 77 -4.31 -18.41 4.31
N LEU D 78 -3.75 -17.78 5.34
CA LEU D 78 -3.93 -16.35 5.60
C LEU D 78 -5.42 -16.00 5.73
N ASP D 82 -11.10 -14.62 9.95
CA ASP D 82 -12.32 -15.11 9.31
C ASP D 82 -12.96 -16.13 10.23
N PHE D 83 -14.03 -16.78 9.76
CA PHE D 83 -14.74 -17.79 10.51
C PHE D 83 -14.31 -19.21 10.14
N VAL D 84 -13.30 -19.31 9.27
CA VAL D 84 -12.71 -20.56 8.85
C VAL D 84 -11.69 -21.00 9.88
N HIS D 85 -11.64 -22.27 10.19
CA HIS D 85 -10.77 -22.81 11.21
C HIS D 85 -9.32 -22.70 10.97
N THR D 86 -8.59 -22.57 12.05
CA THR D 86 -7.17 -22.61 12.01
C THR D 86 -6.74 -23.90 12.69
N ARG D 87 -5.45 -23.99 12.91
CA ARG D 87 -4.76 -25.09 13.53
C ARG D 87 -5.01 -25.26 15.03
N LEU D 88 -5.46 -24.20 15.70
CA LEU D 88 -5.76 -24.28 17.13
C LEU D 88 -7.17 -24.80 17.38
N THR D 89 -8.16 -24.26 16.65
CA THR D 89 -9.53 -24.71 16.83
C THR D 89 -9.69 -26.18 16.42
N HIS D 90 -8.97 -26.53 15.37
CA HIS D 90 -8.98 -27.88 14.89
C HIS D 90 -8.52 -28.78 16.04
N SER D 91 -7.42 -28.41 16.67
CA SER D 91 -6.87 -29.18 17.77
C SER D 91 -7.84 -29.25 18.93
N LEU D 92 -8.48 -28.12 19.23
CA LEU D 92 -9.42 -28.07 20.33
C LEU D 92 -10.59 -29.00 20.09
N GLU D 93 -11.07 -29.05 18.85
CA GLU D 93 -12.17 -29.93 18.50
C GLU D 93 -11.74 -31.39 18.59
N VAL D 94 -10.53 -31.70 18.15
CA VAL D 94 -10.04 -33.08 18.20
C VAL D 94 -9.83 -33.51 19.64
N SER D 95 -9.35 -32.59 20.46
CA SER D 95 -9.08 -32.82 21.86
C SER D 95 -10.37 -33.20 22.57
N VAL D 96 -11.49 -32.74 22.05
CA VAL D 96 -12.79 -33.06 22.64
C VAL D 96 -13.33 -34.38 22.11
N VAL D 97 -13.41 -34.54 20.80
CA VAL D 97 -13.89 -35.78 20.24
C VAL D 97 -13.05 -36.96 20.75
N GLY D 98 -11.73 -36.91 20.63
CA GLY D 98 -10.91 -38.01 21.10
C GLY D 98 -11.05 -38.29 22.59
N ARG D 99 -11.27 -37.24 23.39
CA ARG D 99 -11.53 -37.43 24.81
C ARG D 99 -12.81 -38.23 25.02
N SER D 100 -13.86 -37.93 24.26
CA SER D 100 -15.15 -38.65 24.31
C SER D 100 -15.00 -40.10 23.85
N LEU D 101 -14.19 -40.34 22.83
CA LEU D 101 -13.90 -41.69 22.35
C LEU D 101 -13.12 -42.48 23.39
N GLY D 102 -12.05 -41.89 23.91
CA GLY D 102 -11.20 -42.57 24.87
C GLY D 102 -11.90 -42.86 26.19
N ARG D 103 -12.78 -41.96 26.62
CA ARG D 103 -13.51 -42.20 27.86
C ARG D 103 -14.48 -43.36 27.70
N MET D 104 -15.20 -43.42 26.57
CA MET D 104 -16.04 -44.59 26.32
C MET D 104 -15.20 -45.87 26.25
N VAL D 105 -14.06 -45.82 25.57
CA VAL D 105 -13.22 -46.99 25.41
C VAL D 105 -12.69 -47.46 26.76
N GLY D 106 -12.26 -46.53 27.60
CA GLY D 106 -11.77 -46.89 28.92
C GLY D 106 -12.87 -47.47 29.81
N LYS D 107 -14.06 -46.88 29.76
CA LYS D 107 -15.19 -47.45 30.48
C LYS D 107 -15.44 -48.89 30.06
N LYS D 108 -15.48 -49.19 28.77
CA LYS D 108 -15.71 -50.56 28.34
C LYS D 108 -14.59 -51.58 28.60
N LEU D 109 -13.36 -51.11 28.82
CA LEU D 109 -12.24 -52.00 29.07
C LEU D 109 -12.30 -52.39 30.52
N LEU D 110 -12.49 -51.39 31.37
CA LEU D 110 -12.62 -51.60 32.78
C LEU D 110 -13.82 -52.53 32.93
N GLU D 111 -14.92 -52.32 32.19
CA GLU D 111 -16.00 -53.30 32.31
C GLU D 111 -15.52 -54.69 31.94
N LYS D 112 -14.70 -54.81 30.88
CA LYS D 112 -14.17 -56.10 30.47
C LYS D 112 -13.14 -56.62 31.46
N TYR D 113 -12.19 -55.77 31.86
CA TYR D 113 -11.09 -56.19 32.73
C TYR D 113 -11.33 -55.64 34.13
N PRO D 114 -11.65 -56.48 35.11
CA PRO D 114 -11.93 -55.96 36.47
C PRO D 114 -10.69 -55.79 37.33
N HIS D 115 -9.59 -56.47 37.04
CA HIS D 115 -8.40 -56.39 37.89
C HIS D 115 -7.70 -55.04 37.78
N LEU D 116 -7.96 -54.28 36.71
CA LEU D 116 -7.31 -52.98 36.56
C LEU D 116 -7.80 -51.98 37.60
N GLU D 117 -9.08 -52.03 37.97
CA GLU D 117 -9.66 -51.11 38.94
C GLU D 117 -9.65 -51.67 40.36
N GLN D 118 -9.08 -52.84 40.57
CA GLN D 118 -9.04 -53.46 41.88
C GLN D 118 -7.65 -53.55 42.49
N VAL D 119 -6.61 -53.67 41.67
CA VAL D 119 -5.24 -53.77 42.16
C VAL D 119 -4.46 -52.48 41.90
N TYR D 120 -4.51 -51.96 40.69
CA TYR D 120 -3.76 -50.76 40.34
C TYR D 120 -4.54 -49.47 40.65
N GLY D 121 -5.85 -49.48 40.43
CA GLY D 121 -6.66 -48.31 40.73
C GLY D 121 -6.81 -47.35 39.58
N TYR D 122 -7.25 -47.84 38.43
CA TYR D 122 -7.47 -47.03 37.25
C TYR D 122 -8.95 -46.73 37.06
N LYS D 123 -9.22 -45.60 36.41
CA LYS D 123 -10.58 -45.14 36.17
C LYS D 123 -10.72 -44.76 34.69
N PHE D 124 -11.97 -44.64 34.24
CA PHE D 124 -12.21 -44.36 32.84
C PHE D 124 -11.78 -42.96 32.42
N ASN D 125 -11.58 -42.05 33.39
CA ASN D 125 -11.12 -40.71 33.05
C ASN D 125 -9.66 -40.72 32.60
N ASP D 126 -8.90 -41.74 32.99
CA ASP D 126 -7.49 -41.79 32.63
C ASP D 126 -7.33 -41.91 31.12
N PHE D 127 -8.09 -42.80 30.49
CA PHE D 127 -7.99 -42.98 29.04
C PHE D 127 -8.42 -41.72 28.31
N GLY D 128 -9.50 -41.09 28.75
CA GLY D 128 -9.94 -39.85 28.13
C GLY D 128 -8.90 -38.75 28.24
N ALA D 129 -8.27 -38.61 29.42
CA ALA D 129 -7.24 -37.61 29.59
C ALA D 129 -6.04 -37.89 28.70
N ILE D 130 -5.62 -39.16 28.60
CA ILE D 130 -4.48 -39.50 27.76
C ILE D 130 -4.77 -39.18 26.30
N VAL D 131 -5.96 -39.56 25.82
CA VAL D 131 -6.28 -39.34 24.42
C VAL D 131 -6.43 -37.85 24.14
N ALA D 132 -7.01 -37.09 25.08
CA ALA D 132 -7.13 -35.65 24.88
C ALA D 132 -5.76 -34.98 24.83
N ALA D 133 -4.85 -35.39 25.72
CA ALA D 133 -3.51 -34.82 25.70
C ALA D 133 -2.78 -35.16 24.41
N ALA D 134 -2.98 -36.37 23.89
CA ALA D 134 -2.34 -36.75 22.65
C ALA D 134 -2.97 -36.02 21.48
N ALA D 135 -4.28 -35.86 21.51
CA ALA D 135 -5.03 -35.17 20.47
C ALA D 135 -4.68 -33.70 20.34
N LEU D 136 -4.47 -33.03 21.46
CA LEU D 136 -4.15 -31.61 21.50
C LEU D 136 -2.83 -31.22 20.82
N ALA D 137 -1.79 -32.02 20.98
CA ALA D 137 -0.50 -31.71 20.39
C ALA D 137 -0.19 -32.56 19.17
N HIS D 138 -1.21 -33.13 18.53
CA HIS D 138 -1.00 -34.02 17.40
C HIS D 138 -0.61 -33.28 16.13
N ASP D 139 -0.79 -31.96 16.07
CA ASP D 139 -0.45 -31.15 14.91
C ASP D 139 0.36 -29.94 15.34
N ILE D 140 1.38 -30.15 16.16
CA ILE D 140 2.15 -29.05 16.75
C ILE D 140 3.44 -28.76 15.98
N GLY D 141 3.95 -29.70 15.20
CA GLY D 141 5.21 -29.50 14.52
C GLY D 141 5.10 -29.30 13.02
N ASN D 142 3.89 -29.11 12.53
CA ASN D 142 3.69 -28.96 11.10
C ASN D 142 4.24 -27.61 10.63
N PRO D 143 4.85 -27.56 9.45
CA PRO D 143 5.38 -26.30 8.94
C PRO D 143 4.26 -25.38 8.49
N PRO D 144 4.54 -24.07 8.37
CA PRO D 144 3.49 -23.14 7.93
C PRO D 144 3.05 -23.42 6.50
N PHE D 145 1.96 -22.75 6.12
CA PHE D 145 1.33 -22.86 4.81
C PHE D 145 0.77 -24.26 4.56
N GLY D 146 0.56 -25.04 5.62
CA GLY D 146 -0.17 -26.29 5.48
C GLY D 146 0.61 -27.33 4.70
N HIS D 147 -0.08 -27.92 3.72
CA HIS D 147 0.47 -29.08 3.00
C HIS D 147 1.67 -28.72 2.14
N SER D 148 1.72 -27.47 1.63
CA SER D 148 2.79 -27.09 0.72
C SER D 148 4.13 -26.89 1.41
N GLY D 149 4.13 -26.58 2.71
CA GLY D 149 5.39 -26.31 3.40
C GLY D 149 6.30 -27.52 3.46
N GLU D 150 5.74 -28.68 3.83
CA GLU D 150 6.55 -29.89 3.90
C GLU D 150 7.08 -30.29 2.52
N LYS D 151 6.26 -30.14 1.48
CA LYS D 151 6.72 -30.44 0.13
C LYS D 151 7.83 -29.49 -0.29
N ALA D 152 7.71 -28.20 0.04
CA ALA D 152 8.77 -27.26 -0.26
C ALA D 152 10.07 -27.62 0.45
N ILE D 153 9.97 -27.97 1.74
CA ILE D 153 11.17 -28.33 2.49
C ILE D 153 11.82 -29.58 1.90
N GLY D 154 11.00 -30.57 1.54
CA GLY D 154 11.55 -31.77 0.92
C GLY D 154 12.19 -31.52 -0.43
N GLU D 155 11.57 -30.67 -1.25
CA GLU D 155 12.10 -30.38 -2.57
C GLU D 155 13.33 -29.48 -2.53
N PHE D 156 13.52 -28.74 -1.44
CA PHE D 156 14.71 -27.90 -1.33
C PHE D 156 15.97 -28.73 -1.36
N PHE D 157 15.97 -29.88 -0.69
CA PHE D 157 17.14 -30.75 -0.64
C PHE D 157 17.22 -31.71 -1.82
N LYS D 158 16.27 -31.67 -2.75
CA LYS D 158 16.28 -32.54 -3.91
C LYS D 158 16.54 -31.79 -5.21
N ASN D 159 15.77 -30.74 -5.48
CA ASN D 159 15.93 -29.94 -6.69
C ASN D 159 16.35 -28.51 -6.36
N GLY D 160 17.12 -28.33 -5.29
CA GLY D 160 17.59 -27.02 -4.87
C GLY D 160 19.04 -27.07 -4.45
N TYR D 161 19.43 -26.08 -3.65
CA TYR D 161 20.82 -25.97 -3.23
C TYR D 161 21.17 -27.08 -2.23
N GLY D 162 20.16 -27.57 -1.49
CA GLY D 162 20.41 -28.59 -0.49
C GLY D 162 21.01 -29.87 -1.03
N LYS D 163 20.87 -30.12 -2.33
CA LYS D 163 21.49 -31.29 -2.94
C LYS D 163 23.01 -31.27 -2.80
N ARG D 164 23.56 -30.12 -2.45
CA ARG D 164 24.99 -30.03 -2.27
C ARG D 164 25.42 -30.83 -1.04
N TYR D 165 24.50 -31.01 -0.09
CA TYR D 165 24.78 -31.72 1.16
C TYR D 165 24.55 -33.22 1.06
N LYS D 166 24.22 -33.73 -0.13
CA LYS D 166 23.91 -35.15 -0.27
C LYS D 166 25.11 -36.03 0.04
N ASP D 167 26.30 -35.62 -0.40
CA ASP D 167 27.48 -36.48 -0.28
C ASP D 167 27.97 -36.58 1.16
N SER D 168 27.71 -35.58 1.98
CA SER D 168 28.26 -35.52 3.33
C SER D 168 27.38 -36.22 4.36
N LEU D 169 26.22 -36.74 3.97
CA LEU D 169 25.30 -37.37 4.90
C LEU D 169 25.05 -38.81 4.52
N THR D 170 24.69 -39.62 5.51
CA THR D 170 24.37 -41.02 5.27
C THR D 170 23.00 -41.13 4.60
N ALA D 171 22.63 -42.37 4.27
CA ALA D 171 21.37 -42.61 3.57
C ALA D 171 20.18 -42.23 4.43
N LYS D 172 20.20 -42.58 5.71
CA LYS D 172 19.04 -42.37 6.56
C LYS D 172 18.77 -40.90 6.83
N GLU D 173 19.84 -40.16 7.11
CA GLU D 173 19.77 -38.75 7.39
C GLU D 173 19.33 -37.96 6.19
N TYR D 174 19.78 -38.39 5.02
CA TYR D 174 19.40 -37.70 3.83
C TYR D 174 17.93 -37.98 3.54
N GLN D 175 17.46 -39.16 3.92
CA GLN D 175 16.07 -39.55 3.71
C GLN D 175 15.11 -38.67 4.49
N ASP D 176 15.49 -38.32 5.72
CA ASP D 176 14.69 -37.46 6.57
C ASP D 176 14.51 -36.13 5.87
N LEU D 177 15.63 -35.49 5.64
CA LEU D 177 15.71 -34.20 5.01
C LEU D 177 14.95 -34.16 3.71
N ILE D 178 15.07 -35.18 2.85
CA ILE D 178 14.32 -35.06 1.61
C ILE D 178 12.85 -35.43 1.76
N LYS D 179 12.48 -36.02 2.89
CA LYS D 179 11.11 -36.43 3.18
C LYS D 179 10.67 -35.87 4.53
N PHE D 180 10.86 -34.56 4.72
CA PHE D 180 10.53 -33.91 5.98
C PHE D 180 9.08 -34.19 6.38
N GLU D 181 8.87 -34.50 7.66
CA GLU D 181 7.57 -34.92 8.16
C GLU D 181 7.16 -34.04 9.33
N GLY D 182 5.84 -33.83 9.46
CA GLY D 182 5.34 -33.08 10.59
C GLY D 182 5.32 -33.85 11.89
N ASN D 183 5.12 -35.18 11.82
CA ASN D 183 5.07 -35.98 13.03
C ASN D 183 6.43 -36.02 13.74
N ALA D 184 7.51 -36.21 12.96
CA ALA D 184 8.84 -36.22 13.55
C ALA D 184 9.20 -34.86 14.15
N ASN D 185 8.83 -33.78 13.45
CA ASN D 185 9.09 -32.45 13.98
C ASN D 185 8.30 -32.20 15.26
N GLY D 186 7.05 -32.67 15.31
CA GLY D 186 6.26 -32.53 16.53
C GLY D 186 6.86 -33.30 17.70
N PHE D 187 7.32 -34.53 17.45
CA PHE D 187 7.98 -35.30 18.49
C PHE D 187 9.26 -34.61 18.96
N LYS D 188 10.02 -34.05 18.06
CA LYS D 188 11.22 -33.35 18.44
C LYS D 188 10.88 -32.12 19.25
N VAL D 189 9.86 -31.37 18.89
CA VAL D 189 9.47 -30.21 19.67
C VAL D 189 9.04 -30.63 21.06
N LEU D 190 8.26 -31.71 21.16
CA LEU D 190 7.79 -32.17 22.46
C LEU D 190 8.93 -32.68 23.34
N SER D 191 9.96 -33.27 22.74
CA SER D 191 11.06 -33.87 23.50
C SER D 191 12.39 -33.21 23.16
N GLN D 192 12.42 -31.87 23.13
CA GLN D 192 13.64 -31.13 22.83
C GLN D 192 14.34 -30.77 24.13
N SER D 193 15.60 -31.19 24.27
CA SER D 193 16.39 -30.89 25.44
C SER D 193 17.16 -29.59 25.25
N LYS D 194 17.16 -28.76 26.28
CA LYS D 194 17.83 -27.47 26.28
C LYS D 194 18.60 -27.32 27.58
N PRO D 195 19.65 -26.51 27.59
CA PRO D 195 20.40 -26.26 28.84
C PRO D 195 19.49 -25.70 29.91
N GLY D 196 19.33 -26.46 30.99
CA GLY D 196 18.47 -26.09 32.09
C GLY D 196 17.09 -26.73 32.05
N ALA D 197 16.66 -27.23 30.89
CA ALA D 197 15.37 -27.88 30.71
C ALA D 197 15.61 -29.20 29.98
N GLN D 198 15.80 -30.29 30.73
CA GLN D 198 16.06 -31.60 30.16
C GLN D 198 14.73 -32.31 29.94
N GLY D 199 14.49 -32.73 28.70
CA GLY D 199 13.26 -33.42 28.35
C GLY D 199 12.15 -32.56 27.79
N GLY D 200 12.39 -31.27 27.60
CA GLY D 200 11.34 -30.40 27.07
C GLY D 200 10.17 -30.30 28.03
N LEU D 201 8.97 -30.57 27.51
CA LEU D 201 7.78 -30.50 28.34
C LEU D 201 7.70 -31.63 29.35
N ARG D 202 8.47 -32.71 29.15
CA ARG D 202 8.52 -33.84 30.06
C ARG D 202 7.13 -34.45 30.26
N LEU D 203 6.56 -34.94 29.16
CA LEU D 203 5.25 -35.54 29.20
C LEU D 203 5.34 -37.01 29.62
N SER D 204 4.20 -37.56 30.00
CA SER D 204 4.13 -38.96 30.40
C SER D 204 4.39 -39.86 29.19
N TYR D 205 4.90 -41.06 29.48
CA TYR D 205 5.24 -41.99 28.40
C TYR D 205 4.00 -42.50 27.68
N ALA D 206 2.88 -42.64 28.40
CA ALA D 206 1.63 -43.05 27.74
C ALA D 206 1.18 -42.02 26.71
N THR D 207 1.29 -40.74 27.05
CA THR D 207 0.92 -39.69 26.11
C THR D 207 1.83 -39.70 24.88
N LEU D 208 3.13 -39.90 25.09
CA LEU D 208 4.06 -39.98 23.97
C LEU D 208 3.76 -41.18 23.08
N GLY D 209 3.45 -42.33 23.69
CA GLY D 209 3.11 -43.50 22.91
C GLY D 209 1.83 -43.32 22.11
N ALA D 210 0.82 -42.70 22.71
CA ALA D 210 -0.43 -42.42 21.99
C ALA D 210 -0.25 -41.37 20.91
N PHE D 211 0.70 -40.46 21.08
CA PHE D 211 0.95 -39.42 20.08
C PHE D 211 1.61 -39.98 18.83
N MET D 212 2.48 -40.98 18.98
CA MET D 212 3.22 -41.53 17.85
C MET D 212 2.29 -42.35 16.97
N LYS D 213 2.23 -42.01 15.68
CA LYS D 213 1.39 -42.72 14.73
C LYS D 213 2.17 -43.69 13.85
N TYR D 214 3.45 -43.42 13.61
CA TYR D 214 4.29 -44.24 12.72
C TYR D 214 5.55 -44.62 13.47
N PRO D 215 5.48 -45.65 14.32
CA PRO D 215 6.65 -46.05 15.13
C PRO D 215 7.69 -46.81 14.30
N LYS D 216 8.36 -46.09 13.41
CA LYS D 216 9.38 -46.68 12.56
C LYS D 216 10.31 -45.58 12.08
N GLU D 217 11.48 -46.00 11.58
CA GLU D 217 12.46 -45.07 11.02
C GLU D 217 12.07 -44.71 9.59
N SER D 218 12.89 -43.85 8.97
CA SER D 218 12.60 -43.39 7.62
C SER D 218 12.91 -44.42 6.55
N LEU D 219 13.70 -45.44 6.86
CA LEU D 219 14.04 -46.48 5.91
C LEU D 219 13.75 -47.85 6.52
N PRO D 220 13.28 -48.81 5.70
CA PRO D 220 13.00 -48.68 4.26
C PRO D 220 11.74 -47.87 3.96
N HIS D 221 11.65 -47.35 2.75
CA HIS D 221 10.54 -46.48 2.35
C HIS D 221 9.36 -47.33 1.91
N LYS D 222 8.31 -47.34 2.74
CA LYS D 222 7.06 -48.05 2.46
C LYS D 222 7.31 -49.53 2.18
N PRO D 223 7.70 -50.32 3.19
CA PRO D 223 8.00 -51.73 2.96
C PRO D 223 6.79 -52.62 2.80
N SER D 224 5.58 -52.11 3.04
CA SER D 224 4.37 -52.91 2.91
C SER D 224 3.18 -51.95 2.73
N ASP D 225 1.98 -52.52 2.74
CA ASP D 225 0.74 -51.75 2.61
C ASP D 225 0.09 -51.48 3.96
N HIS D 226 0.81 -51.67 5.06
CA HIS D 226 0.26 -51.45 6.38
C HIS D 226 -0.02 -49.96 6.60
N ILE D 227 -0.87 -49.67 7.59
CA ILE D 227 -1.24 -48.29 7.86
C ILE D 227 -0.17 -47.57 8.66
N ALA D 228 0.69 -48.30 9.36
CA ALA D 228 1.67 -47.70 10.27
C ALA D 228 3.06 -47.56 9.66
N ASP D 229 3.22 -47.91 8.38
CA ASP D 229 4.52 -47.80 7.73
C ASP D 229 4.47 -46.96 6.46
N LYS D 230 3.41 -46.17 6.27
CA LYS D 230 3.37 -45.25 5.15
C LYS D 230 4.44 -44.19 5.27
N LYS D 231 4.66 -43.66 6.49
CA LYS D 231 5.67 -42.66 6.74
C LYS D 231 6.44 -43.00 8.01
N TYR D 232 7.33 -42.12 8.45
CA TYR D 232 8.09 -42.33 9.68
C TYR D 232 7.68 -41.29 10.72
N GLY D 233 8.10 -41.53 11.96
CA GLY D 233 7.65 -40.73 13.07
C GLY D 233 8.71 -40.03 13.88
N PHE D 234 9.98 -40.35 13.66
CA PHE D 234 11.05 -39.74 14.44
C PHE D 234 12.31 -39.64 13.59
N PHE D 235 13.15 -38.66 13.93
CA PHE D 235 14.42 -38.46 13.26
C PHE D 235 15.48 -39.40 13.85
N GLN D 236 16.70 -39.30 13.32
CA GLN D 236 17.79 -40.10 13.84
C GLN D 236 18.30 -39.57 15.17
N SER D 237 18.16 -38.26 15.41
CA SER D 237 18.64 -37.66 16.63
C SER D 237 17.76 -37.99 17.84
N GLU D 238 16.58 -38.55 17.62
CA GLU D 238 15.67 -38.92 18.71
C GLU D 238 15.41 -40.43 18.76
N ARG D 239 16.32 -41.23 18.22
CA ARG D 239 16.12 -42.68 18.22
C ARG D 239 16.17 -43.25 19.63
N ALA D 240 17.12 -42.79 20.44
CA ALA D 240 17.28 -43.33 21.79
C ALA D 240 16.07 -43.04 22.67
N LEU D 241 15.52 -41.84 22.58
CA LEU D 241 14.37 -41.48 23.41
C LEU D 241 13.17 -42.35 23.08
N PHE D 242 12.89 -42.53 21.79
CA PHE D 242 11.74 -43.37 21.41
C PHE D 242 12.01 -44.84 21.71
N GLU D 243 13.26 -45.28 21.63
CA GLU D 243 13.59 -46.64 22.03
C GLU D 243 13.31 -46.86 23.51
N ASP D 244 13.68 -45.89 24.34
CA ASP D 244 13.39 -45.98 25.77
C ASP D 244 11.89 -46.00 26.03
N VAL D 245 11.15 -45.12 25.34
CA VAL D 245 9.70 -45.07 25.50
C VAL D 245 9.07 -46.41 25.11
N ALA D 246 9.52 -46.97 23.98
CA ALA D 246 8.95 -48.24 23.52
C ALA D 246 9.28 -49.38 24.47
N GLN D 247 10.51 -49.42 24.95
CA GLN D 247 10.92 -50.45 25.87
C GLN D 247 10.11 -50.40 27.14
N GLU D 248 9.85 -49.20 27.66
CA GLU D 248 9.06 -49.07 28.87
C GLU D 248 7.59 -49.44 28.62
N LEU D 249 7.01 -48.96 27.52
CA LEU D 249 5.60 -49.21 27.25
C LEU D 249 5.33 -50.68 26.99
N GLY D 250 6.23 -51.36 26.28
CA GLY D 250 6.06 -52.74 25.93
C GLY D 250 5.58 -52.99 24.52
N LEU D 251 5.84 -52.08 23.59
CA LEU D 251 5.40 -52.24 22.22
C LEU D 251 6.09 -53.44 21.58
N LEU D 252 5.33 -54.18 20.77
CA LEU D 252 5.83 -55.41 20.17
C LEU D 252 6.78 -55.10 19.03
N LYS D 253 7.94 -55.75 19.04
CA LYS D 253 8.95 -55.54 18.00
C LYS D 253 8.50 -56.22 16.72
N ARG D 254 8.69 -55.52 15.61
CA ARG D 254 8.30 -56.00 14.30
C ARG D 254 9.49 -56.26 13.39
N SER D 255 10.54 -55.50 13.55
CA SER D 255 11.75 -55.68 12.78
C SER D 255 12.96 -55.40 13.65
N ASP D 259 17.08 -52.04 11.35
CA ASP D 259 16.05 -51.03 11.40
C ASP D 259 15.06 -51.39 12.49
N VAL D 260 14.68 -50.41 13.30
CA VAL D 260 13.78 -50.62 14.42
C VAL D 260 12.37 -50.20 14.03
N SER D 261 11.38 -50.99 14.46
CA SER D 261 9.98 -50.70 14.20
C SER D 261 9.15 -51.38 15.27
N TRP D 262 8.05 -50.73 15.66
CA TRP D 262 7.17 -51.28 16.69
C TRP D 262 5.72 -51.31 16.23
N SER D 263 4.82 -51.63 17.14
CA SER D 263 3.39 -51.68 16.86
C SER D 263 2.69 -50.44 17.42
N ARG D 264 1.53 -50.14 16.84
CA ARG D 264 0.78 -48.94 17.22
C ARG D 264 0.13 -49.11 18.59
N HIS D 265 0.08 -48.01 19.34
CA HIS D 265 -0.74 -47.94 20.53
C HIS D 265 -2.22 -47.86 20.13
N PRO D 266 -3.10 -48.59 20.81
CA PRO D 266 -4.54 -48.45 20.52
C PRO D 266 -5.05 -47.04 20.71
N LEU D 267 -4.52 -46.31 21.70
CA LEU D 267 -4.90 -44.92 21.86
C LEU D 267 -4.48 -44.08 20.65
N ALA D 268 -3.41 -44.49 19.96
CA ALA D 268 -3.06 -43.84 18.71
C ALA D 268 -4.15 -44.08 17.66
N TYR D 269 -4.72 -45.28 17.63
CA TYR D 269 -5.86 -45.53 16.75
C TYR D 269 -7.03 -44.63 17.08
N LEU D 270 -7.31 -44.47 18.38
CA LEU D 270 -8.41 -43.59 18.79
C LEU D 270 -8.15 -42.14 18.37
N VAL D 271 -6.91 -41.67 18.55
CA VAL D 271 -6.56 -40.30 18.17
C VAL D 271 -6.71 -40.12 16.67
N GLU D 272 -6.25 -41.10 15.91
CA GLU D 272 -6.36 -41.06 14.48
C GLU D 272 -7.79 -41.02 13.99
N ALA D 273 -8.66 -41.82 14.59
CA ALA D 273 -10.08 -41.82 14.22
C ALA D 273 -10.73 -40.49 14.58
N ALA D 274 -10.43 -39.96 15.76
CA ALA D 274 -11.01 -38.69 16.17
C ALA D 274 -10.60 -37.57 15.22
N ASP D 275 -9.34 -37.46 14.89
CA ASP D 275 -8.75 -36.52 13.97
C ASP D 275 -9.27 -36.62 12.59
N ASP D 276 -9.59 -37.85 12.17
CA ASP D 276 -10.13 -38.14 10.85
C ASP D 276 -11.56 -37.62 10.74
N ILE D 277 -12.39 -37.97 11.72
CA ILE D 277 -13.77 -37.49 11.77
C ILE D 277 -13.78 -35.97 11.80
N CYS D 278 -12.93 -35.35 12.59
CA CYS D 278 -12.97 -33.88 12.61
C CYS D 278 -12.65 -33.21 11.29
N TYR D 279 -11.50 -33.45 10.68
CA TYR D 279 -11.22 -32.75 9.44
C TYR D 279 -12.20 -33.05 8.32
N THR D 280 -12.67 -34.28 8.22
CA THR D 280 -13.65 -34.64 7.22
C THR D 280 -14.94 -33.87 7.41
N ILE D 281 -15.41 -33.72 8.66
CA ILE D 281 -16.69 -33.03 8.81
C ILE D 281 -16.49 -31.52 8.85
N ILE D 282 -15.48 -31.04 9.57
CA ILE D 282 -15.28 -29.60 9.71
C ILE D 282 -14.88 -28.98 8.38
N ASP D 283 -14.09 -29.67 7.58
CA ASP D 283 -13.70 -29.13 6.29
C ASP D 283 -14.89 -29.10 5.37
N PHE D 284 -15.70 -30.14 5.44
CA PHE D 284 -16.91 -30.14 4.63
C PHE D 284 -17.79 -28.94 4.96
N GLU D 285 -18.07 -28.72 6.25
CA GLU D 285 -18.96 -27.61 6.59
C GLU D 285 -18.32 -26.26 6.30
N ASP D 286 -17.01 -26.13 6.48
CA ASP D 286 -16.32 -24.88 6.16
C ASP D 286 -16.42 -24.57 4.67
N GLY D 287 -16.25 -25.59 3.83
CA GLY D 287 -16.46 -25.39 2.40
C GLY D 287 -17.90 -25.02 2.08
N ILE D 288 -18.85 -25.58 2.82
CA ILE D 288 -20.26 -25.24 2.60
C ILE D 288 -20.52 -23.78 2.93
N ASN D 289 -20.03 -23.19 4.01
CA ASN D 289 -20.34 -21.76 4.30
C ASN D 289 -19.60 -20.69 3.54
N LEU D 290 -18.45 -20.99 3.02
CA LEU D 290 -17.63 -20.02 2.33
C LEU D 290 -18.01 -19.72 0.91
N GLY D 291 -18.95 -20.43 0.34
CA GLY D 291 -19.40 -20.07 -0.98
C GLY D 291 -18.94 -20.89 -2.13
N LEU D 292 -18.42 -22.07 -1.79
CA LEU D 292 -17.82 -23.00 -2.75
C LEU D 292 -18.59 -24.29 -2.89
N ILE D 293 -19.57 -24.53 -2.03
CA ILE D 293 -20.40 -25.73 -2.11
C ILE D 293 -21.83 -25.38 -1.74
N PRO D 294 -22.81 -25.79 -2.56
CA PRO D 294 -24.26 -25.59 -2.35
C PRO D 294 -24.88 -26.48 -1.26
N GLU D 295 -25.87 -25.98 -0.52
CA GLU D 295 -26.51 -26.72 0.57
C GLU D 295 -27.19 -27.99 0.07
N GLU D 296 -27.45 -28.10 -1.23
CA GLU D 296 -28.04 -29.32 -1.76
C GLU D 296 -27.12 -30.51 -1.54
N TYR D 297 -25.82 -30.33 -1.77
CA TYR D 297 -24.86 -31.38 -1.46
C TYR D 297 -24.78 -31.63 0.05
N ALA D 298 -24.96 -30.59 0.86
CA ALA D 298 -24.93 -30.75 2.30
C ALA D 298 -26.05 -31.68 2.77
N LEU D 299 -27.25 -31.47 2.22
CA LEU D 299 -28.38 -32.32 2.62
C LEU D 299 -28.32 -33.70 1.97
N GLU D 300 -27.88 -33.78 0.71
CA GLU D 300 -27.88 -35.07 0.01
C GLU D 300 -26.80 -35.99 0.53
N TYR D 301 -25.59 -35.47 0.72
CA TYR D 301 -24.46 -36.32 1.14
C TYR D 301 -24.55 -36.70 2.61
N MET D 302 -25.33 -35.97 3.41
CA MET D 302 -25.50 -36.26 4.84
C MET D 302 -26.97 -36.62 5.07
N VAL D 303 -27.29 -37.90 4.84
CA VAL D 303 -28.64 -38.40 5.05
C VAL D 303 -28.61 -39.63 5.96
N LYS D 304 -27.73 -40.59 5.63
CA LYS D 304 -27.62 -41.79 6.46
C LYS D 304 -26.90 -41.51 7.76
N LEU D 305 -25.96 -40.57 7.76
CA LEU D 305 -25.26 -40.21 8.99
C LEU D 305 -26.23 -39.61 10.01
N VAL D 306 -27.13 -38.75 9.56
CA VAL D 306 -28.06 -38.06 10.44
C VAL D 306 -29.47 -38.68 10.37
N GLY D 307 -29.57 -39.94 9.96
CA GLY D 307 -30.87 -40.54 9.71
C GLY D 307 -31.73 -40.73 10.94
N GLN D 308 -31.36 -41.66 11.82
CA GLN D 308 -32.15 -41.92 13.02
C GLN D 308 -31.63 -41.12 14.22
N THR D 309 -31.41 -39.82 14.01
CA THR D 309 -31.06 -38.93 15.10
C THR D 309 -31.64 -37.54 14.95
N ILE D 310 -32.44 -37.28 13.91
CA ILE D 310 -32.84 -35.92 13.55
C ILE D 310 -34.30 -35.70 13.89
N ASP D 311 -34.64 -34.44 14.16
CA ASP D 311 -36.03 -34.01 14.34
C ASP D 311 -36.36 -33.08 13.18
N ARG D 312 -37.29 -33.51 12.32
CA ARG D 312 -37.59 -32.76 11.11
C ARG D 312 -38.23 -31.41 11.43
N ASN D 313 -39.04 -31.34 12.47
CA ASN D 313 -39.68 -30.07 12.83
C ASN D 313 -38.64 -29.03 13.21
N LYS D 314 -37.67 -29.40 14.04
CA LYS D 314 -36.61 -28.48 14.43
C LYS D 314 -35.73 -28.12 13.24
N TYR D 315 -35.46 -29.09 12.37
CA TYR D 315 -34.63 -28.82 11.19
C TYR D 315 -35.31 -27.82 10.26
N ASN D 316 -36.61 -27.98 10.04
CA ASN D 316 -37.34 -27.08 9.16
C ASN D 316 -37.62 -25.73 9.81
N ALA D 317 -37.67 -25.67 11.15
CA ALA D 317 -37.93 -24.41 11.83
C ALA D 317 -36.78 -23.43 11.66
N LEU D 318 -35.56 -23.92 11.42
CA LEU D 318 -34.43 -23.04 11.23
C LEU D 318 -34.54 -22.28 9.92
N GLN D 319 -33.92 -21.10 9.88
CA GLN D 319 -33.95 -20.24 8.70
C GLN D 319 -32.59 -20.10 8.04
N GLU D 320 -31.56 -19.71 8.80
CA GLU D 320 -30.24 -19.57 8.23
C GLU D 320 -29.63 -20.93 7.95
N THR D 321 -28.77 -20.98 6.93
CA THR D 321 -28.13 -22.24 6.55
C THR D 321 -27.07 -22.66 7.57
N SER D 322 -26.46 -21.70 8.27
CA SER D 322 -25.40 -22.03 9.21
C SER D 322 -25.91 -22.91 10.34
N ASP D 323 -27.09 -22.61 10.87
CA ASP D 323 -27.64 -23.41 11.96
C ASP D 323 -27.94 -24.83 11.49
N ARG D 324 -28.50 -24.97 10.30
CA ARG D 324 -28.80 -26.30 9.76
C ARG D 324 -27.52 -27.11 9.56
N VAL D 325 -26.49 -26.47 9.01
CA VAL D 325 -25.21 -27.17 8.80
C VAL D 325 -24.60 -27.57 10.14
N SER D 326 -24.68 -26.69 11.14
CA SER D 326 -24.14 -27.01 12.46
C SER D 326 -24.89 -28.19 13.09
N TYR D 327 -26.20 -28.16 12.89
CA TYR D 327 -27.11 -29.17 13.39
C TYR D 327 -26.77 -30.55 12.81
N LEU D 328 -26.53 -30.62 11.51
CA LEU D 328 -26.13 -31.82 10.78
C LEU D 328 -24.74 -32.27 11.20
N ARG D 329 -23.84 -31.29 11.35
CA ARG D 329 -22.47 -31.54 11.76
C ARG D 329 -22.46 -32.12 13.16
N ALA D 330 -23.33 -31.62 14.02
CA ALA D 330 -23.46 -32.09 15.38
C ALA D 330 -23.94 -33.54 15.46
N LEU D 331 -24.86 -33.91 14.57
CA LEU D 331 -25.42 -35.25 14.54
C LEU D 331 -24.49 -36.28 13.90
N ALA D 332 -23.78 -35.87 12.85
CA ALA D 332 -22.81 -36.72 12.18
C ALA D 332 -21.63 -37.04 13.09
N ILE D 333 -21.16 -36.04 13.84
CA ILE D 333 -20.04 -36.27 14.76
C ILE D 333 -20.44 -37.27 15.84
N GLY D 334 -21.65 -37.13 16.39
CA GLY D 334 -22.08 -38.07 17.42
C GLY D 334 -22.18 -39.50 16.91
N THR D 335 -22.83 -39.67 15.74
CA THR D 335 -23.00 -41.02 15.21
C THR D 335 -21.66 -41.62 14.81
N LEU D 336 -20.75 -40.82 14.25
CA LEU D 336 -19.43 -41.33 13.89
C LEU D 336 -18.63 -41.71 15.13
N ILE D 337 -18.83 -41.01 16.23
CA ILE D 337 -18.12 -41.29 17.47
C ILE D 337 -18.59 -42.63 17.98
N ASN D 338 -19.88 -42.81 18.00
CA ASN D 338 -20.44 -44.08 18.49
C ASN D 338 -20.00 -45.25 17.61
N GLU D 339 -20.05 -45.07 16.28
CA GLU D 339 -19.65 -46.15 15.38
C GLU D 339 -18.17 -46.47 15.53
N SER D 340 -17.33 -45.46 15.71
CA SER D 340 -15.90 -45.69 15.89
C SER D 340 -15.63 -46.44 17.19
N VAL D 341 -16.34 -46.09 18.27
CA VAL D 341 -16.16 -46.82 19.51
C VAL D 341 -16.57 -48.28 19.35
N ASP D 342 -17.70 -48.52 18.67
CA ASP D 342 -18.13 -49.89 18.45
C ASP D 342 -17.11 -50.66 17.61
N THR D 343 -16.58 -50.03 16.56
CA THR D 343 -15.58 -50.69 15.72
C THR D 343 -14.32 -51.01 16.50
N PHE D 344 -13.87 -50.08 17.35
CA PHE D 344 -12.68 -50.34 18.15
C PHE D 344 -12.91 -51.50 19.11
N MET D 345 -14.09 -51.55 19.74
CA MET D 345 -14.35 -52.67 20.65
C MET D 345 -14.57 -53.99 19.91
N LYS D 346 -14.88 -53.93 18.61
CA LYS D 346 -15.02 -55.17 17.85
C LYS D 346 -13.69 -55.88 17.68
N TYR D 347 -12.63 -55.12 17.40
CA TYR D 347 -11.31 -55.66 17.07
C TYR D 347 -10.29 -55.40 18.17
N GLU D 348 -10.63 -55.65 19.40
CA GLU D 348 -9.72 -55.33 20.46
C GLU D 348 -8.58 -56.28 20.54
N GLU D 349 -8.83 -57.58 20.37
CA GLU D 349 -7.74 -58.54 20.42
C GLU D 349 -6.78 -58.37 19.24
N GLU D 350 -7.31 -58.16 18.04
CA GLU D 350 -6.46 -57.99 16.87
C GLU D 350 -5.59 -56.73 16.99
N ILE D 351 -6.19 -55.63 17.47
CA ILE D 351 -5.44 -54.39 17.62
C ILE D 351 -4.35 -54.55 18.67
N LEU D 352 -4.68 -55.18 19.81
CA LEU D 352 -3.68 -55.36 20.86
C LEU D 352 -2.58 -56.33 20.43
N ALA D 353 -2.91 -57.30 19.58
CA ALA D 353 -1.92 -58.24 19.09
C ALA D 353 -1.07 -57.67 17.96
N GLY D 354 -1.42 -56.51 17.43
CA GLY D 354 -0.64 -55.88 16.38
C GLY D 354 -0.89 -56.40 14.99
N THR D 355 -1.94 -57.21 14.78
CA THR D 355 -2.26 -57.72 13.46
C THR D 355 -3.23 -56.84 12.69
N PHE D 356 -3.80 -55.82 13.32
CA PHE D 356 -4.74 -54.94 12.63
C PHE D 356 -3.97 -54.04 11.66
N ASP D 357 -4.37 -54.08 10.38
CA ASP D 357 -3.62 -53.40 9.33
C ASP D 357 -4.36 -52.19 8.75
N GLN D 358 -5.50 -51.81 9.30
CA GLN D 358 -6.28 -50.70 8.76
C GLN D 358 -6.62 -49.73 9.89
N SER D 359 -7.37 -48.69 9.56
CA SER D 359 -7.83 -47.73 10.53
C SER D 359 -9.18 -48.17 11.11
N LEU D 360 -9.85 -47.28 11.83
CA LEU D 360 -11.20 -47.55 12.33
C LEU D 360 -12.28 -46.94 11.46
N ILE D 361 -11.99 -45.84 10.77
CA ILE D 361 -12.98 -45.22 9.89
C ILE D 361 -13.22 -46.09 8.66
N ASP D 362 -12.15 -46.63 8.06
CA ASP D 362 -12.29 -47.43 6.85
C ASP D 362 -12.98 -48.76 7.11
N LYS D 363 -13.12 -49.19 8.36
CA LYS D 363 -13.83 -50.41 8.71
C LYS D 363 -15.23 -50.10 9.24
N SER D 364 -15.82 -49.01 8.78
CA SER D 364 -17.14 -48.59 9.22
C SER D 364 -18.14 -48.73 8.09
N ASN D 365 -19.41 -48.84 8.46
CA ASN D 365 -20.48 -49.03 7.47
C ASN D 365 -20.59 -47.82 6.55
N TYR D 366 -20.47 -46.62 7.09
CA TYR D 366 -20.62 -45.39 6.32
C TYR D 366 -19.27 -45.02 5.71
N GLN D 367 -19.06 -45.41 4.47
CA GLN D 367 -17.83 -45.12 3.75
C GLN D 367 -18.07 -44.42 2.41
N ALA D 368 -19.14 -44.78 1.70
CA ALA D 368 -19.41 -44.15 0.42
C ALA D 368 -19.68 -42.66 0.58
N GLN D 369 -20.45 -42.28 1.61
CA GLN D 369 -20.70 -40.86 1.86
C GLN D 369 -19.42 -40.13 2.23
N ILE D 370 -18.58 -40.74 3.06
CA ILE D 370 -17.31 -40.13 3.45
C ILE D 370 -16.42 -39.94 2.23
N THR D 371 -16.35 -40.96 1.38
CA THR D 371 -15.54 -40.86 0.16
C THR D 371 -16.07 -39.77 -0.75
N ASP D 372 -17.39 -39.67 -0.90
CA ASP D 372 -17.97 -38.63 -1.73
C ASP D 372 -17.66 -37.24 -1.20
N ILE D 373 -17.76 -37.06 0.13
CA ILE D 373 -17.44 -35.78 0.74
C ILE D 373 -15.98 -35.41 0.51
N ILE D 374 -15.09 -36.39 0.70
CA ILE D 374 -13.65 -36.14 0.50
C ILE D 374 -13.37 -35.78 -0.95
N ASN D 375 -13.99 -36.50 -1.89
CA ASN D 375 -13.77 -36.21 -3.31
C ASN D 375 -14.28 -34.82 -3.67
N LEU D 376 -15.45 -34.44 -3.14
CA LEU D 376 -15.97 -33.11 -3.43
C LEU D 376 -15.07 -32.02 -2.85
N SER D 377 -14.56 -32.23 -1.63
CA SER D 377 -13.64 -31.27 -1.04
C SER D 377 -12.35 -31.15 -1.85
N ILE D 378 -11.83 -32.29 -2.33
CA ILE D 378 -10.64 -32.25 -3.18
C ILE D 378 -10.93 -31.51 -4.47
N GLU D 379 -12.11 -31.73 -5.05
CA GLU D 379 -12.43 -31.12 -6.34
C GLU D 379 -12.60 -29.61 -6.23
N ARG D 380 -13.31 -29.13 -5.21
CA ARG D 380 -13.72 -27.73 -5.19
C ARG D 380 -13.12 -26.89 -4.06
N ILE D 381 -12.55 -27.50 -3.04
CA ILE D 381 -11.94 -26.72 -1.96
C ILE D 381 -10.42 -26.64 -2.12
N TYR D 382 -9.77 -27.79 -2.36
CA TYR D 382 -8.32 -27.82 -2.43
C TYR D 382 -7.78 -27.35 -3.77
N ASN D 383 -8.64 -27.16 -4.78
CA ASN D 383 -8.20 -26.75 -6.11
C ASN D 383 -8.66 -25.34 -6.47
N SER D 384 -9.05 -24.55 -5.48
CA SER D 384 -9.44 -23.17 -5.73
C SER D 384 -8.22 -22.33 -6.09
N ARG D 385 -8.46 -21.26 -6.84
CA ARG D 385 -7.36 -20.43 -7.33
C ARG D 385 -6.59 -19.79 -6.19
N GLU D 386 -7.29 -19.30 -5.16
CA GLU D 386 -6.62 -18.66 -4.03
C GLU D 386 -5.71 -19.63 -3.30
N VAL D 387 -6.17 -20.87 -3.11
CA VAL D 387 -5.35 -21.88 -2.44
C VAL D 387 -4.08 -22.15 -3.22
N ILE D 388 -4.19 -22.28 -4.55
CA ILE D 388 -3.02 -22.55 -5.37
C ILE D 388 -2.04 -21.38 -5.32
N GLU D 389 -2.58 -20.15 -5.40
CA GLU D 389 -1.72 -18.97 -5.36
C GLU D 389 -0.97 -18.89 -4.03
N LYS D 390 -1.67 -19.12 -2.92
CA LYS D 390 -1.03 -19.06 -1.61
C LYS D 390 -0.01 -20.19 -1.44
N GLU D 391 -0.30 -21.37 -1.98
CA GLU D 391 0.66 -22.47 -1.92
C GLU D 391 1.92 -22.14 -2.71
N ILE D 392 1.77 -21.53 -3.89
CA ILE D 392 2.95 -21.14 -4.67
C ILE D 392 3.77 -20.09 -3.94
N ALA D 393 3.08 -19.11 -3.34
CA ALA D 393 3.79 -18.08 -2.58
C ALA D 393 4.55 -18.68 -1.41
N GLY D 394 3.92 -19.59 -0.67
CA GLY D 394 4.60 -20.24 0.44
C GLY D 394 5.78 -21.08 -0.03
N TYR D 395 5.61 -21.67 -1.21
CA TYR D 395 6.60 -22.50 -1.86
C TYR D 395 7.87 -21.73 -2.15
N GLU D 396 7.69 -20.51 -2.67
CA GLU D 396 8.80 -19.62 -2.98
C GLU D 396 9.43 -19.06 -1.71
N ILE D 397 8.60 -18.65 -0.75
CA ILE D 397 9.11 -18.02 0.47
C ILE D 397 9.97 -19.00 1.25
N LEU D 398 9.49 -20.24 1.44
CA LEU D 398 10.27 -21.25 2.13
C LEU D 398 11.55 -21.57 1.36
N SER D 399 11.49 -21.60 0.03
CA SER D 399 12.70 -21.87 -0.75
C SER D 399 13.77 -20.81 -0.49
N THR D 400 13.41 -19.53 -0.57
CA THR D 400 14.43 -18.49 -0.34
C THR D 400 14.91 -18.52 1.10
N LEU D 401 14.01 -18.74 2.06
CA LEU D 401 14.42 -18.76 3.46
C LEU D 401 15.42 -19.89 3.72
N LEU D 402 15.14 -21.08 3.18
CA LEU D 402 16.05 -22.21 3.37
C LEU D 402 17.39 -21.97 2.69
N GLU D 403 17.39 -21.43 1.47
CA GLU D 403 18.67 -21.20 0.80
C GLU D 403 19.47 -20.13 1.53
N ALA D 404 18.81 -19.09 2.05
CA ALA D 404 19.52 -18.07 2.82
C ALA D 404 20.11 -18.65 4.09
N ARG D 405 19.35 -19.50 4.80
CA ARG D 405 19.87 -20.11 6.02
C ARG D 405 21.06 -21.02 5.71
N CYS D 406 20.97 -21.81 4.64
CA CYS D 406 22.07 -22.70 4.28
C CYS D 406 23.31 -21.91 3.88
N ARG D 407 23.13 -20.84 3.11
CA ARG D 407 24.27 -20.01 2.73
C ARG D 407 24.90 -19.34 3.95
N ALA D 408 24.07 -18.91 4.90
CA ALA D 408 24.61 -18.34 6.13
C ALA D 408 25.38 -19.38 6.93
N LEU D 409 24.87 -20.62 6.97
CA LEU D 409 25.49 -21.65 7.79
C LEU D 409 26.83 -22.11 7.21
N ASP D 410 26.85 -22.36 5.90
CA ASP D 410 28.03 -22.83 5.16
C ASP D 410 29.35 -22.17 5.55
N ASN D 411 29.52 -20.89 5.19
CA ASN D 411 30.73 -20.14 5.50
C ASN D 411 30.40 -18.93 6.39
N ASN D 412 30.75 -19.02 7.67
CA ASN D 412 30.39 -17.97 8.61
C ASN D 412 31.53 -16.99 8.65
N ASP D 413 31.89 -16.50 7.48
CA ASP D 413 33.03 -15.58 7.38
C ASP D 413 32.63 -14.18 6.96
N THR D 414 31.80 -14.03 5.94
CA THR D 414 31.48 -12.73 5.39
C THR D 414 30.56 -11.95 6.33
N HIS D 415 30.54 -10.63 6.13
CA HIS D 415 29.71 -9.75 6.94
C HIS D 415 28.22 -10.00 6.71
N TYR D 416 27.83 -10.24 5.46
CA TYR D 416 26.42 -10.49 5.14
C TYR D 416 25.95 -11.78 5.83
N ASN D 417 26.80 -12.78 5.88
CA ASN D 417 26.44 -14.03 6.52
C ASN D 417 26.25 -13.83 7.99
N GLN D 418 27.12 -13.07 8.60
CA GLN D 418 26.96 -12.75 10.02
C GLN D 418 25.67 -11.97 10.27
N LEU D 419 25.33 -11.05 9.35
CA LEU D 419 24.08 -10.31 9.49
C LEU D 419 22.88 -11.25 9.43
N ILE D 420 22.89 -12.19 8.48
CA ILE D 420 21.79 -13.15 8.37
C ILE D 420 21.71 -14.01 9.63
N GLN D 421 22.85 -14.45 10.15
CA GLN D 421 22.86 -15.24 11.37
C GLN D 421 22.29 -14.45 12.55
N GLN D 422 22.66 -13.17 12.66
CA GLN D 422 22.14 -12.35 13.74
C GLN D 422 20.64 -12.11 13.60
N LEU D 423 20.14 -12.02 12.37
CA LEU D 423 18.72 -11.76 12.17
C LEU D 423 17.88 -13.03 12.34
N LEU D 424 18.15 -14.05 11.52
CA LEU D 424 17.28 -15.22 11.49
C LEU D 424 17.42 -16.07 12.75
N ALA D 425 18.65 -16.34 13.19
CA ALA D 425 18.91 -17.23 14.32
C ALA D 425 19.84 -16.54 15.30
N PRO D 426 19.32 -15.61 16.11
CA PRO D 426 20.16 -14.90 17.06
C PRO D 426 20.47 -15.66 18.34
N ASN D 427 19.94 -16.87 18.51
CA ASN D 427 20.14 -17.64 19.73
C ASN D 427 21.20 -18.72 19.59
N GLU D 431 28.17 -25.63 18.84
CA GLU D 431 28.98 -26.65 18.19
C GLU D 431 28.17 -27.93 18.01
N LYS D 432 27.93 -28.29 16.76
CA LYS D 432 27.16 -29.48 16.46
C LYS D 432 27.53 -29.97 15.07
N SER D 433 27.19 -31.20 14.74
CA SER D 433 27.51 -31.77 13.44
C SER D 433 26.63 -31.27 12.33
N LEU D 434 26.99 -31.61 11.11
CA LEU D 434 26.23 -31.22 9.93
C LEU D 434 24.75 -31.63 9.83
N TYR D 435 24.39 -32.77 10.42
CA TYR D 435 23.08 -33.30 10.31
C TYR D 435 22.20 -32.68 11.34
N GLU D 436 22.76 -32.28 12.45
CA GLU D 436 21.99 -31.64 13.51
C GLU D 436 21.76 -30.16 13.19
N ASN D 437 22.72 -29.58 12.51
CA ASN D 437 22.68 -28.20 12.09
C ASN D 437 21.59 -27.95 11.09
N LEU D 438 21.44 -28.89 10.16
CA LEU D 438 20.41 -28.84 9.14
C LEU D 438 19.02 -29.12 9.74
N ILE D 439 18.93 -30.10 10.63
CA ILE D 439 17.64 -30.40 11.24
C ILE D 439 17.18 -29.24 12.13
N GLN D 440 18.12 -28.56 12.79
CA GLN D 440 17.75 -27.39 13.59
C GLN D 440 17.29 -26.24 12.71
N ILE D 441 17.92 -26.07 11.54
CA ILE D 441 17.48 -25.05 10.59
C ILE D 441 16.04 -25.35 10.14
N CYS D 442 15.78 -26.62 9.82
CA CYS D 442 14.44 -27.00 9.39
C CYS D 442 13.42 -26.76 10.50
N ALA D 443 13.77 -27.12 11.74
CA ALA D 443 12.86 -26.89 12.86
C ALA D 443 12.61 -25.41 13.08
N GLU D 444 13.65 -24.58 12.96
CA GLU D 444 13.48 -23.14 13.13
C GLU D 444 12.58 -22.55 12.05
N VAL D 445 12.75 -23.01 10.81
CA VAL D 445 11.86 -22.55 9.74
C VAL D 445 10.42 -22.98 10.00
N SER D 446 10.23 -24.22 10.46
CA SER D 446 8.89 -24.72 10.74
C SER D 446 8.24 -24.02 11.93
N THR D 447 9.02 -23.32 12.75
CA THR D 447 8.47 -22.64 13.92
C THR D 447 7.72 -21.37 13.55
N MET D 448 8.17 -20.66 12.53
CA MET D 448 7.56 -19.38 12.16
C MET D 448 6.12 -19.56 11.70
N THR D 449 5.31 -18.55 11.93
CA THR D 449 3.91 -18.55 11.52
C THR D 449 3.80 -17.98 10.11
N ASP D 450 2.57 -17.98 9.58
CA ASP D 450 2.34 -17.46 8.23
C ASP D 450 2.66 -15.97 8.15
N GLY D 451 2.08 -15.18 9.06
CA GLY D 451 2.31 -13.74 9.02
C GLY D 451 3.75 -13.37 9.31
N LYS D 452 4.37 -14.05 10.28
CA LYS D 452 5.77 -13.78 10.59
C LYS D 452 6.68 -14.10 9.40
N ALA D 453 6.44 -15.25 8.77
CA ALA D 453 7.24 -15.62 7.60
C ALA D 453 7.05 -14.63 6.46
N LEU D 454 5.80 -14.20 6.22
CA LEU D 454 5.55 -13.23 5.16
C LEU D 454 6.24 -11.90 5.44
N ARG D 455 6.16 -11.43 6.69
CA ARG D 455 6.82 -10.17 7.04
C ARG D 455 8.33 -10.28 6.91
N ASN D 456 8.89 -11.40 7.35
CA ASN D 456 10.33 -11.60 7.22
C ASN D 456 10.76 -11.64 5.76
N TYR D 457 9.97 -12.31 4.91
CA TYR D 457 10.30 -12.37 3.49
C TYR D 457 10.20 -10.99 2.85
N LYS D 458 9.20 -10.20 3.25
CA LYS D 458 9.07 -8.86 2.67
C LYS D 458 10.18 -7.93 3.13
N LYS D 459 10.59 -8.02 4.40
CA LYS D 459 11.58 -7.08 4.91
C LYS D 459 13.02 -7.55 4.69
N ILE D 460 13.22 -8.81 4.30
CA ILE D 460 14.55 -9.20 3.81
C ILE D 460 14.75 -8.71 2.39
N LYS D 461 13.67 -8.54 1.63
CA LYS D 461 13.73 -8.00 0.28
C LYS D 461 13.58 -6.48 0.23
N GLY D 462 13.46 -5.83 1.38
CA GLY D 462 13.29 -4.40 1.40
C GLY D 462 11.91 -3.92 1.00
N LEU D 463 10.90 -4.78 1.10
CA LEU D 463 9.55 -4.42 0.69
C LEU D 463 8.62 -4.30 1.90
N ASN E 25 -45.18 11.99 -41.61
CA ASN E 25 -44.55 11.83 -42.92
C ASN E 25 -43.09 11.47 -42.75
N TRP E 26 -42.65 10.43 -43.47
CA TRP E 26 -41.27 9.97 -43.34
C TRP E 26 -40.28 10.90 -44.03
N GLU E 27 -40.74 11.76 -44.95
CA GLU E 27 -39.84 12.69 -45.63
C GLU E 27 -39.34 13.78 -44.69
N HIS E 28 -40.04 14.00 -43.58
CA HIS E 28 -39.68 15.03 -42.61
C HIS E 28 -38.92 14.50 -41.41
N LEU E 29 -39.10 13.22 -41.06
CA LEU E 29 -38.35 12.64 -39.95
C LEU E 29 -36.89 12.41 -40.29
N LEU E 30 -36.58 12.23 -41.57
CA LEU E 30 -35.20 12.00 -42.01
C LEU E 30 -34.55 13.33 -42.42
N SER E 31 -34.47 14.24 -41.45
CA SER E 31 -33.91 15.56 -41.68
C SER E 31 -32.38 15.51 -41.69
N LEU E 32 -31.77 16.30 -42.56
CA LEU E 32 -30.32 16.34 -42.71
C LEU E 32 -29.70 17.65 -42.25
N LYS E 33 -30.50 18.65 -41.89
CA LYS E 33 -29.93 19.95 -41.51
C LYS E 33 -29.31 19.88 -40.12
N ARG E 34 -28.35 20.76 -39.88
CA ARG E 34 -27.68 20.86 -38.60
C ARG E 34 -27.75 22.29 -38.09
N GLN E 35 -27.40 22.46 -36.81
CA GLN E 35 -27.58 23.75 -36.15
C GLN E 35 -26.74 24.83 -36.82
N GLY E 36 -27.35 26.00 -37.02
CA GLY E 36 -26.69 27.12 -37.66
C GLY E 36 -26.78 27.14 -39.17
N ASP E 37 -27.48 26.18 -39.78
CA ASP E 37 -27.59 26.13 -41.22
C ASP E 37 -28.69 27.05 -41.73
N THR E 38 -28.62 27.37 -43.03
CA THR E 38 -29.62 28.20 -43.68
C THR E 38 -30.13 27.62 -44.99
N ALA E 39 -29.44 26.65 -45.59
CA ALA E 39 -29.87 26.05 -46.84
C ALA E 39 -30.85 24.91 -46.55
N LYS E 40 -31.17 24.13 -47.59
CA LYS E 40 -32.12 23.04 -47.44
C LYS E 40 -31.46 21.70 -47.13
N ARG E 41 -30.26 21.47 -47.65
CA ARG E 41 -29.51 20.22 -47.45
C ARG E 41 -30.33 19.02 -47.92
N LEU E 42 -30.63 19.00 -49.21
CA LEU E 42 -31.42 17.94 -49.79
C LEU E 42 -30.62 16.64 -49.87
N ARG E 43 -31.34 15.52 -49.86
CA ARG E 43 -30.70 14.21 -49.93
C ARG E 43 -30.13 13.95 -51.32
N ILE E 44 -30.85 14.36 -52.37
CA ILE E 44 -30.43 14.08 -53.74
C ILE E 44 -29.26 14.94 -54.20
N GLU E 45 -28.77 15.84 -53.36
CA GLU E 45 -27.65 16.71 -53.68
C GLU E 45 -26.47 16.43 -52.78
N GLN E 46 -26.20 15.15 -52.51
CA GLN E 46 -25.13 14.77 -51.61
C GLN E 46 -24.35 13.59 -52.21
N ASP E 47 -23.07 13.51 -51.85
CA ASP E 47 -22.23 12.40 -52.28
C ASP E 47 -22.47 11.19 -51.41
N ASP E 48 -22.61 10.02 -52.04
CA ASP E 48 -22.84 8.77 -51.34
C ASP E 48 -21.58 8.21 -50.70
N THR E 49 -20.42 8.81 -50.94
CA THR E 49 -19.18 8.34 -50.33
C THR E 49 -19.22 8.50 -48.82
N ARG E 50 -19.57 9.71 -48.38
CA ARG E 50 -19.67 10.02 -46.98
C ARG E 50 -21.02 10.66 -46.73
N LEU E 51 -21.96 9.88 -46.23
CA LEU E 51 -23.28 10.39 -45.94
C LEU E 51 -23.28 11.23 -44.66
N GLY E 52 -24.27 12.11 -44.54
CA GLY E 52 -24.36 12.97 -43.38
C GLY E 52 -24.52 12.22 -42.08
N PHE E 53 -25.25 11.11 -42.11
CA PHE E 53 -25.41 10.29 -40.91
C PHE E 53 -24.13 9.54 -40.56
N GLU E 54 -23.29 9.24 -41.55
CA GLU E 54 -21.99 8.61 -41.29
C GLU E 54 -21.00 9.60 -40.69
N VAL E 55 -21.11 10.88 -41.05
CA VAL E 55 -20.29 11.91 -40.42
C VAL E 55 -20.59 11.99 -38.93
N ASP E 56 -21.85 11.78 -38.54
CA ASP E 56 -22.18 11.78 -37.13
C ASP E 56 -21.47 10.65 -36.40
N TYR E 57 -21.45 9.45 -36.99
CA TYR E 57 -20.72 8.34 -36.40
C TYR E 57 -19.24 8.65 -36.28
N ASP E 58 -18.65 9.22 -37.33
CA ASP E 58 -17.23 9.56 -37.30
C ASP E 58 -16.93 10.59 -36.22
N ARG E 59 -17.79 11.60 -36.08
CA ARG E 59 -17.59 12.63 -35.06
C ARG E 59 -17.72 12.07 -33.66
N ILE E 60 -18.70 11.19 -33.44
CA ILE E 60 -18.88 10.59 -32.12
C ILE E 60 -17.70 9.70 -31.77
N ILE E 61 -17.16 8.97 -32.76
CA ILE E 61 -16.05 8.07 -32.50
C ILE E 61 -14.83 8.83 -32.00
N PHE E 62 -14.53 9.97 -32.62
CA PHE E 62 -13.34 10.74 -32.30
C PHE E 62 -13.54 11.70 -31.12
N SER E 63 -14.73 11.75 -30.53
CA SER E 63 -15.00 12.68 -29.45
C SER E 63 -14.34 12.22 -28.16
N ALA E 64 -14.14 13.17 -27.25
CA ALA E 64 -13.53 12.92 -25.94
C ALA E 64 -14.52 12.31 -24.95
N PRO E 65 -15.78 12.78 -24.87
CA PRO E 65 -16.74 12.08 -23.99
C PRO E 65 -16.92 10.61 -24.36
N PHE E 66 -16.88 10.28 -25.65
CA PHE E 66 -16.96 8.88 -26.06
C PHE E 66 -15.74 8.10 -25.62
N ARG E 67 -14.56 8.71 -25.70
CA ARG E 67 -13.33 8.03 -25.31
C ARG E 67 -13.25 7.85 -23.80
N SER E 68 -13.88 8.75 -23.04
CA SER E 68 -13.92 8.60 -21.59
C SER E 68 -14.82 7.46 -21.14
N LEU E 69 -15.62 6.88 -22.04
CA LEU E 69 -16.55 5.82 -21.65
C LEU E 69 -15.83 4.51 -21.34
N GLN E 70 -14.57 4.36 -21.75
CA GLN E 70 -13.85 3.12 -21.52
C GLN E 70 -13.55 2.89 -20.04
N ASP E 71 -13.75 3.88 -19.18
CA ASP E 71 -13.41 3.78 -17.77
C ASP E 71 -14.64 3.89 -16.88
N LYS E 72 -15.82 3.58 -17.41
CA LYS E 72 -17.07 3.75 -16.69
C LYS E 72 -17.75 2.41 -16.48
N THR E 73 -18.61 2.36 -15.47
CA THR E 73 -19.19 1.12 -14.98
C THR E 73 -20.44 0.72 -15.77
N GLN E 74 -20.53 -0.56 -16.11
CA GLN E 74 -21.70 -1.19 -16.65
C GLN E 74 -22.54 -1.78 -15.46
N VAL E 75 -22.01 -2.81 -14.76
CA VAL E 75 -22.66 -3.47 -13.64
C VAL E 75 -21.72 -3.52 -12.45
N ILE E 76 -20.53 -4.08 -12.66
CA ILE E 76 -19.54 -4.26 -11.61
C ILE E 76 -18.54 -3.12 -11.70
N PRO E 77 -18.51 -2.20 -10.74
CA PRO E 77 -17.57 -1.07 -10.82
C PRO E 77 -16.13 -1.51 -10.64
N LEU E 78 -15.22 -0.71 -11.20
CA LEU E 78 -13.78 -0.92 -11.09
C LEU E 78 -13.37 -2.32 -11.55
N ASP E 82 -10.67 -6.60 -16.68
CA ASP E 82 -11.30 -7.91 -16.62
C ASP E 82 -11.98 -8.18 -17.95
N PHE E 83 -12.72 -9.28 -18.03
CA PHE E 83 -13.44 -9.66 -19.22
C PHE E 83 -14.92 -9.26 -19.19
N VAL E 84 -15.29 -8.55 -18.12
CA VAL E 84 -16.63 -8.02 -17.92
C VAL E 84 -16.75 -6.70 -18.68
N HIS E 85 -17.88 -6.48 -19.32
CA HIS E 85 -18.10 -5.32 -20.13
C HIS E 85 -18.10 -4.01 -19.45
N THR E 86 -17.66 -3.01 -20.18
CA THR E 86 -17.73 -1.66 -19.72
C THR E 86 -18.76 -0.95 -20.58
N ARG E 87 -18.82 0.34 -20.42
CA ARG E 87 -19.69 1.27 -21.10
C ARG E 87 -19.39 1.47 -22.58
N LEU E 88 -18.17 1.17 -23.01
CA LEU E 88 -17.81 1.31 -24.42
C LEU E 88 -18.19 0.08 -25.23
N THR E 89 -17.88 -1.12 -24.71
CA THR E 89 -18.24 -2.34 -25.42
C THR E 89 -19.74 -2.50 -25.53
N HIS E 90 -20.42 -2.11 -24.47
CA HIS E 90 -21.84 -2.15 -24.43
C HIS E 90 -22.37 -1.31 -25.60
N SER E 91 -21.84 -0.10 -25.72
CA SER E 91 -22.26 0.79 -26.79
C SER E 91 -21.95 0.22 -28.15
N LEU E 92 -20.78 -0.38 -28.29
CA LEU E 92 -20.37 -0.97 -29.56
C LEU E 92 -21.31 -2.08 -29.96
N GLU E 93 -21.71 -2.91 -29.00
CA GLU E 93 -22.64 -3.99 -29.26
C GLU E 93 -24.01 -3.45 -29.66
N VAL E 94 -24.47 -2.40 -28.98
CA VAL E 94 -25.77 -1.82 -29.29
C VAL E 94 -25.76 -1.16 -30.65
N SER E 95 -24.64 -0.52 -30.97
CA SER E 95 -24.44 0.15 -32.24
C SER E 95 -24.56 -0.83 -33.38
N VAL E 96 -24.25 -2.10 -33.10
CA VAL E 96 -24.35 -3.13 -34.13
C VAL E 96 -25.77 -3.70 -34.21
N VAL E 97 -26.30 -4.16 -33.09
CA VAL E 97 -27.65 -4.68 -33.10
C VAL E 97 -28.64 -3.65 -33.65
N GLY E 98 -28.65 -2.43 -33.13
CA GLY E 98 -29.57 -1.42 -33.63
C GLY E 98 -29.39 -1.12 -35.10
N ARG E 99 -28.14 -1.16 -35.59
CA ARG E 99 -27.90 -0.98 -37.01
C ARG E 99 -28.56 -2.07 -37.82
N SER E 100 -28.49 -3.32 -37.36
CA SER E 100 -29.12 -4.48 -38.00
C SER E 100 -30.65 -4.37 -37.98
N LEU E 101 -31.20 -3.88 -36.87
CA LEU E 101 -32.64 -3.65 -36.75
C LEU E 101 -33.10 -2.54 -37.69
N GLY E 102 -32.39 -1.41 -37.66
CA GLY E 102 -32.77 -0.27 -38.48
C GLY E 102 -32.63 -0.53 -39.96
N ARG E 103 -31.62 -1.30 -40.36
CA ARG E 103 -31.46 -1.61 -41.78
C ARG E 103 -32.60 -2.51 -42.27
N MET E 104 -32.98 -3.51 -41.48
CA MET E 104 -34.16 -4.31 -41.85
C MET E 104 -35.41 -3.44 -41.92
N VAL E 105 -35.59 -2.56 -40.94
CA VAL E 105 -36.78 -1.71 -40.88
C VAL E 105 -36.83 -0.78 -42.09
N GLY E 106 -35.69 -0.19 -42.44
CA GLY E 106 -35.66 0.69 -43.60
C GLY E 106 -35.91 -0.05 -44.90
N LYS E 107 -35.34 -1.24 -45.05
CA LYS E 107 -35.64 -2.07 -46.21
C LYS E 107 -37.14 -2.32 -46.33
N LYS E 108 -37.80 -2.72 -45.27
CA LYS E 108 -39.24 -2.96 -45.34
C LYS E 108 -40.16 -1.75 -45.54
N LEU E 109 -39.67 -0.56 -45.23
CA LEU E 109 -40.46 0.66 -45.38
C LEU E 109 -40.39 1.06 -46.82
N LEU E 110 -39.18 1.05 -47.36
CA LEU E 110 -38.96 1.36 -48.75
C LEU E 110 -39.77 0.33 -49.51
N GLU E 111 -39.77 -0.96 -49.12
CA GLU E 111 -40.64 -1.89 -49.84
C GLU E 111 -42.09 -1.42 -49.77
N LYS E 112 -42.54 -0.95 -48.59
CA LYS E 112 -43.91 -0.47 -48.45
C LYS E 112 -44.13 0.84 -49.18
N TYR E 113 -43.22 1.80 -49.00
CA TYR E 113 -43.37 3.13 -49.58
C TYR E 113 -42.42 3.28 -50.76
N PRO E 114 -42.92 3.33 -52.01
CA PRO E 114 -42.01 3.42 -53.15
C PRO E 114 -41.60 4.85 -53.52
N HIS E 115 -42.37 5.86 -53.12
CA HIS E 115 -42.06 7.23 -53.51
C HIS E 115 -40.82 7.77 -52.80
N LEU E 116 -40.41 7.15 -51.69
CA LEU E 116 -39.23 7.63 -50.97
C LEU E 116 -37.95 7.40 -51.76
N GLU E 117 -37.87 6.29 -52.50
CA GLU E 117 -36.68 5.96 -53.28
C GLU E 117 -36.78 6.42 -54.73
N GLN E 118 -37.86 7.12 -55.10
CA GLN E 118 -38.06 7.58 -56.46
C GLN E 118 -37.97 9.10 -56.61
N VAL E 119 -38.36 9.85 -55.59
CA VAL E 119 -38.34 11.31 -55.64
C VAL E 119 -37.21 11.89 -54.80
N TYR E 120 -37.07 11.44 -53.56
CA TYR E 120 -36.05 11.96 -52.67
C TYR E 120 -34.72 11.23 -52.79
N GLY E 121 -34.76 9.92 -52.99
CA GLY E 121 -33.54 9.15 -53.17
C GLY E 121 -32.97 8.59 -51.89
N TYR E 122 -33.78 7.86 -51.13
CA TYR E 122 -33.35 7.26 -49.88
C TYR E 122 -33.09 5.77 -50.08
N LYS E 123 -32.20 5.24 -49.24
CA LYS E 123 -31.82 3.83 -49.29
C LYS E 123 -31.90 3.24 -47.89
N PHE E 124 -31.89 1.91 -47.81
CA PHE E 124 -32.04 1.23 -46.52
C PHE E 124 -30.84 1.44 -45.62
N ASN E 125 -29.68 1.83 -46.16
CA ASN E 125 -28.52 2.08 -45.32
C ASN E 125 -28.71 3.33 -44.47
N ASP E 126 -29.57 4.25 -44.90
CA ASP E 126 -29.77 5.49 -44.16
C ASP E 126 -30.33 5.22 -42.78
N PHE E 127 -31.36 4.37 -42.69
CA PHE E 127 -31.98 4.05 -41.41
C PHE E 127 -30.97 3.34 -40.49
N GLY E 128 -30.22 2.39 -41.05
CA GLY E 128 -29.22 1.70 -40.26
C GLY E 128 -28.16 2.64 -39.71
N ALA E 129 -27.69 3.56 -40.55
CA ALA E 129 -26.70 4.54 -40.10
C ALA E 129 -27.27 5.44 -39.00
N ILE E 130 -28.51 5.89 -39.17
CA ILE E 130 -29.12 6.76 -38.16
C ILE E 130 -29.24 6.03 -36.83
N VAL E 131 -29.74 4.79 -36.87
CA VAL E 131 -29.94 4.05 -35.63
C VAL E 131 -28.60 3.71 -34.98
N ALA E 132 -27.58 3.39 -35.78
CA ALA E 132 -26.27 3.11 -35.23
C ALA E 132 -25.67 4.35 -34.57
N ALA E 133 -25.80 5.51 -35.21
CA ALA E 133 -25.29 6.75 -34.62
C ALA E 133 -26.04 7.08 -33.33
N ALA E 134 -27.33 6.83 -33.28
CA ALA E 134 -28.09 7.10 -32.07
C ALA E 134 -27.73 6.11 -30.98
N ALA E 135 -27.54 4.85 -31.37
CA ALA E 135 -27.19 3.78 -30.44
C ALA E 135 -25.82 3.96 -29.79
N LEU E 136 -24.87 4.45 -30.54
CA LEU E 136 -23.50 4.67 -30.06
C LEU E 136 -23.37 5.69 -28.93
N ALA E 137 -24.10 6.79 -29.00
CA ALA E 137 -24.01 7.82 -27.98
C ALA E 137 -25.20 7.82 -27.04
N HIS E 138 -25.92 6.70 -26.94
CA HIS E 138 -27.11 6.64 -26.10
C HIS E 138 -26.79 6.58 -24.61
N ASP E 139 -25.55 6.29 -24.23
CA ASP E 139 -25.14 6.21 -22.83
C ASP E 139 -23.87 7.02 -22.61
N ILE E 140 -23.85 8.26 -23.13
CA ILE E 140 -22.64 9.08 -23.09
C ILE E 140 -22.62 10.06 -21.93
N GLY E 141 -23.76 10.39 -21.35
CA GLY E 141 -23.80 11.37 -20.28
C GLY E 141 -24.07 10.82 -18.90
N ASN E 142 -24.01 9.50 -18.77
CA ASN E 142 -24.28 8.87 -17.48
C ASN E 142 -23.16 9.17 -16.49
N PRO E 143 -23.49 9.39 -15.22
CA PRO E 143 -22.45 9.65 -14.22
C PRO E 143 -21.67 8.40 -13.89
N PRO E 144 -20.48 8.53 -13.31
CA PRO E 144 -19.70 7.34 -12.96
C PRO E 144 -20.39 6.51 -11.87
N PHE E 145 -19.84 5.31 -11.66
CA PHE E 145 -20.34 4.33 -10.70
C PHE E 145 -21.73 3.82 -11.05
N GLY E 146 -22.15 3.99 -12.31
CA GLY E 146 -23.37 3.36 -12.77
C GLY E 146 -24.61 3.93 -12.13
N HIS E 147 -25.47 3.04 -11.61
CA HIS E 147 -26.79 3.43 -11.15
C HIS E 147 -26.73 4.29 -9.89
N SER E 148 -25.70 4.11 -9.06
CA SER E 148 -25.63 4.82 -7.79
C SER E 148 -25.26 6.29 -7.96
N GLY E 149 -24.57 6.65 -9.04
CA GLY E 149 -24.13 8.03 -9.21
C GLY E 149 -25.28 9.01 -9.35
N GLU E 150 -26.27 8.68 -10.19
CA GLU E 150 -27.42 9.56 -10.36
C GLU E 150 -28.23 9.68 -9.07
N LYS E 151 -28.38 8.58 -8.33
CA LYS E 151 -29.09 8.63 -7.05
C LYS E 151 -28.34 9.51 -6.05
N ALA E 152 -27.01 9.40 -6.02
CA ALA E 152 -26.22 10.26 -5.14
C ALA E 152 -26.37 11.73 -5.50
N ILE E 153 -26.32 12.04 -6.80
CA ILE E 153 -26.46 13.43 -7.23
C ILE E 153 -27.84 13.96 -6.86
N GLY E 154 -28.88 13.15 -7.08
CA GLY E 154 -30.22 13.58 -6.71
C GLY E 154 -30.39 13.77 -5.21
N GLU E 155 -29.83 12.87 -4.41
CA GLU E 155 -29.97 12.96 -2.96
C GLU E 155 -29.12 14.08 -2.37
N PHE E 156 -28.09 14.53 -3.07
CA PHE E 156 -27.27 15.64 -2.56
C PHE E 156 -28.10 16.90 -2.40
N PHE E 157 -29.00 17.18 -3.34
CA PHE E 157 -29.83 18.37 -3.30
C PHE E 157 -31.11 18.17 -2.49
N LYS E 158 -31.33 16.99 -1.92
CA LYS E 158 -32.51 16.71 -1.12
C LYS E 158 -32.20 16.52 0.36
N ASN E 159 -31.26 15.63 0.68
CA ASN E 159 -30.87 15.37 2.06
C ASN E 159 -29.41 15.77 2.32
N GLY E 160 -28.94 16.81 1.62
CA GLY E 160 -27.58 17.28 1.76
C GLY E 160 -27.53 18.79 1.81
N TYR E 161 -26.34 19.32 1.51
CA TYR E 161 -26.15 20.77 1.57
C TYR E 161 -26.90 21.47 0.45
N GLY E 162 -27.13 20.77 -0.67
CA GLY E 162 -27.80 21.37 -1.82
C GLY E 162 -29.20 21.87 -1.52
N LYS E 163 -29.82 21.37 -0.45
CA LYS E 163 -31.14 21.87 -0.07
C LYS E 163 -31.11 23.35 0.28
N ARG E 164 -29.93 23.91 0.46
CA ARG E 164 -29.81 25.32 0.76
C ARG E 164 -30.21 26.15 -0.46
N TYR E 165 -30.07 25.56 -1.65
CA TYR E 165 -30.37 26.25 -2.90
C TYR E 165 -31.83 26.10 -3.33
N LYS E 166 -32.67 25.48 -2.50
CA LYS E 166 -34.06 25.24 -2.88
C LYS E 166 -34.83 26.54 -3.05
N ASP E 167 -34.60 27.52 -2.18
CA ASP E 167 -35.41 28.73 -2.18
C ASP E 167 -35.09 29.65 -3.37
N SER E 168 -33.86 29.56 -3.90
CA SER E 168 -33.42 30.48 -4.94
C SER E 168 -33.75 30.00 -6.34
N LEU E 169 -34.34 28.82 -6.49
CA LEU E 169 -34.64 28.25 -7.80
C LEU E 169 -36.13 28.01 -7.95
N THR E 170 -36.59 28.02 -9.20
CA THR E 170 -37.99 27.74 -9.50
C THR E 170 -38.27 26.25 -9.34
N ALA E 171 -39.54 25.88 -9.51
CA ALA E 171 -39.95 24.49 -9.32
C ALA E 171 -39.31 23.58 -10.36
N LYS E 172 -39.25 24.01 -11.62
CA LYS E 172 -38.77 23.13 -12.68
C LYS E 172 -37.28 22.86 -12.57
N GLU E 173 -36.51 23.90 -12.28
CA GLU E 173 -35.07 23.81 -12.15
C GLU E 173 -34.69 22.99 -10.95
N TYR E 174 -35.46 23.10 -9.89
CA TYR E 174 -35.15 22.34 -8.71
C TYR E 174 -35.48 20.86 -8.97
N GLN E 175 -36.48 20.63 -9.81
CA GLN E 175 -36.88 19.27 -10.16
C GLN E 175 -35.77 18.52 -10.90
N ASP E 176 -35.09 19.22 -11.80
CA ASP E 176 -34.00 18.63 -12.55
C ASP E 176 -32.93 18.16 -11.58
N LEU E 177 -32.42 19.12 -10.84
CA LEU E 177 -31.38 18.93 -9.87
C LEU E 177 -31.73 17.80 -8.91
N ILE E 178 -32.97 17.75 -8.40
CA ILE E 178 -33.19 16.65 -7.46
C ILE E 178 -33.48 15.34 -8.15
N LYS E 179 -33.69 15.35 -9.46
CA LYS E 179 -33.96 14.16 -10.26
C LYS E 179 -33.01 14.11 -11.45
N PHE E 180 -31.71 14.23 -11.19
CA PHE E 180 -30.71 14.25 -12.24
C PHE E 180 -30.81 13.00 -13.11
N GLU E 181 -30.72 13.20 -14.42
CA GLU E 181 -30.94 12.14 -15.40
C GLU E 181 -29.74 12.03 -16.31
N GLY E 182 -29.48 10.80 -16.78
CA GLY E 182 -28.40 10.60 -17.73
C GLY E 182 -28.75 11.01 -19.14
N ASN E 183 -30.02 10.90 -19.53
CA ASN E 183 -30.43 11.28 -20.89
C ASN E 183 -30.27 12.77 -21.11
N ALA E 184 -30.71 13.58 -20.16
CA ALA E 184 -30.58 15.03 -20.28
C ALA E 184 -29.11 15.45 -20.32
N ASN E 185 -28.28 14.82 -19.48
CA ASN E 185 -26.86 15.12 -19.49
C ASN E 185 -26.22 14.73 -20.82
N GLY E 186 -26.62 13.59 -21.38
CA GLY E 186 -26.10 13.19 -22.68
C GLY E 186 -26.49 14.16 -23.78
N PHE E 187 -27.74 14.61 -23.77
CA PHE E 187 -28.18 15.60 -24.75
C PHE E 187 -27.41 16.91 -24.58
N LYS E 188 -27.17 17.33 -23.38
CA LYS E 188 -26.41 18.53 -23.15
C LYS E 188 -25.00 18.36 -23.63
N VAL E 189 -24.36 17.23 -23.38
CA VAL E 189 -23.00 17.00 -23.87
C VAL E 189 -22.98 17.03 -25.40
N LEU E 190 -23.96 16.40 -26.03
CA LEU E 190 -24.00 16.37 -27.49
C LEU E 190 -24.24 17.75 -28.08
N SER E 191 -25.00 18.59 -27.40
CA SER E 191 -25.37 19.90 -27.94
C SER E 191 -24.87 21.03 -27.03
N GLN E 192 -23.60 20.96 -26.61
CA GLN E 192 -23.02 21.97 -25.74
C GLN E 192 -22.29 23.00 -26.59
N SER E 193 -22.68 24.26 -26.46
CA SER E 193 -22.06 25.35 -27.21
C SER E 193 -20.90 25.93 -26.41
N LYS E 194 -19.79 26.17 -27.11
CA LYS E 194 -18.58 26.71 -26.53
C LYS E 194 -18.06 27.82 -27.43
N PRO E 195 -17.30 28.76 -26.88
CA PRO E 195 -16.71 29.83 -27.71
C PRO E 195 -15.82 29.25 -28.79
N GLY E 196 -16.22 29.46 -30.05
CA GLY E 196 -15.51 28.93 -31.19
C GLY E 196 -16.11 27.66 -31.76
N ALA E 197 -16.93 26.94 -30.98
CA ALA E 197 -17.58 25.71 -31.42
C ALA E 197 -19.06 25.81 -31.06
N GLN E 198 -19.86 26.29 -32.00
CA GLN E 198 -21.29 26.46 -31.79
C GLN E 198 -22.02 25.19 -32.20
N GLY E 199 -22.78 24.62 -31.27
CA GLY E 199 -23.52 23.40 -31.53
C GLY E 199 -22.86 22.12 -31.10
N GLY E 200 -21.68 22.19 -30.49
CA GLY E 200 -20.99 20.98 -30.07
C GLY E 200 -20.58 20.13 -31.26
N LEU E 201 -20.96 18.86 -31.23
CA LEU E 201 -20.62 17.96 -32.33
C LEU E 201 -21.40 18.26 -33.60
N ARG E 202 -22.49 19.02 -33.50
CA ARG E 202 -23.31 19.42 -34.64
C ARG E 202 -23.79 18.19 -35.42
N LEU E 203 -24.58 17.36 -34.74
CA LEU E 203 -25.12 16.17 -35.36
C LEU E 203 -26.39 16.49 -36.14
N SER E 204 -26.77 15.55 -37.00
CA SER E 204 -27.99 15.70 -37.79
C SER E 204 -29.22 15.66 -36.89
N TYR E 205 -30.29 16.32 -37.34
CA TYR E 205 -31.51 16.39 -36.53
C TYR E 205 -32.18 15.04 -36.41
N ALA E 206 -32.07 14.19 -37.44
CA ALA E 206 -32.63 12.85 -37.34
C ALA E 206 -31.96 12.03 -36.24
N THR E 207 -30.63 12.13 -36.14
CA THR E 207 -29.91 11.43 -35.07
C THR E 207 -30.32 11.94 -33.70
N LEU E 208 -30.47 13.26 -33.56
CA LEU E 208 -30.90 13.82 -32.28
C LEU E 208 -32.31 13.36 -31.92
N GLY E 209 -33.21 13.32 -32.91
CA GLY E 209 -34.56 12.85 -32.65
C GLY E 209 -34.61 11.39 -32.26
N ALA E 210 -33.80 10.55 -32.93
CA ALA E 210 -33.74 9.14 -32.57
C ALA E 210 -33.07 8.92 -31.22
N PHE E 211 -32.16 9.81 -30.82
CA PHE E 211 -31.49 9.67 -29.54
C PHE E 211 -32.41 9.98 -28.36
N MET E 212 -33.34 10.92 -28.54
CA MET E 212 -34.21 11.34 -27.44
C MET E 212 -35.24 10.25 -27.18
N LYS E 213 -35.31 9.79 -25.93
CA LYS E 213 -36.25 8.76 -25.52
C LYS E 213 -37.46 9.31 -24.78
N TYR E 214 -37.31 10.43 -24.08
CA TYR E 214 -38.38 11.03 -23.28
C TYR E 214 -38.53 12.48 -23.69
N PRO E 215 -39.25 12.74 -24.79
CA PRO E 215 -39.41 14.13 -25.27
C PRO E 215 -40.41 14.93 -24.44
N LYS E 216 -40.01 15.24 -23.21
CA LYS E 216 -40.85 16.02 -22.30
C LYS E 216 -39.97 16.68 -21.26
N GLU E 217 -40.54 17.68 -20.58
CA GLU E 217 -39.85 18.38 -19.51
C GLU E 217 -39.92 17.56 -18.22
N SER E 218 -39.32 18.10 -17.16
CA SER E 218 -39.28 17.39 -15.89
C SER E 218 -40.60 17.45 -15.13
N LEU E 219 -41.49 18.37 -15.47
CA LEU E 219 -42.78 18.49 -14.80
C LEU E 219 -43.89 18.49 -15.84
N PRO E 220 -45.04 17.86 -15.54
CA PRO E 220 -45.35 17.17 -14.28
C PRO E 220 -44.65 15.81 -14.15
N HIS E 221 -44.52 15.33 -12.92
CA HIS E 221 -43.78 14.10 -12.64
C HIS E 221 -44.70 12.90 -12.85
N LYS E 222 -44.44 12.14 -13.93
CA LYS E 222 -45.17 10.92 -14.26
C LYS E 222 -46.67 11.20 -14.36
N PRO E 223 -47.12 11.91 -15.40
CA PRO E 223 -48.55 12.23 -15.51
C PRO E 223 -49.42 11.10 -15.99
N SER E 224 -48.84 9.98 -16.43
CA SER E 224 -49.61 8.85 -16.91
C SER E 224 -48.73 7.60 -16.82
N ASP E 225 -49.23 6.49 -17.36
CA ASP E 225 -48.51 5.23 -17.40
C ASP E 225 -47.83 4.97 -18.73
N HIS E 226 -47.70 6.00 -19.57
CA HIS E 226 -47.07 5.85 -20.88
C HIS E 226 -45.59 5.54 -20.72
N ILE E 227 -45.00 5.00 -21.78
CA ILE E 227 -43.59 4.62 -21.73
C ILE E 227 -42.67 5.83 -21.92
N ALA E 228 -43.18 6.91 -22.51
CA ALA E 228 -42.36 8.07 -22.86
C ALA E 228 -42.43 9.20 -21.84
N ASP E 229 -43.17 9.01 -20.74
CA ASP E 229 -43.29 10.05 -19.72
C ASP E 229 -42.86 9.57 -18.35
N LYS E 230 -42.15 8.44 -18.26
CA LYS E 230 -41.60 7.99 -16.99
C LYS E 230 -40.58 8.98 -16.46
N LYS E 231 -39.72 9.51 -17.35
CA LYS E 231 -38.70 10.47 -16.96
C LYS E 231 -38.66 11.60 -18.00
N TYR E 232 -37.71 12.53 -17.86
CA TYR E 232 -37.56 13.61 -18.81
C TYR E 232 -36.24 13.47 -19.55
N GLY E 233 -36.11 14.25 -20.63
CA GLY E 233 -34.99 14.08 -21.53
C GLY E 233 -34.09 15.29 -21.75
N PHE E 234 -34.50 16.46 -21.25
CA PHE E 234 -33.70 17.66 -21.45
C PHE E 234 -33.89 18.61 -20.28
N PHE E 235 -32.87 19.43 -20.05
CA PHE E 235 -32.91 20.43 -18.99
C PHE E 235 -33.65 21.68 -19.48
N GLN E 236 -33.75 22.67 -18.61
CA GLN E 236 -34.38 23.94 -18.99
C GLN E 236 -33.47 24.77 -19.88
N SER E 237 -32.16 24.61 -19.75
CA SER E 237 -31.22 25.39 -20.54
C SER E 237 -31.15 24.92 -21.99
N GLU E 238 -31.73 23.78 -22.32
CA GLU E 238 -31.73 23.26 -23.69
C GLU E 238 -33.14 23.13 -24.25
N ARG E 239 -34.09 23.90 -23.73
CA ARG E 239 -35.48 23.81 -24.22
C ARG E 239 -35.59 24.31 -25.65
N ALA E 240 -34.92 25.43 -25.97
CA ALA E 240 -35.04 26.02 -27.30
C ALA E 240 -34.47 25.10 -28.38
N LEU E 241 -33.33 24.46 -28.10
CA LEU E 241 -32.72 23.59 -29.10
C LEU E 241 -33.62 22.40 -29.42
N PHE E 242 -34.19 21.77 -28.39
CA PHE E 242 -35.07 20.64 -28.64
C PHE E 242 -36.38 21.09 -29.27
N GLU E 243 -36.86 22.28 -28.94
CA GLU E 243 -38.05 22.81 -29.60
C GLU E 243 -37.79 22.99 -31.10
N ASP E 244 -36.62 23.53 -31.46
CA ASP E 244 -36.27 23.68 -32.87
C ASP E 244 -36.18 22.32 -33.55
N VAL E 245 -35.53 21.35 -32.89
CA VAL E 245 -35.41 20.02 -33.46
C VAL E 245 -36.78 19.40 -33.70
N ALA E 246 -37.68 19.53 -32.70
CA ALA E 246 -39.01 18.94 -32.82
C ALA E 246 -39.83 19.63 -33.92
N GLN E 247 -39.74 20.94 -34.00
CA GLN E 247 -40.45 21.67 -35.01
C GLN E 247 -40.00 21.28 -36.40
N GLU E 248 -38.69 21.09 -36.60
CA GLU E 248 -38.17 20.67 -37.89
C GLU E 248 -38.58 19.24 -38.21
N LEU E 249 -38.44 18.33 -37.25
CA LEU E 249 -38.74 16.92 -37.51
C LEU E 249 -40.22 16.70 -37.78
N GLY E 250 -41.09 17.40 -37.07
CA GLY E 250 -42.52 17.23 -37.21
C GLY E 250 -43.17 16.38 -36.16
N LEU E 251 -42.58 16.28 -34.96
CA LEU E 251 -43.15 15.46 -33.91
C LEU E 251 -44.50 16.02 -33.47
N LEU E 252 -45.42 15.12 -33.18
CA LEU E 252 -46.79 15.52 -32.85
C LEU E 252 -46.86 16.07 -31.43
N LYS E 253 -47.50 17.21 -31.29
CA LYS E 253 -47.65 17.85 -29.98
C LYS E 253 -48.66 17.10 -29.14
N ARG E 254 -48.34 16.90 -27.88
CA ARG E 254 -49.18 16.18 -26.95
C ARG E 254 -49.74 17.05 -25.85
N SER E 255 -48.97 18.05 -25.45
CA SER E 255 -49.41 18.99 -24.44
C SER E 255 -48.91 20.38 -24.79
N ASP E 259 -46.49 23.39 -20.46
CA ASP E 259 -45.49 22.34 -20.51
C ASP E 259 -45.49 21.74 -21.91
N VAL E 260 -44.30 21.54 -22.46
CA VAL E 260 -44.14 21.04 -23.83
C VAL E 260 -43.83 19.55 -23.78
N SER E 261 -44.43 18.80 -24.69
CA SER E 261 -44.20 17.37 -24.80
C SER E 261 -44.51 16.93 -26.22
N TRP E 262 -43.75 15.95 -26.71
CA TRP E 262 -43.94 15.46 -28.08
C TRP E 262 -44.07 13.94 -28.10
N SER E 263 -44.08 13.37 -29.30
CA SER E 263 -44.18 11.93 -29.49
C SER E 263 -42.82 11.34 -29.84
N ARG E 264 -42.67 10.05 -29.58
CA ARG E 264 -41.42 9.37 -29.80
C ARG E 264 -41.14 9.16 -31.29
N HIS E 265 -39.87 9.24 -31.65
CA HIS E 265 -39.43 8.81 -32.97
C HIS E 265 -39.45 7.28 -33.03
N PRO E 266 -39.91 6.69 -34.14
CA PRO E 266 -39.84 5.23 -34.25
C PRO E 266 -38.42 4.68 -34.16
N LEU E 267 -37.45 5.43 -34.68
CA LEU E 267 -36.05 5.02 -34.53
C LEU E 267 -35.64 5.01 -33.07
N ALA E 268 -36.26 5.85 -32.24
CA ALA E 268 -36.02 5.76 -30.80
C ALA E 268 -36.54 4.44 -30.26
N TYR E 269 -37.69 3.97 -30.76
CA TYR E 269 -38.17 2.64 -30.37
C TYR E 269 -37.18 1.56 -30.77
N LEU E 270 -36.62 1.66 -31.98
CA LEU E 270 -35.64 0.67 -32.42
C LEU E 270 -34.40 0.69 -31.53
N VAL E 271 -33.92 1.88 -31.20
CA VAL E 271 -32.74 2.01 -30.34
C VAL E 271 -33.02 1.42 -28.96
N GLU E 272 -34.19 1.71 -28.43
CA GLU E 272 -34.59 1.18 -27.15
C GLU E 272 -34.66 -0.34 -27.13
N ALA E 273 -35.23 -0.93 -28.17
CA ALA E 273 -35.31 -2.39 -28.27
C ALA E 273 -33.92 -3.01 -28.39
N ALA E 274 -33.07 -2.41 -29.22
CA ALA E 274 -31.71 -2.93 -29.39
C ALA E 274 -30.95 -2.92 -28.07
N ASP E 275 -30.97 -1.80 -27.37
CA ASP E 275 -30.36 -1.58 -26.07
C ASP E 275 -30.87 -2.47 -25.01
N ASP E 276 -32.16 -2.81 -25.10
CA ASP E 276 -32.82 -3.69 -24.14
C ASP E 276 -32.33 -5.12 -24.32
N ILE E 277 -32.35 -5.61 -25.56
CA ILE E 277 -31.84 -6.95 -25.88
C ILE E 277 -30.38 -7.05 -25.46
N CYS E 278 -29.57 -6.07 -25.74
CA CYS E 278 -28.17 -6.19 -25.34
C CYS E 278 -27.93 -6.32 -23.84
N TYR E 279 -28.37 -5.40 -23.01
CA TYR E 279 -28.08 -5.54 -21.60
C TYR E 279 -28.69 -6.78 -20.97
N THR E 280 -29.88 -7.17 -21.39
CA THR E 280 -30.51 -8.37 -20.89
C THR E 280 -29.70 -9.60 -21.22
N ILE E 281 -29.16 -9.70 -22.45
CA ILE E 281 -28.43 -10.92 -22.77
C ILE E 281 -26.98 -10.83 -22.30
N ILE E 282 -26.33 -9.69 -22.51
CA ILE E 282 -24.92 -9.56 -22.15
C ILE E 282 -24.74 -9.61 -20.64
N ASP E 283 -25.66 -9.06 -19.88
CA ASP E 283 -25.54 -9.10 -18.43
C ASP E 283 -25.77 -10.51 -17.95
N PHE E 284 -26.72 -11.18 -18.57
CA PHE E 284 -26.94 -12.58 -18.19
C PHE E 284 -25.68 -13.40 -18.41
N GLU E 285 -25.06 -13.30 -19.59
CA GLU E 285 -23.89 -14.13 -19.85
C GLU E 285 -22.70 -13.71 -18.99
N ASP E 286 -22.55 -12.40 -18.72
CA ASP E 286 -21.47 -11.94 -17.86
C ASP E 286 -21.63 -12.49 -16.44
N GLY E 287 -22.86 -12.51 -15.93
CA GLY E 287 -23.10 -13.14 -14.64
C GLY E 287 -22.81 -14.63 -14.68
N ILE E 288 -23.10 -15.28 -15.80
CA ILE E 288 -22.82 -16.70 -15.93
C ILE E 288 -21.32 -16.97 -15.87
N ASN E 289 -20.43 -16.23 -16.52
CA ASN E 289 -18.99 -16.55 -16.46
C ASN E 289 -18.21 -16.14 -15.24
N LEU E 290 -18.68 -15.17 -14.50
CA LEU E 290 -17.98 -14.66 -13.34
C LEU E 290 -18.11 -15.47 -12.09
N GLY E 291 -18.93 -16.49 -12.06
CA GLY E 291 -19.00 -17.32 -10.90
C GLY E 291 -20.13 -17.16 -9.95
N LEU E 292 -21.16 -16.48 -10.45
CA LEU E 292 -22.35 -16.13 -9.68
C LEU E 292 -23.61 -16.81 -10.17
N ILE E 293 -23.55 -17.47 -11.31
CA ILE E 293 -24.71 -18.20 -11.83
C ILE E 293 -24.22 -19.48 -12.51
N PRO E 294 -24.84 -20.63 -12.18
CA PRO E 294 -24.56 -21.96 -12.75
C PRO E 294 -25.06 -22.16 -14.19
N GLU E 295 -24.35 -22.92 -15.01
CA GLU E 295 -24.71 -23.16 -16.40
C GLU E 295 -26.05 -23.86 -16.55
N GLU E 296 -26.55 -24.50 -15.48
CA GLU E 296 -27.86 -25.12 -15.53
C GLU E 296 -28.95 -24.09 -15.80
N TYR E 297 -28.87 -22.93 -15.14
CA TYR E 297 -29.79 -21.85 -15.45
C TYR E 297 -29.58 -21.31 -16.85
N ALA E 298 -28.33 -21.31 -17.34
CA ALA E 298 -28.06 -20.85 -18.69
C ALA E 298 -28.77 -21.72 -19.73
N LEU E 299 -28.72 -23.03 -19.54
CA LEU E 299 -29.38 -23.94 -20.48
C LEU E 299 -30.89 -23.97 -20.29
N GLU E 300 -31.37 -23.92 -19.04
CA GLU E 300 -32.80 -24.03 -18.78
C GLU E 300 -33.55 -22.78 -19.20
N TYR E 301 -33.02 -21.60 -18.85
CA TYR E 301 -33.72 -20.35 -19.15
C TYR E 301 -33.63 -19.96 -20.61
N MET E 302 -32.68 -20.54 -21.36
CA MET E 302 -32.52 -20.26 -22.79
C MET E 302 -32.77 -21.55 -23.55
N VAL E 303 -34.05 -21.84 -23.81
CA VAL E 303 -34.42 -23.03 -24.56
C VAL E 303 -35.33 -22.64 -25.73
N LYS E 304 -36.36 -21.83 -25.47
CA LYS E 304 -37.26 -21.40 -26.53
C LYS E 304 -36.61 -20.35 -27.41
N LEU E 305 -35.74 -19.51 -26.84
CA LEU E 305 -35.03 -18.52 -27.65
C LEU E 305 -34.14 -19.18 -28.69
N VAL E 306 -33.43 -20.23 -28.30
CA VAL E 306 -32.50 -20.91 -29.17
C VAL E 306 -33.07 -22.22 -29.71
N GLY E 307 -34.39 -22.36 -29.75
CA GLY E 307 -35.02 -23.62 -30.09
C GLY E 307 -34.80 -24.06 -31.53
N GLN E 308 -35.43 -23.38 -32.48
CA GLN E 308 -35.29 -23.77 -33.89
C GLN E 308 -34.18 -22.99 -34.57
N THR E 309 -33.01 -22.93 -33.94
CA THR E 309 -31.84 -22.33 -34.56
C THR E 309 -30.55 -23.03 -34.19
N ILE E 310 -30.59 -24.11 -33.42
CA ILE E 310 -29.41 -24.70 -32.81
C ILE E 310 -29.06 -26.01 -33.49
N ASP E 311 -27.78 -26.35 -33.47
CA ASP E 311 -27.28 -27.65 -33.92
C ASP E 311 -26.74 -28.38 -32.69
N ARG E 312 -27.39 -29.49 -32.33
CA ARG E 312 -27.03 -30.18 -31.10
C ARG E 312 -25.65 -30.79 -31.18
N ASN E 313 -25.23 -31.27 -32.36
CA ASN E 313 -23.91 -31.86 -32.50
C ASN E 313 -22.82 -30.83 -32.22
N LYS E 314 -22.94 -29.64 -32.80
CA LYS E 314 -21.97 -28.58 -32.55
C LYS E 314 -22.00 -28.12 -31.10
N TYR E 315 -23.20 -28.05 -30.51
CA TYR E 315 -23.31 -27.62 -29.11
C TYR E 315 -22.63 -28.61 -28.18
N ASN E 316 -22.82 -29.91 -28.43
CA ASN E 316 -22.21 -30.93 -27.58
C ASN E 316 -20.72 -31.10 -27.86
N ALA E 317 -20.27 -30.75 -29.07
CA ALA E 317 -18.86 -30.89 -29.39
C ALA E 317 -17.99 -29.92 -28.59
N LEU E 318 -18.56 -28.80 -28.17
CA LEU E 318 -17.80 -27.83 -27.39
C LEU E 318 -17.48 -28.38 -26.01
N GLN E 319 -16.38 -27.89 -25.44
CA GLN E 319 -15.90 -28.33 -24.12
C GLN E 319 -16.00 -27.24 -23.08
N GLU E 320 -15.43 -26.07 -23.33
CA GLU E 320 -15.49 -24.97 -22.38
C GLU E 320 -16.90 -24.38 -22.33
N THR E 321 -17.26 -23.86 -21.16
CA THR E 321 -18.59 -23.27 -21.00
C THR E 321 -18.71 -21.94 -21.73
N SER E 322 -17.60 -21.22 -21.90
CA SER E 322 -17.64 -19.90 -22.53
C SER E 322 -18.14 -19.99 -23.96
N ASP E 323 -17.65 -20.98 -24.71
CA ASP E 323 -18.08 -21.13 -26.10
C ASP E 323 -19.57 -21.45 -26.19
N ARG E 324 -20.06 -22.33 -25.32
CA ARG E 324 -21.48 -22.66 -25.32
C ARG E 324 -22.33 -21.45 -24.98
N VAL E 325 -21.91 -20.66 -23.98
CA VAL E 325 -22.66 -19.47 -23.61
C VAL E 325 -22.65 -18.46 -24.75
N SER E 326 -21.51 -18.31 -25.43
CA SER E 326 -21.44 -17.38 -26.56
C SER E 326 -22.35 -17.82 -27.70
N TYR E 327 -22.35 -19.14 -27.91
CA TYR E 327 -23.13 -19.78 -28.93
C TYR E 327 -24.64 -19.54 -28.71
N LEU E 328 -25.10 -19.68 -27.48
CA LEU E 328 -26.47 -19.43 -27.06
C LEU E 328 -26.80 -17.94 -27.15
N ARG E 329 -25.85 -17.12 -26.73
CA ARG E 329 -25.99 -15.67 -26.76
C ARG E 329 -26.13 -15.20 -28.20
N ALA E 330 -25.37 -15.82 -29.08
CA ALA E 330 -25.41 -15.51 -30.51
C ALA E 330 -26.75 -15.83 -31.14
N LEU E 331 -27.35 -16.94 -30.72
CA LEU E 331 -28.63 -17.40 -31.26
C LEU E 331 -29.81 -16.62 -30.70
N ALA E 332 -29.76 -16.28 -29.42
CA ALA E 332 -30.80 -15.49 -28.77
C ALA E 332 -30.84 -14.08 -29.33
N ILE E 333 -29.68 -13.47 -29.57
CA ILE E 333 -29.64 -12.13 -30.14
C ILE E 333 -30.27 -12.12 -31.52
N GLY E 334 -29.93 -13.12 -32.36
CA GLY E 334 -30.51 -13.16 -33.69
C GLY E 334 -32.02 -13.31 -33.68
N THR E 335 -32.53 -14.25 -32.86
CA THR E 335 -33.97 -14.47 -32.84
C THR E 335 -34.70 -13.28 -32.24
N LEU E 336 -34.12 -12.62 -31.22
CA LEU E 336 -34.74 -11.43 -30.65
C LEU E 336 -34.74 -10.28 -31.64
N ILE E 337 -33.74 -10.19 -32.50
CA ILE E 337 -33.66 -9.14 -33.49
C ILE E 337 -34.75 -9.33 -34.50
N ASN E 338 -34.90 -10.55 -34.95
CA ASN E 338 -35.95 -10.85 -35.93
C ASN E 338 -37.34 -10.61 -35.35
N GLU E 339 -37.57 -11.05 -34.10
CA GLU E 339 -38.88 -10.85 -33.48
C GLU E 339 -39.18 -9.38 -33.27
N SER E 340 -38.17 -8.60 -32.87
CA SER E 340 -38.37 -7.17 -32.68
C SER E 340 -38.69 -6.46 -34.00
N VAL E 341 -38.02 -6.86 -35.09
CA VAL E 341 -38.33 -6.27 -36.39
C VAL E 341 -39.77 -6.60 -36.78
N ASP E 342 -40.18 -7.86 -36.58
CA ASP E 342 -41.55 -8.24 -36.92
C ASP E 342 -42.56 -7.45 -36.08
N THR E 343 -42.30 -7.30 -34.78
CA THR E 343 -43.19 -6.56 -33.91
C THR E 343 -43.28 -5.10 -34.32
N PHE E 344 -42.15 -4.49 -34.68
CA PHE E 344 -42.18 -3.10 -35.13
C PHE E 344 -42.99 -2.95 -36.41
N MET E 345 -42.83 -3.87 -37.36
CA MET E 345 -43.61 -3.79 -38.58
C MET E 345 -45.08 -4.11 -38.36
N LYS E 346 -45.42 -4.80 -37.27
CA LYS E 346 -46.83 -5.07 -36.99
C LYS E 346 -47.58 -3.79 -36.64
N TYR E 347 -46.96 -2.91 -35.84
CA TYR E 347 -47.60 -1.73 -35.30
C TYR E 347 -47.05 -0.44 -35.92
N GLU E 348 -46.90 -0.39 -37.21
CA GLU E 348 -46.30 0.77 -37.80
C GLU E 348 -47.20 1.95 -37.80
N GLU E 349 -48.48 1.75 -38.11
CA GLU E 349 -49.41 2.87 -38.10
C GLU E 349 -49.63 3.42 -36.70
N GLU E 350 -49.78 2.55 -35.70
CA GLU E 350 -49.98 3.02 -34.34
C GLU E 350 -48.76 3.78 -33.82
N ILE E 351 -47.57 3.28 -34.10
CA ILE E 351 -46.35 3.94 -33.65
C ILE E 351 -46.21 5.31 -34.32
N LEU E 352 -46.45 5.37 -35.63
CA LEU E 352 -46.33 6.64 -36.34
C LEU E 352 -47.41 7.64 -35.91
N ALA E 353 -48.58 7.14 -35.52
CA ALA E 353 -49.66 8.01 -35.05
C ALA E 353 -49.47 8.45 -33.60
N GLY E 354 -48.51 7.87 -32.89
CA GLY E 354 -48.25 8.25 -31.51
C GLY E 354 -49.16 7.64 -30.48
N THR E 355 -49.97 6.64 -30.84
CA THR E 355 -50.86 5.99 -29.90
C THR E 355 -50.23 4.76 -29.23
N PHE E 356 -49.06 4.34 -29.67
CA PHE E 356 -48.40 3.18 -29.07
C PHE E 356 -47.86 3.56 -27.70
N ASP E 357 -48.27 2.81 -26.67
CA ASP E 357 -47.96 3.16 -25.29
C ASP E 357 -46.98 2.20 -24.63
N GLN E 358 -46.40 1.25 -25.36
CA GLN E 358 -45.51 0.27 -24.79
C GLN E 358 -44.23 0.21 -25.62
N SER E 359 -43.32 -0.70 -25.25
CA SER E 359 -42.09 -0.91 -25.99
C SER E 359 -42.32 -1.99 -27.04
N LEU E 360 -41.24 -2.47 -27.64
CA LEU E 360 -41.31 -3.59 -28.58
C LEU E 360 -40.98 -4.93 -27.94
N ILE E 361 -40.14 -4.94 -26.89
CA ILE E 361 -39.80 -6.18 -26.22
C ILE E 361 -40.99 -6.71 -25.43
N ASP E 362 -41.71 -5.83 -24.72
CA ASP E 362 -42.84 -6.26 -23.91
C ASP E 362 -44.01 -6.75 -24.73
N LYS E 363 -44.04 -6.47 -26.04
CA LYS E 363 -45.07 -6.96 -26.94
C LYS E 363 -44.60 -8.16 -27.76
N SER E 364 -43.68 -8.95 -27.19
CA SER E 364 -43.11 -10.10 -27.87
C SER E 364 -43.58 -11.38 -27.18
N ASN E 365 -43.53 -12.48 -27.94
CA ASN E 365 -43.99 -13.76 -27.41
C ASN E 365 -43.12 -14.23 -26.26
N TYR E 366 -41.81 -14.04 -26.36
CA TYR E 366 -40.87 -14.51 -25.35
C TYR E 366 -40.73 -13.43 -24.28
N GLN E 367 -41.49 -13.57 -23.21
CA GLN E 367 -41.45 -12.62 -22.09
C GLN E 367 -41.20 -13.29 -20.75
N ALA E 368 -41.73 -14.50 -20.53
CA ALA E 368 -41.51 -15.18 -19.26
C ALA E 368 -40.03 -15.49 -19.05
N GLN E 369 -39.34 -15.95 -20.10
CA GLN E 369 -37.91 -16.21 -19.99
C GLN E 369 -37.12 -14.95 -19.72
N ILE E 370 -37.49 -13.85 -20.41
CA ILE E 370 -36.80 -12.58 -20.20
C ILE E 370 -37.01 -12.10 -18.76
N THR E 371 -38.24 -12.21 -18.27
CA THR E 371 -38.53 -11.80 -16.90
C THR E 371 -37.76 -12.66 -15.90
N ASP E 372 -37.68 -13.96 -16.14
CA ASP E 372 -36.93 -14.85 -15.24
C ASP E 372 -35.45 -14.48 -15.24
N ILE E 373 -34.87 -14.21 -16.41
CA ILE E 373 -33.47 -13.81 -16.49
C ILE E 373 -33.24 -12.51 -15.74
N ILE E 374 -34.12 -11.54 -15.92
CA ILE E 374 -33.98 -10.26 -15.25
C ILE E 374 -34.07 -10.43 -13.73
N ASN E 375 -35.03 -11.24 -13.28
CA ASN E 375 -35.19 -11.47 -11.84
C ASN E 375 -33.97 -12.17 -11.25
N LEU E 376 -33.42 -13.15 -11.98
CA LEU E 376 -32.23 -13.83 -11.48
C LEU E 376 -31.04 -12.88 -11.40
N SER E 377 -30.88 -12.03 -12.43
CA SER E 377 -29.81 -11.04 -12.39
C SER E 377 -29.96 -10.06 -11.24
N ILE E 378 -31.20 -9.63 -10.98
CA ILE E 378 -31.46 -8.75 -9.85
C ILE E 378 -31.12 -9.45 -8.54
N GLU E 379 -31.48 -10.74 -8.43
CA GLU E 379 -31.29 -11.46 -7.19
C GLU E 379 -29.82 -11.70 -6.89
N ARG E 380 -29.03 -12.10 -7.89
CA ARG E 380 -27.68 -12.60 -7.62
C ARG E 380 -26.56 -11.76 -8.21
N ILE E 381 -26.84 -10.86 -9.15
CA ILE E 381 -25.78 -10.02 -9.71
C ILE E 381 -25.78 -8.63 -9.09
N TYR E 382 -26.95 -8.00 -9.00
CA TYR E 382 -27.05 -6.63 -8.51
C TYR E 382 -27.02 -6.54 -6.99
N ASN E 383 -27.12 -7.67 -6.28
CA ASN E 383 -27.15 -7.67 -4.83
C ASN E 383 -25.90 -8.32 -4.23
N SER E 384 -24.84 -8.47 -5.02
CA SER E 384 -23.60 -9.00 -4.49
C SER E 384 -22.93 -8.01 -3.54
N ARG E 385 -22.13 -8.54 -2.62
CA ARG E 385 -21.50 -7.70 -1.61
C ARG E 385 -20.57 -6.67 -2.22
N GLU E 386 -19.77 -7.07 -3.22
CA GLU E 386 -18.83 -6.15 -3.84
C GLU E 386 -19.56 -4.99 -4.52
N VAL E 387 -20.68 -5.29 -5.19
CA VAL E 387 -21.45 -4.24 -5.86
C VAL E 387 -21.97 -3.24 -4.84
N ILE E 388 -22.50 -3.73 -3.72
CA ILE E 388 -23.03 -2.82 -2.69
C ILE E 388 -21.92 -1.98 -2.10
N GLU E 389 -20.76 -2.59 -1.82
CA GLU E 389 -19.64 -1.84 -1.26
C GLU E 389 -19.18 -0.74 -2.21
N LYS E 390 -19.05 -1.07 -3.50
CA LYS E 390 -18.61 -0.08 -4.46
C LYS E 390 -19.65 1.03 -4.64
N GLU E 391 -20.94 0.67 -4.59
CA GLU E 391 -21.98 1.69 -4.68
C GLU E 391 -21.93 2.64 -3.49
N ILE E 392 -21.71 2.11 -2.29
CA ILE E 392 -21.61 2.96 -1.10
C ILE E 392 -20.40 3.88 -1.21
N ALA E 393 -19.27 3.34 -1.67
CA ALA E 393 -18.07 4.16 -1.84
C ALA E 393 -18.30 5.28 -2.85
N GLY E 394 -18.93 4.95 -3.98
CA GLY E 394 -19.23 5.97 -4.97
C GLY E 394 -20.20 7.02 -4.44
N TYR E 395 -21.11 6.55 -3.60
CA TYR E 395 -22.13 7.38 -2.95
C TYR E 395 -21.50 8.44 -2.07
N GLU E 396 -20.49 8.02 -1.30
CA GLU E 396 -19.76 8.93 -0.42
C GLU E 396 -18.86 9.87 -1.22
N ILE E 397 -18.15 9.32 -2.22
CA ILE E 397 -17.21 10.13 -2.99
C ILE E 397 -17.93 11.25 -3.72
N LEU E 398 -19.03 10.92 -4.39
CA LEU E 398 -19.80 11.95 -5.08
C LEU E 398 -20.36 12.97 -4.10
N SER E 399 -20.78 12.52 -2.92
CA SER E 399 -21.30 13.46 -1.92
C SER E 399 -20.25 14.49 -1.53
N THR E 400 -19.04 14.02 -1.19
CA THR E 400 -18.00 14.98 -0.78
C THR E 400 -17.61 15.87 -1.94
N LEU E 401 -17.51 15.31 -3.15
CA LEU E 401 -17.11 16.13 -4.30
C LEU E 401 -18.13 17.23 -4.57
N LEU E 402 -19.43 16.89 -4.51
CA LEU E 402 -20.46 17.89 -4.75
C LEU E 402 -20.47 18.95 -3.66
N GLU E 403 -20.32 18.56 -2.39
CA GLU E 403 -20.33 19.55 -1.33
C GLU E 403 -19.11 20.47 -1.42
N ALA E 404 -17.95 19.91 -1.79
CA ALA E 404 -16.76 20.73 -1.98
C ALA E 404 -16.95 21.72 -3.13
N ARG E 405 -17.52 21.26 -4.25
CA ARG E 405 -17.74 22.17 -5.36
C ARG E 405 -18.72 23.27 -5.00
N CYS E 406 -19.79 22.92 -4.29
CA CYS E 406 -20.78 23.93 -3.90
C CYS E 406 -20.17 24.94 -2.93
N ARG E 407 -19.38 24.47 -1.96
CA ARG E 407 -18.73 25.39 -1.03
C ARG E 407 -17.74 26.29 -1.74
N ALA E 408 -17.02 25.75 -2.73
CA ALA E 408 -16.12 26.58 -3.52
C ALA E 408 -16.89 27.62 -4.32
N LEU E 409 -18.04 27.24 -4.87
CA LEU E 409 -18.79 28.16 -5.73
C LEU E 409 -19.43 29.29 -4.93
N ASP E 410 -20.07 28.94 -3.82
CA ASP E 410 -20.77 29.88 -2.93
C ASP E 410 -20.04 31.21 -2.69
N ASN E 411 -18.94 31.17 -1.94
CA ASN E 411 -18.15 32.36 -1.63
C ASN E 411 -16.73 32.21 -2.18
N ASN E 412 -16.43 32.93 -3.26
CA ASN E 412 -15.14 32.80 -3.90
C ASN E 412 -14.21 33.81 -3.31
N ASP E 413 -14.10 33.79 -1.99
CA ASP E 413 -13.29 34.78 -1.29
C ASP E 413 -12.07 34.17 -0.62
N THR E 414 -12.23 33.06 0.10
CA THR E 414 -11.14 32.51 0.88
C THR E 414 -10.09 31.84 -0.01
N HIS E 415 -8.89 31.67 0.56
CA HIS E 415 -7.80 31.05 -0.18
C HIS E 415 -8.08 29.59 -0.49
N TYR E 416 -8.68 28.86 0.46
CA TYR E 416 -8.99 27.45 0.24
C TYR E 416 -9.98 27.28 -0.90
N ASN E 417 -10.95 28.19 -0.99
CA ASN E 417 -11.94 28.12 -2.04
C ASN E 417 -11.30 28.37 -3.38
N GLN E 418 -10.40 29.31 -3.45
CA GLN E 418 -9.66 29.56 -4.68
C GLN E 418 -8.82 28.35 -5.07
N LEU E 419 -8.21 27.69 -4.08
CA LEU E 419 -7.45 26.48 -4.35
C LEU E 419 -8.33 25.39 -4.95
N ILE E 420 -9.51 25.19 -4.36
CA ILE E 420 -10.44 24.18 -4.88
C ILE E 420 -10.87 24.53 -6.29
N GLN E 421 -11.16 25.81 -6.55
CA GLN E 421 -11.55 26.22 -7.89
C GLN E 421 -10.42 25.98 -8.89
N GLN E 422 -9.18 26.28 -8.51
CA GLN E 422 -8.05 26.03 -9.41
C GLN E 422 -7.84 24.55 -9.65
N LEU E 423 -8.12 23.70 -8.66
CA LEU E 423 -7.90 22.26 -8.84
C LEU E 423 -9.03 21.61 -9.61
N LEU E 424 -10.25 21.71 -9.10
CA LEU E 424 -11.37 20.95 -9.67
C LEU E 424 -11.79 21.51 -11.02
N ALA E 425 -11.95 22.83 -11.12
CA ALA E 425 -12.46 23.49 -12.33
C ALA E 425 -11.53 24.61 -12.75
N PRO E 426 -10.39 24.28 -13.36
CA PRO E 426 -9.43 25.32 -13.75
C PRO E 426 -9.77 26.04 -15.05
N ASN E 427 -10.87 25.67 -15.71
CA ASN E 427 -11.25 26.27 -16.99
C ASN E 427 -12.34 27.33 -16.87
N GLU E 431 -19.29 34.25 -16.11
CA GLU E 431 -20.48 34.89 -15.58
C GLU E 431 -21.73 34.16 -16.03
N LYS E 432 -22.45 33.60 -15.08
CA LYS E 432 -23.66 32.86 -15.39
C LYS E 432 -24.55 32.84 -14.16
N SER E 433 -25.82 32.51 -14.33
CA SER E 433 -26.76 32.47 -13.22
C SER E 433 -26.60 31.26 -12.33
N LEU E 434 -27.30 31.27 -11.21
CA LEU E 434 -27.28 30.17 -10.27
C LEU E 434 -27.68 28.77 -10.75
N TYR E 435 -28.56 28.69 -11.73
CA TYR E 435 -29.07 27.43 -12.18
C TYR E 435 -28.15 26.86 -13.20
N GLU E 436 -27.45 27.70 -13.92
CA GLU E 436 -26.51 27.22 -14.91
C GLU E 436 -25.19 26.79 -14.26
N ASN E 437 -24.86 27.47 -13.19
CA ASN E 437 -23.68 27.21 -12.41
C ASN E 437 -23.72 25.86 -11.76
N LEU E 438 -24.88 25.51 -11.24
CA LEU E 438 -25.13 24.22 -10.61
C LEU E 438 -25.17 23.10 -11.65
N ILE E 439 -25.84 23.34 -12.79
CA ILE E 439 -25.91 22.31 -13.81
C ILE E 439 -24.53 22.05 -14.41
N GLN E 440 -23.71 23.09 -14.53
CA GLN E 440 -22.34 22.90 -15.02
C GLN E 440 -21.50 22.11 -14.02
N ILE E 441 -21.71 22.36 -12.72
CA ILE E 441 -21.01 21.58 -11.70
C ILE E 441 -21.40 20.11 -11.81
N CYS E 442 -22.71 19.85 -11.97
CA CYS E 442 -23.17 18.47 -12.11
C CYS E 442 -22.58 17.81 -13.35
N ALA E 443 -22.56 18.54 -14.47
CA ALA E 443 -21.98 17.99 -15.69
C ALA E 443 -20.50 17.70 -15.53
N GLU E 444 -19.77 18.60 -14.86
CA GLU E 444 -18.34 18.39 -14.64
C GLU E 444 -18.09 17.17 -13.76
N VAL E 445 -18.91 16.99 -12.72
CA VAL E 445 -18.77 15.80 -11.88
C VAL E 445 -19.07 14.54 -12.69
N SER E 446 -20.11 14.58 -13.53
CA SER E 446 -20.46 13.42 -14.34
C SER E 446 -19.43 13.10 -15.40
N THR E 447 -18.53 14.04 -15.70
CA THR E 447 -17.52 13.81 -16.73
C THR E 447 -16.40 12.89 -16.25
N MET E 448 -16.04 12.96 -14.96
CA MET E 448 -14.92 12.19 -14.45
C MET E 448 -15.21 10.70 -14.51
N THR E 449 -14.15 9.91 -14.68
CA THR E 449 -14.25 8.47 -14.73
C THR E 449 -14.13 7.89 -13.32
N ASP E 450 -14.26 6.56 -13.21
CA ASP E 450 -14.17 5.91 -11.90
C ASP E 450 -12.78 6.08 -11.29
N GLY E 451 -11.74 5.74 -12.06
CA GLY E 451 -10.40 5.85 -11.53
C GLY E 451 -9.98 7.28 -11.25
N LYS E 452 -10.35 8.21 -12.14
CA LYS E 452 -10.02 9.62 -11.91
C LYS E 452 -10.72 10.15 -10.66
N ALA E 453 -11.99 9.82 -10.49
CA ALA E 453 -12.72 10.26 -9.30
C ALA E 453 -12.11 9.67 -8.03
N LEU E 454 -11.75 8.38 -8.07
CA LEU E 454 -11.14 7.76 -6.90
C LEU E 454 -9.80 8.41 -6.55
N ARG E 455 -8.97 8.66 -7.57
CA ARG E 455 -7.68 9.30 -7.32
C ARG E 455 -7.86 10.71 -6.78
N ASN E 456 -8.81 11.46 -7.32
CA ASN E 456 -9.07 12.82 -6.84
C ASN E 456 -9.56 12.79 -5.40
N TYR E 457 -10.44 11.84 -5.07
CA TYR E 457 -10.93 11.73 -3.69
C TYR E 457 -9.81 11.35 -2.74
N LYS E 458 -8.91 10.47 -3.16
CA LYS E 458 -7.81 10.06 -2.29
C LYS E 458 -6.80 11.19 -2.09
N LYS E 459 -6.52 11.97 -3.14
CA LYS E 459 -5.49 12.99 -3.03
C LYS E 459 -6.04 14.33 -2.53
N ILE E 460 -7.35 14.50 -2.49
CA ILE E 460 -7.90 15.65 -1.76
C ILE E 460 -7.87 15.39 -0.27
N LYS E 461 -7.91 14.13 0.14
CA LYS E 461 -7.81 13.74 1.54
C LYS E 461 -6.38 13.47 1.98
N GLY E 462 -5.40 13.66 1.10
CA GLY E 462 -4.02 13.39 1.45
C GLY E 462 -3.67 11.93 1.54
N LEU E 463 -4.43 11.06 0.90
CA LEU E 463 -4.18 9.62 0.95
C LEU E 463 -3.68 9.09 -0.38
N ASN F 25 -6.97 -10.29 -61.36
CA ASN F 25 -8.40 -10.12 -61.62
C ASN F 25 -9.13 -9.78 -60.33
N TRP F 26 -9.94 -8.73 -60.38
CA TRP F 26 -10.66 -8.30 -59.18
C TRP F 26 -11.82 -9.22 -58.82
N GLU F 27 -12.29 -10.05 -59.75
CA GLU F 27 -13.38 -10.97 -59.45
C GLU F 27 -12.93 -12.09 -58.52
N HIS F 28 -11.63 -12.33 -58.43
CA HIS F 28 -11.07 -13.40 -57.61
C HIS F 28 -10.54 -12.91 -56.27
N LEU F 29 -10.15 -11.63 -56.17
CA LEU F 29 -9.68 -11.10 -54.90
C LEU F 29 -10.82 -10.88 -53.91
N LEU F 30 -12.04 -10.66 -54.41
CA LEU F 30 -13.20 -10.45 -53.55
C LEU F 30 -13.93 -11.77 -53.31
N SER F 31 -13.22 -12.71 -52.70
CA SER F 31 -13.75 -14.04 -52.41
C SER F 31 -14.65 -13.99 -51.19
N LEU F 32 -15.72 -14.79 -51.23
CA LEU F 32 -16.70 -14.84 -50.15
C LEU F 32 -16.72 -16.17 -49.41
N LYS F 33 -15.96 -17.17 -49.86
CA LYS F 33 -16.01 -18.48 -49.23
C LYS F 33 -15.26 -18.46 -47.91
N ARG F 34 -15.65 -19.36 -47.02
CA ARG F 34 -15.02 -19.50 -45.71
C ARG F 34 -14.57 -20.94 -45.52
N GLN F 35 -13.76 -21.16 -44.48
CA GLN F 35 -13.13 -22.46 -44.26
C GLN F 35 -14.18 -23.53 -44.02
N GLY F 36 -13.99 -24.68 -44.66
CA GLY F 36 -14.91 -25.80 -44.55
C GLY F 36 -16.07 -25.77 -45.51
N ASP F 37 -16.14 -24.79 -46.41
CA ASP F 37 -17.24 -24.69 -47.34
C ASP F 37 -17.01 -25.60 -48.56
N THR F 38 -18.09 -25.88 -49.27
CA THR F 38 -18.03 -26.67 -50.49
C THR F 38 -18.79 -26.05 -51.67
N ALA F 39 -19.67 -25.09 -51.43
CA ALA F 39 -20.42 -24.44 -52.50
C ALA F 39 -19.59 -23.31 -53.09
N LYS F 40 -20.22 -22.49 -53.94
CA LYS F 40 -19.53 -21.38 -54.59
C LYS F 40 -19.65 -20.08 -53.83
N ARG F 41 -20.79 -19.85 -53.16
CA ARG F 41 -21.05 -18.62 -52.41
C ARG F 41 -20.92 -17.39 -53.32
N LEU F 42 -21.81 -17.34 -54.32
CA LEU F 42 -21.78 -16.24 -55.27
C LEU F 42 -22.31 -14.95 -54.64
N ARG F 43 -21.85 -13.82 -55.18
CA ARG F 43 -22.27 -12.53 -54.66
C ARG F 43 -23.72 -12.23 -55.02
N ILE F 44 -24.15 -12.60 -56.24
CA ILE F 44 -25.50 -12.29 -56.70
C ILE F 44 -26.57 -13.16 -56.05
N GLU F 45 -26.20 -14.10 -55.19
CA GLU F 45 -27.13 -14.97 -54.51
C GLU F 45 -27.10 -14.74 -53.00
N GLN F 46 -27.03 -13.48 -52.59
CA GLN F 46 -26.94 -13.12 -51.19
C GLN F 46 -27.86 -11.95 -50.89
N ASP F 47 -28.33 -11.89 -49.64
CA ASP F 47 -29.17 -10.79 -49.19
C ASP F 47 -28.30 -9.58 -48.83
N ASP F 48 -28.71 -8.41 -49.30
CA ASP F 48 -28.00 -7.17 -49.02
C ASP F 48 -28.22 -6.65 -47.61
N THR F 49 -29.12 -7.26 -46.84
CA THR F 49 -29.35 -6.82 -45.46
C THR F 49 -28.11 -7.02 -44.60
N ARG F 50 -27.56 -8.23 -44.66
CA ARG F 50 -26.37 -8.58 -43.91
C ARG F 50 -25.38 -9.21 -44.87
N LEU F 51 -24.42 -8.42 -45.33
CA LEU F 51 -23.40 -8.92 -46.23
C LEU F 51 -22.39 -9.79 -45.49
N GLY F 52 -21.71 -10.65 -46.25
CA GLY F 52 -20.74 -11.55 -45.65
C GLY F 52 -19.58 -10.83 -44.99
N PHE F 53 -19.16 -9.70 -45.57
CA PHE F 53 -18.10 -8.91 -44.96
C PHE F 53 -18.56 -8.19 -43.69
N GLU F 54 -19.86 -7.88 -43.60
CA GLU F 54 -20.40 -7.28 -42.39
C GLU F 54 -20.51 -8.30 -41.26
N VAL F 55 -20.75 -9.57 -41.60
CA VAL F 55 -20.74 -10.62 -40.60
C VAL F 55 -19.37 -10.74 -39.96
N ASP F 56 -18.31 -10.52 -40.73
CA ASP F 56 -16.97 -10.55 -40.17
C ASP F 56 -16.78 -9.45 -39.13
N TYR F 57 -17.26 -8.24 -39.43
CA TYR F 57 -17.20 -7.15 -38.46
C TYR F 57 -17.99 -7.48 -37.20
N ASP F 58 -19.19 -8.04 -37.37
CA ASP F 58 -20.01 -8.40 -36.21
C ASP F 58 -19.33 -9.46 -35.36
N ARG F 59 -18.71 -10.47 -36.01
CA ARG F 59 -18.04 -11.53 -35.27
C ARG F 59 -16.82 -10.99 -34.53
N ILE F 60 -16.05 -10.10 -35.17
CA ILE F 60 -14.87 -9.54 -34.51
C ILE F 60 -15.28 -8.67 -33.34
N ILE F 61 -16.39 -7.93 -33.47
CA ILE F 61 -16.83 -7.05 -32.39
C ILE F 61 -17.16 -7.85 -31.13
N PHE F 62 -17.84 -8.98 -31.29
CA PHE F 62 -18.29 -9.78 -30.15
C PHE F 62 -17.25 -10.75 -29.64
N SER F 63 -16.07 -10.80 -30.27
CA SER F 63 -15.05 -11.75 -29.87
C SER F 63 -14.39 -11.33 -28.55
N ALA F 64 -13.78 -12.32 -27.88
CA ALA F 64 -13.09 -12.11 -26.62
C ALA F 64 -11.69 -11.51 -26.80
N PRO F 65 -10.89 -11.96 -27.78
CA PRO F 65 -9.61 -11.26 -28.02
C PRO F 65 -9.79 -9.79 -28.35
N PHE F 66 -10.85 -9.42 -29.06
CA PHE F 66 -11.10 -8.01 -29.33
C PHE F 66 -11.47 -7.26 -28.07
N ARG F 67 -12.24 -7.89 -27.19
CA ARG F 67 -12.64 -7.24 -25.95
C ARG F 67 -11.47 -7.10 -24.98
N SER F 68 -10.48 -8.00 -25.06
CA SER F 68 -9.30 -7.88 -24.22
C SER F 68 -8.38 -6.76 -24.66
N LEU F 69 -8.63 -6.14 -25.82
CA LEU F 69 -7.77 -5.08 -26.31
C LEU F 69 -7.92 -3.79 -25.52
N GLN F 70 -8.99 -3.65 -24.74
CA GLN F 70 -9.22 -2.42 -23.98
C GLN F 70 -8.21 -2.22 -22.86
N ASP F 71 -7.41 -3.25 -22.54
CA ASP F 71 -6.46 -3.19 -21.43
C ASP F 71 -5.02 -3.30 -21.90
N LYS F 72 -4.75 -2.97 -23.16
CA LYS F 72 -3.42 -3.13 -23.74
C LYS F 72 -2.84 -1.78 -24.13
N THR F 73 -1.52 -1.74 -24.23
CA THR F 73 -0.78 -0.50 -24.37
C THR F 73 -0.66 -0.07 -25.82
N GLN F 74 -0.86 1.22 -26.07
CA GLN F 74 -0.60 1.88 -27.33
C GLN F 74 0.86 2.47 -27.27
N VAL F 75 1.13 3.45 -26.40
CA VAL F 75 2.43 4.10 -26.25
C VAL F 75 2.82 4.11 -24.78
N ILE F 76 1.95 4.65 -23.93
CA ILE F 76 2.22 4.79 -22.51
C ILE F 76 1.54 3.63 -21.79
N PRO F 77 2.29 2.69 -21.22
CA PRO F 77 1.66 1.55 -20.54
C PRO F 77 0.95 1.96 -19.26
N LEU F 78 -0.05 1.16 -18.89
CA LEU F 78 -0.80 1.35 -17.64
C LEU F 78 -1.41 2.75 -17.55
N ASP F 82 -7.10 7.12 -18.30
CA ASP F 82 -6.66 8.44 -18.72
C ASP F 82 -7.32 8.75 -20.06
N PHE F 83 -6.93 9.87 -20.67
CA PHE F 83 -7.46 10.29 -21.95
C PHE F 83 -6.56 9.92 -23.12
N VAL F 84 -5.49 9.18 -22.81
CA VAL F 84 -4.55 8.66 -23.79
C VAL F 84 -5.10 7.37 -24.38
N HIS F 85 -4.96 7.18 -25.67
CA HIS F 85 -5.49 6.04 -26.36
C HIS F 85 -4.96 4.72 -25.99
N THR F 86 -5.81 3.74 -26.09
CA THR F 86 -5.41 2.37 -25.92
C THR F 86 -5.51 1.69 -27.27
N ARG F 87 -5.36 0.40 -27.26
CA ARG F 87 -5.40 -0.49 -28.39
C ARG F 87 -6.78 -0.66 -29.03
N LEU F 88 -7.84 -0.36 -28.30
CA LEU F 88 -9.20 -0.48 -28.84
C LEU F 88 -9.61 0.79 -29.59
N THR F 89 -9.36 1.96 -29.00
CA THR F 89 -9.71 3.21 -29.67
C THR F 89 -8.90 3.38 -30.95
N HIS F 90 -7.65 2.98 -30.87
CA HIS F 90 -6.78 3.05 -32.00
C HIS F 90 -7.42 2.24 -33.13
N SER F 91 -7.85 1.03 -32.82
CA SER F 91 -8.47 0.17 -33.81
C SER F 91 -9.74 0.76 -34.36
N LEU F 92 -10.53 1.35 -33.48
CA LEU F 92 -11.79 1.97 -33.87
C LEU F 92 -11.55 3.10 -34.85
N GLU F 93 -10.53 3.91 -34.58
CA GLU F 93 -10.17 5.01 -35.46
C GLU F 93 -9.69 4.50 -36.81
N VAL F 94 -8.89 3.45 -36.80
CA VAL F 94 -8.37 2.89 -38.05
C VAL F 94 -9.48 2.27 -38.86
N SER F 95 -10.41 1.63 -38.17
CA SER F 95 -11.56 0.98 -38.78
C SER F 95 -12.40 2.00 -39.52
N VAL F 96 -12.34 3.25 -39.08
CA VAL F 96 -13.10 4.31 -39.73
C VAL F 96 -12.32 4.90 -40.90
N VAL F 97 -11.09 5.34 -40.67
CA VAL F 97 -10.29 5.89 -41.73
C VAL F 97 -10.17 4.89 -42.89
N GLY F 98 -9.75 3.64 -42.63
CA GLY F 98 -9.63 2.67 -43.69
C GLY F 98 -10.92 2.40 -44.42
N ARG F 99 -12.04 2.43 -43.71
CA ARG F 99 -13.35 2.28 -44.35
C ARG F 99 -13.59 3.41 -45.35
N SER F 100 -13.25 4.64 -44.97
CA SER F 100 -13.38 5.82 -45.83
C SER F 100 -12.47 5.74 -47.05
N LEU F 101 -11.24 5.23 -46.86
CA LEU F 101 -10.30 5.03 -47.96
C LEU F 101 -10.80 3.94 -48.91
N GLY F 102 -11.22 2.81 -48.36
CA GLY F 102 -11.65 1.69 -49.17
C GLY F 102 -12.93 1.99 -49.94
N ARG F 103 -13.84 2.75 -49.34
CA ARG F 103 -15.07 3.10 -50.03
C ARG F 103 -14.78 4.02 -51.22
N MET F 104 -13.91 5.02 -51.03
CA MET F 104 -13.50 5.84 -52.17
C MET F 104 -12.83 4.98 -53.25
N VAL F 105 -11.93 4.09 -52.83
CA VAL F 105 -11.19 3.26 -53.78
C VAL F 105 -12.15 2.35 -54.56
N GLY F 106 -13.12 1.75 -53.87
CA GLY F 106 -14.08 0.90 -54.55
C GLY F 106 -14.97 1.68 -55.51
N LYS F 107 -15.41 2.87 -55.10
CA LYS F 107 -16.16 3.73 -56.00
C LYS F 107 -15.38 4.01 -57.27
N LYS F 108 -14.11 4.38 -57.18
CA LYS F 108 -13.32 4.65 -58.36
C LYS F 108 -12.95 3.47 -59.25
N LEU F 109 -13.00 2.25 -58.71
CA LEU F 109 -12.67 1.05 -59.48
C LEU F 109 -13.88 0.70 -60.28
N LEU F 110 -15.03 0.69 -59.62
CA LEU F 110 -16.28 0.42 -60.27
C LEU F 110 -16.40 1.48 -61.36
N GLU F 111 -16.07 2.75 -61.09
CA GLU F 111 -16.12 3.71 -62.18
C GLU F 111 -15.22 3.27 -63.33
N LYS F 112 -14.02 2.78 -63.01
CA LYS F 112 -13.09 2.32 -64.03
C LYS F 112 -13.58 1.02 -64.68
N TYR F 113 -13.98 0.05 -63.87
CA TYR F 113 -14.36 -1.26 -64.37
C TYR F 113 -15.88 -1.40 -64.31
N PRO F 114 -16.59 -1.41 -65.44
CA PRO F 114 -18.05 -1.49 -65.40
C PRO F 114 -18.61 -2.90 -65.32
N HIS F 115 -17.84 -3.92 -65.74
CA HIS F 115 -18.36 -5.28 -65.74
C HIS F 115 -18.52 -5.86 -64.34
N LEU F 116 -17.86 -5.28 -63.34
CA LEU F 116 -17.99 -5.79 -61.98
C LEU F 116 -19.38 -5.56 -61.41
N GLU F 117 -20.01 -4.44 -61.75
CA GLU F 117 -21.34 -4.10 -61.25
C GLU F 117 -22.46 -4.53 -62.19
N GLN F 118 -22.12 -5.19 -63.31
CA GLN F 118 -23.11 -5.62 -64.28
C GLN F 118 -23.30 -7.13 -64.34
N VAL F 119 -22.25 -7.91 -64.08
CA VAL F 119 -22.33 -9.36 -64.12
C VAL F 119 -22.32 -9.98 -62.73
N TYR F 120 -21.40 -9.56 -61.87
CA TYR F 120 -21.29 -10.12 -60.53
C TYR F 120 -22.17 -9.41 -59.52
N GLY F 121 -22.29 -8.09 -59.63
CA GLY F 121 -23.15 -7.33 -58.74
C GLY F 121 -22.45 -6.82 -57.50
N TYR F 122 -21.35 -6.11 -57.69
CA TYR F 122 -20.58 -5.54 -56.59
C TYR F 122 -20.88 -4.04 -56.45
N LYS F 123 -20.72 -3.54 -55.23
CA LYS F 123 -20.97 -2.15 -54.90
C LYS F 123 -19.79 -1.60 -54.12
N PHE F 124 -19.72 -0.26 -54.04
CA PHE F 124 -18.59 0.38 -53.38
C PHE F 124 -18.56 0.14 -51.88
N ASN F 125 -19.69 -0.27 -51.28
CA ASN F 125 -19.71 -0.55 -49.86
C ASN F 125 -18.93 -1.82 -49.53
N ASP F 126 -18.78 -2.72 -50.51
CA ASP F 126 -18.07 -3.97 -50.27
C ASP F 126 -16.62 -3.72 -49.89
N PHE F 127 -15.94 -2.86 -50.66
CA PHE F 127 -14.54 -2.57 -50.38
C PHE F 127 -14.38 -1.89 -49.02
N GLY F 128 -15.26 -0.95 -48.71
CA GLY F 128 -15.20 -0.29 -47.41
C GLY F 128 -15.41 -1.25 -46.26
N ALA F 129 -16.37 -2.17 -46.41
CA ALA F 129 -16.60 -3.17 -45.36
C ALA F 129 -15.40 -4.09 -45.20
N ILE F 130 -14.80 -4.52 -46.32
CA ILE F 130 -13.64 -5.40 -46.24
C ILE F 130 -12.49 -4.70 -45.53
N VAL F 131 -12.21 -3.46 -45.91
CA VAL F 131 -11.08 -2.74 -45.32
C VAL F 131 -11.34 -2.45 -43.84
N ALA F 132 -12.59 -2.12 -43.50
CA ALA F 132 -12.92 -1.87 -42.10
C ALA F 132 -12.76 -3.13 -41.26
N ALA F 133 -13.21 -4.28 -41.78
CA ALA F 133 -13.05 -5.54 -41.06
C ALA F 133 -11.58 -5.89 -40.90
N ALA F 134 -10.77 -5.62 -41.91
CA ALA F 134 -9.35 -5.91 -41.81
C ALA F 134 -8.66 -4.95 -40.85
N ALA F 135 -9.07 -3.69 -40.89
CA ALA F 135 -8.53 -2.65 -40.03
C ALA F 135 -8.80 -2.86 -38.55
N LEU F 136 -10.00 -3.36 -38.23
CA LEU F 136 -10.41 -3.60 -36.86
C LEU F 136 -9.59 -4.65 -36.10
N ALA F 137 -9.23 -5.74 -36.77
CA ALA F 137 -8.47 -6.80 -36.12
C ALA F 137 -7.00 -6.81 -36.53
N HIS F 138 -6.49 -5.67 -37.01
CA HIS F 138 -5.10 -5.61 -37.47
C HIS F 138 -4.08 -5.61 -36.34
N ASP F 139 -4.52 -5.34 -35.11
CA ASP F 139 -3.64 -5.30 -33.95
C ASP F 139 -4.22 -6.14 -32.81
N ILE F 140 -4.67 -7.36 -33.14
CA ILE F 140 -5.36 -8.20 -32.16
C ILE F 140 -4.45 -9.21 -31.48
N GLY F 141 -3.30 -9.54 -32.06
CA GLY F 141 -2.43 -10.55 -31.50
C GLY F 141 -1.15 -10.03 -30.89
N ASN F 142 -1.07 -8.72 -30.72
CA ASN F 142 0.14 -8.11 -30.17
C ASN F 142 0.27 -8.45 -28.68
N PRO F 143 1.48 -8.71 -28.20
CA PRO F 143 1.68 -9.01 -26.78
C PRO F 143 1.51 -7.77 -25.92
N PRO F 144 1.26 -7.94 -24.62
CA PRO F 144 1.09 -6.76 -23.75
C PRO F 144 2.38 -5.96 -23.64
N PHE F 145 2.24 -4.77 -23.04
CA PHE F 145 3.33 -3.81 -22.85
C PHE F 145 3.87 -3.28 -24.17
N GLY F 146 3.10 -3.41 -25.24
CA GLY F 146 3.46 -2.73 -26.49
C GLY F 146 4.71 -3.31 -27.14
N HIS F 147 5.64 -2.42 -27.48
CA HIS F 147 6.79 -2.80 -28.29
C HIS F 147 7.76 -3.69 -27.51
N SER F 148 7.82 -3.54 -26.20
CA SER F 148 8.80 -4.29 -25.40
C SER F 148 8.42 -5.76 -25.25
N GLY F 149 7.14 -6.11 -25.34
CA GLY F 149 6.73 -7.48 -25.12
C GLY F 149 7.29 -8.44 -26.16
N GLU F 150 7.20 -8.08 -27.45
CA GLU F 150 7.73 -8.93 -28.50
C GLU F 150 9.24 -9.07 -28.39
N LYS F 151 9.94 -8.00 -28.05
CA LYS F 151 11.39 -8.08 -27.87
C LYS F 151 11.75 -8.98 -26.69
N ALA F 152 10.98 -8.90 -25.60
CA ALA F 152 11.22 -9.78 -24.47
C ALA F 152 11.00 -11.24 -24.84
N ILE F 153 9.92 -11.52 -25.57
CA ILE F 153 9.64 -12.90 -25.98
C ILE F 153 10.74 -13.42 -26.89
N GLY F 154 11.20 -12.59 -27.83
CA GLY F 154 12.28 -13.01 -28.71
C GLY F 154 13.59 -13.23 -27.96
N GLU F 155 13.91 -12.36 -27.01
CA GLU F 155 15.16 -12.49 -26.27
C GLU F 155 15.13 -13.64 -25.26
N PHE F 156 13.93 -14.08 -24.85
CA PHE F 156 13.86 -15.20 -23.94
C PHE F 156 14.47 -16.47 -24.54
N PHE F 157 14.23 -16.71 -25.83
CA PHE F 157 14.75 -17.89 -26.50
C PHE F 157 16.15 -17.69 -27.05
N LYS F 158 16.75 -16.52 -26.86
CA LYS F 158 18.10 -16.24 -27.34
C LYS F 158 19.11 -16.10 -26.21
N ASN F 159 18.83 -15.24 -25.22
CA ASN F 159 19.71 -15.01 -24.09
C ASN F 159 19.05 -15.43 -22.78
N GLY F 160 18.20 -16.46 -22.83
CA GLY F 160 17.50 -16.96 -21.66
C GLY F 160 17.50 -18.48 -21.64
N TYR F 161 16.54 -19.01 -20.87
CA TYR F 161 16.45 -20.46 -20.73
C TYR F 161 15.99 -21.13 -22.01
N GLY F 162 15.23 -20.40 -22.84
CA GLY F 162 14.71 -20.96 -24.08
C GLY F 162 15.76 -21.44 -25.03
N LYS F 163 17.00 -20.97 -24.90
CA LYS F 163 18.09 -21.45 -25.75
C LYS F 163 18.33 -22.94 -25.55
N ARG F 164 17.77 -23.52 -24.50
CA ARG F 164 17.91 -24.94 -24.27
C ARG F 164 17.17 -25.73 -25.35
N TYR F 165 16.14 -25.12 -25.92
CA TYR F 165 15.30 -25.77 -26.92
C TYR F 165 15.81 -25.59 -28.34
N LYS F 166 16.99 -24.97 -28.52
CA LYS F 166 17.50 -24.70 -29.86
C LYS F 166 17.81 -25.99 -30.62
N ASP F 167 18.36 -26.99 -29.94
CA ASP F 167 18.82 -28.19 -30.63
C ASP F 167 17.66 -29.07 -31.09
N SER F 168 16.52 -28.99 -30.41
CA SER F 168 15.40 -29.89 -30.69
C SER F 168 14.47 -29.37 -31.78
N LEU F 169 14.72 -28.19 -32.32
CA LEU F 169 13.85 -27.58 -33.31
C LEU F 169 14.61 -27.31 -34.60
N THR F 170 13.87 -27.28 -35.71
CA THR F 170 14.47 -26.96 -36.99
C THR F 170 14.78 -25.47 -37.09
N ALA F 171 15.40 -25.09 -38.21
CA ALA F 171 15.81 -23.71 -38.39
C ALA F 171 14.61 -22.77 -38.46
N LYS F 172 13.55 -23.18 -39.17
CA LYS F 172 12.42 -22.28 -39.39
C LYS F 172 11.63 -22.03 -38.11
N GLU F 173 11.39 -23.08 -37.35
CA GLU F 173 10.66 -23.02 -36.12
C GLU F 173 11.40 -22.23 -35.07
N TYR F 174 12.71 -22.36 -35.06
CA TYR F 174 13.49 -21.63 -34.10
C TYR F 174 13.48 -20.15 -34.48
N GLN F 175 13.40 -19.88 -35.78
CA GLN F 175 13.37 -18.51 -36.27
C GLN F 175 12.14 -17.76 -35.80
N ASP F 176 11.00 -18.44 -35.79
CA ASP F 176 9.75 -17.85 -35.34
C ASP F 176 9.91 -17.42 -33.90
N LEU F 177 10.19 -18.40 -33.08
CA LEU F 177 10.36 -18.25 -31.66
C LEU F 177 11.35 -17.15 -31.34
N ILE F 178 12.50 -17.09 -32.02
CA ILE F 178 13.41 -16.02 -31.63
C ILE F 178 13.03 -14.67 -32.23
N LYS F 179 12.10 -14.66 -33.18
CA LYS F 179 11.62 -13.44 -33.83
C LYS F 179 10.10 -13.37 -33.78
N PHE F 180 9.56 -13.53 -32.57
CA PHE F 180 8.11 -13.53 -32.39
C PHE F 180 7.49 -12.26 -32.95
N GLU F 181 6.36 -12.42 -33.66
CA GLU F 181 5.72 -11.34 -34.38
C GLU F 181 4.27 -11.22 -33.96
N GLY F 182 3.75 -9.98 -33.99
CA GLY F 182 2.36 -9.77 -33.68
C GLY F 182 1.41 -10.14 -34.80
N ASN F 183 1.86 -10.00 -36.06
CA ASN F 183 1.00 -10.34 -37.19
C ASN F 183 0.71 -11.83 -37.24
N ALA F 184 1.74 -12.66 -37.06
CA ALA F 184 1.53 -14.11 -37.07
C ALA F 184 0.63 -14.54 -35.91
N ASN F 185 0.82 -13.94 -34.73
CA ASN F 185 -0.03 -14.27 -33.60
C ASN F 185 -1.47 -13.85 -33.86
N GLY F 186 -1.67 -12.69 -34.48
CA GLY F 186 -3.01 -12.27 -34.82
C GLY F 186 -3.69 -13.20 -35.81
N PHE F 187 -2.94 -13.64 -36.83
CA PHE F 187 -3.50 -14.60 -37.79
C PHE F 187 -3.82 -15.92 -37.11
N LYS F 188 -3.00 -16.37 -36.21
CA LYS F 188 -3.28 -17.59 -35.50
C LYS F 188 -4.50 -17.43 -34.63
N VAL F 189 -4.67 -16.32 -33.94
CA VAL F 189 -5.86 -16.10 -33.13
C VAL F 189 -7.10 -16.08 -34.01
N LEU F 190 -7.03 -15.42 -35.17
CA LEU F 190 -8.18 -15.35 -36.05
C LEU F 190 -8.54 -16.71 -36.65
N SER F 191 -7.55 -17.57 -36.88
CA SER F 191 -7.76 -18.86 -37.52
C SER F 191 -7.35 -20.02 -36.61
N GLN F 192 -7.75 -19.97 -35.35
CA GLN F 192 -7.42 -21.01 -34.39
C GLN F 192 -8.55 -22.04 -34.33
N SER F 193 -8.22 -23.30 -34.61
CA SER F 193 -9.20 -24.38 -34.58
C SER F 193 -9.27 -24.99 -33.18
N LYS F 194 -10.48 -25.23 -32.71
CA LYS F 194 -10.73 -25.80 -31.40
C LYS F 194 -11.78 -26.89 -31.55
N PRO F 195 -11.80 -27.87 -30.63
CA PRO F 195 -12.83 -28.92 -30.68
C PRO F 195 -14.22 -28.32 -30.59
N GLY F 196 -15.00 -28.49 -31.66
CA GLY F 196 -16.33 -27.94 -31.76
C GLY F 196 -16.42 -26.65 -32.54
N ALA F 197 -15.30 -25.95 -32.71
CA ALA F 197 -15.25 -24.69 -33.45
C ALA F 197 -14.09 -24.78 -34.44
N GLN F 198 -14.38 -25.22 -35.67
CA GLN F 198 -13.37 -25.38 -36.70
C GLN F 198 -13.26 -24.08 -37.49
N GLY F 199 -12.05 -23.52 -37.54
CA GLY F 199 -11.81 -22.29 -38.26
C GLY F 199 -11.83 -21.03 -37.43
N GLY F 200 -12.04 -21.13 -36.12
CA GLY F 200 -12.08 -19.94 -35.29
C GLY F 200 -13.28 -19.08 -35.63
N LEU F 201 -13.02 -17.80 -35.89
CA LEU F 201 -14.10 -16.87 -36.24
C LEU F 201 -14.67 -17.13 -37.63
N ARG F 202 -13.95 -17.87 -38.47
CA ARG F 202 -14.40 -18.23 -39.81
C ARG F 202 -14.72 -16.98 -40.64
N LEU F 203 -13.69 -16.16 -40.84
CA LEU F 203 -13.86 -14.93 -41.61
C LEU F 203 -13.75 -15.22 -43.11
N SER F 204 -14.19 -14.25 -43.90
CA SER F 204 -14.11 -14.37 -45.34
C SER F 204 -12.65 -14.33 -45.80
N TYR F 205 -12.40 -14.96 -46.95
CA TYR F 205 -11.03 -15.03 -47.45
C TYR F 205 -10.52 -13.67 -47.89
N ALA F 206 -11.39 -12.80 -48.38
CA ALA F 206 -10.97 -11.44 -48.74
C ALA F 206 -10.47 -10.68 -47.52
N THR F 207 -11.18 -10.80 -46.39
CA THR F 207 -10.74 -10.14 -45.18
C THR F 207 -9.40 -10.68 -44.70
N LEU F 208 -9.21 -11.99 -44.78
CA LEU F 208 -7.93 -12.57 -44.38
C LEU F 208 -6.80 -12.11 -45.29
N GLY F 209 -7.07 -12.03 -46.60
CA GLY F 209 -6.05 -11.55 -47.52
C GLY F 209 -5.69 -10.10 -47.28
N ALA F 210 -6.70 -9.25 -47.02
CA ALA F 210 -6.43 -7.85 -46.72
C ALA F 210 -5.73 -7.68 -45.37
N PHE F 211 -5.96 -8.58 -44.42
CA PHE F 211 -5.32 -8.50 -43.12
C PHE F 211 -3.83 -8.82 -43.18
N MET F 212 -3.43 -9.74 -44.05
CA MET F 212 -2.04 -10.17 -44.13
C MET F 212 -1.20 -9.07 -44.77
N LYS F 213 -0.15 -8.64 -44.06
CA LYS F 213 0.75 -7.61 -44.56
C LYS F 213 2.06 -8.16 -45.10
N TYR F 214 2.52 -9.31 -44.61
CA TYR F 214 3.78 -9.91 -45.01
C TYR F 214 3.54 -11.35 -45.42
N PRO F 215 3.07 -11.57 -46.66
CA PRO F 215 2.76 -12.95 -47.11
C PRO F 215 4.01 -13.74 -47.44
N LYS F 216 4.76 -14.10 -46.40
CA LYS F 216 5.98 -14.89 -46.57
C LYS F 216 6.29 -15.59 -45.25
N GLU F 217 7.16 -16.59 -45.34
CA GLU F 217 7.61 -17.33 -44.17
C GLU F 217 8.71 -16.55 -43.45
N SER F 218 9.19 -17.12 -42.35
CA SER F 218 10.21 -16.44 -41.54
C SER F 218 11.60 -16.49 -42.15
N LEU F 219 11.84 -17.40 -43.10
CA LEU F 219 13.12 -17.52 -43.75
C LEU F 219 12.95 -17.46 -45.26
N PRO F 220 13.89 -16.84 -45.99
CA PRO F 220 15.09 -16.16 -45.48
C PRO F 220 14.80 -14.83 -44.79
N HIS F 221 15.72 -14.38 -43.94
CA HIS F 221 15.53 -13.17 -43.15
C HIS F 221 15.90 -11.96 -43.98
N LYS F 222 14.90 -11.17 -44.40
CA LYS F 222 15.07 -9.94 -45.15
C LYS F 222 15.88 -10.17 -46.42
N PRO F 223 15.30 -10.86 -47.42
CA PRO F 223 16.06 -11.17 -48.64
C PRO F 223 16.19 -10.00 -49.60
N SER F 224 15.51 -8.88 -49.35
CA SER F 224 15.59 -7.72 -50.23
C SER F 224 15.15 -6.49 -49.44
N ASP F 225 15.03 -5.36 -50.13
CA ASP F 225 14.59 -4.11 -49.53
C ASP F 225 13.11 -3.83 -49.78
N HIS F 226 12.35 -4.84 -50.19
CA HIS F 226 10.94 -4.66 -50.46
C HIS F 226 10.19 -4.38 -49.15
N ILE F 227 8.98 -3.82 -49.29
CA ILE F 227 8.19 -3.47 -48.12
C ILE F 227 7.48 -4.68 -47.53
N ALA F 228 7.29 -5.74 -48.31
CA ALA F 228 6.51 -6.89 -47.89
C ALA F 228 7.37 -8.05 -47.38
N ASP F 229 8.68 -7.88 -47.31
CA ASP F 229 9.56 -8.95 -46.83
C ASP F 229 10.43 -8.51 -45.66
N LYS F 230 10.09 -7.39 -45.01
CA LYS F 230 10.80 -7.00 -43.81
C LYS F 230 10.60 -8.01 -42.69
N LYS F 231 9.38 -8.52 -42.54
CA LYS F 231 9.07 -9.51 -41.52
C LYS F 231 8.21 -10.62 -42.12
N TYR F 232 7.74 -11.55 -41.31
CA TYR F 232 6.87 -12.63 -41.77
C TYR F 232 5.50 -12.47 -41.16
N GLY F 233 4.54 -13.23 -41.70
CA GLY F 233 3.15 -13.05 -41.33
C GLY F 233 2.44 -14.27 -40.77
N PHE F 234 3.06 -15.45 -40.84
CA PHE F 234 2.41 -16.65 -40.35
C PHE F 234 3.46 -17.62 -39.83
N PHE F 235 3.03 -18.47 -38.90
CA PHE F 235 3.89 -19.50 -38.33
C PHE F 235 3.92 -20.72 -39.25
N GLN F 236 4.67 -21.74 -38.84
CA GLN F 236 4.73 -22.98 -39.60
C GLN F 236 3.46 -23.80 -39.42
N SER F 237 2.79 -23.67 -38.28
CA SER F 237 1.58 -24.44 -38.02
C SER F 237 0.38 -23.94 -38.80
N GLU F 238 0.47 -22.78 -39.44
CA GLU F 238 -0.62 -22.22 -40.23
C GLU F 238 -0.24 -22.06 -41.70
N ARG F 239 0.73 -22.83 -42.18
CA ARG F 239 1.16 -22.70 -43.58
C ARG F 239 0.07 -23.17 -44.53
N ALA F 240 -0.59 -24.28 -44.20
CA ALA F 240 -1.61 -24.84 -45.10
C ALA F 240 -2.80 -23.90 -45.26
N LEU F 241 -3.25 -23.29 -44.16
CA LEU F 241 -4.40 -22.40 -44.23
C LEU F 241 -4.11 -21.19 -45.12
N PHE F 242 -2.94 -20.58 -44.95
CA PHE F 242 -2.60 -19.42 -45.77
C PHE F 242 -2.34 -19.84 -47.22
N GLU F 243 -1.81 -21.04 -47.44
CA GLU F 243 -1.65 -21.53 -48.80
C GLU F 243 -3.00 -21.67 -49.49
N ASP F 244 -3.99 -22.22 -48.77
CA ASP F 244 -5.33 -22.34 -49.33
C ASP F 244 -5.93 -20.96 -49.62
N VAL F 245 -5.77 -20.02 -48.69
CA VAL F 245 -6.29 -18.67 -48.89
C VAL F 245 -5.65 -18.03 -50.12
N ALA F 246 -4.33 -18.17 -50.25
CA ALA F 246 -3.63 -17.57 -51.38
C ALA F 246 -4.04 -18.22 -52.70
N GLN F 247 -4.17 -19.51 -52.72
CA GLN F 247 -4.57 -20.21 -53.91
C GLN F 247 -5.95 -19.79 -54.35
N GLU F 248 -6.88 -19.62 -53.41
CA GLU F 248 -8.22 -19.18 -53.75
C GLU F 248 -8.23 -17.73 -54.23
N LEU F 249 -7.53 -16.85 -53.52
CA LEU F 249 -7.54 -15.43 -53.87
C LEU F 249 -6.89 -15.17 -55.23
N GLY F 250 -5.80 -15.88 -55.52
CA GLY F 250 -5.07 -15.68 -56.75
C GLY F 250 -3.83 -14.85 -56.63
N LEU F 251 -3.21 -14.80 -55.45
CA LEU F 251 -2.00 -14.00 -55.26
C LEU F 251 -0.87 -14.55 -56.11
N LEU F 252 -0.07 -13.63 -56.67
CA LEU F 252 1.00 -14.01 -57.57
C LEU F 252 2.17 -14.60 -56.80
N LYS F 253 2.66 -15.74 -57.27
CA LYS F 253 3.78 -16.41 -56.62
C LYS F 253 5.07 -15.67 -56.93
N ARG F 254 5.90 -15.51 -55.91
CA ARG F 254 7.15 -14.80 -56.03
C ARG F 254 8.36 -15.69 -55.85
N SER F 255 8.22 -16.71 -55.02
CA SER F 255 9.29 -17.67 -54.81
C SER F 255 8.70 -19.06 -54.64
N ASP F 259 10.71 -22.22 -50.23
CA ASP F 259 10.09 -21.18 -49.41
C ASP F 259 8.97 -20.55 -50.23
N VAL F 260 7.82 -20.35 -49.58
CA VAL F 260 6.64 -19.81 -50.24
C VAL F 260 6.51 -18.34 -49.93
N SER F 261 6.13 -17.55 -50.94
CA SER F 261 5.93 -16.12 -50.77
C SER F 261 4.97 -15.64 -51.85
N TRP F 262 4.14 -14.66 -51.51
CA TRP F 262 3.16 -14.14 -52.45
C TRP F 262 3.24 -12.62 -52.53
N SER F 263 2.29 -12.01 -53.24
CA SER F 263 2.20 -10.57 -53.39
C SER F 263 1.12 -9.98 -52.48
N ARG F 264 1.26 -8.70 -52.17
CA ARG F 264 0.35 -8.03 -51.27
C ARG F 264 -1.01 -7.78 -51.93
N HIS F 265 -2.06 -7.89 -51.12
CA HIS F 265 -3.37 -7.42 -51.52
C HIS F 265 -3.40 -5.90 -51.53
N PRO F 266 -4.01 -5.27 -52.54
CA PRO F 266 -4.13 -3.80 -52.51
C PRO F 266 -4.89 -3.29 -51.30
N LEU F 267 -5.89 -4.03 -50.85
CA LEU F 267 -6.59 -3.65 -49.63
C LEU F 267 -5.66 -3.68 -48.43
N ALA F 268 -4.64 -4.54 -48.46
CA ALA F 268 -3.61 -4.48 -47.42
C ALA F 268 -2.85 -3.17 -47.47
N TYR F 269 -2.56 -2.67 -48.68
CA TYR F 269 -1.95 -1.35 -48.81
C TYR F 269 -2.85 -0.27 -48.21
N LEU F 270 -4.15 -0.34 -48.49
CA LEU F 270 -5.08 0.65 -47.93
C LEU F 270 -5.10 0.57 -46.40
N VAL F 271 -5.13 -0.64 -45.85
CA VAL F 271 -5.13 -0.80 -44.39
C VAL F 271 -3.85 -0.24 -43.78
N GLU F 272 -2.74 -0.52 -44.42
CA GLU F 272 -1.46 -0.02 -43.97
C GLU F 272 -1.39 1.50 -43.99
N ALA F 273 -1.88 2.12 -45.04
CA ALA F 273 -1.90 3.58 -45.12
C ALA F 273 -2.81 4.19 -44.06
N ALA F 274 -3.99 3.60 -43.88
CA ALA F 274 -4.92 4.10 -42.87
C ALA F 274 -4.31 4.03 -41.48
N ASP F 275 -3.75 2.92 -41.11
CA ASP F 275 -3.07 2.65 -39.86
C ASP F 275 -1.90 3.51 -39.61
N ASP F 276 -1.20 3.88 -40.69
CA ASP F 276 -0.03 4.74 -40.63
C ASP F 276 -0.45 6.18 -40.31
N ILE F 277 -1.43 6.69 -41.05
CA ILE F 277 -1.96 8.02 -40.79
C ILE F 277 -2.50 8.11 -39.36
N CYS F 278 -3.21 7.11 -38.89
CA CYS F 278 -3.71 7.20 -37.53
C CYS F 278 -2.65 7.29 -36.45
N TYR F 279 -1.74 6.35 -36.34
CA TYR F 279 -0.76 6.46 -35.27
C TYR F 279 0.12 7.68 -35.35
N THR F 280 0.49 8.10 -36.55
CA THR F 280 1.29 9.31 -36.72
C THR F 280 0.54 10.52 -36.23
N ILE F 281 -0.76 10.64 -36.53
CA ILE F 281 -1.43 11.86 -36.09
C ILE F 281 -1.92 11.75 -34.64
N ILE F 282 -2.49 10.59 -34.28
CA ILE F 282 -3.03 10.44 -32.93
C ILE F 282 -1.91 10.45 -31.90
N ASP F 283 -0.77 9.89 -32.20
CA ASP F 283 0.33 9.89 -31.25
C ASP F 283 0.87 11.28 -31.11
N PHE F 284 0.95 11.99 -32.22
CA PHE F 284 1.39 13.38 -32.13
C PHE F 284 0.48 14.19 -31.22
N GLU F 285 -0.85 14.12 -31.44
CA GLU F 285 -1.73 14.93 -30.62
C GLU F 285 -1.74 14.47 -29.16
N ASP F 286 -1.62 13.16 -28.93
CA ASP F 286 -1.58 12.66 -27.55
C ASP F 286 -0.34 13.18 -26.83
N GLY F 287 0.80 13.20 -27.51
CA GLY F 287 1.98 13.80 -26.92
C GLY F 287 1.81 15.29 -26.67
N ILE F 288 1.08 15.97 -27.56
CA ILE F 288 0.82 17.40 -27.36
C ILE F 288 -0.02 17.64 -26.11
N ASN F 289 -1.07 16.90 -25.81
CA ASN F 289 -1.88 17.18 -24.60
C ASN F 289 -1.35 16.73 -23.26
N LEU F 290 -0.49 15.76 -23.23
CA LEU F 290 0.02 15.21 -21.99
C LEU F 290 1.12 15.99 -21.33
N GLY F 291 1.64 17.01 -21.95
CA GLY F 291 2.62 17.82 -21.28
C GLY F 291 4.06 17.65 -21.66
N LEU F 292 4.26 16.99 -22.79
CA LEU F 292 5.57 16.65 -23.30
C LEU F 292 5.94 17.36 -24.59
N ILE F 293 4.99 18.05 -25.20
CA ILE F 293 5.26 18.80 -26.42
C ILE F 293 4.45 20.11 -26.39
N PRO F 294 5.09 21.25 -26.68
CA PRO F 294 4.48 22.59 -26.75
C PRO F 294 3.61 22.83 -27.99
N GLU F 295 2.54 23.61 -27.88
CA GLU F 295 1.63 23.88 -29.00
C GLU F 295 2.33 24.61 -30.15
N GLU F 296 3.49 25.22 -29.88
CA GLU F 296 4.22 25.87 -30.96
C GLU F 296 4.64 24.86 -32.02
N TYR F 297 5.11 23.68 -31.60
CA TYR F 297 5.40 22.63 -32.56
C TYR F 297 4.12 22.12 -33.24
N ALA F 298 3.01 22.12 -32.51
CA ALA F 298 1.74 21.68 -33.11
C ALA F 298 1.34 22.59 -34.26
N LEU F 299 1.49 23.90 -34.08
CA LEU F 299 1.12 24.83 -35.15
C LEU F 299 2.18 24.88 -36.25
N GLU F 300 3.46 24.81 -35.90
CA GLU F 300 4.52 24.94 -36.89
C GLU F 300 4.60 23.70 -37.78
N TYR F 301 4.56 22.51 -37.18
CA TYR F 301 4.72 21.28 -37.95
C TYR F 301 3.49 20.93 -38.76
N MET F 302 2.33 21.51 -38.43
CA MET F 302 1.08 21.26 -39.14
C MET F 302 0.63 22.58 -39.75
N VAL F 303 1.18 22.89 -40.94
CA VAL F 303 0.81 24.11 -41.65
C VAL F 303 0.39 23.76 -43.08
N LYS F 304 1.22 22.96 -43.77
CA LYS F 304 0.88 22.57 -45.14
C LYS F 304 -0.23 21.53 -45.18
N LEU F 305 -0.30 20.67 -44.16
CA LEU F 305 -1.37 19.68 -44.09
C LEU F 305 -2.73 20.36 -43.96
N VAL F 306 -2.82 21.39 -43.14
CA VAL F 306 -4.07 22.08 -42.87
C VAL F 306 -4.15 23.42 -43.63
N GLY F 307 -3.39 23.57 -44.71
CA GLY F 307 -3.29 24.85 -45.38
C GLY F 307 -4.56 25.32 -46.04
N GLN F 308 -4.97 24.68 -47.13
CA GLN F 308 -6.18 25.10 -47.84
C GLN F 308 -7.41 24.32 -47.38
N THR F 309 -7.58 24.22 -46.06
CA THR F 309 -8.79 23.63 -45.49
C THR F 309 -9.24 24.30 -44.21
N ILE F 310 -8.58 25.37 -43.78
CA ILE F 310 -8.78 25.92 -42.43
C ILE F 310 -9.53 27.24 -42.53
N ASP F 311 -10.26 27.55 -41.47
CA ASP F 311 -10.91 28.85 -41.30
C ASP F 311 -10.23 29.54 -40.12
N ARG F 312 -9.54 30.65 -40.39
CA ARG F 312 -8.75 31.30 -39.36
C ARG F 312 -9.63 31.91 -38.26
N ASN F 313 -10.81 32.40 -38.63
CA ASN F 313 -11.71 32.97 -37.63
C ASN F 313 -12.14 31.92 -36.61
N LYS F 314 -12.55 30.74 -37.09
CA LYS F 314 -12.93 29.68 -36.19
C LYS F 314 -11.75 29.17 -35.37
N TYR F 315 -10.57 29.10 -35.98
CA TYR F 315 -9.38 28.64 -35.25
C TYR F 315 -9.02 29.60 -34.13
N ASN F 316 -9.10 30.91 -34.39
CA ASN F 316 -8.77 31.90 -33.38
C ASN F 316 -9.87 32.05 -32.33
N ALA F 317 -11.11 31.73 -32.70
CA ALA F 317 -12.21 31.85 -31.74
C ALA F 317 -12.09 30.85 -30.60
N LEU F 318 -11.42 29.73 -30.83
CA LEU F 318 -11.25 28.72 -29.79
C LEU F 318 -10.32 29.24 -28.69
N GLN F 319 -10.52 28.72 -27.49
CA GLN F 319 -9.74 29.11 -26.32
C GLN F 319 -8.85 27.99 -25.80
N GLU F 320 -9.41 26.83 -25.53
CA GLU F 320 -8.61 25.70 -25.05
C GLU F 320 -7.75 25.13 -26.17
N THR F 321 -6.59 24.59 -25.79
CA THR F 321 -5.69 24.01 -26.77
C THR F 321 -6.22 22.71 -27.34
N SER F 322 -7.02 21.97 -26.56
CA SER F 322 -7.52 20.68 -27.01
C SER F 322 -8.38 20.80 -28.25
N ASP F 323 -9.26 21.81 -28.28
CA ASP F 323 -10.13 21.99 -29.44
C ASP F 323 -9.32 22.34 -30.69
N ARG F 324 -8.31 23.21 -30.54
CA ARG F 324 -7.48 23.56 -31.67
C ARG F 324 -6.71 22.35 -32.19
N VAL F 325 -6.16 21.54 -31.28
CA VAL F 325 -5.43 20.34 -31.71
C VAL F 325 -6.37 19.38 -32.40
N SER F 326 -7.58 19.21 -31.89
CA SER F 326 -8.55 18.32 -32.52
C SER F 326 -8.93 18.80 -33.91
N TYR F 327 -9.08 20.11 -34.01
CA TYR F 327 -9.43 20.81 -35.23
C TYR F 327 -8.36 20.58 -36.31
N LEU F 328 -7.09 20.70 -35.95
CA LEU F 328 -5.94 20.45 -36.82
C LEU F 328 -5.84 18.97 -37.17
N ARG F 329 -6.08 18.12 -36.19
CA ARG F 329 -6.04 16.68 -36.36
C ARG F 329 -7.12 16.25 -37.33
N ALA F 330 -8.27 16.88 -37.23
CA ALA F 330 -9.40 16.61 -38.10
C ALA F 330 -9.12 16.96 -39.55
N LEU F 331 -8.41 18.07 -39.76
CA LEU F 331 -8.08 18.56 -41.09
C LEU F 331 -6.94 17.79 -41.75
N ALA F 332 -5.93 17.42 -40.95
CA ALA F 332 -4.81 16.62 -41.42
C ALA F 332 -5.26 15.23 -41.83
N ILE F 333 -6.15 14.61 -41.05
CA ILE F 333 -6.64 13.28 -41.38
C ILE F 333 -7.39 13.32 -42.71
N GLY F 334 -8.24 14.33 -42.91
CA GLY F 334 -8.98 14.42 -44.16
C GLY F 334 -8.07 14.59 -45.37
N THR F 335 -7.12 15.51 -45.27
CA THR F 335 -6.23 15.75 -46.41
C THR F 335 -5.33 14.55 -46.68
N LEU F 336 -4.87 13.87 -45.63
CA LEU F 336 -4.04 12.68 -45.83
C LEU F 336 -4.85 11.55 -46.44
N ILE F 337 -6.14 11.48 -46.14
CA ILE F 337 -7.00 10.44 -46.69
C ILE F 337 -7.16 10.68 -48.16
N ASN F 338 -7.43 11.90 -48.52
CA ASN F 338 -7.59 12.25 -49.93
C ASN F 338 -6.30 12.01 -50.72
N GLU F 339 -5.16 12.43 -50.15
CA GLU F 339 -3.89 12.24 -50.85
C GLU F 339 -3.55 10.75 -51.00
N SER F 340 -3.84 9.95 -49.98
CA SER F 340 -3.59 8.52 -50.06
C SER F 340 -4.46 7.86 -51.12
N VAL F 341 -5.73 8.26 -51.21
CA VAL F 341 -6.60 7.71 -52.26
C VAL F 341 -6.06 8.08 -53.63
N ASP F 342 -5.65 9.33 -53.81
CA ASP F 342 -5.10 9.75 -55.11
C ASP F 342 -3.84 8.96 -55.44
N THR F 343 -2.95 8.77 -54.46
CA THR F 343 -1.72 8.01 -54.69
C THR F 343 -2.02 6.57 -55.06
N PHE F 344 -2.99 5.95 -54.36
CA PHE F 344 -3.35 4.58 -54.70
C PHE F 344 -3.90 4.47 -56.11
N MET F 345 -4.75 5.41 -56.51
CA MET F 345 -5.28 5.38 -57.87
C MET F 345 -4.23 5.71 -58.92
N LYS F 346 -3.14 6.38 -58.53
CA LYS F 346 -2.08 6.66 -59.49
C LYS F 346 -1.36 5.39 -59.92
N TYR F 347 -1.09 4.48 -58.98
CA TYR F 347 -0.30 3.29 -59.21
C TYR F 347 -1.13 2.01 -59.16
N GLU F 348 -2.26 1.99 -59.81
CA GLU F 348 -3.11 0.83 -59.71
C GLU F 348 -2.59 -0.33 -60.47
N GLU F 349 -2.08 -0.10 -61.67
CA GLU F 349 -1.54 -1.21 -62.45
C GLU F 349 -0.29 -1.79 -61.81
N GLU F 350 0.62 -0.94 -61.31
CA GLU F 350 1.83 -1.44 -60.68
C GLU F 350 1.53 -2.23 -59.42
N ILE F 351 0.59 -1.74 -58.60
CA ILE F 351 0.23 -2.44 -57.37
C ILE F 351 -0.41 -3.79 -57.70
N LEU F 352 -1.32 -3.81 -58.67
CA LEU F 352 -1.98 -5.06 -59.03
C LEU F 352 -1.00 -6.05 -59.66
N ALA F 353 0.00 -5.55 -60.37
CA ALA F 353 1.01 -6.42 -60.98
C ALA F 353 2.07 -6.89 -59.99
N GLY F 354 2.08 -6.35 -58.77
CA GLY F 354 3.02 -6.77 -57.76
C GLY F 354 4.40 -6.17 -57.87
N THR F 355 4.60 -5.15 -58.70
CA THR F 355 5.89 -4.51 -58.84
C THR F 355 6.08 -3.32 -57.91
N PHE F 356 5.03 -2.89 -57.21
CA PHE F 356 5.14 -1.76 -56.30
C PHE F 356 5.92 -2.18 -55.06
N ASP F 357 6.99 -1.46 -54.76
CA ASP F 357 7.92 -1.84 -53.71
C ASP F 357 7.89 -0.92 -52.50
N GLN F 358 6.97 0.05 -52.44
CA GLN F 358 6.91 0.99 -51.35
C GLN F 358 5.48 1.06 -50.82
N SER F 359 5.27 1.93 -49.84
CA SER F 359 3.94 2.15 -49.28
C SER F 359 3.24 3.26 -50.05
N LEU F 360 2.12 3.75 -49.52
CA LEU F 360 1.42 4.89 -50.11
C LEU F 360 1.76 6.20 -49.42
N ILE F 361 2.10 6.17 -48.14
CA ILE F 361 2.46 7.39 -47.43
C ILE F 361 3.81 7.92 -47.91
N ASP F 362 4.78 7.03 -48.08
CA ASP F 362 6.12 7.45 -48.51
C ASP F 362 6.15 7.99 -49.93
N LYS F 363 5.11 7.74 -50.73
CA LYS F 363 5.01 8.27 -52.08
C LYS F 363 4.08 9.48 -52.14
N SER F 364 4.00 10.24 -51.05
CA SER F 364 3.14 11.40 -50.96
C SER F 364 3.98 12.67 -50.89
N ASN F 365 3.36 13.79 -51.28
CA ASN F 365 4.07 15.07 -51.30
C ASN F 365 4.49 15.49 -49.91
N TYR F 366 3.63 15.28 -48.91
CA TYR F 366 3.90 15.71 -47.54
C TYR F 366 4.66 14.60 -46.83
N GLN F 367 5.98 14.72 -46.80
CA GLN F 367 6.84 13.75 -46.14
C GLN F 367 7.78 14.38 -45.12
N ALA F 368 8.27 15.59 -45.39
CA ALA F 368 9.18 16.24 -44.44
C ALA F 368 8.48 16.52 -43.12
N GLN F 369 7.23 16.99 -43.17
CA GLN F 369 6.48 17.24 -41.94
C GLN F 369 6.21 15.94 -41.19
N ILE F 370 5.86 14.87 -41.91
CA ILE F 370 5.61 13.58 -41.27
C ILE F 370 6.89 13.08 -40.60
N THR F 371 8.01 13.19 -41.30
CA THR F 371 9.28 12.76 -40.73
C THR F 371 9.65 13.57 -39.50
N ASP F 372 9.42 14.88 -39.55
CA ASP F 372 9.70 15.72 -38.38
C ASP F 372 8.83 15.34 -37.20
N ILE F 373 7.54 15.08 -37.43
CA ILE F 373 6.65 14.68 -36.36
C ILE F 373 7.10 13.35 -35.76
N ILE F 374 7.46 12.40 -36.61
CA ILE F 374 7.91 11.09 -36.13
C ILE F 374 9.18 11.23 -35.31
N ASN F 375 10.13 12.05 -35.79
CA ASN F 375 11.38 12.24 -35.06
C ASN F 375 11.14 12.90 -33.71
N LEU F 376 10.24 13.90 -33.67
CA LEU F 376 9.95 14.55 -32.39
C LEU F 376 9.29 13.57 -31.42
N SER F 377 8.37 12.74 -31.92
CA SER F 377 7.73 11.74 -31.06
C SER F 377 8.75 10.74 -30.54
N ILE F 378 9.69 10.32 -31.39
CA ILE F 378 10.74 9.40 -30.94
C ILE F 378 11.61 10.08 -29.89
N GLU F 379 11.91 11.36 -30.08
CA GLU F 379 12.81 12.05 -29.17
C GLU F 379 12.19 12.26 -27.79
N ARG F 380 10.92 12.68 -27.74
CA ARG F 380 10.36 13.14 -26.48
C ARG F 380 9.20 12.30 -25.95
N ILE F 381 8.60 11.43 -26.75
CA ILE F 381 7.51 10.59 -26.25
C ILE F 381 7.99 9.18 -25.94
N TYR F 382 8.75 8.57 -26.85
CA TYR F 382 9.19 7.20 -26.67
C TYR F 382 10.39 7.07 -25.74
N ASN F 383 11.04 8.17 -25.38
CA ASN F 383 12.23 8.14 -24.54
C ASN F 383 11.99 8.76 -23.16
N SER F 384 10.72 8.91 -22.76
CA SER F 384 10.42 9.42 -21.43
C SER F 384 10.77 8.38 -20.37
N ARG F 385 11.04 8.88 -19.16
CA ARG F 385 11.49 8.00 -18.07
C ARG F 385 10.42 6.98 -17.72
N GLU F 386 9.15 7.39 -17.65
CA GLU F 386 8.08 6.47 -17.29
C GLU F 386 7.96 5.34 -18.31
N VAL F 387 8.08 5.67 -19.60
CA VAL F 387 7.98 4.65 -20.64
C VAL F 387 9.10 3.63 -20.49
N ILE F 388 10.33 4.10 -20.24
CA ILE F 388 11.45 3.18 -20.08
C ILE F 388 11.26 2.30 -18.86
N GLU F 389 10.81 2.88 -17.75
CA GLU F 389 10.59 2.11 -16.54
C GLU F 389 9.54 1.02 -16.75
N LYS F 390 8.43 1.39 -17.40
CA LYS F 390 7.37 0.41 -17.65
C LYS F 390 7.84 -0.67 -18.62
N GLU F 391 8.64 -0.30 -19.62
CA GLU F 391 9.18 -1.30 -20.54
C GLU F 391 10.10 -2.28 -19.82
N ILE F 392 10.94 -1.78 -18.92
CA ILE F 392 11.83 -2.67 -18.16
C ILE F 392 11.01 -3.60 -17.28
N ALA F 393 9.98 -3.06 -16.61
CA ALA F 393 9.13 -3.90 -15.78
C ALA F 393 8.44 -4.98 -16.59
N GLY F 394 7.90 -4.62 -17.75
CA GLY F 394 7.28 -5.62 -18.61
C GLY F 394 8.25 -6.66 -19.10
N TYR F 395 9.48 -6.20 -19.33
CA TYR F 395 10.60 -7.02 -19.79
C TYR F 395 10.92 -8.12 -18.79
N GLU F 396 10.96 -7.74 -17.51
CA GLU F 396 11.22 -8.67 -16.43
C GLU F 396 10.03 -9.60 -16.20
N ILE F 397 8.81 -9.04 -16.21
CA ILE F 397 7.62 -9.84 -15.92
C ILE F 397 7.44 -10.94 -16.97
N LEU F 398 7.55 -10.58 -18.24
CA LEU F 398 7.45 -11.58 -19.29
C LEU F 398 8.56 -12.61 -19.20
N SER F 399 9.77 -12.18 -18.83
CA SER F 399 10.86 -13.14 -18.69
C SER F 399 10.55 -14.19 -17.63
N THR F 400 10.11 -13.76 -16.44
CA THR F 400 9.81 -14.74 -15.40
C THR F 400 8.62 -15.60 -15.78
N LEU F 401 7.60 -15.02 -16.41
CA LEU F 401 6.44 -15.81 -16.79
C LEU F 401 6.81 -16.89 -17.80
N LEU F 402 7.62 -16.53 -18.80
CA LEU F 402 8.04 -17.52 -19.80
C LEU F 402 8.91 -18.60 -19.19
N GLU F 403 9.84 -18.24 -18.32
CA GLU F 403 10.69 -19.27 -17.72
C GLU F 403 9.88 -20.19 -16.81
N ALA F 404 8.91 -19.65 -16.08
CA ALA F 404 8.05 -20.48 -15.26
C ALA F 404 7.21 -21.43 -16.10
N ARG F 405 6.66 -20.94 -17.21
CA ARG F 405 5.87 -21.81 -18.08
C ARG F 405 6.74 -22.90 -18.70
N CYS F 406 7.96 -22.56 -19.13
CA CYS F 406 8.85 -23.57 -19.71
C CYS F 406 9.25 -24.61 -18.69
N ARG F 407 9.56 -24.18 -17.46
CA ARG F 407 9.92 -25.12 -16.41
C ARG F 407 8.75 -26.02 -16.07
N ALA F 408 7.53 -25.48 -16.06
CA ALA F 408 6.36 -26.30 -15.81
C ALA F 408 6.15 -27.31 -16.93
N LEU F 409 6.39 -26.90 -18.18
CA LEU F 409 6.15 -27.77 -19.32
C LEU F 409 7.14 -28.92 -19.39
N ASP F 410 8.42 -28.58 -19.24
CA ASP F 410 9.55 -29.55 -19.30
C ASP F 410 9.30 -30.88 -18.61
N ASN F 411 9.24 -30.88 -17.28
CA ASN F 411 9.01 -32.08 -16.49
C ASN F 411 7.74 -31.95 -15.67
N ASN F 412 6.68 -32.65 -16.08
CA ASN F 412 5.40 -32.51 -15.42
C ASN F 412 5.30 -33.57 -14.35
N ASP F 413 6.31 -33.57 -13.48
CA ASP F 413 6.38 -34.59 -12.44
C ASP F 413 6.21 -34.01 -11.03
N THR F 414 6.89 -32.93 -10.72
CA THR F 414 6.88 -32.41 -9.36
C THR F 414 5.55 -31.74 -9.02
N HIS F 415 5.30 -31.60 -7.71
CA HIS F 415 4.07 -30.99 -7.26
C HIS F 415 4.01 -29.50 -7.62
N TYR F 416 5.13 -28.79 -7.51
CA TYR F 416 5.15 -27.37 -7.86
C TYR F 416 4.83 -27.17 -9.33
N ASN F 417 5.31 -28.05 -10.19
CA ASN F 417 5.05 -27.94 -11.61
C ASN F 417 3.59 -28.16 -11.89
N GLN F 418 2.99 -29.12 -11.24
CA GLN F 418 1.57 -29.34 -11.38
C GLN F 418 0.77 -28.13 -10.89
N LEU F 419 1.22 -27.51 -9.79
CA LEU F 419 0.55 -26.31 -9.30
C LEU F 419 0.61 -25.18 -10.34
N ILE F 420 1.79 -24.98 -10.94
CA ILE F 420 1.93 -23.95 -11.97
C ILE F 420 1.04 -24.25 -13.16
N GLN F 421 0.99 -25.53 -13.58
CA GLN F 421 0.13 -25.90 -14.70
C GLN F 421 -1.34 -25.64 -14.38
N GLN F 422 -1.76 -25.97 -13.16
CA GLN F 422 -3.15 -25.72 -12.77
C GLN F 422 -3.47 -24.24 -12.70
N LEU F 423 -2.49 -23.41 -12.32
CA LEU F 423 -2.75 -21.97 -12.20
C LEU F 423 -2.69 -21.28 -13.57
N LEU F 424 -1.56 -21.37 -14.26
CA LEU F 424 -1.35 -20.59 -15.47
C LEU F 424 -2.20 -21.11 -16.63
N ALA F 425 -2.20 -22.42 -16.85
CA ALA F 425 -2.88 -23.03 -18.00
C ALA F 425 -3.78 -24.16 -17.51
N PRO F 426 -4.94 -23.83 -16.95
CA PRO F 426 -5.84 -24.88 -16.44
C PRO F 426 -6.69 -25.56 -17.50
N ASN F 427 -6.57 -25.16 -18.77
CA ASN F 427 -7.38 -25.72 -19.85
C ASN F 427 -6.65 -26.76 -20.67
N GLU F 431 -2.01 -33.60 -26.03
CA GLU F 431 -0.89 -34.24 -26.69
C GLU F 431 -0.51 -33.47 -27.94
N LYS F 432 0.70 -32.91 -27.95
CA LYS F 432 1.18 -32.15 -29.08
C LYS F 432 2.70 -32.16 -29.07
N SER F 433 3.32 -31.80 -30.19
CA SER F 433 4.76 -31.78 -30.28
C SER F 433 5.41 -30.60 -29.60
N LEU F 434 6.72 -30.63 -29.51
CA LEU F 434 7.49 -29.55 -28.89
C LEU F 434 7.34 -28.12 -29.46
N TYR F 435 7.08 -28.00 -30.75
CA TYR F 435 7.03 -26.73 -31.40
C TYR F 435 5.68 -26.14 -31.24
N GLU F 436 4.67 -26.97 -31.12
CA GLU F 436 3.30 -26.49 -30.93
C GLU F 436 3.06 -26.10 -29.48
N ASN F 437 3.72 -26.80 -28.59
CA ASN F 437 3.66 -26.58 -27.17
C ASN F 437 4.22 -25.25 -26.79
N LEU F 438 5.33 -24.89 -27.41
CA LEU F 438 6.00 -23.61 -27.20
C LEU F 438 5.21 -22.47 -27.83
N ILE F 439 4.68 -22.67 -29.03
CA ILE F 439 3.91 -21.61 -29.68
C ILE F 439 2.60 -21.37 -28.91
N GLN F 440 2.00 -22.41 -28.33
CA GLN F 440 0.81 -22.23 -27.52
C GLN F 440 1.13 -21.48 -26.24
N ILE F 441 2.29 -21.76 -25.64
CA ILE F 441 2.72 -21.01 -24.46
C ILE F 441 2.88 -19.53 -24.79
N CYS F 442 3.52 -19.25 -25.94
CA CYS F 442 3.70 -17.86 -26.35
C CYS F 442 2.37 -17.18 -26.59
N ALA F 443 1.43 -17.88 -27.26
CA ALA F 443 0.12 -17.30 -27.50
C ALA F 443 -0.63 -17.05 -26.19
N GLU F 444 -0.54 -17.98 -25.24
CA GLU F 444 -1.20 -17.79 -23.96
C GLU F 444 -0.63 -16.59 -23.20
N VAL F 445 0.70 -16.43 -23.24
CA VAL F 445 1.31 -15.26 -22.60
C VAL F 445 0.86 -13.98 -23.28
N SER F 446 0.79 -13.99 -24.61
CA SER F 446 0.37 -12.80 -25.35
C SER F 446 -1.10 -12.47 -25.13
N THR F 447 -1.89 -13.42 -24.61
CA THR F 447 -3.32 -13.17 -24.40
C THR F 447 -3.57 -12.28 -23.18
N MET F 448 -2.76 -12.39 -22.14
CA MET F 448 -2.99 -11.64 -20.91
C MET F 448 -2.86 -10.15 -21.14
N THR F 449 -3.61 -9.38 -20.37
CA THR F 449 -3.57 -7.93 -20.43
C THR F 449 -2.50 -7.40 -19.49
N ASP F 450 -2.32 -6.07 -19.49
CA ASP F 450 -1.31 -5.45 -18.64
C ASP F 450 -1.64 -5.66 -17.16
N GLY F 451 -2.87 -5.32 -16.77
CA GLY F 451 -3.25 -5.46 -15.37
C GLY F 451 -3.27 -6.90 -14.91
N LYS F 452 -3.79 -7.80 -15.75
CA LYS F 452 -3.82 -9.22 -15.40
C LYS F 452 -2.42 -9.77 -15.23
N ALA F 453 -1.51 -9.43 -16.14
CA ALA F 453 -0.12 -9.89 -16.04
C ALA F 453 0.55 -9.34 -14.78
N LEU F 454 0.31 -8.06 -14.48
CA LEU F 454 0.91 -7.48 -13.28
C LEU F 454 0.38 -8.15 -12.01
N ARG F 455 -0.93 -8.39 -11.95
CA ARG F 455 -1.50 -9.06 -10.78
C ARG F 455 -0.98 -10.48 -10.64
N ASN F 456 -0.86 -11.19 -11.76
CA ASN F 456 -0.34 -12.56 -11.72
C ASN F 456 1.12 -12.56 -11.26
N TYR F 457 1.92 -11.62 -11.75
CA TYR F 457 3.32 -11.53 -11.32
C TYR F 457 3.43 -11.18 -9.84
N LYS F 458 2.56 -10.30 -9.35
CA LYS F 458 2.62 -9.95 -7.93
C LYS F 458 2.17 -11.09 -7.04
N LYS F 459 1.15 -11.85 -7.45
CA LYS F 459 0.62 -12.89 -6.58
C LYS F 459 1.33 -14.23 -6.76
N ILE F 460 2.14 -14.38 -7.80
CA ILE F 460 3.03 -15.54 -7.85
C ILE F 460 4.23 -15.32 -6.93
N LYS F 461 4.59 -14.07 -6.68
CA LYS F 461 5.67 -13.73 -5.77
C LYS F 461 5.17 -13.48 -4.35
N GLY F 462 3.89 -13.67 -4.09
CA GLY F 462 3.35 -13.42 -2.76
C GLY F 462 3.23 -11.97 -2.38
N LEU F 463 3.18 -11.07 -3.35
CA LEU F 463 3.10 -9.65 -3.08
C LEU F 463 1.73 -9.08 -3.45
PG DTP G . 7.62 37.31 5.23
O1G DTP G . 7.42 38.74 4.86
O2G DTP G . 6.50 36.72 6.08
O3G DTP G . 8.96 37.04 5.91
PB DTP G . 8.01 36.50 2.38
O1B DTP G . 9.32 37.13 2.15
O2B DTP G . 6.82 37.18 1.68
O3B DTP G . 7.65 36.40 3.92
PA DTP G . 8.57 33.61 2.51
O1A DTP G . 9.67 33.85 3.46
O2A DTP G . 7.40 32.81 3.05
O3A DTP G . 7.99 34.97 1.95
O5' DTP G . 9.09 32.90 1.20
C5' DTP G . 9.70 31.59 1.27
C4' DTP G . 9.16 30.75 0.15
O4' DTP G . 7.76 31.00 -0.04
C3' DTP G . 9.83 31.00 -1.22
O3' DTP G . 10.60 29.86 -1.58
C2' DTP G . 8.65 31.22 -2.17
C1' DTP G . 7.46 30.71 -1.39
N9 DTP G . 6.19 31.33 -1.72
C8 DTP G . 5.88 32.67 -1.75
N7 DTP G . 4.64 32.92 -2.10
C5 DTP G . 4.11 31.67 -2.33
C6 DTP G . 2.83 31.24 -2.73
N6 DTP G . 1.81 32.07 -2.99
N1 DTP G . 2.61 29.91 -2.87
C2 DTP G . 3.63 29.08 -2.61
N3 DTP G . 4.87 29.36 -2.23
C4 DTP G . 5.05 30.68 -2.11
PG DTP H . 27.76 27.61 29.21
O1G DTP H . 28.89 28.44 28.73
O2G DTP H . 26.66 28.41 29.88
O3G DTP H . 28.20 26.48 30.12
PB DTP H . 26.94 25.45 27.31
O1B DTP H . 25.55 25.08 27.06
O2B DTP H . 27.74 24.47 28.18
O3B DTP H . 27.04 26.89 27.99
PA DTP H . 27.70 26.65 24.73
O1A DTP H . 26.41 27.36 24.69
O2A DTP H . 28.91 27.55 24.81
O3A DTP H . 27.76 25.67 25.96
O5' DTP H . 27.86 25.71 23.46
C5' DTP H . 26.74 25.42 22.59
C4' DTP H . 26.77 23.98 22.16
O4' DTP H . 27.85 23.78 21.22
C3' DTP H . 27.00 22.96 23.28
O3' DTP H . 25.76 22.44 23.74
C2' DTP H . 27.81 21.88 22.58
C1' DTP H . 28.66 22.71 21.63
N9 DTP H . 29.87 23.26 22.23
C8 DTP H . 30.16 23.34 23.55
N7 DTP H . 31.29 23.92 23.83
C5 DTP H . 31.78 24.26 22.59
C6 DTP H . 32.96 24.90 22.19
N6 DTP H . 33.91 25.34 23.03
N1 DTP H . 33.16 25.10 20.87
C2 DTP H . 32.22 24.66 20.01
N3 DTP H . 31.08 24.04 20.28
C4 DTP H . 30.91 23.87 21.59
MG MG I . 14.12 32.74 4.10
PG DTP J . 34.61 33.13 -9.86
O1G DTP J . 35.23 34.00 -8.84
O2G DTP J . 35.59 32.22 -10.56
O3G DTP J . 33.81 33.90 -10.90
PB DTP J . 31.99 31.95 -9.03
O1B DTP J . 31.59 30.57 -9.33
O2B DTP J . 31.32 33.04 -9.86
O3B DTP J . 33.57 32.14 -9.19
PA DTP J . 32.32 31.82 -6.11
O1A DTP J . 33.01 30.52 -6.25
O2A DTP J . 33.19 32.92 -5.55
O3A DTP J . 31.77 32.32 -7.50
O5' DTP J . 31.05 31.66 -5.18
C5' DTP J . 30.53 30.36 -4.83
C4' DTP J . 29.02 30.38 -4.86
O4' DTP J . 28.53 31.14 -3.74
C3' DTP J . 28.39 31.00 -6.10
O3' DTP J . 28.06 29.99 -7.06
C2' DTP J . 27.14 31.65 -5.54
C1' DTP J . 27.61 32.11 -4.18
N9 DTP J . 28.30 33.40 -4.19
C8 DTP J . 28.76 34.06 -5.29
N7 DTP J . 29.38 35.18 -5.01
C5 DTP J . 29.33 35.25 -3.64
C6 DTP J . 29.78 36.21 -2.72
N6 DTP J . 30.45 37.33 -3.07
N1 DTP J . 29.57 35.99 -1.41
C2 DTP J . 28.91 34.89 -1.06
N3 DTP J . 28.42 33.92 -1.82
C4 DTP J . 28.67 34.16 -3.11
PG DTP K . 36.92 6.15 8.62
O1G DTP K . 38.17 5.73 9.31
O2G DTP K . 36.64 5.37 7.33
O3G DTP K . 36.85 7.63 8.32
PB DTP K . 35.27 5.73 11.06
O1B DTP K . 35.76 6.88 11.85
O2B DTP K . 35.72 4.35 11.54
O3B DTP K . 35.65 5.86 9.54
PA DTP K . 32.54 6.52 10.27
O1A DTP K . 33.04 7.83 9.80
O2A DTP K . 31.97 5.62 9.18
O3A DTP K . 33.67 5.70 11.00
O5' DTP K . 31.46 6.69 11.39
C5' DTP K . 30.22 7.39 11.13
C4' DTP K . 29.09 6.61 11.74
O4' DTP K . 29.29 5.19 11.56
C3' DTP K . 28.90 6.82 13.24
O3' DTP K . 27.69 7.53 13.48
C2' DTP K . 28.83 5.40 13.82
C1' DTP K . 28.62 4.53 12.60
N9 DTP K . 29.13 3.18 12.70
C8 DTP K . 30.40 2.77 13.03
N7 DTP K . 30.56 1.47 13.04
C5 DTP K . 29.31 0.99 12.71
C6 DTP K . 28.80 -0.32 12.56
N6 DTP K . 29.53 -1.42 12.73
N1 DTP K . 27.50 -0.46 12.22
C2 DTP K . 26.76 0.65 12.06
N3 DTP K . 27.13 1.91 12.17
C4 DTP K . 28.42 2.02 12.50
MG MG L . 32.09 12.35 10.26
PG DTP M . -14.94 -6.84 34.71
O1G DTP M . -15.12 -6.46 36.14
O2G DTP M . -15.80 -6.03 33.74
O3G DTP M . -15.15 -8.32 34.44
PB DTP M . -11.97 -6.47 34.85
O1B DTP M . -11.65 -7.64 35.68
O2B DTP M . -11.85 -5.10 35.52
O3B DTP M . -13.44 -6.56 34.24
PA DTP M . -11.02 -7.20 32.16
O1A DTP M . -11.71 -8.51 32.25
O2A DTP M . -11.55 -6.28 31.07
O3A DTP M . -11.09 -6.43 33.53
O5' DTP M . -9.47 -7.40 31.94
C5' DTP M . -8.96 -8.06 30.77
C4' DTP M . -7.78 -7.29 30.24
O4' DTP M . -8.03 -5.87 30.34
C3' DTP M . -6.47 -7.53 30.97
O3' DTP M . -5.57 -8.23 30.11
C2' DTP M . -5.94 -6.14 31.30
C1' DTP M . -6.79 -5.23 30.42
N9 DTP M . -7.00 -3.89 30.93
C8 DTP M . -7.47 -3.50 32.15
N7 DTP M . -7.55 -2.20 32.32
C5 DTP M . -7.06 -1.70 31.13
C6 DTP M . -6.86 -0.38 30.67
N6 DTP M . -7.14 0.71 31.39
N1 DTP M . -6.35 -0.22 29.43
C2 DTP M . -6.07 -1.31 28.71
N3 DTP M . -6.22 -2.59 29.03
C4 DTP M . -6.72 -2.72 30.27
MG MG N . -10.84 -13.02 31.65
PG DTP O . 6.83 -28.67 38.98
O1G DTP O . 5.76 -29.50 39.58
O2G DTP O . 8.01 -29.48 38.46
O3G DTP O . 7.33 -27.57 39.90
PB DTP O . 5.82 -26.47 37.25
O1B DTP O . 6.43 -26.07 35.98
O2B DTP O . 6.05 -25.52 38.43
O3B DTP O . 6.29 -27.91 37.70
PA DTP O . 3.27 -27.60 36.30
O1A DTP O . 3.98 -28.29 35.22
O2A DTP O . 2.61 -28.52 37.31
O3A DTP O . 4.24 -26.66 37.11
O5' DTP O . 2.16 -26.65 35.70
C5' DTP O . 2.13 -26.31 34.30
C4' DTP O . 1.78 -24.86 34.11
O4' DTP O . 0.39 -24.66 34.43
C3' DTP O . 2.55 -23.87 34.98
O3' DTP O . 3.68 -23.35 34.26
C2' DTP O . 1.53 -22.79 35.25
C1' DTP O . 0.25 -23.60 35.35
N9 DTP O . 0.01 -24.18 36.67
C8 DTP O . 0.91 -24.28 37.68
N7 DTP O . 0.45 -24.89 38.74
C5 DTP O . -0.84 -25.22 38.40
C6 DTP O . -1.87 -25.86 39.11
N6 DTP O . -1.75 -26.32 40.35
N1 DTP O . -3.05 -26.03 38.48
C2 DTP O . -3.18 -25.56 37.23
N3 DTP O . -2.29 -24.92 36.48
C4 DTP O . -1.13 -24.79 37.12
PG DTP P . -28.81 -33.32 21.25
O1G DTP P . -28.36 -34.22 22.34
O2G DTP P . -29.94 -32.41 21.65
O3G DTP P . -29.18 -34.05 19.97
PB DTP P . -26.58 -32.13 19.66
O1B DTP P . -26.57 -30.74 19.19
O2B DTP P . -26.86 -33.19 18.59
O3B DTP P . -27.64 -32.34 20.83
PA DTP P . -24.42 -32.08 21.66
O1A DTP P . -24.91 -30.79 22.17
O2A DTP P . -24.50 -33.21 22.66
O3A DTP P . -25.22 -32.53 20.38
O5' DTP P . -22.92 -31.93 21.18
C5' DTP P . -22.31 -30.63 21.00
C4' DTP P . -21.43 -30.63 19.77
O4' DTP P . -20.24 -31.41 20.02
C3' DTP P . -22.07 -31.21 18.52
O3' DTP P . -22.64 -30.17 17.71
C2' DTP P . -20.88 -31.86 17.82
C1' DTP P . -20.08 -32.37 19.00
N9 DTP P . -20.51 -33.65 19.51
C8 DTP P . -21.67 -34.30 19.22
N7 DTP P . -21.83 -35.43 19.86
C5 DTP P . -20.70 -35.54 20.63
C6 DTP P . -20.24 -36.53 21.51
N6 DTP P . -20.92 -37.64 21.81
N1 DTP P . -19.06 -36.34 22.11
C2 DTP P . -18.37 -35.23 21.83
N3 DTP P . -18.68 -34.24 21.00
C4 DTP P . -19.87 -34.45 20.43
PG DTP Q . -0.79 -37.53 8.34
O1G DTP Q . -0.98 -38.95 7.92
O2G DTP Q . 0.57 -36.96 7.95
O3G DTP Q . -1.01 -37.30 9.83
PB DTP Q . -3.30 -36.66 7.00
O1B DTP Q . -4.27 -37.28 7.92
O2B DTP Q . -3.17 -37.30 5.61
O3B DTP Q . -1.85 -36.59 7.62
PA DTP Q . -3.50 -33.78 7.59
O1A DTP Q . -3.37 -34.05 9.04
O2A DTP Q . -2.35 -32.97 6.99
O3A DTP Q . -3.62 -35.11 6.76
O5' DTP Q . -4.85 -33.03 7.27
C5' DTP Q . -5.13 -31.74 7.83
C4' DTP Q . -5.72 -30.86 6.76
O4' DTP Q . -5.04 -31.09 5.50
C3' DTP Q . -7.21 -31.09 6.48
O3' DTP Q . -7.94 -29.95 6.91
C2' DTP Q . -7.29 -31.27 4.97
C1' DTP Q . -5.95 -30.77 4.47
N9 DTP Q . -5.47 -31.37 3.24
C8 DTP Q . -5.33 -32.70 2.93
N7 DTP Q . -4.89 -32.93 1.73
C5 DTP Q . -4.74 -31.66 1.18
C6 DTP Q . -4.31 -31.21 -0.07
N6 DTP Q . -3.92 -32.02 -1.07
N1 DTP Q . -4.27 -29.87 -0.29
C2 DTP Q . -4.66 -29.06 0.70
N3 DTP Q . -5.08 -29.37 1.92
C4 DTP Q . -5.10 -30.69 2.11
MG MG R . -5.47 -33.01 13.03
PG DTP S . -33.20 4.42 -18.86
O1G DTP S . -34.68 4.21 -18.96
O2G DTP S . -32.80 5.56 -17.93
O3G DTP S . -32.52 4.63 -20.21
PB DTP S . -32.72 1.56 -18.14
O1B DTP S . -33.02 0.96 -19.46
O2B DTP S . -33.75 1.32 -17.04
O3B DTP S . -32.50 3.12 -18.25
PA DTP S . -29.79 1.35 -17.89
O1A DTP S . -29.61 1.92 -19.25
O2A DTP S . -29.23 2.21 -16.76
O3A DTP S . -31.30 1.08 -17.58
O5' DTP S . -29.15 -0.09 -17.80
C5' DTP S . -27.74 -0.29 -18.00
C4' DTP S . -27.23 -1.23 -16.95
O4' DTP S . -27.83 -0.94 -15.68
C3' DTP S . -27.49 -2.71 -17.22
O3' DTP S . -26.25 -3.37 -17.49
C2' DTP S . -28.11 -3.23 -15.92
C1' DTP S . -27.82 -2.13 -14.92
N9 DTP S . -28.78 -2.00 -13.84
C8 DTP S . -30.13 -1.85 -13.91
N7 DTP S . -30.72 -1.77 -12.75
C5 DTP S . -29.69 -1.88 -11.84
C6 DTP S . -29.65 -1.87 -10.44
N6 DTP S . -30.73 -1.74 -9.66
N1 DTP S . -28.44 -2.00 -9.84
C2 DTP S . -27.36 -2.13 -10.60
N3 DTP S . -27.28 -2.15 -11.93
C4 DTP S . -28.48 -2.02 -12.50
MG MG T . -27.37 1.01 -23.21
PG DTP U . -24.63 -18.81 -37.84
O1G DTP U . -25.17 -17.99 -38.95
O2G DTP U . -23.61 -19.84 -38.28
O3G DTP U . -25.71 -19.49 -37.01
PB DTP U . -24.03 -17.24 -35.37
O1B DTP U . -22.84 -17.47 -34.53
O2B DTP U . -25.34 -17.75 -34.80
O3B DTP U . -23.84 -17.89 -36.81
PA DTP U . -23.42 -14.59 -36.50
O1A DTP U . -22.02 -15.01 -36.73
O2A DTP U . -24.19 -14.29 -37.76
O3A DTP U . -24.22 -15.71 -35.72
O5' DTP U . -23.45 -13.32 -35.57
C5' DTP U . -22.28 -12.88 -34.84
C4' DTP U . -22.67 -12.42 -33.46
O4' DTP U . -23.37 -11.17 -33.55
C3' DTP U . -23.59 -13.36 -32.69
O3' DTP U . -22.83 -14.21 -31.82
C2' DTP U . -24.44 -12.39 -31.88
C1' DTP U . -24.60 -11.24 -32.85
N9 DTP U . -25.66 -11.40 -33.83
C8 DTP U . -26.33 -12.55 -34.11
N7 DTP U . -27.22 -12.43 -35.06
C5 DTP U . -27.12 -11.11 -35.45
C6 DTP U . -27.80 -10.34 -36.40
N6 DTP U . -28.76 -10.83 -37.20
N1 DTP U . -27.47 -9.05 -36.52
C2 DTP U . -26.52 -8.56 -35.73
N3 DTP U . -25.81 -9.18 -34.79
C4 DTP U . -26.15 -10.46 -34.69
PG DTP V . -15.64 20.06 -41.71
O1G DTP V . -16.23 19.28 -42.83
O2G DTP V . -16.59 21.08 -41.13
O3G DTP V . -14.33 20.72 -42.07
PB DTP V . -14.04 18.43 -39.80
O1B DTP V . -14.06 18.61 -38.34
O2B DTP V . -12.79 18.93 -40.52
O3B DTP V . -15.29 19.11 -40.49
PA DTP V . -15.36 15.80 -40.05
O1A DTP V . -16.35 16.21 -39.06
O2A DTP V . -15.92 15.54 -41.43
O3A DTP V . -14.24 16.90 -40.21
O5' DTP V . -14.60 14.50 -39.56
C5' DTP V . -14.71 14.03 -38.20
C4' DTP V . -13.38 13.53 -37.71
O4' DTP V . -13.06 12.29 -38.36
C3' DTP V . -12.19 14.46 -37.97
O3' DTP V . -11.94 15.28 -36.82
C2' DTP V . -11.05 13.48 -38.20
C1' DTP V . -11.76 12.36 -38.93
N9 DTP V . -11.92 12.56 -40.36
C8 DTP V . -11.73 13.72 -41.04
N7 DTP V . -11.97 13.64 -42.32
C5 DTP V . -12.37 12.33 -42.50
C6 DTP V . -12.74 11.60 -43.64
N6 DTP V . -12.81 12.12 -44.86
N1 DTP V . -13.06 10.30 -43.47
C2 DTP V . -12.99 9.78 -42.25
N3 DTP V . -12.64 10.36 -41.10
C4 DTP V . -12.34 11.65 -41.29
PG DTP W . 4.36 -3.50 -38.04
O1G DTP W . 5.15 -3.26 -39.28
O2G DTP W . 4.86 -4.66 -37.19
O3G DTP W . 2.87 -3.68 -38.30
PB DTP W . 4.68 -0.66 -37.14
O1B DTP W . 3.82 -0.03 -38.15
O2B DTP W . 6.19 -0.44 -37.33
O3B DTP W . 4.45 -2.23 -37.08
PA DTP W . 3.15 -0.50 -34.64
O1A DTP W . 1.95 -1.03 -35.31
O2A DTP W . 3.73 -1.39 -33.54
O3A DTP W . 4.31 -0.22 -35.67
O5' DTP W . 2.88 0.92 -34.03
C5' DTP W . 1.88 1.10 -33.01
C4' DTP W . 2.43 2.01 -31.94
O4' DTP W . 3.81 1.70 -31.69
C3' DTP W . 2.38 3.51 -32.28
O3' DTP W . 1.43 4.15 -31.43
C2' DTP W . 3.80 4.00 -31.99
C1' DTP W . 4.42 2.87 -31.19
N9 DTP W . 5.86 2.72 -31.33
C8 DTP W . 6.61 2.60 -32.47
N7 DTP W . 7.89 2.50 -32.26
C5 DTP W . 8.01 2.57 -30.88
C6 DTP W . 9.12 2.52 -30.02
N6 DTP W . 10.39 2.39 -30.44
N1 DTP W . 8.89 2.62 -28.69
C2 DTP W . 7.63 2.75 -28.27
N3 DTP W . 6.51 2.81 -28.99
C4 DTP W . 6.77 2.71 -30.30
MG MG X . -2.55 -0.07 -35.82
#